data_3VT1
#
_entry.id   3VT1
#
_cell.length_a   106.635
_cell.length_b   122.533
_cell.length_c   403.483
_cell.angle_alpha   90.000
_cell.angle_beta   90.000
_cell.angle_gamma   90.000
#
_symmetry.space_group_name_H-M   'P 21 21 21'
#
loop_
_entity.id
_entity.type
_entity.pdbx_description
1 polymer 'Ricin B lectin'
2 non-polymer beta-D-galactopyranose
#
_entity_poly.entity_id   1
_entity_poly.type   'polypeptide(L)'
_entity_poly.pdbx_seq_one_letter_code
;MGSSHHHHHHSSGLVPRGSHMASMTGGQQMGRGSEFAAEGVIVNGTQFKDTSGNVIHAHGGGMLKHGDYYYWYGEYRDDS
NLFLGVSCYRSKDLVNWEYRGEVLSRNSAPELNHCNIERPKVMYNASTGEFVMWMHWENGINYGQARAAVAYSKTPDGKF
TYIRSFRPMQDTGVMDHGLPGYMSRDCNVFVDTDGKGYFISAANENMDLHLYELTPDYKNIASLKAKLFVGQQREAPCLI
KRNGYYYLITSGCTGWNPNQAKYAYSKDLASGWSQLYNLGNSTTYRSQPTFIIPVQGSSGTSYLYMGDRWAGAWGGKVND
SQYVWLPLNFISDTTLELPYYDSVKIDASSGIISEYIPDTTRYKLVNKNSGKVLDVLDGSVDNAAQIVQWTDNGSLSQQW
YLVDVGGGYKKIVNVKSGRALDVKDESKEDGGVLIQYTSNGGYNQHWKFTDIGDGYYKISSRHCGKLIDVRKWSTEDGGI
IQQWSDAGGTNQHWKLVLVSSPEPSPSPSPQVVKGDVNGDLKVNST
;
_entity_poly.pdbx_strand_id   B,C,D,E,F,A
#
loop_
_chem_comp.id
_chem_comp.type
_chem_comp.name
_chem_comp.formula
GAL D-saccharide, beta linking beta-D-galactopyranose 'C6 H12 O6'
#
# COMPACT_ATOMS: atom_id res chain seq x y z
N GLU A 39 -16.17 100.63 -26.53
CA GLU A 39 -14.88 100.40 -27.19
C GLU A 39 -14.45 98.94 -27.08
N GLY A 40 -14.96 98.10 -27.97
CA GLY A 40 -14.60 96.70 -27.95
C GLY A 40 -13.30 96.43 -28.70
N VAL A 41 -12.22 97.04 -28.23
CA VAL A 41 -10.92 96.88 -28.87
C VAL A 41 -10.02 95.90 -28.11
N ILE A 42 -9.23 95.13 -28.84
CA ILE A 42 -8.33 94.16 -28.24
C ILE A 42 -6.89 94.39 -28.71
N VAL A 43 -5.95 94.50 -27.78
CA VAL A 43 -4.56 94.70 -28.15
C VAL A 43 -3.80 93.39 -28.21
N ASN A 44 -3.60 92.84 -29.41
CA ASN A 44 -2.89 91.57 -29.53
C ASN A 44 -1.43 91.67 -29.09
N GLY A 45 -0.85 90.52 -28.75
CA GLY A 45 0.53 90.44 -28.33
C GLY A 45 0.75 90.94 -26.91
N THR A 46 -0.31 90.92 -26.12
CA THR A 46 -0.23 91.36 -24.73
C THR A 46 -1.00 90.43 -23.80
N GLN A 47 -0.90 90.72 -22.51
CA GLN A 47 -1.65 89.99 -21.49
C GLN A 47 -2.92 90.75 -21.13
N PHE A 48 -4.06 90.25 -21.58
CA PHE A 48 -5.34 90.89 -21.31
C PHE A 48 -5.54 91.01 -19.80
N LYS A 49 -6.43 91.91 -19.39
CA LYS A 49 -6.69 92.10 -17.97
C LYS A 49 -8.16 91.91 -17.64
N ASP A 50 -8.43 91.41 -16.43
CA ASP A 50 -9.79 91.25 -15.95
C ASP A 50 -10.33 92.60 -15.49
N THR A 51 -11.62 92.63 -15.15
CA THR A 51 -12.25 93.87 -14.71
C THR A 51 -11.65 94.41 -13.42
N SER A 52 -10.84 93.59 -12.78
CA SER A 52 -10.21 93.98 -11.51
C SER A 52 -8.87 94.69 -11.73
N GLY A 53 -8.36 94.65 -12.95
CA GLY A 53 -7.11 95.28 -13.28
C GLY A 53 -5.95 94.31 -13.15
N ASN A 54 -6.28 93.03 -12.98
CA ASN A 54 -5.27 91.99 -12.86
C ASN A 54 -5.13 91.20 -14.16
N VAL A 55 -3.92 90.71 -14.42
CA VAL A 55 -3.66 89.97 -15.65
C VAL A 55 -4.46 88.67 -15.67
N ILE A 56 -5.14 88.41 -16.78
CA ILE A 56 -5.90 87.18 -16.94
C ILE A 56 -4.93 86.01 -17.14
N HIS A 57 -5.18 84.90 -16.45
CA HIS A 57 -4.34 83.72 -16.57
C HIS A 57 -5.11 82.48 -17.02
N ALA A 58 -5.56 82.47 -18.26
CA ALA A 58 -6.27 81.34 -18.83
C ALA A 58 -5.54 80.84 -20.08
N HIS A 59 -4.33 80.34 -19.87
CA HIS A 59 -3.46 79.91 -20.97
C HIS A 59 -3.88 78.56 -21.57
N GLY A 60 -3.64 78.41 -22.87
CA GLY A 60 -3.97 77.19 -23.56
C GLY A 60 -5.39 76.73 -23.31
N GLY A 61 -6.30 77.70 -23.18
CA GLY A 61 -7.69 77.41 -22.86
C GLY A 61 -8.66 77.58 -24.00
N GLY A 62 -9.90 77.17 -23.76
CA GLY A 62 -10.96 77.29 -24.74
C GLY A 62 -12.04 78.24 -24.25
N MET A 63 -13.22 78.16 -24.85
CA MET A 63 -14.32 79.03 -24.48
C MET A 63 -15.67 78.40 -24.81
N LEU A 64 -16.65 78.65 -23.96
CA LEU A 64 -17.98 78.07 -24.13
C LEU A 64 -19.08 79.12 -24.06
N LYS A 65 -20.07 78.98 -24.93
CA LYS A 65 -21.21 79.90 -24.97
C LYS A 65 -22.49 79.23 -24.47
N HIS A 66 -22.87 79.54 -23.23
CA HIS A 66 -24.08 78.97 -22.65
C HIS A 66 -25.01 80.05 -22.13
N GLY A 67 -26.19 80.13 -22.74
CA GLY A 67 -27.17 81.14 -22.37
C GLY A 67 -26.87 82.51 -22.94
N ASP A 68 -26.54 83.44 -22.07
CA ASP A 68 -26.21 84.80 -22.46
C ASP A 68 -24.81 85.18 -22.00
N TYR A 69 -23.94 84.19 -21.87
CA TYR A 69 -22.59 84.42 -21.37
C TYR A 69 -21.52 83.61 -22.11
N TYR A 70 -20.35 84.20 -22.29
CA TYR A 70 -19.19 83.51 -22.81
C TYR A 70 -18.22 83.16 -21.69
N TYR A 71 -17.86 81.89 -21.57
CA TYR A 71 -16.97 81.44 -20.50
C TYR A 71 -15.59 81.03 -21.02
N TRP A 72 -14.56 81.73 -20.56
CA TRP A 72 -13.19 81.45 -20.96
C TRP A 72 -12.44 80.64 -19.90
N TYR A 73 -12.11 79.39 -20.23
CA TYR A 73 -11.39 78.50 -19.34
C TYR A 73 -9.92 78.35 -19.74
N GLY A 74 -9.04 78.22 -18.75
CA GLY A 74 -7.62 78.06 -19.00
C GLY A 74 -6.87 77.61 -17.75
N GLU A 75 -5.58 77.33 -17.91
CA GLU A 75 -4.77 76.85 -16.78
C GLU A 75 -3.46 77.64 -16.66
N TYR A 76 -2.91 77.68 -15.44
CA TYR A 76 -1.64 78.36 -15.20
C TYR A 76 -0.75 77.64 -14.19
N ARG A 77 0.56 77.72 -14.42
CA ARG A 77 1.57 77.03 -13.62
C ARG A 77 1.74 77.63 -12.23
N ASP A 78 2.44 76.91 -11.37
CA ASP A 78 2.79 77.40 -10.03
C ASP A 78 4.25 77.84 -10.00
N ASP A 79 4.95 77.56 -8.90
CA ASP A 79 6.35 77.96 -8.80
C ASP A 79 7.28 76.86 -9.31
N SER A 80 6.74 75.66 -9.49
CA SER A 80 7.54 74.51 -9.91
C SER A 80 7.15 74.08 -11.32
N ASN A 81 6.45 74.97 -12.02
CA ASN A 81 5.99 74.70 -13.38
C ASN A 81 5.01 73.52 -13.43
N LEU A 82 4.11 73.46 -12.44
CA LEU A 82 3.12 72.40 -12.39
C LEU A 82 1.72 73.00 -12.31
N PHE A 83 0.71 72.19 -12.61
CA PHE A 83 -0.67 72.65 -12.55
C PHE A 83 -1.08 73.01 -11.13
N LEU A 84 -1.66 74.20 -10.96
CA LEU A 84 -2.12 74.63 -9.64
C LEU A 84 -3.63 74.92 -9.66
N GLY A 85 -4.14 75.30 -10.82
CA GLY A 85 -5.55 75.62 -10.94
C GLY A 85 -6.02 76.02 -12.32
N VAL A 86 -7.26 75.69 -12.63
CA VAL A 86 -7.88 76.09 -13.89
C VAL A 86 -8.86 77.24 -13.65
N SER A 87 -8.55 78.42 -14.19
CA SER A 87 -9.34 79.61 -13.94
C SER A 87 -10.54 79.72 -14.87
N CYS A 88 -11.50 80.56 -14.50
CA CYS A 88 -12.71 80.75 -15.30
C CYS A 88 -13.10 82.22 -15.36
N TYR A 89 -13.23 82.73 -16.58
CA TYR A 89 -13.64 84.11 -16.79
C TYR A 89 -14.88 84.14 -17.67
N ARG A 90 -15.83 85.02 -17.34
CA ARG A 90 -17.04 85.17 -18.14
C ARG A 90 -17.28 86.60 -18.59
N SER A 91 -17.85 86.76 -19.79
CA SER A 91 -18.14 88.07 -20.33
C SER A 91 -19.18 87.99 -21.44
N LYS A 92 -19.93 89.08 -21.62
CA LYS A 92 -20.96 89.13 -22.65
C LYS A 92 -20.53 89.94 -23.87
N ASP A 93 -19.48 90.75 -23.70
CA ASP A 93 -18.97 91.57 -24.79
C ASP A 93 -17.62 91.06 -25.30
N LEU A 94 -17.12 90.01 -24.68
CA LEU A 94 -15.87 89.37 -25.09
C LEU A 94 -14.65 90.29 -24.92
N VAL A 95 -14.80 91.35 -24.14
CA VAL A 95 -13.72 92.29 -23.92
C VAL A 95 -13.42 92.49 -22.43
N ASN A 96 -14.47 92.59 -21.63
CA ASN A 96 -14.33 92.76 -20.18
C ASN A 96 -14.64 91.48 -19.41
N TRP A 97 -13.58 90.82 -18.96
CA TRP A 97 -13.70 89.51 -18.31
C TRP A 97 -13.76 89.59 -16.78
N GLU A 98 -14.72 88.88 -16.20
CA GLU A 98 -14.86 88.82 -14.74
C GLU A 98 -14.35 87.50 -14.17
N TYR A 99 -13.35 87.59 -13.30
CA TYR A 99 -12.74 86.40 -12.70
C TYR A 99 -13.73 85.68 -11.79
N ARG A 100 -13.82 84.36 -11.92
CA ARG A 100 -14.78 83.58 -11.15
C ARG A 100 -14.13 82.50 -10.30
N GLY A 101 -12.83 82.64 -10.04
CA GLY A 101 -12.11 81.69 -9.22
C GLY A 101 -11.73 80.44 -10.00
N GLU A 102 -11.04 79.52 -9.33
CA GLU A 102 -10.64 78.26 -9.96
C GLU A 102 -11.76 77.23 -9.99
N VAL A 103 -12.17 76.82 -11.18
CA VAL A 103 -13.15 75.76 -11.34
C VAL A 103 -12.53 74.40 -11.05
N LEU A 104 -11.20 74.33 -11.18
CA LEU A 104 -10.46 73.13 -10.86
C LEU A 104 -9.15 73.50 -10.18
N SER A 105 -8.70 72.68 -9.23
CA SER A 105 -7.49 73.00 -8.49
C SER A 105 -6.66 71.74 -8.20
N ARG A 106 -5.43 71.95 -7.76
CA ARG A 106 -4.55 70.84 -7.40
C ARG A 106 -5.07 70.16 -6.15
N ASN A 107 -5.95 70.87 -5.43
CA ASN A 107 -6.53 70.34 -4.20
C ASN A 107 -7.90 69.69 -4.45
N SER A 108 -8.36 69.76 -5.70
CA SER A 108 -9.65 69.20 -6.07
C SER A 108 -9.61 67.68 -6.00
N ALA A 109 -8.41 67.13 -6.16
CA ALA A 109 -8.21 65.68 -6.13
C ALA A 109 -6.78 65.37 -5.69
N PRO A 110 -6.60 64.26 -4.95
CA PRO A 110 -5.27 63.85 -4.48
C PRO A 110 -4.33 63.53 -5.64
N GLU A 111 -4.92 63.21 -6.79
CA GLU A 111 -4.16 62.90 -8.00
C GLU A 111 -3.65 64.16 -8.68
N LEU A 112 -4.23 65.30 -8.34
CA LEU A 112 -3.88 66.57 -8.97
C LEU A 112 -2.91 67.40 -8.13
N ASN A 113 -2.60 66.91 -6.93
CA ASN A 113 -1.69 67.62 -6.03
C ASN A 113 -0.36 67.94 -6.71
N HIS A 114 0.14 67.01 -7.52
CA HIS A 114 1.41 67.18 -8.19
C HIS A 114 1.36 66.56 -9.58
N CYS A 115 1.08 67.38 -10.58
CA CYS A 115 0.95 66.90 -11.96
C CYS A 115 0.97 68.05 -12.96
N ASN A 116 1.04 67.70 -14.25
CA ASN A 116 0.99 68.69 -15.32
C ASN A 116 -0.30 68.62 -16.13
N ILE A 117 -1.12 69.67 -16.05
CA ILE A 117 -2.35 69.76 -16.81
C ILE A 117 -2.32 70.93 -17.79
N GLU A 118 -2.63 70.66 -19.06
CA GLU A 118 -2.59 71.70 -20.08
C GLU A 118 -3.69 71.53 -21.14
N ARG A 119 -4.12 72.64 -21.71
CA ARG A 119 -5.16 72.64 -22.75
C ARG A 119 -6.50 72.08 -22.27
N PRO A 120 -7.09 72.71 -21.26
CA PRO A 120 -8.40 72.31 -20.71
C PRO A 120 -9.55 72.89 -21.53
N LYS A 121 -10.44 72.03 -22.02
CA LYS A 121 -11.59 72.46 -22.80
C LYS A 121 -12.88 71.96 -22.14
N VAL A 122 -13.93 72.79 -22.16
CA VAL A 122 -15.21 72.39 -21.60
C VAL A 122 -16.31 72.30 -22.66
N MET A 123 -17.29 71.44 -22.41
CA MET A 123 -18.39 71.24 -23.34
C MET A 123 -19.70 71.02 -22.58
N TYR A 124 -20.79 71.54 -23.13
CA TYR A 124 -22.11 71.41 -22.50
C TYR A 124 -22.91 70.25 -23.09
N ASN A 125 -23.75 69.64 -22.27
CA ASN A 125 -24.59 68.53 -22.73
C ASN A 125 -26.06 68.79 -22.46
N ALA A 126 -26.86 68.80 -23.53
CA ALA A 126 -28.28 69.06 -23.42
C ALA A 126 -29.00 67.94 -22.68
N SER A 127 -28.56 66.71 -22.92
CA SER A 127 -29.16 65.54 -22.30
C SER A 127 -28.98 65.52 -20.79
N THR A 128 -27.73 65.66 -20.34
CA THR A 128 -27.42 65.62 -18.92
C THR A 128 -27.78 66.93 -18.24
N GLY A 129 -27.48 68.04 -18.91
CA GLY A 129 -27.73 69.36 -18.35
C GLY A 129 -26.55 69.84 -17.53
N GLU A 130 -25.43 69.14 -17.65
CA GLU A 130 -24.22 69.49 -16.91
C GLU A 130 -23.05 69.68 -17.87
N PHE A 131 -21.99 70.33 -17.39
CA PHE A 131 -20.81 70.60 -18.20
C PHE A 131 -19.72 69.57 -17.91
N VAL A 132 -19.03 69.14 -18.96
CA VAL A 132 -17.95 68.17 -18.82
C VAL A 132 -16.62 68.76 -19.26
N MET A 133 -15.61 68.65 -18.40
CA MET A 133 -14.30 69.22 -18.71
C MET A 133 -13.31 68.11 -19.07
N TRP A 134 -12.50 68.37 -20.08
CA TRP A 134 -11.43 67.46 -20.50
C TRP A 134 -10.11 68.21 -20.51
N MET A 135 -9.01 67.46 -20.53
CA MET A 135 -7.69 68.08 -20.45
C MET A 135 -6.57 67.07 -20.70
N HIS A 136 -5.35 67.58 -20.80
CA HIS A 136 -4.16 66.76 -20.95
C HIS A 136 -3.47 66.58 -19.60
N TRP A 137 -3.21 65.33 -19.23
CA TRP A 137 -2.64 65.04 -17.92
C TRP A 137 -1.26 64.39 -18.00
N GLU A 138 -0.36 64.85 -17.14
CA GLU A 138 0.98 64.28 -17.02
C GLU A 138 1.36 64.19 -15.54
N ASN A 139 2.29 63.29 -15.23
CA ASN A 139 2.67 63.04 -13.84
C ASN A 139 3.40 64.19 -13.15
N GLY A 140 4.14 64.98 -13.93
CA GLY A 140 4.84 66.13 -13.40
C GLY A 140 6.36 65.98 -13.35
N ILE A 141 6.86 64.78 -13.66
CA ILE A 141 8.29 64.55 -13.67
C ILE A 141 8.76 64.21 -15.09
N ASN A 142 7.84 63.73 -15.92
CA ASN A 142 8.12 63.46 -17.32
C ASN A 142 6.85 63.39 -18.16
N TYR A 143 7.01 63.29 -19.48
CA TYR A 143 5.88 63.22 -20.39
C TYR A 143 5.68 61.81 -20.95
N GLY A 144 5.69 60.82 -20.07
CA GLY A 144 5.53 59.44 -20.48
C GLY A 144 4.11 58.94 -20.37
N GLN A 145 3.37 59.45 -19.39
CA GLN A 145 2.00 59.03 -19.16
C GLN A 145 1.09 59.30 -20.36
N ALA A 146 1.13 60.54 -20.86
CA ALA A 146 0.35 60.94 -22.03
C ALA A 146 -1.09 60.42 -21.94
N ARG A 147 -1.88 61.02 -21.06
CA ARG A 147 -3.26 60.59 -20.86
C ARG A 147 -4.22 61.77 -20.72
N ALA A 148 -5.50 61.50 -20.93
CA ALA A 148 -6.55 62.52 -20.81
C ALA A 148 -7.24 62.46 -19.46
N ALA A 149 -7.86 63.56 -19.07
CA ALA A 149 -8.57 63.65 -17.79
C ALA A 149 -10.00 64.16 -18.00
N VAL A 150 -10.88 63.84 -17.05
CA VAL A 150 -12.29 64.21 -17.15
C VAL A 150 -12.78 64.86 -15.86
N ALA A 151 -13.73 65.80 -16.02
CA ALA A 151 -14.36 66.46 -14.89
C ALA A 151 -15.75 66.93 -15.28
N TYR A 152 -16.56 67.33 -14.31
CA TYR A 152 -17.92 67.80 -14.60
C TYR A 152 -18.46 68.69 -13.49
N SER A 153 -19.48 69.46 -13.82
CA SER A 153 -20.10 70.37 -12.85
C SER A 153 -21.53 70.69 -13.28
N LYS A 154 -22.34 71.11 -12.32
CA LYS A 154 -23.72 71.48 -12.61
C LYS A 154 -23.76 72.88 -13.21
N THR A 155 -22.85 73.73 -12.75
CA THR A 155 -22.75 75.11 -13.21
C THR A 155 -21.38 75.37 -13.84
N PRO A 156 -21.33 76.27 -14.83
CA PRO A 156 -20.07 76.57 -15.53
C PRO A 156 -19.02 77.17 -14.59
N ASP A 157 -19.39 78.25 -13.91
CA ASP A 157 -18.48 78.94 -13.01
C ASP A 157 -18.23 78.15 -11.72
N GLY A 158 -19.06 77.14 -11.50
CA GLY A 158 -18.93 76.29 -10.31
C GLY A 158 -17.73 75.37 -10.40
N LYS A 159 -17.21 74.98 -9.23
CA LYS A 159 -16.04 74.12 -9.18
C LYS A 159 -16.34 72.68 -9.60
N PHE A 160 -15.72 72.25 -10.69
CA PHE A 160 -15.88 70.90 -11.22
C PHE A 160 -15.37 69.84 -10.25
N THR A 161 -15.82 68.60 -10.42
CA THR A 161 -15.37 67.49 -9.60
C THR A 161 -14.55 66.50 -10.43
N TYR A 162 -13.25 66.41 -10.15
CA TYR A 162 -12.36 65.55 -10.93
C TYR A 162 -12.72 64.06 -10.84
N ILE A 163 -12.70 63.38 -11.99
CA ILE A 163 -12.98 61.96 -12.05
C ILE A 163 -11.71 61.10 -12.08
N ARG A 164 -11.13 60.99 -13.27
CA ARG A 164 -9.96 60.15 -13.48
C ARG A 164 -9.14 60.55 -14.72
N SER A 165 -7.86 60.19 -14.71
CA SER A 165 -6.99 60.37 -15.86
C SER A 165 -6.73 59.01 -16.49
N PHE A 166 -6.75 58.94 -17.81
CA PHE A 166 -6.59 57.66 -18.49
C PHE A 166 -6.19 57.84 -19.95
N ARG A 167 -5.57 56.81 -20.52
CA ARG A 167 -5.25 56.79 -21.94
C ARG A 167 -6.40 56.14 -22.70
N PRO A 168 -6.95 56.85 -23.69
CA PRO A 168 -8.12 56.44 -24.47
C PRO A 168 -8.14 54.94 -24.79
N MET A 169 -9.19 54.25 -24.38
CA MET A 169 -9.35 52.83 -24.65
C MET A 169 -8.19 51.99 -24.10
N GLN A 170 -8.11 51.89 -22.79
CA GLN A 170 -7.07 51.09 -22.15
C GLN A 170 -7.40 49.60 -22.20
N ASP A 171 -8.69 49.28 -22.09
CA ASP A 171 -9.14 47.89 -22.01
C ASP A 171 -9.22 47.18 -23.36
N THR A 172 -9.07 47.92 -24.45
CA THR A 172 -9.16 47.32 -25.77
C THR A 172 -7.94 46.43 -26.03
N GLY A 173 -7.07 46.33 -25.03
CA GLY A 173 -5.88 45.51 -25.12
C GLY A 173 -4.86 46.07 -26.09
N VAL A 174 -4.98 47.37 -26.39
CA VAL A 174 -4.06 48.01 -27.30
C VAL A 174 -2.93 48.68 -26.53
N MET A 175 -1.72 48.61 -27.08
CA MET A 175 -0.55 49.21 -26.45
C MET A 175 0.07 50.27 -27.36
N ASP A 176 0.36 51.42 -26.80
CA ASP A 176 0.98 52.52 -27.54
C ASP A 176 2.25 53.00 -26.86
N HIS A 177 3.39 52.47 -27.31
CA HIS A 177 4.68 52.85 -26.75
C HIS A 177 4.84 52.42 -25.28
N GLY A 178 4.67 51.12 -25.07
CA GLY A 178 4.94 50.48 -23.78
C GLY A 178 3.82 50.49 -22.76
N LEU A 179 2.93 51.48 -22.84
CA LEU A 179 1.82 51.56 -21.90
C LEU A 179 0.51 51.17 -22.59
N PRO A 180 -0.51 50.78 -21.82
CA PRO A 180 -1.79 50.34 -22.36
C PRO A 180 -2.73 51.51 -22.65
N GLY A 181 -3.22 51.57 -23.88
CA GLY A 181 -4.07 52.66 -24.34
C GLY A 181 -3.29 53.67 -25.15
N TYR A 182 -3.98 54.34 -26.07
CA TYR A 182 -3.36 55.34 -26.93
C TYR A 182 -2.89 56.55 -26.15
N MET A 183 -1.74 57.09 -26.54
CA MET A 183 -1.21 58.31 -25.94
C MET A 183 -2.13 59.51 -26.22
N SER A 184 -2.30 60.35 -25.23
CA SER A 184 -3.16 61.53 -25.37
C SER A 184 -2.43 62.78 -24.88
N ARG A 185 -1.96 63.59 -25.83
CA ARG A 185 -1.25 64.83 -25.50
C ARG A 185 -2.17 66.03 -25.71
N ASP A 186 -1.86 66.85 -26.71
CA ASP A 186 -2.69 68.00 -27.04
C ASP A 186 -4.11 67.55 -27.34
N CYS A 187 -5.09 68.23 -26.76
CA CYS A 187 -6.48 67.79 -26.87
C CYS A 187 -7.44 68.94 -27.14
N ASN A 188 -8.69 68.60 -27.47
CA ASN A 188 -9.74 69.58 -27.71
C ASN A 188 -11.10 68.90 -27.89
N VAL A 189 -12.17 69.62 -27.55
CA VAL A 189 -13.51 69.05 -27.60
C VAL A 189 -14.36 69.62 -28.75
N PHE A 190 -15.37 68.84 -29.16
CA PHE A 190 -16.27 69.24 -30.24
C PHE A 190 -17.66 68.61 -30.11
N VAL A 191 -18.70 69.44 -30.20
CA VAL A 191 -20.07 68.96 -30.14
C VAL A 191 -20.76 69.09 -31.48
N ASP A 192 -21.11 67.95 -32.08
CA ASP A 192 -21.73 67.93 -33.40
C ASP A 192 -23.17 68.45 -33.36
N THR A 193 -23.82 68.49 -34.52
CA THR A 193 -25.20 68.97 -34.62
C THR A 193 -26.19 67.95 -34.06
N ASP A 194 -25.88 66.67 -34.25
CA ASP A 194 -26.75 65.59 -33.78
C ASP A 194 -26.68 65.44 -32.26
N GLY A 195 -25.83 66.22 -31.63
CA GLY A 195 -25.72 66.21 -30.18
C GLY A 195 -24.67 65.25 -29.65
N LYS A 196 -23.93 64.63 -30.56
CA LYS A 196 -22.85 63.72 -30.17
C LYS A 196 -21.60 64.48 -29.74
N GLY A 197 -20.95 63.98 -28.69
CA GLY A 197 -19.73 64.58 -28.19
C GLY A 197 -18.50 63.90 -28.78
N TYR A 198 -17.43 64.67 -28.94
CA TYR A 198 -16.20 64.13 -29.50
C TYR A 198 -14.97 64.70 -28.81
N PHE A 199 -13.93 63.87 -28.69
CA PHE A 199 -12.68 64.27 -28.07
C PHE A 199 -11.50 63.87 -28.95
N ILE A 200 -10.74 64.87 -29.40
CA ILE A 200 -9.61 64.62 -30.28
C ILE A 200 -8.28 64.95 -29.58
N SER A 201 -7.28 64.10 -29.79
CA SER A 201 -5.98 64.30 -29.17
C SER A 201 -4.85 63.72 -30.03
N ALA A 202 -3.61 64.10 -29.72
CA ALA A 202 -2.45 63.60 -30.43
C ALA A 202 -1.95 62.29 -29.82
N ALA A 203 -1.85 61.25 -30.66
CA ALA A 203 -1.42 59.94 -30.20
C ALA A 203 -0.20 59.45 -30.97
N ASN A 204 0.24 58.24 -30.67
CA ASN A 204 1.40 57.64 -31.33
C ASN A 204 2.60 58.60 -31.32
N GLU A 205 2.95 59.08 -30.14
CA GLU A 205 4.06 60.02 -29.97
C GLU A 205 3.83 61.31 -30.76
N ASN A 206 2.60 61.80 -30.72
CA ASN A 206 2.26 63.06 -31.37
C ASN A 206 2.31 62.98 -32.90
N MET A 207 2.49 61.77 -33.42
CA MET A 207 2.61 61.57 -34.86
C MET A 207 1.25 61.50 -35.54
N ASP A 208 0.24 61.03 -34.80
CA ASP A 208 -1.09 60.85 -35.37
C ASP A 208 -2.15 61.59 -34.54
N LEU A 209 -3.32 61.78 -35.14
CA LEU A 209 -4.45 62.36 -34.44
C LEU A 209 -5.56 61.34 -34.28
N HIS A 210 -6.21 61.34 -33.13
CA HIS A 210 -7.28 60.39 -32.84
C HIS A 210 -8.57 61.11 -32.44
N LEU A 211 -9.62 60.88 -33.23
CA LEU A 211 -10.93 61.43 -32.93
C LEU A 211 -11.81 60.39 -32.21
N TYR A 212 -12.04 60.60 -30.93
CA TYR A 212 -12.80 59.64 -30.14
C TYR A 212 -14.27 60.04 -30.01
N GLU A 213 -15.15 59.10 -30.28
CA GLU A 213 -16.59 59.30 -30.08
C GLU A 213 -16.91 59.08 -28.61
N LEU A 214 -17.50 60.08 -27.97
CA LEU A 214 -17.76 60.01 -26.54
C LEU A 214 -19.11 59.38 -26.21
N THR A 215 -19.28 59.05 -24.93
CA THR A 215 -20.53 58.49 -24.44
C THR A 215 -21.59 59.60 -24.35
N PRO A 216 -22.87 59.22 -24.30
CA PRO A 216 -23.98 60.18 -24.22
C PRO A 216 -23.86 61.19 -23.08
N ASP A 217 -23.01 60.88 -22.09
CA ASP A 217 -22.83 61.77 -20.95
C ASP A 217 -21.54 62.58 -21.04
N TYR A 218 -20.78 62.35 -22.11
CA TYR A 218 -19.56 63.09 -22.39
C TYR A 218 -18.46 62.83 -21.37
N LYS A 219 -18.75 61.99 -20.38
CA LYS A 219 -17.80 61.73 -19.29
C LYS A 219 -16.90 60.53 -19.56
N ASN A 220 -17.13 59.84 -20.67
CA ASN A 220 -16.29 58.70 -21.03
C ASN A 220 -16.12 58.56 -22.55
N ILE A 221 -15.14 57.77 -22.97
CA ILE A 221 -14.90 57.52 -24.38
C ILE A 221 -15.55 56.24 -24.85
N ALA A 222 -16.53 56.36 -25.74
CA ALA A 222 -17.24 55.21 -26.27
C ALA A 222 -16.37 54.40 -27.24
N SER A 223 -15.71 55.10 -28.15
CA SER A 223 -14.85 54.48 -29.14
C SER A 223 -14.08 55.54 -29.92
N LEU A 224 -13.39 55.12 -30.97
CA LEU A 224 -12.69 56.05 -31.85
C LEU A 224 -13.38 56.13 -33.20
N LYS A 225 -13.50 57.34 -33.72
CA LYS A 225 -14.20 57.56 -34.99
C LYS A 225 -13.26 57.28 -36.16
N ALA A 226 -12.07 57.87 -36.12
CA ALA A 226 -11.09 57.69 -37.18
C ALA A 226 -9.72 58.25 -36.81
N LYS A 227 -8.68 57.70 -37.45
CA LYS A 227 -7.33 58.24 -37.30
C LYS A 227 -7.07 59.27 -38.41
N LEU A 228 -6.72 60.49 -38.00
CA LEU A 228 -6.56 61.60 -38.94
C LEU A 228 -5.11 62.05 -39.08
N PHE A 229 -4.67 62.20 -40.33
CA PHE A 229 -3.35 62.74 -40.64
C PHE A 229 -2.22 61.99 -39.95
N VAL A 230 -2.13 60.69 -40.21
CA VAL A 230 -1.07 59.86 -39.65
C VAL A 230 0.29 60.22 -40.21
N GLY A 231 1.28 60.38 -39.33
CA GLY A 231 2.62 60.71 -39.75
C GLY A 231 2.82 62.19 -40.01
N GLN A 232 1.72 62.92 -40.03
CA GLN A 232 1.76 64.36 -40.25
C GLN A 232 2.29 65.11 -39.03
N GLN A 233 2.09 64.52 -37.85
CA GLN A 233 2.59 65.11 -36.62
C GLN A 233 1.99 66.49 -36.35
N ARG A 234 0.67 66.60 -36.52
CA ARG A 234 -0.03 67.85 -36.26
C ARG A 234 -0.41 67.94 -34.78
N GLU A 235 -0.27 69.14 -34.21
CA GLU A 235 -0.55 69.37 -32.79
C GLU A 235 -1.58 70.45 -32.56
N ALA A 236 -1.86 70.74 -31.29
CA ALA A 236 -2.81 71.77 -30.91
C ALA A 236 -4.00 71.80 -31.86
N PRO A 237 -4.78 70.70 -31.90
CA PRO A 237 -5.91 70.58 -32.81
C PRO A 237 -7.12 71.40 -32.35
N CYS A 238 -7.83 71.99 -33.32
CA CYS A 238 -9.05 72.73 -33.05
C CYS A 238 -10.15 72.28 -34.00
N LEU A 239 -11.22 71.68 -33.46
CA LEU A 239 -12.29 71.16 -34.30
C LEU A 239 -13.54 72.03 -34.29
N ILE A 240 -13.98 72.47 -35.46
CA ILE A 240 -15.17 73.30 -35.60
C ILE A 240 -16.01 72.87 -36.81
N LYS A 241 -17.24 73.37 -36.91
CA LYS A 241 -18.14 73.04 -38.01
C LYS A 241 -18.93 74.26 -38.54
N ARG A 242 -19.07 74.32 -39.86
CA ARG A 242 -19.80 75.42 -40.50
C ARG A 242 -20.35 74.98 -41.88
N ASN A 243 -21.61 75.28 -42.15
CA ASN A 243 -22.25 74.91 -43.43
C ASN A 243 -22.11 73.43 -43.81
N GLY A 244 -22.29 72.53 -42.84
CA GLY A 244 -22.20 71.11 -43.11
C GLY A 244 -20.78 70.64 -43.38
N TYR A 245 -19.82 71.52 -43.14
CA TYR A 245 -18.42 71.18 -43.31
C TYR A 245 -17.71 71.09 -41.97
N TYR A 246 -16.79 70.13 -41.86
CA TYR A 246 -15.97 69.99 -40.66
C TYR A 246 -14.60 70.59 -40.93
N TYR A 247 -14.13 71.45 -40.03
CA TYR A 247 -12.83 72.08 -40.18
C TYR A 247 -11.91 71.75 -39.02
N LEU A 248 -10.66 71.45 -39.35
CA LEU A 248 -9.66 71.08 -38.33
C LEU A 248 -8.40 71.93 -38.44
N ILE A 249 -8.25 72.88 -37.52
CA ILE A 249 -7.06 73.73 -37.49
C ILE A 249 -5.99 73.15 -36.58
N THR A 250 -4.80 72.93 -37.14
CA THR A 250 -3.70 72.32 -36.40
C THR A 250 -2.40 73.11 -36.53
N SER A 251 -1.55 73.00 -35.52
CA SER A 251 -0.23 73.62 -35.54
C SER A 251 0.83 72.55 -35.83
N GLY A 252 2.09 72.95 -35.78
CA GLY A 252 3.17 72.01 -36.01
C GLY A 252 3.77 71.58 -34.68
N CYS A 253 4.52 70.48 -34.69
CA CYS A 253 5.15 69.98 -33.47
C CYS A 253 6.58 70.47 -33.31
N THR A 254 6.73 71.67 -32.76
CA THR A 254 8.05 72.26 -32.56
C THR A 254 8.17 72.98 -31.22
N GLY A 255 7.54 72.41 -30.19
CA GLY A 255 7.60 72.95 -28.85
C GLY A 255 7.18 74.40 -28.77
N TRP A 256 7.93 75.22 -28.03
CA TRP A 256 7.61 76.62 -27.87
C TRP A 256 7.71 77.40 -29.18
N ASN A 257 8.61 76.95 -30.06
CA ASN A 257 8.82 77.62 -31.34
C ASN A 257 7.53 77.76 -32.14
N PRO A 258 7.09 79.01 -32.35
CA PRO A 258 5.92 79.25 -33.19
C PRO A 258 6.16 78.72 -34.59
N ASN A 259 5.17 78.06 -35.17
CA ASN A 259 5.33 77.44 -36.49
C ASN A 259 4.17 77.73 -37.43
N GLN A 260 4.11 77.01 -38.54
CA GLN A 260 3.06 77.20 -39.53
C GLN A 260 1.77 76.48 -39.16
N ALA A 261 0.69 77.24 -38.98
CA ALA A 261 -0.61 76.65 -38.71
C ALA A 261 -1.26 76.21 -40.03
N LYS A 262 -1.98 75.10 -39.98
CA LYS A 262 -2.67 74.57 -41.16
C LYS A 262 -4.10 74.14 -40.83
N TYR A 263 -4.89 73.90 -41.87
CA TYR A 263 -6.27 73.46 -41.69
C TYR A 263 -6.67 72.50 -42.79
N ALA A 264 -7.81 71.85 -42.61
CA ALA A 264 -8.35 70.92 -43.58
C ALA A 264 -9.85 70.79 -43.39
N TYR A 265 -10.56 70.40 -44.44
CA TYR A 265 -12.00 70.28 -44.38
C TYR A 265 -12.51 68.93 -44.86
N SER A 266 -13.73 68.59 -44.46
CA SER A 266 -14.35 67.34 -44.86
C SER A 266 -15.85 67.35 -44.57
N LYS A 267 -16.59 66.60 -45.37
CA LYS A 267 -18.03 66.49 -45.20
C LYS A 267 -18.39 65.55 -44.05
N ASP A 268 -17.54 64.55 -43.82
CA ASP A 268 -17.76 63.63 -42.72
C ASP A 268 -16.53 63.57 -41.81
N LEU A 269 -16.65 62.87 -40.69
CA LEU A 269 -15.54 62.76 -39.76
C LEU A 269 -14.71 61.50 -40.00
N ALA A 270 -15.36 60.47 -40.53
CA ALA A 270 -14.69 59.19 -40.79
C ALA A 270 -13.77 59.25 -42.00
N SER A 271 -14.21 59.94 -43.04
CA SER A 271 -13.43 60.02 -44.28
C SER A 271 -13.80 61.27 -45.07
N GLY A 272 -13.06 61.52 -46.16
CA GLY A 272 -13.31 62.66 -47.02
C GLY A 272 -12.51 63.88 -46.64
N TRP A 273 -11.43 63.67 -45.88
CA TRP A 273 -10.58 64.76 -45.43
C TRP A 273 -9.62 65.24 -46.50
N SER A 274 -9.59 66.56 -46.70
CA SER A 274 -8.73 67.18 -47.70
C SER A 274 -7.29 67.26 -47.20
N GLN A 275 -6.38 67.60 -48.10
CA GLN A 275 -4.97 67.80 -47.75
C GLN A 275 -4.83 69.03 -46.85
N LEU A 276 -3.68 69.14 -46.19
CA LEU A 276 -3.42 70.26 -45.29
C LEU A 276 -3.12 71.53 -46.08
N TYR A 277 -3.82 72.61 -45.75
CA TYR A 277 -3.56 73.91 -46.39
C TYR A 277 -3.04 74.91 -45.37
N ASN A 278 -2.08 75.72 -45.79
CA ASN A 278 -1.47 76.69 -44.89
C ASN A 278 -2.45 77.73 -44.38
N LEU A 279 -2.24 78.17 -43.14
CA LEU A 279 -3.09 79.18 -42.52
C LEU A 279 -2.23 80.18 -41.76
N GLY A 280 -2.32 81.45 -42.15
CA GLY A 280 -1.48 82.47 -41.55
C GLY A 280 -0.06 82.38 -42.09
N ASN A 281 0.86 83.11 -41.47
CA ASN A 281 2.25 83.10 -41.90
C ASN A 281 3.01 81.88 -41.38
N SER A 282 4.33 81.96 -41.43
CA SER A 282 5.19 80.84 -41.06
C SER A 282 5.23 80.59 -39.56
N THR A 283 4.80 81.57 -38.78
CA THR A 283 4.82 81.45 -37.33
C THR A 283 3.44 81.66 -36.72
N THR A 284 2.40 81.58 -37.54
CA THR A 284 1.04 81.85 -37.10
C THR A 284 1.00 83.14 -36.28
N TYR A 285 1.76 84.13 -36.73
CA TYR A 285 1.81 85.42 -36.07
C TYR A 285 2.26 85.28 -34.62
N ARG A 286 3.33 84.52 -34.43
CA ARG A 286 3.89 84.25 -33.10
C ARG A 286 2.82 83.79 -32.12
N SER A 287 2.18 82.67 -32.44
CA SER A 287 1.16 82.09 -31.56
C SER A 287 0.90 80.63 -31.94
N GLN A 288 0.11 79.95 -31.13
CA GLN A 288 -0.29 78.57 -31.43
C GLN A 288 -1.78 78.41 -31.20
N PRO A 289 -2.50 77.89 -32.20
CA PRO A 289 -3.95 77.73 -32.12
C PRO A 289 -4.37 76.89 -30.92
N THR A 290 -5.33 77.38 -30.14
CA THR A 290 -5.78 76.67 -28.96
C THR A 290 -7.26 76.31 -29.06
N PHE A 291 -8.06 77.17 -29.69
CA PHE A 291 -9.49 76.93 -29.84
C PHE A 291 -10.15 77.95 -30.77
N ILE A 292 -11.23 77.53 -31.41
CA ILE A 292 -11.99 78.39 -32.31
C ILE A 292 -13.47 78.29 -31.98
N ILE A 293 -14.13 79.44 -31.85
CA ILE A 293 -15.52 79.49 -31.43
C ILE A 293 -16.40 80.41 -32.28
N PRO A 294 -17.59 79.91 -32.67
CA PRO A 294 -18.59 80.68 -33.41
C PRO A 294 -19.19 81.77 -32.54
N VAL A 295 -19.23 83.00 -33.06
CA VAL A 295 -19.79 84.14 -32.35
C VAL A 295 -21.14 84.57 -32.93
N GLN A 296 -22.22 84.24 -32.23
CA GLN A 296 -23.56 84.55 -32.70
C GLN A 296 -23.91 86.02 -32.49
N GLY A 297 -24.52 86.63 -33.49
CA GLY A 297 -24.91 88.03 -33.42
C GLY A 297 -26.16 88.34 -34.21
N SER A 298 -26.52 89.62 -34.27
CA SER A 298 -27.71 90.07 -34.99
C SER A 298 -27.50 90.08 -36.50
N SER A 299 -26.39 90.68 -36.92
CA SER A 299 -26.06 90.82 -38.33
C SER A 299 -25.59 89.51 -38.96
N GLY A 300 -25.12 88.58 -38.14
CA GLY A 300 -24.64 87.30 -38.63
C GLY A 300 -23.66 86.63 -37.68
N THR A 301 -22.96 85.62 -38.18
CA THR A 301 -22.00 84.89 -37.36
C THR A 301 -20.56 85.00 -37.86
N SER A 302 -19.64 85.16 -36.93
CA SER A 302 -18.22 85.23 -37.23
C SER A 302 -17.47 84.28 -36.31
N TYR A 303 -16.24 83.91 -36.70
CA TYR A 303 -15.48 82.95 -35.90
C TYR A 303 -14.26 83.57 -35.25
N LEU A 304 -14.11 83.33 -33.95
CA LEU A 304 -13.00 83.87 -33.18
C LEU A 304 -11.90 82.84 -32.97
N TYR A 305 -10.70 83.15 -33.47
CA TYR A 305 -9.53 82.31 -33.29
C TYR A 305 -8.79 82.71 -32.03
N MET A 306 -8.59 81.76 -31.13
CA MET A 306 -7.82 82.01 -29.92
C MET A 306 -6.46 81.34 -30.00
N GLY A 307 -5.41 82.07 -29.67
CA GLY A 307 -4.07 81.53 -29.72
C GLY A 307 -3.23 81.91 -28.51
N ASP A 308 -2.17 81.16 -28.27
CA ASP A 308 -1.29 81.42 -27.16
C ASP A 308 0.10 81.82 -27.65
N ARG A 309 0.60 82.94 -27.16
CA ARG A 309 1.97 83.36 -27.41
C ARG A 309 2.82 82.91 -26.25
N TRP A 310 3.30 81.67 -26.34
CA TRP A 310 4.06 81.05 -25.26
C TRP A 310 5.35 81.80 -24.95
N ALA A 311 5.50 82.19 -23.69
CA ALA A 311 6.70 82.91 -23.25
C ALA A 311 7.96 82.07 -23.40
N GLY A 312 7.79 80.76 -23.51
CA GLY A 312 8.92 79.86 -23.67
C GLY A 312 9.74 80.20 -24.92
N ALA A 313 9.13 80.96 -25.83
CA ALA A 313 9.81 81.37 -27.04
C ALA A 313 11.01 82.26 -26.73
N TRP A 314 10.91 83.02 -25.64
CA TRP A 314 12.01 83.90 -25.23
C TRP A 314 12.52 83.56 -23.83
N GLY A 315 12.42 82.29 -23.47
CA GLY A 315 12.91 81.80 -22.18
C GLY A 315 12.15 82.35 -21.00
N GLY A 316 10.84 82.54 -21.17
CA GLY A 316 10.01 83.08 -20.10
C GLY A 316 9.12 82.02 -19.46
N LYS A 317 8.67 82.31 -18.25
CA LYS A 317 7.79 81.39 -17.54
C LYS A 317 6.44 81.29 -18.24
N VAL A 318 5.80 80.13 -18.12
CA VAL A 318 4.50 79.89 -18.74
C VAL A 318 3.45 80.92 -18.32
N ASN A 319 3.57 81.41 -17.09
CA ASN A 319 2.63 82.40 -16.58
C ASN A 319 2.76 83.75 -17.28
N ASP A 320 3.88 83.97 -17.96
CA ASP A 320 4.12 85.21 -18.67
C ASP A 320 3.57 85.18 -20.10
N SER A 321 3.14 84.01 -20.55
CA SER A 321 2.61 83.87 -21.90
C SER A 321 1.47 84.84 -22.18
N GLN A 322 1.35 85.26 -23.43
CA GLN A 322 0.33 86.23 -23.84
C GLN A 322 -0.73 85.58 -24.72
N TYR A 323 -1.64 86.38 -25.24
CA TYR A 323 -2.74 85.87 -26.06
C TYR A 323 -2.80 86.55 -27.43
N VAL A 324 -3.36 85.85 -28.41
CA VAL A 324 -3.52 86.38 -29.75
C VAL A 324 -4.86 85.98 -30.35
N TRP A 325 -5.80 86.92 -30.36
CA TRP A 325 -7.13 86.66 -30.90
C TRP A 325 -7.29 87.28 -32.29
N LEU A 326 -7.80 86.49 -33.23
CA LEU A 326 -7.97 86.94 -34.61
C LEU A 326 -9.26 86.40 -35.22
N PRO A 327 -9.81 87.12 -36.21
CA PRO A 327 -11.01 86.71 -36.93
C PRO A 327 -10.72 85.66 -38.00
N LEU A 328 -11.38 84.52 -37.92
CA LEU A 328 -11.23 83.47 -38.92
C LEU A 328 -12.25 83.67 -40.05
N ASN A 329 -11.78 84.17 -41.19
CA ASN A 329 -12.68 84.46 -42.31
C ASN A 329 -12.83 83.27 -43.26
N PHE A 330 -14.07 83.02 -43.66
CA PHE A 330 -14.35 81.95 -44.60
C PHE A 330 -14.66 82.51 -46.00
N ILE A 331 -13.62 82.73 -46.78
CA ILE A 331 -13.78 83.20 -48.16
C ILE A 331 -14.75 82.30 -48.92
N SER A 332 -14.59 81.00 -48.73
CA SER A 332 -15.50 80.01 -49.32
C SER A 332 -15.57 78.79 -48.41
N ASP A 333 -16.22 77.73 -48.89
CA ASP A 333 -16.35 76.50 -48.12
C ASP A 333 -15.03 75.74 -48.05
N THR A 334 -14.14 76.02 -49.01
CA THR A 334 -12.86 75.33 -49.09
C THR A 334 -11.67 76.31 -49.05
N THR A 335 -11.89 77.48 -48.47
CA THR A 335 -10.85 78.49 -48.38
C THR A 335 -10.99 79.37 -47.14
N LEU A 336 -10.03 79.26 -46.23
CA LEU A 336 -10.02 80.07 -45.01
C LEU A 336 -8.83 81.03 -44.99
N GLU A 337 -8.99 82.12 -44.24
CA GLU A 337 -7.95 83.13 -44.09
C GLU A 337 -7.85 83.60 -42.64
N LEU A 338 -6.63 83.60 -42.11
CA LEU A 338 -6.38 84.07 -40.75
C LEU A 338 -5.49 85.31 -40.77
N PRO A 339 -6.12 86.49 -40.81
CA PRO A 339 -5.41 87.77 -40.86
C PRO A 339 -4.94 88.20 -39.47
N TYR A 340 -3.87 88.99 -39.43
CA TYR A 340 -3.37 89.53 -38.17
C TYR A 340 -3.57 91.04 -38.08
N TYR A 341 -4.33 91.48 -37.08
CA TYR A 341 -4.50 92.89 -36.81
C TYR A 341 -3.98 93.19 -35.41
N ASP A 342 -3.00 94.09 -35.29
CA ASP A 342 -2.43 94.43 -34.00
C ASP A 342 -3.52 94.83 -33.00
N SER A 343 -4.61 95.36 -33.52
CA SER A 343 -5.77 95.72 -32.71
C SER A 343 -7.04 95.23 -33.40
N VAL A 344 -7.82 94.43 -32.68
CA VAL A 344 -9.05 93.88 -33.26
C VAL A 344 -10.28 94.31 -32.50
N LYS A 345 -11.27 94.84 -33.22
CA LYS A 345 -12.52 95.24 -32.60
C LYS A 345 -13.56 94.16 -32.85
N ILE A 346 -14.35 93.87 -31.82
CA ILE A 346 -15.37 92.81 -31.90
C ILE A 346 -16.67 93.26 -31.26
N ASP A 347 -17.79 92.84 -31.83
CA ASP A 347 -19.09 93.14 -31.26
C ASP A 347 -19.92 91.86 -31.16
N ALA A 348 -20.16 91.43 -29.92
CA ALA A 348 -20.87 90.19 -29.65
C ALA A 348 -22.31 90.25 -30.11
N SER A 349 -23.01 91.32 -29.74
CA SER A 349 -24.41 91.49 -30.11
C SER A 349 -24.59 91.53 -31.63
N SER A 350 -23.61 92.10 -32.31
CA SER A 350 -23.66 92.20 -33.76
C SER A 350 -23.18 90.91 -34.42
N GLY A 351 -22.22 90.26 -33.76
CA GLY A 351 -21.61 89.05 -34.29
C GLY A 351 -20.60 89.37 -35.38
N ILE A 352 -19.91 90.49 -35.21
CA ILE A 352 -18.94 90.96 -36.20
C ILE A 352 -17.54 91.05 -35.61
N ILE A 353 -16.57 90.49 -36.33
CA ILE A 353 -15.16 90.58 -35.92
C ILE A 353 -14.29 91.08 -37.05
N SER A 354 -13.65 92.24 -36.84
CA SER A 354 -12.83 92.86 -37.87
C SER A 354 -11.72 93.73 -37.27
N GLU A 355 -10.87 94.26 -38.12
CA GLU A 355 -9.77 95.12 -37.69
C GLU A 355 -10.29 96.46 -37.17
N TYR A 356 -9.64 96.99 -36.14
CA TYR A 356 -10.02 98.30 -35.62
C TYR A 356 -9.15 99.40 -36.22
N ILE A 357 -9.79 100.30 -36.96
CA ILE A 357 -9.09 101.41 -37.60
C ILE A 357 -9.43 102.72 -36.91
N PRO A 358 -8.50 103.26 -36.10
CA PRO A 358 -8.71 104.51 -35.37
C PRO A 358 -9.04 105.67 -36.29
N ASP A 359 -8.45 105.68 -37.48
CA ASP A 359 -8.67 106.74 -38.45
C ASP A 359 -9.22 106.21 -39.77
N THR A 360 -10.51 106.43 -40.01
CA THR A 360 -11.18 105.88 -41.19
C THR A 360 -11.16 106.82 -42.39
N THR A 361 -10.34 107.87 -42.33
CA THR A 361 -10.26 108.81 -43.44
C THR A 361 -9.76 108.10 -44.70
N ARG A 362 -10.57 108.17 -45.76
CA ARG A 362 -10.25 107.54 -47.03
C ARG A 362 -9.29 108.39 -47.86
N TYR A 363 -8.44 107.73 -48.64
CA TYR A 363 -7.45 108.44 -49.44
C TYR A 363 -7.35 107.93 -50.88
N LYS A 364 -6.78 108.76 -51.74
CA LYS A 364 -6.52 108.41 -53.13
C LYS A 364 -5.09 108.77 -53.51
N LEU A 365 -4.31 107.76 -53.91
CA LEU A 365 -2.92 107.96 -54.28
C LEU A 365 -2.80 108.26 -55.77
N VAL A 366 -2.43 109.50 -56.09
CA VAL A 366 -2.32 109.93 -57.48
C VAL A 366 -0.86 110.04 -57.91
N ASN A 367 -0.51 109.39 -59.01
CA ASN A 367 0.85 109.43 -59.53
C ASN A 367 1.16 110.73 -60.26
N LYS A 368 2.27 111.36 -59.88
CA LYS A 368 2.69 112.61 -60.49
C LYS A 368 2.75 112.48 -62.02
N ASN A 369 3.56 111.54 -62.49
CA ASN A 369 3.78 111.34 -63.91
C ASN A 369 2.51 111.01 -64.69
N SER A 370 1.98 109.81 -64.49
CA SER A 370 0.83 109.32 -65.24
C SER A 370 -0.43 110.13 -64.97
N GLY A 371 -0.57 110.61 -63.74
CA GLY A 371 -1.78 111.32 -63.34
C GLY A 371 -2.85 110.34 -62.92
N LYS A 372 -2.56 109.05 -63.11
CA LYS A 372 -3.49 108.00 -62.72
C LYS A 372 -3.46 107.80 -61.20
N VAL A 373 -4.43 107.04 -60.69
CA VAL A 373 -4.50 106.79 -59.26
C VAL A 373 -4.28 105.31 -58.94
N LEU A 374 -3.80 105.03 -57.73
CA LEU A 374 -3.57 103.66 -57.29
C LEU A 374 -4.89 102.89 -57.22
N ASP A 375 -4.93 101.74 -57.88
CA ASP A 375 -6.16 100.97 -57.98
C ASP A 375 -5.85 99.48 -58.06
N VAL A 376 -6.87 98.65 -57.79
CA VAL A 376 -6.74 97.21 -57.92
C VAL A 376 -7.27 96.74 -59.27
N LEU A 377 -6.51 95.88 -59.95
CA LEU A 377 -6.90 95.38 -61.26
C LEU A 377 -8.32 94.80 -61.24
N ASP A 378 -9.16 95.30 -62.13
CA ASP A 378 -10.55 94.87 -62.24
C ASP A 378 -11.33 95.12 -60.95
N GLY A 379 -10.79 95.96 -60.09
CA GLY A 379 -11.41 96.27 -58.82
C GLY A 379 -11.70 95.01 -58.01
N SER A 380 -10.93 93.96 -58.27
CA SER A 380 -11.14 92.67 -57.62
C SER A 380 -10.90 92.74 -56.10
N VAL A 381 -11.69 91.95 -55.36
CA VAL A 381 -11.53 91.84 -53.92
C VAL A 381 -10.80 90.56 -53.57
N ASP A 382 -10.44 89.79 -54.59
CA ASP A 382 -9.73 88.54 -54.41
C ASP A 382 -8.35 88.76 -53.83
N ASN A 383 -7.83 87.76 -53.12
CA ASN A 383 -6.52 87.84 -52.51
C ASN A 383 -5.42 87.65 -53.55
N ALA A 384 -4.30 88.35 -53.35
CA ALA A 384 -3.17 88.31 -54.27
C ALA A 384 -3.50 88.97 -55.61
N ALA A 385 -4.46 89.89 -55.60
CA ALA A 385 -4.85 90.62 -56.80
C ALA A 385 -3.79 91.64 -57.20
N GLN A 386 -3.54 91.76 -58.50
CA GLN A 386 -2.53 92.67 -59.02
C GLN A 386 -2.88 94.14 -58.77
N ILE A 387 -1.88 94.94 -58.44
CA ILE A 387 -2.08 96.38 -58.24
C ILE A 387 -1.66 97.17 -59.47
N VAL A 388 -2.59 97.95 -60.02
CA VAL A 388 -2.33 98.74 -61.22
C VAL A 388 -2.82 100.18 -61.06
N GLN A 389 -2.34 101.06 -61.93
CA GLN A 389 -2.81 102.45 -61.94
C GLN A 389 -4.00 102.60 -62.86
N TRP A 390 -4.83 103.60 -62.60
CA TRP A 390 -6.05 103.80 -63.39
C TRP A 390 -6.58 105.22 -63.29
N THR A 391 -7.34 105.64 -64.30
CA THR A 391 -7.95 106.96 -64.33
C THR A 391 -8.91 107.10 -63.16
N ASP A 392 -8.86 108.25 -62.49
CA ASP A 392 -9.72 108.52 -61.35
C ASP A 392 -11.19 108.41 -61.74
N ASN A 393 -11.82 107.31 -61.33
CA ASN A 393 -13.23 107.07 -61.60
C ASN A 393 -14.10 107.04 -60.35
N GLY A 394 -13.51 107.43 -59.22
CA GLY A 394 -14.22 107.51 -57.96
C GLY A 394 -14.73 106.19 -57.43
N SER A 395 -14.11 105.10 -57.86
CA SER A 395 -14.50 103.76 -57.42
C SER A 395 -13.97 103.47 -56.02
N LEU A 396 -14.57 102.49 -55.37
CA LEU A 396 -14.16 102.09 -54.03
C LEU A 396 -12.75 101.52 -54.06
N SER A 397 -12.44 100.78 -55.11
CA SER A 397 -11.15 100.13 -55.28
C SER A 397 -9.99 101.12 -55.36
N GLN A 398 -10.33 102.41 -55.47
CA GLN A 398 -9.31 103.45 -55.58
C GLN A 398 -9.19 104.24 -54.28
N GLN A 399 -9.89 103.78 -53.24
CA GLN A 399 -9.83 104.43 -51.94
C GLN A 399 -9.03 103.58 -50.96
N TRP A 400 -8.28 104.23 -50.08
CA TRP A 400 -7.37 103.52 -49.18
C TRP A 400 -7.37 104.05 -47.74
N TYR A 401 -7.30 103.14 -46.79
CA TYR A 401 -7.15 103.49 -45.37
C TYR A 401 -5.68 103.66 -45.02
N LEU A 402 -5.41 104.25 -43.86
CA LEU A 402 -4.04 104.38 -43.37
C LEU A 402 -3.93 103.99 -41.90
N VAL A 403 -3.35 102.84 -41.64
CA VAL A 403 -3.23 102.32 -40.27
C VAL A 403 -1.81 102.40 -39.72
N ASP A 404 -1.60 103.23 -38.70
CA ASP A 404 -0.29 103.36 -38.08
C ASP A 404 0.13 102.02 -37.46
N VAL A 405 1.36 101.61 -37.75
CA VAL A 405 1.87 100.34 -37.24
C VAL A 405 3.18 100.51 -36.48
N GLY A 406 3.32 101.65 -35.82
CA GLY A 406 4.52 101.94 -35.07
C GLY A 406 5.60 102.57 -35.94
N GLY A 407 6.33 103.51 -35.36
CA GLY A 407 7.35 104.23 -36.11
C GLY A 407 6.73 105.14 -37.16
N GLY A 408 7.51 105.50 -38.17
CA GLY A 408 7.01 106.36 -39.24
C GLY A 408 6.36 105.56 -40.35
N TYR A 409 6.09 104.30 -40.08
CA TYR A 409 5.51 103.39 -41.07
C TYR A 409 4.02 103.19 -40.86
N LYS A 410 3.31 102.88 -41.94
CA LYS A 410 1.86 102.70 -41.85
C LYS A 410 1.45 101.59 -42.81
N LYS A 411 0.26 101.04 -42.59
CA LYS A 411 -0.29 100.04 -43.49
C LYS A 411 -1.26 100.71 -44.46
N ILE A 412 -1.12 100.41 -45.74
CA ILE A 412 -2.02 100.93 -46.77
C ILE A 412 -3.10 99.90 -47.13
N VAL A 413 -4.26 100.02 -46.51
CA VAL A 413 -5.35 99.06 -46.68
C VAL A 413 -6.41 99.55 -47.65
N ASN A 414 -6.71 98.72 -48.65
CA ASN A 414 -7.76 99.03 -49.62
C ASN A 414 -9.13 99.12 -48.94
N VAL A 415 -10.01 99.95 -49.50
CA VAL A 415 -11.34 100.14 -48.94
C VAL A 415 -12.35 99.08 -49.38
N LYS A 416 -12.42 98.84 -50.69
CA LYS A 416 -13.35 97.84 -51.22
C LYS A 416 -13.08 96.48 -50.61
N SER A 417 -11.83 96.04 -50.67
CA SER A 417 -11.42 94.79 -50.04
C SER A 417 -10.50 95.13 -48.86
N GLY A 418 -10.75 94.51 -47.71
CA GLY A 418 -10.00 94.82 -46.51
C GLY A 418 -8.53 94.43 -46.56
N ARG A 419 -8.07 94.01 -47.73
CA ARG A 419 -6.68 93.60 -47.90
C ARG A 419 -5.75 94.79 -47.98
N ALA A 420 -4.49 94.57 -47.61
CA ALA A 420 -3.51 95.65 -47.56
C ALA A 420 -2.49 95.56 -48.69
N LEU A 421 -1.87 96.69 -49.01
CA LEU A 421 -0.83 96.75 -50.03
C LEU A 421 0.34 95.88 -49.61
N ASP A 422 0.81 95.02 -50.52
CA ASP A 422 1.81 94.02 -50.18
C ASP A 422 2.82 93.79 -51.30
N VAL A 423 4.05 93.49 -50.93
CA VAL A 423 5.09 93.16 -51.91
C VAL A 423 5.17 91.64 -52.11
N LYS A 424 4.73 91.18 -53.28
CA LYS A 424 4.66 89.75 -53.59
C LYS A 424 5.92 88.98 -53.18
N ASP A 425 5.72 87.92 -52.40
CA ASP A 425 6.80 87.03 -51.98
C ASP A 425 7.92 87.76 -51.25
N GLU A 426 7.57 88.83 -50.54
CA GLU A 426 8.54 89.62 -49.80
C GLU A 426 9.81 89.85 -50.61
N SER A 427 9.63 90.27 -51.86
CA SER A 427 10.76 90.52 -52.76
C SER A 427 11.58 91.73 -52.30
N LYS A 428 12.89 91.66 -52.50
CA LYS A 428 13.78 92.75 -52.11
C LYS A 428 14.50 93.34 -53.32
N GLU A 429 13.89 93.20 -54.50
CA GLU A 429 14.55 93.61 -55.73
C GLU A 429 13.69 94.49 -56.63
N ASP A 430 14.33 95.14 -57.60
CA ASP A 430 13.65 96.02 -58.54
C ASP A 430 12.71 95.22 -59.43
N GLY A 431 11.53 95.77 -59.68
CA GLY A 431 10.53 95.12 -60.51
C GLY A 431 9.61 94.22 -59.70
N GLY A 432 9.74 94.27 -58.39
CA GLY A 432 8.91 93.47 -57.51
C GLY A 432 7.44 93.88 -57.57
N VAL A 433 6.63 93.05 -58.22
CA VAL A 433 5.20 93.33 -58.38
C VAL A 433 4.51 93.54 -57.04
N LEU A 434 3.63 94.54 -56.97
CA LEU A 434 2.83 94.77 -55.76
C LEU A 434 1.41 94.23 -55.92
N ILE A 435 0.90 93.64 -54.85
CA ILE A 435 -0.44 93.07 -54.85
C ILE A 435 -1.16 93.38 -53.54
N GLN A 436 -2.44 93.01 -53.46
CA GLN A 436 -3.18 93.11 -52.21
C GLN A 436 -3.28 91.74 -51.54
N TYR A 437 -2.87 91.68 -50.28
CA TYR A 437 -2.77 90.41 -49.57
C TYR A 437 -3.34 90.51 -48.15
N THR A 438 -3.60 89.34 -47.57
CA THR A 438 -4.10 89.28 -46.21
C THR A 438 -3.10 89.92 -45.26
N SER A 439 -3.58 90.77 -44.37
CA SER A 439 -2.73 91.44 -43.39
C SER A 439 -2.00 90.39 -42.56
N ASN A 440 -0.68 90.34 -42.70
CA ASN A 440 0.11 89.33 -41.99
C ASN A 440 1.22 89.92 -41.13
N GLY A 441 1.15 91.23 -40.88
CA GLY A 441 2.11 91.90 -40.04
C GLY A 441 3.52 91.89 -40.60
N GLY A 442 3.66 91.44 -41.85
CA GLY A 442 4.95 91.40 -42.49
C GLY A 442 5.44 92.78 -42.87
N TYR A 443 6.76 92.96 -42.88
CA TYR A 443 7.34 94.26 -43.21
C TYR A 443 7.09 94.63 -44.68
N ASN A 444 6.82 93.63 -45.51
CA ASN A 444 6.53 93.89 -46.91
C ASN A 444 5.15 94.53 -47.06
N GLN A 445 4.49 94.78 -45.93
CA GLN A 445 3.18 95.43 -45.91
C GLN A 445 3.22 96.76 -45.15
N HIS A 446 4.40 97.12 -44.65
CA HIS A 446 4.56 98.40 -43.96
C HIS A 446 5.20 99.43 -44.88
N TRP A 447 4.68 100.65 -44.85
CA TRP A 447 5.14 101.70 -45.75
C TRP A 447 5.38 103.02 -45.02
N LYS A 448 6.47 103.71 -45.37
CA LYS A 448 6.79 105.00 -44.77
C LYS A 448 6.60 106.14 -45.77
N PHE A 449 5.88 107.18 -45.36
CA PHE A 449 5.64 108.32 -46.23
C PHE A 449 6.69 109.40 -45.99
N THR A 450 7.30 109.84 -47.08
CA THR A 450 8.33 110.87 -47.03
C THR A 450 7.98 112.06 -47.92
N ASP A 451 7.85 113.22 -47.30
CA ASP A 451 7.48 114.45 -48.00
C ASP A 451 8.64 114.99 -48.80
N ILE A 452 8.35 115.41 -50.04
CA ILE A 452 9.38 115.93 -50.93
C ILE A 452 8.89 117.24 -51.55
N GLY A 453 7.95 117.88 -50.86
CA GLY A 453 7.35 119.10 -51.34
C GLY A 453 5.95 118.83 -51.87
N ASP A 454 5.08 119.83 -51.73
CA ASP A 454 3.70 119.70 -52.17
C ASP A 454 3.00 118.53 -51.46
N GLY A 455 1.97 117.99 -52.12
CA GLY A 455 1.23 116.86 -51.57
C GLY A 455 1.76 115.52 -52.04
N TYR A 456 2.94 115.52 -52.64
CA TYR A 456 3.55 114.32 -53.19
C TYR A 456 4.54 113.71 -52.21
N TYR A 457 4.56 112.38 -52.12
CA TYR A 457 5.44 111.68 -51.21
C TYR A 457 6.24 110.59 -51.94
N LYS A 458 7.24 110.06 -51.26
CA LYS A 458 7.95 108.86 -51.73
C LYS A 458 7.70 107.71 -50.77
N ILE A 459 6.73 106.87 -51.10
CA ILE A 459 6.32 105.77 -50.22
C ILE A 459 7.28 104.59 -50.29
N SER A 460 8.18 104.50 -49.31
CA SER A 460 9.18 103.44 -49.28
C SER A 460 8.70 102.24 -48.47
N SER A 461 9.17 101.05 -48.83
CA SER A 461 8.82 99.83 -48.12
C SER A 461 9.75 99.60 -46.94
N ARG A 462 9.20 99.06 -45.86
CA ARG A 462 9.95 98.83 -44.63
C ARG A 462 10.90 97.64 -44.79
N HIS A 463 10.69 96.85 -45.84
CA HIS A 463 11.47 95.63 -46.03
C HIS A 463 12.88 95.89 -46.55
N CYS A 464 12.99 96.72 -47.58
CA CYS A 464 14.29 96.98 -48.20
C CYS A 464 14.52 98.45 -48.51
N GLY A 465 13.49 99.26 -48.28
CA GLY A 465 13.59 100.70 -48.50
C GLY A 465 13.13 101.15 -49.87
N LYS A 466 13.10 100.22 -50.82
CA LYS A 466 12.64 100.52 -52.18
C LYS A 466 11.20 101.03 -52.15
N LEU A 467 10.90 101.98 -53.02
CA LEU A 467 9.61 102.67 -53.01
C LEU A 467 8.68 102.27 -54.16
N ILE A 468 7.43 102.68 -54.06
CA ILE A 468 6.42 102.38 -55.07
C ILE A 468 6.74 103.03 -56.42
N ASP A 469 6.72 102.22 -57.47
CA ASP A 469 7.13 102.65 -58.80
C ASP A 469 6.22 102.13 -59.91
N VAL A 470 5.78 103.04 -60.77
CA VAL A 470 5.01 102.65 -61.95
C VAL A 470 5.95 102.08 -62.99
N ARG A 471 5.72 100.83 -63.39
CA ARG A 471 6.64 100.14 -64.30
C ARG A 471 6.82 100.90 -65.61
N LYS A 472 8.06 101.27 -65.91
CA LYS A 472 8.40 101.90 -67.18
C LYS A 472 7.78 103.29 -67.31
N TRP A 473 7.50 103.93 -66.18
CA TRP A 473 6.88 105.25 -66.19
C TRP A 473 5.55 105.25 -66.94
N SER A 474 4.94 104.07 -67.05
CA SER A 474 3.71 103.93 -67.81
C SER A 474 2.75 105.08 -67.52
N THR A 475 2.09 105.57 -68.57
CA THR A 475 1.16 106.67 -68.44
C THR A 475 -0.23 106.24 -68.90
N GLU A 476 -0.41 104.94 -69.05
CA GLU A 476 -1.68 104.39 -69.52
C GLU A 476 -2.38 103.62 -68.42
N ASP A 477 -3.64 103.27 -68.65
CA ASP A 477 -4.41 102.49 -67.68
C ASP A 477 -3.90 101.06 -67.62
N GLY A 478 -3.95 100.47 -66.43
CA GLY A 478 -3.49 99.10 -66.24
C GLY A 478 -2.00 99.04 -66.02
N GLY A 479 -1.36 100.19 -65.87
CA GLY A 479 0.07 100.26 -65.63
C GLY A 479 0.46 99.55 -64.34
N ILE A 480 1.29 98.52 -64.47
CA ILE A 480 1.70 97.70 -63.35
C ILE A 480 2.43 98.48 -62.26
N ILE A 481 1.86 98.49 -61.06
CA ILE A 481 2.50 99.09 -59.90
C ILE A 481 3.51 98.11 -59.29
N GLN A 482 4.75 98.55 -59.14
CA GLN A 482 5.81 97.68 -58.67
C GLN A 482 6.70 98.34 -57.61
N GLN A 483 7.81 97.68 -57.31
CA GLN A 483 8.78 98.17 -56.33
C GLN A 483 10.09 98.48 -57.03
N TRP A 484 10.70 99.60 -56.70
CA TRP A 484 11.94 99.98 -57.37
C TRP A 484 12.79 100.93 -56.52
N SER A 485 14.09 100.94 -56.78
CA SER A 485 15.02 101.81 -56.08
C SER A 485 14.67 103.28 -56.34
N ASP A 486 14.96 104.14 -55.38
CA ASP A 486 14.70 105.56 -55.52
C ASP A 486 15.54 106.16 -56.64
N ALA A 487 14.88 106.53 -57.73
CA ALA A 487 15.55 107.09 -58.89
C ALA A 487 15.21 108.56 -59.10
N GLY A 488 14.40 109.11 -58.21
CA GLY A 488 14.01 110.51 -58.29
C GLY A 488 13.06 110.80 -59.45
N GLY A 489 12.52 109.75 -60.05
CA GLY A 489 11.59 109.90 -61.16
C GLY A 489 10.18 110.19 -60.72
N THR A 490 9.50 111.06 -61.47
CA THR A 490 8.14 111.47 -61.13
C THR A 490 7.18 110.29 -60.98
N ASN A 491 7.49 109.19 -61.65
CA ASN A 491 6.66 107.99 -61.58
C ASN A 491 6.71 107.35 -60.19
N GLN A 492 7.61 107.85 -59.36
CA GLN A 492 7.78 107.32 -58.00
C GLN A 492 7.22 108.30 -56.98
N HIS A 493 6.54 109.33 -57.46
CA HIS A 493 5.97 110.35 -56.59
C HIS A 493 4.45 110.23 -56.57
N TRP A 494 3.86 110.22 -55.39
CA TRP A 494 2.43 110.01 -55.22
C TRP A 494 1.77 111.11 -54.40
N LYS A 495 0.57 111.51 -54.84
CA LYS A 495 -0.21 112.53 -54.16
C LYS A 495 -1.29 111.92 -53.30
N LEU A 496 -1.36 112.36 -52.04
CA LEU A 496 -2.35 111.85 -51.09
C LEU A 496 -3.57 112.76 -51.08
N VAL A 497 -4.70 112.25 -51.59
CA VAL A 497 -5.91 113.05 -51.70
C VAL A 497 -7.07 112.51 -50.87
N LEU A 498 -7.74 113.41 -50.15
CA LEU A 498 -8.88 113.07 -49.30
C LEU A 498 -10.20 112.87 -50.09
N VAL A 499 -11.12 112.11 -49.50
CA VAL A 499 -12.40 111.83 -50.14
C VAL A 499 -13.55 112.00 -49.15
N GLY B 18 18.72 -60.24 25.86
CA GLY B 18 18.89 -59.52 27.11
C GLY B 18 17.57 -59.18 27.77
N SER B 19 17.34 -59.72 28.96
CA SER B 19 16.08 -59.49 29.67
C SER B 19 16.08 -58.25 30.55
N HIS B 20 17.19 -58.01 31.25
CA HIS B 20 17.26 -56.87 32.18
C HIS B 20 18.40 -55.91 31.84
N MET B 21 18.56 -55.59 30.56
CA MET B 21 19.61 -54.67 30.16
C MET B 21 19.23 -53.21 30.40
N ALA B 22 20.04 -52.51 31.17
CA ALA B 22 19.85 -51.09 31.42
C ALA B 22 19.94 -50.32 30.11
N SER B 23 19.12 -49.29 29.96
CA SER B 23 19.07 -48.55 28.72
C SER B 23 20.29 -47.66 28.55
N MET B 24 20.72 -47.49 27.30
CA MET B 24 21.78 -46.57 26.97
C MET B 24 21.49 -45.23 27.63
N THR B 25 22.54 -44.53 28.06
CA THR B 25 22.37 -43.25 28.76
C THR B 25 21.40 -42.32 28.04
N GLY B 26 20.33 -41.94 28.74
CA GLY B 26 19.33 -41.04 28.19
C GLY B 26 18.49 -41.69 27.11
N GLY B 27 18.48 -43.03 27.10
CA GLY B 27 17.74 -43.77 26.11
C GLY B 27 18.58 -44.18 24.91
N GLN B 28 17.98 -44.97 24.03
CA GLN B 28 18.63 -45.41 22.80
C GLN B 28 18.84 -44.25 21.83
N GLN B 29 20.10 -43.83 21.71
CA GLN B 29 20.47 -42.72 20.87
C GLN B 29 20.24 -43.05 19.41
N MET B 30 20.50 -44.30 19.03
CA MET B 30 20.33 -44.72 17.64
C MET B 30 19.03 -45.49 17.44
N GLY B 31 18.69 -45.72 16.18
CA GLY B 31 17.49 -46.46 15.83
C GLY B 31 16.28 -45.60 15.51
N ARG B 32 16.39 -44.30 15.76
CA ARG B 32 15.29 -43.38 15.49
C ARG B 32 15.08 -43.16 14.00
N GLY B 33 13.84 -43.33 13.54
CA GLY B 33 13.50 -43.08 12.15
C GLY B 33 12.95 -41.67 12.00
N SER B 34 13.77 -40.78 11.44
CA SER B 34 13.38 -39.38 11.27
C SER B 34 11.94 -39.26 10.78
N GLU B 35 11.18 -38.37 11.40
CA GLU B 35 9.79 -38.15 11.01
C GLU B 35 9.72 -37.30 9.75
N PHE B 36 10.86 -36.72 9.37
CA PHE B 36 10.94 -35.88 8.18
C PHE B 36 10.99 -36.71 6.90
N ALA B 37 11.37 -37.98 7.04
CA ALA B 37 11.54 -38.85 5.88
C ALA B 37 10.66 -40.10 5.94
N ALA B 38 9.77 -40.18 6.92
CA ALA B 38 8.87 -41.32 7.06
C ALA B 38 7.70 -41.25 6.10
N GLU B 39 7.25 -42.42 5.63
CA GLU B 39 6.12 -42.50 4.70
C GLU B 39 4.79 -42.26 5.41
N GLY B 40 3.90 -41.53 4.73
CA GLY B 40 2.57 -41.25 5.26
C GLY B 40 2.60 -40.62 6.64
N VAL B 41 3.48 -39.64 6.82
CA VAL B 41 3.60 -38.95 8.10
C VAL B 41 3.56 -37.43 7.95
N ILE B 42 2.56 -36.81 8.57
CA ILE B 42 2.45 -35.36 8.59
C ILE B 42 3.07 -34.79 9.86
N VAL B 43 3.94 -33.81 9.71
CA VAL B 43 4.61 -33.20 10.85
C VAL B 43 4.07 -31.81 11.16
N ASN B 44 3.24 -31.71 12.19
CA ASN B 44 2.70 -30.43 12.62
C ASN B 44 3.82 -29.50 13.08
N GLY B 45 3.79 -28.27 12.61
CA GLY B 45 4.84 -27.31 12.95
C GLY B 45 5.77 -27.05 11.79
N THR B 46 5.64 -27.85 10.74
CA THR B 46 6.46 -27.69 9.54
C THR B 46 5.60 -27.25 8.37
N GLN B 47 6.20 -26.60 7.38
CA GLN B 47 5.46 -26.17 6.20
C GLN B 47 4.98 -27.38 5.42
N PHE B 48 3.73 -27.32 4.96
CA PHE B 48 3.17 -28.41 4.16
C PHE B 48 3.32 -28.10 2.67
N LYS B 49 4.12 -28.90 1.99
CA LYS B 49 4.42 -28.70 0.57
C LYS B 49 3.64 -29.67 -0.32
N ASP B 50 3.52 -29.33 -1.60
CA ASP B 50 2.85 -30.21 -2.55
C ASP B 50 3.85 -31.08 -3.30
N THR B 51 3.39 -31.74 -4.35
CA THR B 51 4.23 -32.65 -5.12
C THR B 51 5.38 -31.91 -5.80
N SER B 52 5.18 -30.63 -6.09
CA SER B 52 6.19 -29.85 -6.78
C SER B 52 7.08 -29.07 -5.80
N GLY B 53 7.11 -29.52 -4.55
CA GLY B 53 7.94 -28.90 -3.53
C GLY B 53 7.58 -27.46 -3.24
N ASN B 54 6.35 -27.08 -3.56
CA ASN B 54 5.88 -25.74 -3.29
C ASN B 54 4.91 -25.71 -2.11
N VAL B 55 5.01 -24.68 -1.28
CA VAL B 55 4.12 -24.57 -0.13
C VAL B 55 2.66 -24.50 -0.56
N ILE B 56 1.82 -25.32 0.07
CA ILE B 56 0.40 -25.35 -0.23
C ILE B 56 -0.31 -24.13 0.33
N HIS B 57 -1.09 -23.46 -0.52
CA HIS B 57 -1.85 -22.28 -0.10
C HIS B 57 -3.36 -22.49 -0.19
N ALA B 58 -3.90 -23.20 0.79
CA ALA B 58 -5.34 -23.45 0.88
C ALA B 58 -5.81 -23.25 2.31
N HIS B 59 -5.93 -21.99 2.71
CA HIS B 59 -6.24 -21.65 4.10
C HIS B 59 -7.73 -21.63 4.38
N GLY B 60 -8.10 -22.00 5.60
CA GLY B 60 -9.50 -22.01 6.01
C GLY B 60 -10.38 -22.82 5.08
N GLY B 61 -9.79 -23.81 4.42
CA GLY B 61 -10.51 -24.60 3.45
C GLY B 61 -11.03 -25.91 4.02
N GLY B 62 -11.54 -26.76 3.13
CA GLY B 62 -12.04 -28.06 3.53
C GLY B 62 -11.59 -29.13 2.56
N MET B 63 -12.06 -30.35 2.77
CA MET B 63 -11.68 -31.47 1.92
C MET B 63 -12.91 -32.23 1.43
N LEU B 64 -12.80 -32.80 0.24
CA LEU B 64 -13.90 -33.53 -0.37
C LEU B 64 -13.42 -34.86 -0.92
N LYS B 65 -14.09 -35.94 -0.52
CA LYS B 65 -13.77 -37.27 -1.02
C LYS B 65 -14.66 -37.61 -2.20
N HIS B 66 -14.04 -37.90 -3.34
CA HIS B 66 -14.78 -38.26 -4.54
C HIS B 66 -13.98 -39.21 -5.41
N GLY B 67 -14.51 -40.40 -5.61
CA GLY B 67 -13.82 -41.43 -6.37
C GLY B 67 -12.65 -42.01 -5.60
N ASP B 68 -11.46 -41.91 -6.18
CA ASP B 68 -10.25 -42.41 -5.55
C ASP B 68 -9.42 -41.26 -4.99
N TYR B 69 -9.88 -40.04 -5.21
CA TYR B 69 -9.10 -38.86 -4.83
C TYR B 69 -9.73 -38.05 -3.70
N TYR B 70 -8.89 -37.46 -2.87
CA TYR B 70 -9.30 -36.46 -1.89
C TYR B 70 -9.01 -35.08 -2.47
N TYR B 71 -9.94 -34.15 -2.32
CA TYR B 71 -9.74 -32.81 -2.85
C TYR B 71 -9.68 -31.75 -1.75
N TRP B 72 -8.55 -31.04 -1.67
CA TRP B 72 -8.33 -30.03 -0.65
C TRP B 72 -8.50 -28.62 -1.23
N TYR B 73 -9.58 -27.94 -0.86
CA TYR B 73 -9.83 -26.59 -1.34
C TYR B 73 -9.50 -25.53 -0.30
N GLY B 74 -9.10 -24.35 -0.76
CA GLY B 74 -8.78 -23.25 0.14
C GLY B 74 -8.54 -21.94 -0.58
N GLU B 75 -8.54 -20.84 0.16
CA GLU B 75 -8.35 -19.51 -0.41
C GLU B 75 -6.99 -18.94 -0.01
N TYR B 76 -6.40 -18.14 -0.88
CA TYR B 76 -5.13 -17.50 -0.59
C TYR B 76 -5.15 -16.05 -1.08
N ARG B 77 -4.62 -15.15 -0.27
CA ARG B 77 -4.63 -13.72 -0.58
C ARG B 77 -3.53 -13.31 -1.55
N ASP B 78 -3.54 -12.03 -1.93
CA ASP B 78 -2.51 -11.48 -2.79
C ASP B 78 -1.65 -10.45 -2.05
N ASP B 79 -1.12 -9.48 -2.79
CA ASP B 79 -0.25 -8.45 -2.23
C ASP B 79 -1.03 -7.45 -1.37
N SER B 80 -2.29 -7.23 -1.71
CA SER B 80 -3.12 -6.29 -0.96
C SER B 80 -3.98 -7.01 0.07
N ASN B 81 -3.61 -8.24 0.38
CA ASN B 81 -4.37 -9.06 1.32
C ASN B 81 -5.83 -9.22 0.89
N LEU B 82 -6.05 -9.21 -0.42
CA LEU B 82 -7.38 -9.41 -0.97
C LEU B 82 -7.49 -10.77 -1.63
N PHE B 83 -8.73 -11.21 -1.87
CA PHE B 83 -8.95 -12.51 -2.50
C PHE B 83 -8.21 -12.62 -3.83
N LEU B 84 -7.45 -13.70 -3.99
CA LEU B 84 -6.71 -13.92 -5.22
C LEU B 84 -7.22 -15.16 -5.96
N GLY B 85 -7.66 -16.15 -5.20
CA GLY B 85 -8.21 -17.36 -5.78
C GLY B 85 -8.41 -18.48 -4.78
N VAL B 86 -9.12 -19.52 -5.20
CA VAL B 86 -9.32 -20.70 -4.38
C VAL B 86 -8.56 -21.88 -4.99
N SER B 87 -7.55 -22.37 -4.28
CA SER B 87 -6.69 -23.42 -4.80
C SER B 87 -7.30 -24.81 -4.64
N CYS B 88 -6.84 -25.75 -5.45
CA CYS B 88 -7.35 -27.12 -5.41
C CYS B 88 -6.21 -28.12 -5.50
N TYR B 89 -6.10 -28.98 -4.48
CA TYR B 89 -5.10 -30.03 -4.47
C TYR B 89 -5.80 -31.39 -4.34
N ARG B 90 -5.22 -32.42 -4.94
CA ARG B 90 -5.79 -33.76 -4.82
C ARG B 90 -4.74 -34.79 -4.46
N SER B 91 -5.13 -35.77 -3.65
CA SER B 91 -4.24 -36.82 -3.20
C SER B 91 -5.01 -38.11 -2.92
N LYS B 92 -4.32 -39.23 -2.95
CA LYS B 92 -4.93 -40.53 -2.63
C LYS B 92 -4.55 -40.97 -1.22
N ASP B 93 -3.43 -40.46 -0.73
CA ASP B 93 -2.89 -40.88 0.56
C ASP B 93 -2.93 -39.76 1.61
N LEU B 94 -3.44 -38.61 1.22
CA LEU B 94 -3.58 -37.47 2.13
C LEU B 94 -2.23 -36.91 2.56
N VAL B 95 -1.16 -37.39 1.95
CA VAL B 95 0.18 -36.93 2.30
C VAL B 95 0.85 -36.25 1.12
N ASN B 96 0.72 -36.84 -0.06
CA ASN B 96 1.28 -36.25 -1.27
C ASN B 96 0.20 -35.56 -2.10
N TRP B 97 0.18 -34.24 -2.02
CA TRP B 97 -0.86 -33.45 -2.68
C TRP B 97 -0.38 -32.85 -4.00
N GLU B 98 -1.13 -33.11 -5.06
CA GLU B 98 -0.80 -32.57 -6.37
C GLU B 98 -1.62 -31.30 -6.61
N TYR B 99 -0.93 -30.22 -6.96
CA TYR B 99 -1.59 -28.95 -7.23
C TYR B 99 -2.36 -29.05 -8.55
N ARG B 100 -3.61 -28.61 -8.53
CA ARG B 100 -4.47 -28.76 -9.69
C ARG B 100 -4.92 -27.42 -10.29
N GLY B 101 -4.57 -26.32 -9.62
CA GLY B 101 -4.91 -25.00 -10.11
C GLY B 101 -5.96 -24.27 -9.29
N GLU B 102 -6.44 -23.16 -9.81
CA GLU B 102 -7.43 -22.34 -9.10
C GLU B 102 -8.85 -22.63 -9.59
N VAL B 103 -9.64 -23.28 -8.74
CA VAL B 103 -11.02 -23.59 -9.07
C VAL B 103 -11.87 -22.32 -9.10
N LEU B 104 -11.39 -21.29 -8.40
CA LEU B 104 -12.02 -19.97 -8.44
C LEU B 104 -10.95 -18.90 -8.42
N SER B 105 -11.26 -17.74 -9.02
CA SER B 105 -10.28 -16.67 -9.12
C SER B 105 -10.93 -15.31 -8.93
N ARG B 106 -10.09 -14.29 -8.73
CA ARG B 106 -10.57 -12.92 -8.61
C ARG B 106 -11.07 -12.46 -9.97
N ASN B 107 -10.78 -13.27 -11.00
CA ASN B 107 -11.20 -12.96 -12.36
C ASN B 107 -12.44 -13.76 -12.76
N SER B 108 -12.95 -14.57 -11.83
CA SER B 108 -14.13 -15.39 -12.10
C SER B 108 -15.39 -14.54 -12.18
N ALA B 109 -15.34 -13.36 -11.58
CA ALA B 109 -16.47 -12.44 -11.58
C ALA B 109 -16.05 -11.04 -11.17
N PRO B 110 -16.70 -10.02 -11.76
CA PRO B 110 -16.40 -8.61 -11.48
C PRO B 110 -16.37 -8.29 -9.99
N GLU B 111 -17.34 -8.78 -9.23
CA GLU B 111 -17.41 -8.48 -7.80
C GLU B 111 -16.35 -9.22 -7.02
N LEU B 112 -15.55 -10.03 -7.72
CA LEU B 112 -14.45 -10.75 -7.09
C LEU B 112 -13.11 -10.09 -7.37
N ASN B 113 -13.12 -9.08 -8.22
CA ASN B 113 -11.89 -8.36 -8.55
C ASN B 113 -11.26 -7.70 -7.33
N HIS B 114 -12.10 -7.07 -6.50
CA HIS B 114 -11.62 -6.40 -5.32
C HIS B 114 -12.50 -6.77 -4.12
N CYS B 115 -12.30 -7.97 -3.60
CA CYS B 115 -13.10 -8.45 -2.48
C CYS B 115 -12.26 -9.35 -1.57
N ASN B 116 -12.93 -10.04 -0.66
CA ASN B 116 -12.26 -10.94 0.26
C ASN B 116 -13.09 -12.21 0.52
N ILE B 117 -12.56 -13.36 0.10
CA ILE B 117 -13.26 -14.63 0.27
C ILE B 117 -12.64 -15.46 1.39
N GLU B 118 -13.49 -16.00 2.27
CA GLU B 118 -13.01 -16.77 3.41
C GLU B 118 -13.77 -18.09 3.59
N ARG B 119 -13.04 -19.12 4.03
CA ARG B 119 -13.62 -20.42 4.37
C ARG B 119 -14.50 -21.02 3.28
N PRO B 120 -13.93 -21.24 2.09
CA PRO B 120 -14.67 -21.89 1.00
C PRO B 120 -14.80 -23.40 1.22
N LYS B 121 -15.94 -23.96 0.85
CA LYS B 121 -16.20 -25.39 1.00
C LYS B 121 -16.84 -25.95 -0.26
N VAL B 122 -16.57 -27.21 -0.56
CA VAL B 122 -17.12 -27.87 -1.74
C VAL B 122 -17.90 -29.13 -1.40
N MET B 123 -19.16 -29.18 -1.82
CA MET B 123 -20.00 -30.34 -1.56
C MET B 123 -20.48 -30.93 -2.88
N TYR B 124 -20.58 -32.26 -2.93
CA TYR B 124 -21.02 -32.94 -4.14
C TYR B 124 -22.50 -33.30 -4.11
N ASN B 125 -23.16 -33.06 -5.24
CA ASN B 125 -24.58 -33.38 -5.37
C ASN B 125 -24.78 -34.61 -6.23
N ALA B 126 -25.21 -35.70 -5.60
CA ALA B 126 -25.36 -36.98 -6.28
C ALA B 126 -26.46 -36.97 -7.35
N SER B 127 -27.52 -36.22 -7.09
CA SER B 127 -28.67 -36.20 -7.98
C SER B 127 -28.44 -35.36 -9.25
N THR B 128 -27.64 -34.30 -9.12
CA THR B 128 -27.37 -33.42 -10.25
C THR B 128 -26.02 -33.70 -10.89
N GLY B 129 -25.12 -34.31 -10.12
CA GLY B 129 -23.79 -34.63 -10.63
C GLY B 129 -22.87 -33.44 -10.70
N GLU B 130 -23.27 -32.33 -10.07
CA GLU B 130 -22.47 -31.11 -10.06
C GLU B 130 -21.85 -30.87 -8.69
N PHE B 131 -20.73 -30.17 -8.67
CA PHE B 131 -20.08 -29.79 -7.42
C PHE B 131 -20.43 -28.35 -7.09
N VAL B 132 -20.88 -28.12 -5.86
CA VAL B 132 -21.26 -26.77 -5.44
C VAL B 132 -20.29 -26.22 -4.40
N MET B 133 -19.99 -24.93 -4.51
CA MET B 133 -19.05 -24.28 -3.60
C MET B 133 -19.72 -23.14 -2.82
N TRP B 134 -19.58 -23.19 -1.50
CA TRP B 134 -20.10 -22.13 -0.65
C TRP B 134 -18.96 -21.46 0.12
N MET B 135 -19.08 -20.16 0.34
CA MET B 135 -18.00 -19.40 0.98
C MET B 135 -18.51 -18.12 1.63
N HIS B 136 -17.64 -17.51 2.42
CA HIS B 136 -17.94 -16.23 3.06
C HIS B 136 -17.43 -15.10 2.18
N TRP B 137 -18.27 -14.11 1.94
CA TRP B 137 -17.92 -13.00 1.06
C TRP B 137 -17.94 -11.64 1.75
N GLU B 138 -16.95 -10.82 1.45
CA GLU B 138 -16.89 -9.45 1.94
C GLU B 138 -16.42 -8.51 0.84
N ASN B 139 -16.81 -7.24 0.93
CA ASN B 139 -16.51 -6.27 -0.12
C ASN B 139 -15.02 -5.90 -0.22
N GLY B 140 -14.26 -6.24 0.79
CA GLY B 140 -12.83 -5.98 0.76
C GLY B 140 -12.42 -4.76 1.56
N ILE B 141 -13.37 -3.87 1.81
CA ILE B 141 -13.08 -2.66 2.58
C ILE B 141 -13.57 -2.79 4.02
N ASN B 142 -14.59 -3.62 4.25
CA ASN B 142 -15.11 -3.84 5.59
C ASN B 142 -15.84 -5.17 5.74
N TYR B 143 -16.36 -5.42 6.94
CA TYR B 143 -17.10 -6.65 7.21
C TYR B 143 -18.56 -6.33 7.48
N GLY B 144 -19.13 -5.43 6.68
CA GLY B 144 -20.51 -5.03 6.86
C GLY B 144 -21.48 -5.87 6.07
N GLN B 145 -21.07 -6.27 4.88
CA GLN B 145 -21.91 -7.05 3.98
C GLN B 145 -22.25 -8.42 4.55
N ALA B 146 -21.23 -9.16 4.96
CA ALA B 146 -21.40 -10.48 5.54
C ALA B 146 -22.34 -11.34 4.69
N ARG B 147 -21.92 -11.65 3.47
CA ARG B 147 -22.74 -12.43 2.57
C ARG B 147 -22.22 -13.85 2.44
N ALA B 148 -22.94 -14.66 1.65
CA ALA B 148 -22.48 -15.99 1.27
C ALA B 148 -22.39 -16.05 -0.25
N ALA B 149 -21.44 -16.82 -0.77
CA ALA B 149 -21.27 -16.90 -2.21
C ALA B 149 -21.36 -18.34 -2.70
N VAL B 150 -21.84 -18.51 -3.92
CA VAL B 150 -22.05 -19.84 -4.49
C VAL B 150 -21.39 -19.98 -5.87
N ALA B 151 -20.86 -21.18 -6.14
CA ALA B 151 -20.27 -21.48 -7.43
C ALA B 151 -20.46 -22.96 -7.74
N TYR B 152 -20.40 -23.32 -9.01
CA TYR B 152 -20.61 -24.72 -9.38
C TYR B 152 -19.71 -25.18 -10.53
N SER B 153 -19.51 -26.49 -10.60
CA SER B 153 -18.66 -27.08 -11.64
C SER B 153 -19.02 -28.55 -11.92
N LYS B 154 -18.90 -28.95 -13.18
CA LYS B 154 -19.15 -30.33 -13.57
C LYS B 154 -18.06 -31.25 -13.02
N THR B 155 -16.84 -30.73 -12.90
CA THR B 155 -15.73 -31.50 -12.38
C THR B 155 -15.26 -30.94 -11.04
N PRO B 156 -14.48 -31.72 -10.28
CA PRO B 156 -14.04 -31.28 -8.95
C PRO B 156 -12.81 -30.38 -9.00
N ASP B 157 -11.90 -30.63 -9.94
CA ASP B 157 -10.69 -29.83 -10.06
C ASP B 157 -10.76 -28.88 -11.25
N GLY B 158 -11.97 -28.56 -11.70
CA GLY B 158 -12.17 -27.68 -12.84
C GLY B 158 -12.48 -26.25 -12.44
N LYS B 159 -12.56 -25.36 -13.44
CA LYS B 159 -12.82 -23.95 -13.19
C LYS B 159 -14.29 -23.70 -12.85
N PHE B 160 -14.57 -23.51 -11.57
CA PHE B 160 -15.92 -23.21 -11.10
C PHE B 160 -16.47 -21.94 -11.71
N THR B 161 -17.76 -21.95 -12.04
CA THR B 161 -18.44 -20.77 -12.55
C THR B 161 -19.18 -20.05 -11.42
N TYR B 162 -18.78 -18.82 -11.14
CA TYR B 162 -19.36 -18.05 -10.05
C TYR B 162 -20.83 -17.74 -10.29
N ILE B 163 -21.65 -17.85 -9.25
CA ILE B 163 -23.07 -17.56 -9.34
C ILE B 163 -23.42 -16.19 -8.77
N ARG B 164 -23.34 -16.04 -7.47
CA ARG B 164 -23.73 -14.80 -6.81
C ARG B 164 -23.37 -14.78 -5.33
N SER B 165 -23.53 -13.62 -4.70
CA SER B 165 -23.36 -13.47 -3.27
C SER B 165 -24.58 -12.79 -2.66
N PHE B 166 -24.94 -13.19 -1.45
CA PHE B 166 -26.17 -12.70 -0.83
C PHE B 166 -26.24 -12.96 0.67
N ARG B 167 -27.16 -12.28 1.33
CA ARG B 167 -27.47 -12.54 2.73
C ARG B 167 -28.72 -13.40 2.81
N PRO B 168 -28.61 -14.59 3.43
CA PRO B 168 -29.71 -15.56 3.51
C PRO B 168 -31.04 -14.94 3.93
N MET B 169 -32.12 -15.37 3.30
CA MET B 169 -33.47 -14.93 3.67
C MET B 169 -33.62 -13.42 3.55
N GLN B 170 -33.00 -12.84 2.52
CA GLN B 170 -33.01 -11.39 2.36
C GLN B 170 -34.36 -10.85 1.92
N ASP B 171 -35.15 -11.70 1.27
CA ASP B 171 -36.46 -11.28 0.76
C ASP B 171 -37.60 -11.55 1.75
N THR B 172 -37.27 -12.20 2.86
CA THR B 172 -38.26 -12.53 3.88
C THR B 172 -38.63 -11.32 4.73
N GLY B 173 -37.92 -10.21 4.52
CA GLY B 173 -38.24 -9.00 5.26
C GLY B 173 -37.47 -8.87 6.57
N VAL B 174 -36.56 -9.81 6.84
CA VAL B 174 -35.75 -9.77 8.06
C VAL B 174 -34.59 -8.75 7.98
N MET B 175 -34.33 -8.08 9.09
CA MET B 175 -33.24 -7.11 9.17
C MET B 175 -32.25 -7.57 10.23
N ASP B 176 -31.01 -7.79 9.84
CA ASP B 176 -29.97 -8.21 10.77
C ASP B 176 -28.87 -7.16 10.83
N HIS B 177 -29.05 -6.22 11.76
CA HIS B 177 -28.07 -5.15 11.97
C HIS B 177 -27.94 -4.24 10.75
N GLY B 178 -29.04 -3.57 10.41
CA GLY B 178 -29.02 -2.53 9.40
C GLY B 178 -29.20 -2.96 7.95
N LEU B 179 -29.13 -4.25 7.68
CA LEU B 179 -29.26 -4.75 6.31
C LEU B 179 -30.23 -5.91 6.18
N PRO B 180 -30.92 -5.99 5.02
CA PRO B 180 -31.90 -7.06 4.76
C PRO B 180 -31.24 -8.42 4.60
N GLY B 181 -31.77 -9.41 5.32
CA GLY B 181 -31.23 -10.75 5.29
C GLY B 181 -30.27 -11.00 6.44
N TYR B 182 -30.23 -12.23 6.93
CA TYR B 182 -29.34 -12.60 8.03
C TYR B 182 -27.89 -12.39 7.62
N MET B 183 -27.04 -12.13 8.62
CA MET B 183 -25.61 -12.03 8.39
C MET B 183 -25.01 -13.41 8.21
N SER B 184 -24.01 -13.53 7.36
CA SER B 184 -23.37 -14.81 7.09
C SER B 184 -21.85 -14.68 7.04
N ARG B 185 -21.20 -14.92 8.16
CA ARG B 185 -19.74 -14.84 8.25
C ARG B 185 -19.12 -16.23 8.08
N ASP B 186 -18.48 -16.72 9.14
CA ASP B 186 -17.87 -18.05 9.13
C ASP B 186 -18.89 -19.10 8.72
N CYS B 187 -18.51 -19.94 7.75
CA CYS B 187 -19.46 -20.91 7.19
C CYS B 187 -18.85 -22.27 6.95
N ASN B 188 -19.71 -23.23 6.61
CA ASN B 188 -19.30 -24.59 6.30
C ASN B 188 -20.49 -25.35 5.69
N VAL B 189 -20.21 -26.42 4.97
CA VAL B 189 -21.28 -27.19 4.32
C VAL B 189 -21.40 -28.60 4.89
N PHE B 190 -22.60 -29.18 4.79
CA PHE B 190 -22.85 -30.52 5.29
C PHE B 190 -23.88 -31.28 4.46
N VAL B 191 -23.57 -32.53 4.15
CA VAL B 191 -24.49 -33.40 3.41
C VAL B 191 -24.99 -34.55 4.27
N ASP B 192 -26.27 -34.54 4.59
CA ASP B 192 -26.86 -35.56 5.44
C ASP B 192 -27.01 -36.88 4.68
N THR B 193 -27.34 -37.94 5.39
CA THR B 193 -27.49 -39.26 4.78
C THR B 193 -28.71 -39.33 3.86
N ASP B 194 -29.75 -38.58 4.22
CA ASP B 194 -30.99 -38.56 3.44
C ASP B 194 -30.81 -37.89 2.08
N GLY B 195 -29.68 -37.22 1.89
CA GLY B 195 -29.39 -36.53 0.64
C GLY B 195 -29.62 -35.03 0.74
N LYS B 196 -29.98 -34.56 1.92
CA LYS B 196 -30.21 -33.14 2.15
C LYS B 196 -28.91 -32.38 2.24
N GLY B 197 -28.86 -31.22 1.59
CA GLY B 197 -27.70 -30.34 1.66
C GLY B 197 -27.93 -29.23 2.66
N TYR B 198 -26.88 -28.87 3.38
CA TYR B 198 -26.98 -27.82 4.41
C TYR B 198 -25.83 -26.84 4.35
N PHE B 199 -26.10 -25.62 4.81
CA PHE B 199 -25.09 -24.56 4.86
C PHE B 199 -25.19 -23.82 6.18
N ILE B 200 -24.21 -24.01 7.05
CA ILE B 200 -24.21 -23.40 8.38
C ILE B 200 -23.24 -22.21 8.44
N SER B 201 -23.73 -21.10 8.98
CA SER B 201 -22.91 -19.90 9.09
C SER B 201 -23.26 -19.08 10.34
N ALA B 202 -22.34 -18.24 10.78
CA ALA B 202 -22.54 -17.40 11.95
C ALA B 202 -23.34 -16.16 11.59
N ALA B 203 -24.44 -15.93 12.32
CA ALA B 203 -25.30 -14.80 12.04
C ALA B 203 -25.52 -13.93 13.28
N ASN B 204 -26.34 -12.89 13.11
CA ASN B 204 -26.66 -11.95 14.19
C ASN B 204 -25.40 -11.42 14.88
N GLU B 205 -24.52 -10.82 14.09
CA GLU B 205 -23.28 -10.26 14.61
C GLU B 205 -22.45 -11.33 15.31
N ASN B 206 -22.37 -12.49 14.67
CA ASN B 206 -21.57 -13.60 15.17
C ASN B 206 -22.01 -14.14 16.53
N MET B 207 -23.24 -13.81 16.94
CA MET B 207 -23.75 -14.25 18.22
C MET B 207 -24.48 -15.60 18.12
N ASP B 208 -25.16 -15.81 16.99
CA ASP B 208 -25.91 -17.05 16.80
C ASP B 208 -25.37 -17.82 15.60
N LEU B 209 -25.67 -19.12 15.56
CA LEU B 209 -25.35 -19.94 14.40
C LEU B 209 -26.63 -20.35 13.66
N HIS B 210 -26.64 -20.12 12.35
CA HIS B 210 -27.81 -20.47 11.54
C HIS B 210 -27.53 -21.68 10.65
N LEU B 211 -28.37 -22.69 10.76
CA LEU B 211 -28.29 -23.87 9.91
C LEU B 211 -29.33 -23.77 8.80
N TYR B 212 -28.86 -23.61 7.57
CA TYR B 212 -29.76 -23.45 6.43
C TYR B 212 -29.90 -24.74 5.64
N GLU B 213 -31.14 -25.06 5.27
CA GLU B 213 -31.39 -26.19 4.39
C GLU B 213 -31.33 -25.73 2.93
N LEU B 214 -30.49 -26.37 2.14
CA LEU B 214 -30.31 -25.98 0.75
C LEU B 214 -31.39 -26.55 -0.16
N THR B 215 -31.58 -25.92 -1.31
CA THR B 215 -32.48 -26.43 -2.33
C THR B 215 -31.93 -27.74 -2.89
N PRO B 216 -32.78 -28.52 -3.57
CA PRO B 216 -32.37 -29.82 -4.12
C PRO B 216 -31.08 -29.80 -4.94
N ASP B 217 -30.77 -28.66 -5.56
CA ASP B 217 -29.56 -28.57 -6.39
C ASP B 217 -28.35 -28.01 -5.63
N TYR B 218 -28.53 -27.77 -4.34
CA TYR B 218 -27.44 -27.29 -3.49
C TYR B 218 -26.96 -25.88 -3.84
N LYS B 219 -27.56 -25.28 -4.87
CA LYS B 219 -27.08 -23.98 -5.35
C LYS B 219 -27.87 -22.79 -4.81
N ASN B 220 -28.63 -23.01 -3.75
CA ASN B 220 -29.40 -21.93 -3.12
C ASN B 220 -29.97 -22.34 -1.77
N ILE B 221 -30.25 -21.36 -0.93
CA ILE B 221 -30.82 -21.61 0.39
C ILE B 221 -32.33 -21.70 0.30
N ALA B 222 -32.91 -22.74 0.92
CA ALA B 222 -34.34 -22.96 0.87
C ALA B 222 -35.07 -22.48 2.11
N SER B 223 -34.51 -22.78 3.28
CA SER B 223 -35.14 -22.40 4.54
C SER B 223 -34.16 -22.47 5.71
N LEU B 224 -34.58 -21.91 6.85
CA LEU B 224 -33.77 -21.94 8.06
C LEU B 224 -34.11 -23.17 8.90
N LYS B 225 -33.23 -24.17 8.85
CA LYS B 225 -33.44 -25.41 9.58
C LYS B 225 -33.56 -25.16 11.08
N ALA B 226 -32.61 -24.41 11.64
CA ALA B 226 -32.63 -24.11 13.07
C ALA B 226 -31.57 -23.08 13.46
N LYS B 227 -31.78 -22.44 14.62
CA LYS B 227 -30.79 -21.56 15.21
C LYS B 227 -30.10 -22.29 16.36
N LEU B 228 -28.78 -22.36 16.30
CA LEU B 228 -28.02 -23.16 17.27
C LEU B 228 -27.10 -22.30 18.14
N PHE B 229 -27.13 -22.59 19.44
CA PHE B 229 -26.26 -21.93 20.40
C PHE B 229 -26.30 -20.41 20.27
N VAL B 230 -27.51 -19.85 20.39
CA VAL B 230 -27.69 -18.41 20.27
C VAL B 230 -27.07 -17.71 21.46
N GLY B 231 -26.39 -16.58 21.20
CA GLY B 231 -25.81 -15.80 22.27
C GLY B 231 -24.57 -16.46 22.88
N GLN B 232 -24.18 -17.60 22.32
CA GLN B 232 -23.00 -18.30 22.83
C GLN B 232 -21.74 -17.93 22.06
N GLN B 233 -21.95 -17.33 20.89
CA GLN B 233 -20.86 -16.74 20.11
C GLN B 233 -19.83 -17.80 19.71
N ARG B 234 -20.29 -18.80 18.97
CA ARG B 234 -19.40 -19.84 18.46
C ARG B 234 -19.08 -19.60 16.99
N GLU B 235 -17.81 -19.77 16.63
CA GLU B 235 -17.37 -19.49 15.27
C GLU B 235 -16.75 -20.73 14.64
N ALA B 236 -16.26 -20.59 13.41
CA ALA B 236 -15.62 -21.68 12.68
C ALA B 236 -16.33 -23.02 12.88
N PRO B 237 -17.60 -23.09 12.44
CA PRO B 237 -18.42 -24.29 12.66
C PRO B 237 -18.03 -25.45 11.75
N CYS B 238 -17.96 -26.64 12.33
CA CYS B 238 -17.70 -27.86 11.57
C CYS B 238 -18.74 -28.90 11.91
N LEU B 239 -19.58 -29.23 10.93
CA LEU B 239 -20.71 -30.14 11.12
C LEU B 239 -20.45 -31.51 10.51
N ILE B 240 -20.55 -32.55 11.32
CA ILE B 240 -20.33 -33.92 10.85
C ILE B 240 -21.35 -34.90 11.42
N LYS B 241 -21.31 -36.13 10.93
CA LYS B 241 -22.23 -37.18 11.40
C LYS B 241 -21.53 -38.53 11.40
N ARG B 242 -21.72 -39.31 12.46
CA ARG B 242 -21.06 -40.60 12.58
C ARG B 242 -22.04 -41.77 12.63
N ASN B 243 -22.54 -42.09 13.82
CA ASN B 243 -23.51 -43.17 13.99
C ASN B 243 -24.89 -42.65 14.39
N GLY B 244 -25.58 -42.02 13.45
CA GLY B 244 -26.90 -41.46 13.73
C GLY B 244 -26.79 -40.25 14.63
N TYR B 245 -25.56 -39.86 14.95
CA TYR B 245 -25.32 -38.69 15.79
C TYR B 245 -24.74 -37.55 14.98
N TYR B 246 -25.23 -36.33 15.25
CA TYR B 246 -24.69 -35.14 14.64
C TYR B 246 -23.72 -34.45 15.60
N TYR B 247 -22.53 -34.12 15.11
CA TYR B 247 -21.51 -33.48 15.94
C TYR B 247 -21.18 -32.10 15.40
N LEU B 248 -21.11 -31.12 16.29
CA LEU B 248 -20.81 -29.74 15.91
C LEU B 248 -19.60 -29.20 16.64
N ILE B 249 -18.45 -29.18 15.95
CA ILE B 249 -17.23 -28.63 16.51
C ILE B 249 -17.10 -27.15 16.17
N THR B 250 -16.93 -26.32 17.20
CA THR B 250 -16.85 -24.87 17.00
C THR B 250 -15.67 -24.28 17.75
N SER B 251 -15.40 -23.00 17.48
CA SER B 251 -14.35 -22.28 18.18
C SER B 251 -14.92 -21.02 18.82
N GLY B 252 -14.15 -20.42 19.73
CA GLY B 252 -14.57 -19.16 20.33
C GLY B 252 -14.39 -18.01 19.34
N CYS B 253 -14.76 -16.81 19.76
CA CYS B 253 -14.63 -15.64 18.90
C CYS B 253 -13.58 -14.67 19.45
N THR B 254 -12.33 -14.87 19.04
CA THR B 254 -11.24 -14.01 19.48
C THR B 254 -10.25 -13.69 18.36
N GLY B 255 -10.79 -13.28 17.21
CA GLY B 255 -9.95 -12.92 16.08
C GLY B 255 -8.94 -13.99 15.71
N TRP B 256 -7.69 -13.58 15.52
CA TRP B 256 -6.62 -14.51 15.17
C TRP B 256 -6.23 -15.39 16.35
N ASN B 257 -6.34 -14.85 17.56
CA ASN B 257 -5.95 -15.58 18.76
C ASN B 257 -6.65 -16.92 18.88
N PRO B 258 -5.88 -18.01 18.87
CA PRO B 258 -6.43 -19.36 19.06
C PRO B 258 -7.16 -19.44 20.39
N ASN B 259 -8.23 -20.22 20.46
CA ASN B 259 -9.01 -20.33 21.68
C ASN B 259 -9.46 -21.76 21.98
N GLN B 260 -10.26 -21.91 23.02
CA GLN B 260 -10.76 -23.22 23.42
C GLN B 260 -11.84 -23.72 22.46
N ALA B 261 -11.54 -24.80 21.75
CA ALA B 261 -12.51 -25.43 20.87
C ALA B 261 -13.48 -26.28 21.67
N LYS B 262 -14.76 -26.23 21.29
CA LYS B 262 -15.79 -27.01 21.97
C LYS B 262 -16.57 -27.83 20.96
N TYR B 263 -17.26 -28.86 21.46
CA TYR B 263 -18.10 -29.69 20.59
C TYR B 263 -19.43 -29.99 21.26
N ALA B 264 -20.42 -30.36 20.44
CA ALA B 264 -21.74 -30.70 20.95
C ALA B 264 -22.39 -31.74 20.04
N TYR B 265 -23.18 -32.62 20.63
CA TYR B 265 -23.82 -33.69 19.87
C TYR B 265 -25.34 -33.64 19.93
N SER B 266 -25.98 -34.34 19.00
CA SER B 266 -27.42 -34.40 18.94
C SER B 266 -27.87 -35.44 17.91
N LYS B 267 -29.02 -36.05 18.14
CA LYS B 267 -29.55 -37.05 17.20
C LYS B 267 -30.49 -36.39 16.20
N ASP B 268 -30.63 -35.08 16.29
CA ASP B 268 -31.46 -34.30 15.39
C ASP B 268 -30.85 -32.95 15.09
N LEU B 269 -30.89 -32.54 13.82
CA LEU B 269 -30.30 -31.27 13.40
C LEU B 269 -31.06 -30.06 13.97
N ALA B 270 -32.38 -30.18 14.05
CA ALA B 270 -33.22 -29.04 14.44
C ALA B 270 -33.24 -28.82 15.94
N SER B 271 -33.05 -29.89 16.71
CA SER B 271 -33.10 -29.79 18.17
C SER B 271 -32.44 -30.98 18.84
N GLY B 272 -32.34 -30.92 20.16
CA GLY B 272 -31.76 -31.99 20.93
C GLY B 272 -30.26 -31.84 21.12
N TRP B 273 -29.73 -30.70 20.70
CA TRP B 273 -28.30 -30.43 20.83
C TRP B 273 -27.91 -30.32 22.28
N SER B 274 -26.82 -30.98 22.64
CA SER B 274 -26.33 -30.95 24.02
C SER B 274 -25.58 -29.66 24.31
N GLN B 275 -25.03 -29.55 25.51
CA GLN B 275 -24.22 -28.40 25.86
C GLN B 275 -22.87 -28.51 25.16
N LEU B 276 -22.02 -27.51 25.38
CA LEU B 276 -20.69 -27.52 24.77
C LEU B 276 -19.69 -28.20 25.69
N TYR B 277 -18.87 -29.06 25.12
CA TYR B 277 -17.82 -29.74 25.87
C TYR B 277 -16.45 -29.39 25.29
N ASN B 278 -15.50 -29.15 26.18
CA ASN B 278 -14.15 -28.76 25.76
C ASN B 278 -13.48 -29.83 24.90
N LEU B 279 -12.81 -29.38 23.84
CA LEU B 279 -12.08 -30.26 22.94
C LEU B 279 -10.67 -29.73 22.74
N GLY B 280 -9.68 -30.54 23.10
CA GLY B 280 -8.29 -30.10 23.04
C GLY B 280 -8.01 -29.14 24.18
N ASN B 281 -6.89 -28.44 24.10
CA ASN B 281 -6.51 -27.49 25.14
C ASN B 281 -7.12 -26.11 24.90
N SER B 282 -6.72 -25.14 25.71
CA SER B 282 -7.32 -23.80 25.68
C SER B 282 -7.01 -23.02 24.40
N THR B 283 -6.17 -23.59 23.54
CA THR B 283 -5.80 -22.91 22.30
C THR B 283 -5.98 -23.83 21.09
N THR B 284 -6.58 -24.99 21.34
CA THR B 284 -6.73 -26.01 20.29
C THR B 284 -5.37 -26.24 19.63
N TYR B 285 -4.32 -26.27 20.44
CA TYR B 285 -2.98 -26.51 19.95
C TYR B 285 -2.59 -25.45 18.93
N ARG B 286 -2.89 -24.19 19.27
CA ARG B 286 -2.63 -23.05 18.39
C ARG B 286 -3.15 -23.26 16.98
N SER B 287 -4.47 -23.40 16.88
CA SER B 287 -5.12 -23.54 15.58
C SER B 287 -6.60 -23.21 15.72
N GLN B 288 -7.31 -23.20 14.60
CA GLN B 288 -8.75 -22.97 14.62
C GLN B 288 -9.43 -23.93 13.66
N PRO B 289 -10.47 -24.62 14.14
CA PRO B 289 -11.22 -25.60 13.35
C PRO B 289 -11.65 -25.05 12.00
N THR B 290 -11.44 -25.81 10.94
CA THR B 290 -11.85 -25.39 9.60
C THR B 290 -12.66 -26.45 8.88
N PHE B 291 -12.38 -27.72 9.16
CA PHE B 291 -13.10 -28.82 8.53
C PHE B 291 -12.72 -30.18 9.12
N ILE B 292 -13.71 -31.06 9.20
CA ILE B 292 -13.49 -32.43 9.68
C ILE B 292 -14.05 -33.41 8.67
N ILE B 293 -13.20 -34.34 8.23
CA ILE B 293 -13.56 -35.28 7.17
C ILE B 293 -13.25 -36.72 7.55
N PRO B 294 -14.19 -37.63 7.28
CA PRO B 294 -14.04 -39.07 7.53
C PRO B 294 -13.06 -39.71 6.55
N VAL B 295 -12.14 -40.51 7.08
CA VAL B 295 -11.20 -41.25 6.26
C VAL B 295 -11.51 -42.74 6.38
N GLN B 296 -12.16 -43.28 5.37
CA GLN B 296 -12.60 -44.67 5.41
C GLN B 296 -11.63 -45.60 4.69
N GLY B 297 -11.39 -46.77 5.30
CA GLY B 297 -10.48 -47.74 4.74
C GLY B 297 -10.84 -49.16 5.11
N SER B 298 -9.96 -50.11 4.80
CA SER B 298 -10.21 -51.53 5.05
C SER B 298 -10.27 -51.83 6.55
N SER B 299 -9.41 -51.16 7.32
CA SER B 299 -9.34 -51.42 8.76
C SER B 299 -10.48 -50.75 9.52
N GLY B 300 -10.96 -49.62 9.00
CA GLY B 300 -12.04 -48.90 9.64
C GLY B 300 -12.17 -47.48 9.12
N THR B 301 -12.74 -46.61 9.93
CA THR B 301 -12.94 -45.22 9.56
C THR B 301 -12.46 -44.29 10.67
N SER B 302 -11.45 -43.47 10.35
CA SER B 302 -10.95 -42.48 11.29
C SER B 302 -11.37 -41.10 10.83
N TYR B 303 -11.33 -40.13 11.74
CA TYR B 303 -11.74 -38.77 11.40
C TYR B 303 -10.59 -37.78 11.48
N LEU B 304 -10.36 -37.08 10.37
CA LEU B 304 -9.25 -36.13 10.27
C LEU B 304 -9.70 -34.72 10.59
N TYR B 305 -9.08 -34.14 11.62
CA TYR B 305 -9.33 -32.75 11.99
C TYR B 305 -8.39 -31.81 11.24
N MET B 306 -8.97 -30.89 10.49
CA MET B 306 -8.18 -29.87 9.79
C MET B 306 -8.32 -28.53 10.51
N GLY B 307 -7.18 -27.89 10.77
CA GLY B 307 -7.17 -26.60 11.44
C GLY B 307 -6.22 -25.61 10.81
N ASP B 308 -6.43 -24.33 11.09
CA ASP B 308 -5.56 -23.28 10.58
C ASP B 308 -4.80 -22.58 11.70
N ARG B 309 -3.48 -22.48 11.53
CA ARG B 309 -2.65 -21.70 12.43
C ARG B 309 -2.42 -20.33 11.80
N TRP B 310 -3.32 -19.39 12.08
CA TRP B 310 -3.26 -18.08 11.47
C TRP B 310 -2.03 -17.29 11.88
N ALA B 311 -1.25 -16.84 10.91
CA ALA B 311 -0.05 -16.07 11.16
C ALA B 311 -0.38 -14.70 11.76
N GLY B 312 -1.62 -14.27 11.57
CA GLY B 312 -2.07 -12.99 12.10
C GLY B 312 -1.99 -12.95 13.61
N ALA B 313 -1.99 -14.14 14.23
CA ALA B 313 -1.89 -14.25 15.67
C ALA B 313 -0.59 -13.67 16.19
N TRP B 314 0.46 -13.77 15.37
CA TRP B 314 1.77 -13.22 15.73
C TRP B 314 2.21 -12.10 14.80
N GLY B 315 1.25 -11.48 14.11
CA GLY B 315 1.54 -10.32 13.29
C GLY B 315 2.06 -10.68 11.90
N GLY B 316 1.72 -11.88 11.44
CA GLY B 316 2.13 -12.34 10.13
C GLY B 316 1.04 -12.18 9.09
N LYS B 317 1.37 -12.49 7.84
CA LYS B 317 0.39 -12.41 6.76
C LYS B 317 -0.50 -13.65 6.72
N VAL B 318 -1.71 -13.50 6.19
CA VAL B 318 -2.62 -14.63 6.10
C VAL B 318 -1.96 -15.76 5.31
N ASN B 319 -1.26 -15.37 4.25
CA ASN B 319 -0.57 -16.32 3.38
C ASN B 319 0.57 -17.05 4.09
N ASP B 320 0.96 -16.54 5.25
CA ASP B 320 2.03 -17.14 6.04
C ASP B 320 1.46 -18.13 7.05
N SER B 321 0.16 -18.37 6.98
CA SER B 321 -0.50 -19.30 7.91
C SER B 321 -0.17 -20.75 7.62
N GLN B 322 -0.02 -21.52 8.69
CA GLN B 322 0.31 -22.94 8.58
C GLN B 322 -0.93 -23.79 8.83
N TYR B 323 -0.75 -25.12 8.75
CA TYR B 323 -1.88 -26.03 8.94
C TYR B 323 -1.60 -27.01 10.09
N VAL B 324 -2.66 -27.38 10.80
CA VAL B 324 -2.55 -28.34 11.89
C VAL B 324 -3.51 -29.50 11.70
N TRP B 325 -2.97 -30.67 11.36
CA TRP B 325 -3.80 -31.85 11.16
C TRP B 325 -3.69 -32.82 12.33
N LEU B 326 -4.84 -33.18 12.89
CA LEU B 326 -4.89 -34.08 14.03
C LEU B 326 -6.04 -35.08 13.90
N PRO B 327 -5.91 -36.25 14.52
CA PRO B 327 -6.97 -37.26 14.53
C PRO B 327 -8.04 -36.93 15.56
N LEU B 328 -9.30 -36.98 15.14
CA LEU B 328 -10.43 -36.79 16.04
C LEU B 328 -10.94 -38.15 16.52
N ASN B 329 -10.72 -38.47 17.78
CA ASN B 329 -11.10 -39.77 18.30
C ASN B 329 -12.43 -39.77 19.02
N PHE B 330 -13.23 -40.81 18.76
CA PHE B 330 -14.52 -40.99 19.40
C PHE B 330 -14.47 -42.09 20.45
N ILE B 331 -14.16 -41.72 21.69
CA ILE B 331 -14.15 -42.69 22.78
C ILE B 331 -15.52 -43.35 22.87
N SER B 332 -16.54 -42.51 23.04
CA SER B 332 -17.92 -42.97 23.04
C SER B 332 -18.72 -42.07 22.11
N ASP B 333 -20.02 -42.34 21.99
CA ASP B 333 -20.87 -41.54 21.12
C ASP B 333 -21.05 -40.13 21.69
N THR B 334 -20.68 -39.95 22.95
CA THR B 334 -20.85 -38.68 23.64
C THR B 334 -19.53 -38.08 24.10
N THR B 335 -18.46 -38.86 24.04
CA THR B 335 -17.16 -38.39 24.51
C THR B 335 -16.13 -38.40 23.37
N LEU B 336 -15.75 -37.19 22.95
CA LEU B 336 -14.75 -37.02 21.90
C LEU B 336 -13.44 -36.52 22.48
N GLU B 337 -12.34 -36.76 21.77
CA GLU B 337 -11.04 -36.24 22.19
C GLU B 337 -10.19 -35.89 20.98
N LEU B 338 -9.41 -34.83 21.11
CA LEU B 338 -8.52 -34.38 20.04
C LEU B 338 -7.10 -34.25 20.55
N PRO B 339 -6.35 -35.36 20.51
CA PRO B 339 -4.97 -35.40 20.98
C PRO B 339 -4.04 -34.60 20.07
N TYR B 340 -2.92 -34.13 20.60
CA TYR B 340 -1.93 -33.46 19.77
C TYR B 340 -0.69 -34.32 19.56
N TYR B 341 -0.32 -34.49 18.30
CA TYR B 341 0.87 -35.23 17.94
C TYR B 341 1.73 -34.41 16.99
N ASP B 342 3.00 -34.21 17.34
CA ASP B 342 3.92 -33.47 16.50
C ASP B 342 4.05 -34.13 15.14
N SER B 343 3.88 -35.45 15.13
CA SER B 343 3.91 -36.21 13.89
C SER B 343 2.73 -37.19 13.85
N VAL B 344 1.90 -37.05 12.82
CA VAL B 344 0.71 -37.89 12.69
C VAL B 344 0.91 -38.88 11.55
N LYS B 345 0.50 -40.12 11.78
CA LYS B 345 0.61 -41.17 10.78
C LYS B 345 -0.73 -41.35 10.08
N ILE B 346 -0.73 -41.25 8.76
CA ILE B 346 -1.97 -41.38 7.99
C ILE B 346 -1.90 -42.49 6.96
N ASP B 347 -2.71 -43.53 7.17
CA ASP B 347 -2.81 -44.64 6.24
C ASP B 347 -4.18 -44.62 5.57
N ALA B 348 -4.28 -43.90 4.46
CA ALA B 348 -5.55 -43.72 3.77
C ALA B 348 -6.25 -45.03 3.41
N SER B 349 -5.53 -45.97 2.81
CA SER B 349 -6.13 -47.23 2.40
C SER B 349 -6.72 -48.02 3.56
N SER B 350 -6.04 -48.00 4.69
CA SER B 350 -6.50 -48.74 5.87
C SER B 350 -7.55 -47.94 6.66
N GLY B 351 -7.55 -46.62 6.47
CA GLY B 351 -8.44 -45.75 7.21
C GLY B 351 -8.00 -45.56 8.65
N ILE B 352 -6.70 -45.50 8.87
CA ILE B 352 -6.14 -45.37 10.20
C ILE B 352 -5.34 -44.07 10.35
N ILE B 353 -5.66 -43.31 11.40
CA ILE B 353 -4.94 -42.09 11.72
C ILE B 353 -4.51 -42.09 13.18
N SER B 354 -3.20 -42.18 13.41
CA SER B 354 -2.68 -42.27 14.77
C SER B 354 -1.34 -41.53 14.91
N GLU B 355 -0.77 -41.58 16.11
CA GLU B 355 0.51 -40.94 16.37
C GLU B 355 1.66 -41.74 15.81
N TYR B 356 2.60 -41.05 15.15
CA TYR B 356 3.80 -41.69 14.64
C TYR B 356 4.92 -41.61 15.67
N ILE B 357 5.39 -42.78 16.13
CA ILE B 357 6.47 -42.84 17.11
C ILE B 357 7.81 -43.07 16.42
N PRO B 358 8.63 -42.01 16.33
CA PRO B 358 9.94 -42.09 15.67
C PRO B 358 10.81 -43.20 16.24
N ASP B 359 10.78 -43.39 17.55
CA ASP B 359 11.58 -44.43 18.19
C ASP B 359 10.70 -45.46 18.88
N THR B 360 10.56 -46.63 18.26
CA THR B 360 9.68 -47.67 18.76
C THR B 360 10.25 -48.38 20.00
N THR B 361 11.52 -48.15 20.29
CA THR B 361 12.16 -48.79 21.44
C THR B 361 11.25 -48.74 22.66
N ARG B 362 10.93 -49.92 23.20
CA ARG B 362 10.03 -50.03 24.33
C ARG B 362 10.82 -50.17 25.63
N TYR B 363 10.48 -49.34 26.61
CA TYR B 363 11.22 -49.30 27.85
C TYR B 363 10.39 -49.76 29.04
N LYS B 364 11.07 -50.08 30.13
CA LYS B 364 10.42 -50.33 31.41
C LYS B 364 11.06 -49.42 32.45
N LEU B 365 10.24 -48.84 33.31
CA LEU B 365 10.74 -47.96 34.36
C LEU B 365 10.67 -48.64 35.72
N VAL B 366 11.82 -49.07 36.22
CA VAL B 366 11.89 -49.80 37.48
C VAL B 366 12.31 -48.91 38.66
N ASN B 367 11.59 -49.03 39.77
CA ASN B 367 11.92 -48.27 40.97
C ASN B 367 13.02 -48.96 41.78
N LYS B 368 14.02 -48.19 42.22
CA LYS B 368 15.15 -48.76 42.93
C LYS B 368 14.76 -49.34 44.29
N ASN B 369 13.85 -48.67 44.98
CA ASN B 369 13.46 -49.07 46.33
C ASN B 369 12.56 -50.30 46.37
N SER B 370 11.56 -50.34 45.49
CA SER B 370 10.58 -51.41 45.51
C SER B 370 10.91 -52.52 44.51
N GLY B 371 11.56 -52.15 43.41
CA GLY B 371 11.86 -53.11 42.37
C GLY B 371 10.67 -53.30 41.44
N LYS B 372 9.58 -52.61 41.76
CA LYS B 372 8.37 -52.66 40.93
C LYS B 372 8.54 -51.78 39.71
N VAL B 373 7.70 -52.00 38.70
CA VAL B 373 7.79 -51.25 37.45
C VAL B 373 6.60 -50.31 37.27
N LEU B 374 6.82 -49.23 36.52
CA LEU B 374 5.77 -48.26 36.23
C LEU B 374 4.67 -48.91 35.39
N ASP B 375 3.43 -48.78 35.86
CA ASP B 375 2.30 -49.46 35.23
C ASP B 375 1.02 -48.65 35.39
N VAL B 376 -0.02 -49.05 34.68
CA VAL B 376 -1.32 -48.41 34.79
C VAL B 376 -2.25 -49.32 35.59
N LEU B 377 -3.00 -48.74 36.51
CA LEU B 377 -3.88 -49.53 37.37
C LEU B 377 -4.86 -50.37 36.55
N ASP B 378 -4.87 -51.68 36.83
CA ASP B 378 -5.73 -52.61 36.11
C ASP B 378 -5.38 -52.72 34.64
N GLY B 379 -4.26 -52.12 34.25
CA GLY B 379 -3.83 -52.09 32.87
C GLY B 379 -4.86 -51.48 31.93
N SER B 380 -5.58 -50.48 32.42
CA SER B 380 -6.66 -49.87 31.66
C SER B 380 -6.12 -49.01 30.52
N VAL B 381 -6.94 -48.81 29.50
CA VAL B 381 -6.60 -47.93 28.40
C VAL B 381 -7.49 -46.69 28.45
N ASP B 382 -8.29 -46.61 29.51
CA ASP B 382 -9.20 -45.49 29.70
C ASP B 382 -8.44 -44.22 30.06
N ASN B 383 -8.96 -43.09 29.62
CA ASN B 383 -8.34 -41.80 29.90
C ASN B 383 -8.36 -41.46 31.38
N ALA B 384 -7.30 -40.81 31.85
CA ALA B 384 -7.18 -40.38 33.25
C ALA B 384 -7.01 -41.52 34.23
N ALA B 385 -6.61 -42.69 33.72
CA ALA B 385 -6.37 -43.85 34.56
C ALA B 385 -5.20 -43.62 35.51
N GLN B 386 -5.26 -44.21 36.70
CA GLN B 386 -4.23 -44.01 37.72
C GLN B 386 -2.96 -44.77 37.39
N ILE B 387 -1.81 -44.16 37.70
CA ILE B 387 -0.51 -44.80 37.47
C ILE B 387 0.00 -45.42 38.77
N VAL B 388 0.28 -46.71 38.74
CA VAL B 388 0.78 -47.42 39.91
C VAL B 388 2.02 -48.25 39.58
N GLN B 389 2.65 -48.82 40.60
CA GLN B 389 3.77 -49.73 40.38
C GLN B 389 3.28 -51.16 40.50
N TRP B 390 4.02 -52.09 39.90
CA TRP B 390 3.61 -53.49 39.90
C TRP B 390 4.81 -54.41 39.62
N THR B 391 4.72 -55.66 40.09
CA THR B 391 5.78 -56.63 39.83
C THR B 391 5.93 -56.85 38.33
N ASP B 392 7.16 -56.93 37.86
CA ASP B 392 7.41 -57.16 36.44
C ASP B 392 6.67 -58.42 35.95
N ASN B 393 5.61 -58.22 35.18
CA ASN B 393 4.84 -59.33 34.62
C ASN B 393 4.86 -59.31 33.09
N GLY B 394 5.60 -58.37 32.51
CA GLY B 394 5.77 -58.30 31.07
C GLY B 394 4.49 -58.07 30.29
N SER B 395 3.52 -57.41 30.92
CA SER B 395 2.27 -57.06 30.25
C SER B 395 2.40 -55.72 29.54
N LEU B 396 1.63 -55.53 28.48
CA LEU B 396 1.70 -54.31 27.67
C LEU B 396 1.56 -53.02 28.47
N SER B 397 0.75 -53.05 29.53
CA SER B 397 0.50 -51.87 30.34
C SER B 397 1.75 -51.38 31.05
N GLN B 398 2.80 -52.19 31.05
CA GLN B 398 4.05 -51.85 31.73
C GLN B 398 5.15 -51.39 30.76
N GLN B 399 4.81 -51.31 29.48
CA GLN B 399 5.78 -50.91 28.46
C GLN B 399 5.54 -49.47 28.00
N TRP B 400 6.62 -48.71 27.84
CA TRP B 400 6.51 -47.28 27.51
C TRP B 400 7.47 -46.83 26.41
N TYR B 401 7.01 -45.87 25.59
CA TYR B 401 7.87 -45.25 24.59
C TYR B 401 8.53 -43.99 25.16
N LEU B 402 9.52 -43.48 24.42
CA LEU B 402 10.14 -42.20 24.77
C LEU B 402 10.20 -41.31 23.53
N VAL B 403 9.34 -40.30 23.49
CA VAL B 403 9.23 -39.41 22.34
C VAL B 403 9.90 -38.06 22.61
N ASP B 404 10.77 -37.63 21.69
CA ASP B 404 11.39 -36.32 21.81
C ASP B 404 10.33 -35.23 21.67
N VAL B 405 10.28 -34.35 22.65
CA VAL B 405 9.31 -33.28 22.67
C VAL B 405 10.01 -31.93 22.74
N GLY B 406 11.33 -31.95 22.63
CA GLY B 406 12.11 -30.73 22.59
C GLY B 406 12.90 -30.43 23.85
N GLY B 407 14.04 -29.78 23.69
CA GLY B 407 14.87 -29.37 24.81
C GLY B 407 15.35 -30.53 25.67
N GLY B 408 15.42 -31.71 25.07
CA GLY B 408 15.89 -32.88 25.77
C GLY B 408 14.77 -33.55 26.54
N TYR B 409 13.65 -32.85 26.68
CA TYR B 409 12.49 -33.40 27.38
C TYR B 409 11.85 -34.53 26.59
N LYS B 410 11.22 -35.46 27.31
CA LYS B 410 10.61 -36.63 26.69
C LYS B 410 9.14 -36.75 27.07
N LYS B 411 8.37 -37.36 26.18
CA LYS B 411 6.97 -37.67 26.47
C LYS B 411 6.80 -39.18 26.61
N ILE B 412 6.56 -39.62 27.84
CA ILE B 412 6.46 -41.06 28.13
C ILE B 412 5.10 -41.61 27.73
N VAL B 413 5.06 -42.30 26.59
CA VAL B 413 3.82 -42.82 26.05
C VAL B 413 3.64 -44.31 26.36
N ASN B 414 2.46 -44.67 26.87
CA ASN B 414 2.15 -46.06 27.15
C ASN B 414 1.91 -46.86 25.87
N VAL B 415 2.56 -48.01 25.75
CA VAL B 415 2.46 -48.82 24.54
C VAL B 415 1.04 -49.35 24.31
N LYS B 416 0.38 -49.73 25.41
CA LYS B 416 -0.96 -50.30 25.32
C LYS B 416 -2.02 -49.24 25.04
N SER B 417 -2.14 -48.29 25.96
CA SER B 417 -3.17 -47.26 25.86
C SER B 417 -2.87 -46.24 24.77
N GLY B 418 -1.58 -45.93 24.59
CA GLY B 418 -1.17 -44.93 23.62
C GLY B 418 -1.24 -43.54 24.20
N ARG B 419 -1.49 -43.46 25.51
CA ARG B 419 -1.61 -42.18 26.20
C ARG B 419 -0.31 -41.80 26.90
N ALA B 420 -0.12 -40.51 27.16
CA ALA B 420 1.13 -40.01 27.73
C ALA B 420 1.06 -39.89 29.25
N LEU B 421 2.17 -40.19 29.92
CA LEU B 421 2.30 -39.96 31.35
C LEU B 421 1.98 -38.50 31.64
N ASP B 422 1.12 -38.26 32.63
CA ASP B 422 0.56 -36.93 32.84
C ASP B 422 0.38 -36.61 34.32
N VAL B 423 0.74 -35.38 34.70
CA VAL B 423 0.49 -34.89 36.05
C VAL B 423 -0.91 -34.29 36.16
N LYS B 424 -1.79 -34.98 36.86
CA LYS B 424 -3.20 -34.60 36.96
C LYS B 424 -3.41 -33.11 37.24
N ASP B 425 -4.23 -32.47 36.43
CA ASP B 425 -4.64 -31.08 36.65
C ASP B 425 -3.48 -30.10 36.72
N GLU B 426 -2.38 -30.43 36.05
CA GLU B 426 -1.21 -29.55 36.03
C GLU B 426 -0.82 -29.13 37.44
N SER B 427 -0.93 -30.05 38.39
CA SER B 427 -0.62 -29.76 39.78
C SER B 427 0.84 -29.36 39.97
N LYS B 428 1.11 -28.62 41.03
CA LYS B 428 2.47 -28.21 41.37
C LYS B 428 2.79 -28.56 42.82
N GLU B 429 1.94 -29.38 43.43
CA GLU B 429 2.09 -29.72 44.84
C GLU B 429 2.64 -31.14 45.03
N ASP B 430 3.28 -31.37 46.17
CA ASP B 430 3.74 -32.71 46.52
C ASP B 430 2.55 -33.64 46.61
N GLY B 431 2.75 -34.89 46.22
CA GLY B 431 1.70 -35.90 46.29
C GLY B 431 0.69 -35.79 45.16
N GLY B 432 0.95 -34.89 44.22
CA GLY B 432 0.09 -34.76 43.05
C GLY B 432 0.05 -36.06 42.26
N VAL B 433 -1.10 -36.70 42.27
CA VAL B 433 -1.24 -38.00 41.61
C VAL B 433 -0.87 -37.92 40.14
N LEU B 434 -0.30 -39.01 39.61
CA LEU B 434 0.02 -39.12 38.20
C LEU B 434 -0.96 -40.03 37.49
N ILE B 435 -1.33 -39.67 36.26
CA ILE B 435 -2.26 -40.45 35.48
C ILE B 435 -1.85 -40.51 34.01
N GLN B 436 -2.51 -41.37 33.24
CA GLN B 436 -2.31 -41.37 31.80
C GLN B 436 -3.44 -40.57 31.16
N TYR B 437 -3.07 -39.65 30.28
CA TYR B 437 -4.04 -38.74 29.70
C TYR B 437 -3.80 -38.53 28.20
N THR B 438 -4.79 -37.99 27.52
CA THR B 438 -4.67 -37.69 26.10
C THR B 438 -3.57 -36.67 25.88
N SER B 439 -2.66 -36.98 24.97
CA SER B 439 -1.55 -36.07 24.67
C SER B 439 -2.08 -34.70 24.29
N ASN B 440 -1.69 -33.69 25.06
CA ASN B 440 -2.17 -32.33 24.83
C ASN B 440 -1.06 -31.29 24.76
N GLY B 441 0.18 -31.77 24.66
CA GLY B 441 1.32 -30.90 24.50
C GLY B 441 1.63 -30.05 25.72
N GLY B 442 0.95 -30.32 26.82
CA GLY B 442 1.17 -29.58 28.05
C GLY B 442 2.51 -29.93 28.68
N TYR B 443 3.07 -28.99 29.42
CA TYR B 443 4.35 -29.22 30.09
C TYR B 443 4.21 -30.24 31.21
N ASN B 444 2.97 -30.51 31.61
CA ASN B 444 2.71 -31.52 32.62
C ASN B 444 2.77 -32.93 32.03
N GLN B 445 3.12 -33.01 30.74
CA GLN B 445 3.31 -34.28 30.06
C GLN B 445 4.74 -34.43 29.56
N HIS B 446 5.56 -33.42 29.83
CA HIS B 446 6.96 -33.45 29.45
C HIS B 446 7.84 -33.78 30.64
N TRP B 447 8.83 -34.64 30.43
CA TRP B 447 9.66 -35.13 31.52
C TRP B 447 11.14 -35.02 31.21
N LYS B 448 11.92 -34.70 32.23
CA LYS B 448 13.37 -34.60 32.11
C LYS B 448 14.09 -35.76 32.79
N PHE B 449 15.01 -36.38 32.06
CA PHE B 449 15.80 -37.49 32.59
C PHE B 449 17.19 -37.09 33.06
N THR B 450 17.40 -37.08 34.38
CA THR B 450 18.70 -36.75 34.95
C THR B 450 19.44 -38.00 35.40
N ASP B 451 20.62 -38.24 34.84
CA ASP B 451 21.40 -39.43 35.16
C ASP B 451 22.03 -39.31 36.55
N ILE B 452 21.80 -40.31 37.40
CA ILE B 452 22.36 -40.31 38.74
C ILE B 452 23.25 -41.52 39.01
N GLY B 453 23.63 -42.22 37.95
CA GLY B 453 24.54 -43.35 38.07
C GLY B 453 23.88 -44.69 38.30
N ASP B 454 24.62 -45.75 38.04
CA ASP B 454 24.14 -47.12 38.23
C ASP B 454 22.90 -47.42 37.41
N GLY B 455 22.69 -46.64 36.36
CA GLY B 455 21.59 -46.85 35.44
C GLY B 455 20.26 -46.34 35.95
N TYR B 456 20.31 -45.49 36.97
CA TYR B 456 19.10 -44.89 37.53
C TYR B 456 18.99 -43.41 37.15
N TYR B 457 17.77 -42.90 37.12
CA TYR B 457 17.51 -41.54 36.71
C TYR B 457 16.60 -40.82 37.70
N LYS B 458 16.63 -39.49 37.68
CA LYS B 458 15.65 -38.70 38.42
C LYS B 458 14.73 -38.00 37.43
N ILE B 459 13.61 -38.65 37.11
CA ILE B 459 12.69 -38.13 36.11
C ILE B 459 11.82 -37.01 36.68
N SER B 460 12.11 -35.77 36.27
CA SER B 460 11.38 -34.61 36.78
C SER B 460 10.37 -34.07 35.77
N SER B 461 9.31 -33.45 36.26
CA SER B 461 8.32 -32.83 35.39
C SER B 461 8.79 -31.46 34.92
N ARG B 462 8.45 -31.10 33.68
CA ARG B 462 8.87 -29.83 33.12
C ARG B 462 8.08 -28.67 33.71
N HIS B 463 6.93 -28.98 34.32
CA HIS B 463 6.04 -27.96 34.85
C HIS B 463 6.57 -27.37 36.15
N CYS B 464 6.80 -28.22 37.14
CA CYS B 464 7.23 -27.76 38.46
C CYS B 464 8.62 -28.26 38.85
N GLY B 465 9.06 -29.36 38.22
CA GLY B 465 10.38 -29.90 38.49
C GLY B 465 10.41 -31.00 39.53
N LYS B 466 9.22 -31.47 39.92
CA LYS B 466 9.12 -32.54 40.90
C LYS B 466 9.33 -33.90 40.22
N LEU B 467 9.86 -34.84 40.99
CA LEU B 467 10.26 -36.14 40.45
C LEU B 467 9.12 -37.14 40.51
N ILE B 468 9.15 -38.13 39.62
CA ILE B 468 8.23 -39.25 39.72
C ILE B 468 8.52 -39.95 41.03
N ASP B 469 7.49 -40.14 41.84
CA ASP B 469 7.68 -40.60 43.21
C ASP B 469 6.67 -41.69 43.55
N VAL B 470 7.13 -42.72 44.25
CA VAL B 470 6.24 -43.75 44.76
C VAL B 470 5.73 -43.31 46.14
N ARG B 471 4.43 -43.04 46.22
CA ARG B 471 3.84 -42.51 47.46
C ARG B 471 4.21 -43.33 48.68
N LYS B 472 4.81 -42.68 49.66
CA LYS B 472 5.11 -43.31 50.96
C LYS B 472 6.09 -44.48 50.85
N TRP B 473 6.93 -44.47 49.84
CA TRP B 473 7.94 -45.52 49.67
C TRP B 473 7.30 -46.91 49.60
N SER B 474 6.09 -46.99 49.06
CA SER B 474 5.39 -48.27 48.98
C SER B 474 6.22 -49.32 48.25
N THR B 475 6.16 -50.55 48.72
CA THR B 475 6.90 -51.65 48.10
C THR B 475 5.97 -52.77 47.65
N GLU B 476 4.70 -52.42 47.42
CA GLU B 476 3.71 -53.42 47.07
C GLU B 476 3.05 -53.11 45.74
N ASP B 477 2.30 -54.07 45.20
CA ASP B 477 1.56 -53.87 43.96
C ASP B 477 0.42 -52.88 44.17
N GLY B 478 0.20 -52.02 43.17
CA GLY B 478 -0.87 -51.05 43.23
C GLY B 478 -0.44 -49.76 43.92
N GLY B 479 0.85 -49.68 44.24
CA GLY B 479 1.41 -48.50 44.86
C GLY B 479 1.25 -47.25 44.01
N ILE B 480 0.50 -46.28 44.51
CA ILE B 480 0.22 -45.06 43.76
C ILE B 480 1.49 -44.30 43.38
N ILE B 481 1.56 -43.92 42.11
CA ILE B 481 2.65 -43.12 41.58
C ILE B 481 2.27 -41.64 41.55
N GLN B 482 3.11 -40.80 42.15
CA GLN B 482 2.81 -39.37 42.25
C GLN B 482 4.05 -38.56 41.92
N GLN B 483 3.95 -37.24 42.10
CA GLN B 483 5.11 -36.37 41.96
C GLN B 483 5.50 -35.86 43.34
N TRP B 484 6.78 -35.54 43.52
CA TRP B 484 7.24 -35.07 44.83
C TRP B 484 8.59 -34.38 44.68
N SER B 485 8.89 -33.45 45.59
CA SER B 485 10.17 -32.74 45.56
C SER B 485 11.34 -33.71 45.70
N ASP B 486 12.47 -33.36 45.09
CA ASP B 486 13.66 -34.19 45.16
C ASP B 486 14.13 -34.34 46.60
N ALA B 487 13.88 -35.51 47.17
CA ALA B 487 14.26 -35.77 48.56
C ALA B 487 15.46 -36.72 48.63
N GLY B 488 16.05 -37.01 47.48
CA GLY B 488 17.20 -37.89 47.42
C GLY B 488 16.90 -39.30 47.90
N GLY B 489 15.63 -39.69 47.82
CA GLY B 489 15.20 -41.01 48.24
C GLY B 489 15.18 -42.01 47.11
N THR B 490 15.42 -43.28 47.44
CA THR B 490 15.47 -44.34 46.44
C THR B 490 14.09 -44.63 45.84
N ASN B 491 13.05 -44.10 46.47
CA ASN B 491 11.69 -44.26 45.95
C ASN B 491 11.44 -43.28 44.81
N GLN B 492 12.43 -42.44 44.54
CA GLN B 492 12.35 -41.45 43.47
C GLN B 492 13.27 -41.78 42.30
N HIS B 493 14.06 -42.84 42.45
CA HIS B 493 15.04 -43.22 41.43
C HIS B 493 14.54 -44.38 40.57
N TRP B 494 14.60 -44.18 39.26
CA TRP B 494 14.09 -45.16 38.30
C TRP B 494 15.15 -45.65 37.32
N LYS B 495 15.05 -46.93 36.95
CA LYS B 495 15.98 -47.54 36.02
C LYS B 495 15.32 -47.77 34.66
N LEU B 496 15.89 -47.16 33.62
CA LEU B 496 15.36 -47.32 32.27
C LEU B 496 15.86 -48.64 31.70
N VAL B 497 14.93 -49.56 31.41
CA VAL B 497 15.30 -50.90 30.97
C VAL B 497 14.63 -51.29 29.66
N LEU B 498 15.37 -51.98 28.78
CA LEU B 498 14.82 -52.43 27.52
C LEU B 498 13.94 -53.67 27.74
N VAL B 499 13.22 -54.08 26.71
CA VAL B 499 12.37 -55.25 26.79
C VAL B 499 12.65 -56.24 25.66
N GLU C 39 -37.00 7.50 -46.12
CA GLU C 39 -38.21 6.89 -45.61
C GLU C 39 -38.11 6.64 -44.10
N GLY C 40 -38.93 7.36 -43.34
CA GLY C 40 -38.99 7.18 -41.90
C GLY C 40 -40.23 6.42 -41.47
N VAL C 41 -40.61 5.43 -42.27
CA VAL C 41 -41.82 4.65 -42.00
C VAL C 41 -41.56 3.15 -42.13
N ILE C 42 -42.21 2.38 -41.25
CA ILE C 42 -42.15 0.92 -41.31
C ILE C 42 -43.50 0.31 -41.63
N VAL C 43 -43.48 -0.83 -42.33
CA VAL C 43 -44.71 -1.51 -42.70
C VAL C 43 -45.11 -2.58 -41.68
N ASN C 44 -46.27 -2.40 -41.07
CA ASN C 44 -46.77 -3.35 -40.07
C ASN C 44 -47.12 -4.71 -40.69
N GLY C 45 -47.24 -5.72 -39.84
CA GLY C 45 -47.58 -7.05 -40.29
C GLY C 45 -46.54 -7.69 -41.19
N THR C 46 -45.29 -7.28 -41.02
CA THR C 46 -44.19 -7.82 -41.80
C THR C 46 -42.97 -8.05 -40.90
N GLN C 47 -41.94 -8.68 -41.46
CA GLN C 47 -40.70 -8.89 -40.75
C GLN C 47 -39.66 -7.85 -41.14
N PHE C 48 -39.35 -6.95 -40.21
CA PHE C 48 -38.38 -5.91 -40.48
C PHE C 48 -37.04 -6.56 -40.82
N LYS C 49 -36.18 -5.81 -41.50
CA LYS C 49 -34.88 -6.32 -41.87
C LYS C 49 -33.78 -5.38 -41.38
N ASP C 50 -32.66 -5.94 -40.96
CA ASP C 50 -31.54 -5.14 -40.48
C ASP C 50 -30.80 -4.49 -41.64
N THR C 51 -29.75 -3.74 -41.33
CA THR C 51 -28.98 -3.04 -42.35
C THR C 51 -28.28 -3.99 -43.30
N SER C 52 -28.26 -5.27 -42.94
CA SER C 52 -27.60 -6.29 -43.75
C SER C 52 -28.59 -6.98 -44.68
N GLY C 53 -29.84 -6.50 -44.67
CA GLY C 53 -30.89 -7.06 -45.51
C GLY C 53 -31.41 -8.40 -45.03
N ASN C 54 -31.16 -8.72 -43.77
CA ASN C 54 -31.62 -9.98 -43.18
C ASN C 54 -32.80 -9.78 -42.24
N VAL C 55 -33.68 -10.77 -42.18
CA VAL C 55 -34.85 -10.71 -41.30
C VAL C 55 -34.40 -10.69 -39.84
N ILE C 56 -34.70 -9.60 -39.15
CA ILE C 56 -34.32 -9.49 -37.74
C ILE C 56 -35.19 -10.38 -36.87
N HIS C 57 -34.55 -11.08 -35.93
CA HIS C 57 -35.25 -12.01 -35.06
C HIS C 57 -35.16 -11.57 -33.60
N ALA C 58 -36.07 -10.70 -33.20
CA ALA C 58 -36.17 -10.22 -31.82
C ALA C 58 -37.62 -10.32 -31.36
N HIS C 59 -38.07 -11.55 -31.14
CA HIS C 59 -39.47 -11.78 -30.81
C HIS C 59 -39.72 -11.60 -29.32
N GLY C 60 -40.91 -11.14 -28.99
CA GLY C 60 -41.31 -10.93 -27.60
C GLY C 60 -40.28 -10.13 -26.81
N GLY C 61 -39.53 -9.26 -27.49
CA GLY C 61 -38.48 -8.50 -26.84
C GLY C 61 -38.92 -7.11 -26.42
N GLY C 62 -37.95 -6.31 -25.99
CA GLY C 62 -38.22 -4.95 -25.57
C GLY C 62 -37.16 -3.97 -26.02
N MET C 63 -37.30 -2.71 -25.63
CA MET C 63 -36.34 -1.68 -26.02
C MET C 63 -35.82 -0.85 -24.84
N LEU C 64 -34.57 -0.41 -24.97
CA LEU C 64 -33.93 0.42 -23.96
C LEU C 64 -33.17 1.56 -24.63
N LYS C 65 -33.40 2.79 -24.19
CA LYS C 65 -32.69 3.93 -24.73
C LYS C 65 -31.56 4.33 -23.78
N HIS C 66 -30.33 4.27 -24.29
CA HIS C 66 -29.16 4.61 -23.50
C HIS C 66 -28.11 5.31 -24.35
N GLY C 67 -28.02 6.63 -24.21
CA GLY C 67 -27.09 7.41 -24.98
C GLY C 67 -27.68 7.91 -26.29
N ASP C 68 -27.01 7.61 -27.39
CA ASP C 68 -27.47 8.02 -28.71
C ASP C 68 -28.25 6.90 -29.40
N TYR C 69 -28.00 5.67 -28.99
CA TYR C 69 -28.59 4.50 -29.64
C TYR C 69 -29.81 3.95 -28.91
N TYR C 70 -30.81 3.53 -29.69
CA TYR C 70 -31.92 2.77 -29.15
C TYR C 70 -31.57 1.29 -29.28
N TYR C 71 -31.73 0.55 -28.21
CA TYR C 71 -31.39 -0.88 -28.22
C TYR C 71 -32.63 -1.77 -28.20
N TRP C 72 -32.69 -2.71 -29.14
CA TRP C 72 -33.83 -3.61 -29.22
C TRP C 72 -33.40 -5.05 -28.98
N TYR C 73 -33.85 -5.63 -27.88
CA TYR C 73 -33.54 -7.02 -27.54
C TYR C 73 -34.74 -7.92 -27.80
N GLY C 74 -34.48 -9.17 -28.16
CA GLY C 74 -35.54 -10.12 -28.42
C GLY C 74 -35.06 -11.56 -28.46
N GLU C 75 -36.00 -12.49 -28.49
CA GLU C 75 -35.69 -13.92 -28.49
C GLU C 75 -35.84 -14.50 -29.88
N TYR C 76 -35.22 -15.66 -30.11
CA TYR C 76 -35.44 -16.39 -31.35
C TYR C 76 -35.01 -17.85 -31.20
N ARG C 77 -35.87 -18.74 -31.66
CA ARG C 77 -35.70 -20.17 -31.45
C ARG C 77 -34.77 -20.81 -32.47
N ASP C 78 -34.61 -22.13 -32.40
CA ASP C 78 -33.80 -22.86 -33.37
C ASP C 78 -34.69 -23.80 -34.17
N ASP C 79 -34.17 -24.99 -34.45
CA ASP C 79 -34.88 -26.00 -35.23
C ASP C 79 -35.93 -26.70 -34.39
N SER C 80 -35.58 -27.04 -33.16
CA SER C 80 -36.46 -27.81 -32.28
C SER C 80 -37.32 -26.89 -31.42
N ASN C 81 -37.53 -25.66 -31.89
CA ASN C 81 -38.31 -24.67 -31.17
C ASN C 81 -37.79 -24.40 -29.76
N LEU C 82 -36.49 -24.58 -29.56
CA LEU C 82 -35.86 -24.30 -28.28
C LEU C 82 -35.13 -22.95 -28.30
N PHE C 83 -34.88 -22.40 -27.11
CA PHE C 83 -34.14 -21.15 -26.99
C PHE C 83 -32.78 -21.28 -27.69
N LEU C 84 -32.51 -20.39 -28.63
CA LEU C 84 -31.24 -20.41 -29.34
C LEU C 84 -30.36 -19.22 -28.95
N GLY C 85 -31.01 -18.11 -28.61
CA GLY C 85 -30.29 -16.91 -28.21
C GLY C 85 -31.16 -15.67 -28.19
N VAL C 86 -30.68 -14.65 -27.47
CA VAL C 86 -31.34 -13.36 -27.43
C VAL C 86 -30.54 -12.38 -28.28
N SER C 87 -31.19 -11.80 -29.28
CA SER C 87 -30.49 -10.93 -30.23
C SER C 87 -30.52 -9.47 -29.80
N CYS C 88 -29.62 -8.67 -30.35
CA CYS C 88 -29.54 -7.26 -30.05
C CYS C 88 -29.45 -6.41 -31.31
N TYR C 89 -30.27 -5.37 -31.38
CA TYR C 89 -30.28 -4.46 -32.52
C TYR C 89 -30.24 -3.01 -32.06
N ARG C 90 -29.33 -2.23 -32.64
CA ARG C 90 -29.21 -0.82 -32.28
C ARG C 90 -29.54 0.08 -33.47
N SER C 91 -30.15 1.22 -33.18
CA SER C 91 -30.48 2.20 -34.21
C SER C 91 -30.80 3.55 -33.60
N LYS C 92 -30.53 4.61 -34.36
CA LYS C 92 -30.80 5.97 -33.89
C LYS C 92 -32.15 6.46 -34.42
N ASP C 93 -32.57 5.88 -35.55
CA ASP C 93 -33.79 6.30 -36.22
C ASP C 93 -35.00 5.41 -35.95
N LEU C 94 -34.78 4.26 -35.32
CA LEU C 94 -35.85 3.31 -35.01
C LEU C 94 -36.42 2.62 -36.24
N VAL C 95 -35.69 2.67 -37.36
CA VAL C 95 -36.14 2.00 -38.58
C VAL C 95 -35.05 1.11 -39.16
N ASN C 96 -33.85 1.66 -39.29
CA ASN C 96 -32.69 0.92 -39.77
C ASN C 96 -31.89 0.35 -38.62
N TRP C 97 -32.13 -0.92 -38.31
CA TRP C 97 -31.49 -1.54 -37.16
C TRP C 97 -30.23 -2.29 -37.57
N GLU C 98 -29.12 -1.99 -36.87
CA GLU C 98 -27.89 -2.71 -37.10
C GLU C 98 -27.85 -3.91 -36.17
N TYR C 99 -27.54 -5.08 -36.72
CA TYR C 99 -27.54 -6.31 -35.96
C TYR C 99 -26.23 -6.55 -35.20
N ARG C 100 -26.30 -6.46 -33.88
CA ARG C 100 -25.15 -6.77 -33.04
C ARG C 100 -25.23 -8.26 -32.68
N GLY C 101 -24.16 -8.79 -32.09
CA GLY C 101 -24.10 -10.20 -31.78
C GLY C 101 -25.19 -10.66 -30.82
N GLU C 102 -25.12 -11.94 -30.43
CA GLU C 102 -26.08 -12.48 -29.47
C GLU C 102 -25.65 -12.17 -28.04
N VAL C 103 -26.36 -11.26 -27.39
CA VAL C 103 -26.03 -10.87 -26.03
C VAL C 103 -26.13 -12.05 -25.07
N LEU C 104 -26.99 -13.01 -25.41
CA LEU C 104 -27.16 -14.22 -24.61
C LEU C 104 -27.48 -15.39 -25.53
N SER C 105 -26.74 -16.48 -25.38
CA SER C 105 -26.94 -17.66 -26.22
C SER C 105 -27.28 -18.90 -25.39
N ARG C 106 -27.54 -20.00 -26.09
CA ARG C 106 -27.83 -21.26 -25.42
C ARG C 106 -26.56 -21.84 -24.82
N ASN C 107 -25.43 -21.17 -25.09
CA ASN C 107 -24.13 -21.57 -24.56
C ASN C 107 -23.66 -20.64 -23.44
N SER C 108 -24.51 -19.71 -23.04
CA SER C 108 -24.18 -18.76 -21.98
C SER C 108 -24.26 -19.41 -20.61
N ALA C 109 -24.84 -20.61 -20.57
CA ALA C 109 -25.00 -21.35 -19.33
C ALA C 109 -25.48 -22.77 -19.63
N PRO C 110 -25.06 -23.74 -18.81
CA PRO C 110 -25.43 -25.15 -19.00
C PRO C 110 -26.94 -25.35 -19.08
N GLU C 111 -27.68 -24.73 -18.16
CA GLU C 111 -29.14 -24.91 -18.11
C GLU C 111 -29.84 -24.22 -19.27
N LEU C 112 -29.06 -23.52 -20.10
CA LEU C 112 -29.60 -22.83 -21.27
C LEU C 112 -29.35 -23.63 -22.54
N ASN C 113 -28.62 -24.73 -22.41
CA ASN C 113 -28.32 -25.59 -23.56
C ASN C 113 -29.59 -26.13 -24.19
N HIS C 114 -30.56 -26.47 -23.34
CA HIS C 114 -31.81 -27.05 -23.80
C HIS C 114 -32.96 -26.52 -22.95
N CYS C 115 -33.47 -25.34 -23.30
CA CYS C 115 -34.50 -24.70 -22.49
C CYS C 115 -35.38 -23.75 -23.31
N ASN C 116 -36.35 -23.16 -22.63
CA ASN C 116 -37.21 -22.14 -23.23
C ASN C 116 -37.09 -20.80 -22.53
N ILE C 117 -36.59 -19.80 -23.24
CA ILE C 117 -36.52 -18.45 -22.69
C ILE C 117 -37.55 -17.59 -23.41
N GLU C 118 -38.34 -16.84 -22.65
CA GLU C 118 -39.39 -16.03 -23.24
C GLU C 118 -39.40 -14.59 -22.73
N ARG C 119 -39.79 -13.66 -23.60
CA ARG C 119 -39.98 -12.27 -23.23
C ARG C 119 -38.81 -11.72 -22.42
N PRO C 120 -37.63 -11.62 -23.06
CA PRO C 120 -36.42 -11.06 -22.44
C PRO C 120 -36.47 -9.54 -22.45
N LYS C 121 -36.27 -8.93 -21.30
CA LYS C 121 -36.29 -7.47 -21.23
C LYS C 121 -34.97 -6.97 -20.64
N VAL C 122 -34.58 -5.75 -20.99
CA VAL C 122 -33.33 -5.19 -20.48
C VAL C 122 -33.49 -3.79 -19.92
N MET C 123 -32.90 -3.54 -18.77
CA MET C 123 -32.96 -2.23 -18.13
C MET C 123 -31.56 -1.76 -17.75
N TYR C 124 -31.43 -0.47 -17.44
CA TYR C 124 -30.15 0.10 -17.06
C TYR C 124 -30.18 0.62 -15.63
N ASN C 125 -29.22 0.19 -14.82
CA ASN C 125 -29.11 0.65 -13.44
C ASN C 125 -28.16 1.83 -13.33
N ALA C 126 -28.71 2.99 -13.00
CA ALA C 126 -27.95 4.23 -12.95
C ALA C 126 -26.77 4.15 -11.97
N SER C 127 -27.01 3.60 -10.79
CA SER C 127 -25.98 3.54 -9.76
C SER C 127 -24.84 2.58 -10.12
N THR C 128 -25.19 1.33 -10.40
CA THR C 128 -24.19 0.32 -10.71
C THR C 128 -23.49 0.58 -12.03
N GLY C 129 -24.27 1.00 -13.03
CA GLY C 129 -23.73 1.30 -14.34
C GLY C 129 -23.69 0.08 -15.23
N GLU C 130 -24.39 -0.97 -14.82
CA GLU C 130 -24.44 -2.20 -15.60
C GLU C 130 -25.88 -2.51 -16.02
N PHE C 131 -26.01 -3.30 -17.09
CA PHE C 131 -27.32 -3.62 -17.63
C PHE C 131 -27.82 -4.97 -17.09
N VAL C 132 -28.99 -4.94 -16.46
CA VAL C 132 -29.59 -6.16 -15.94
C VAL C 132 -30.69 -6.67 -16.87
N MET C 133 -30.64 -7.95 -17.18
CA MET C 133 -31.57 -8.54 -18.13
C MET C 133 -32.44 -9.60 -17.45
N TRP C 134 -33.75 -9.37 -17.47
CA TRP C 134 -34.69 -10.34 -16.90
C TRP C 134 -35.43 -11.07 -18.02
N MET C 135 -35.90 -12.27 -17.73
CA MET C 135 -36.56 -13.09 -18.74
C MET C 135 -37.38 -14.20 -18.11
N HIS C 136 -38.02 -15.01 -18.96
CA HIS C 136 -38.83 -16.13 -18.50
C HIS C 136 -38.21 -17.45 -18.92
N TRP C 137 -37.96 -18.32 -17.94
CA TRP C 137 -37.26 -19.56 -18.21
C TRP C 137 -38.13 -20.79 -17.99
N GLU C 138 -37.99 -21.76 -18.88
CA GLU C 138 -38.68 -23.04 -18.77
C GLU C 138 -37.70 -24.15 -19.13
N ASN C 139 -37.92 -25.35 -18.59
CA ASN C 139 -36.96 -26.44 -18.77
C ASN C 139 -36.88 -26.98 -20.19
N GLY C 140 -37.87 -26.65 -21.02
CA GLY C 140 -37.83 -27.07 -22.41
C GLY C 140 -38.68 -28.27 -22.73
N ILE C 141 -39.14 -28.97 -21.69
CA ILE C 141 -40.01 -30.13 -21.88
C ILE C 141 -41.42 -29.87 -21.35
N ASN C 142 -41.56 -28.90 -20.46
CA ASN C 142 -42.87 -28.51 -19.95
C ASN C 142 -42.86 -27.09 -19.40
N TYR C 143 -43.97 -26.67 -18.80
CA TYR C 143 -44.06 -25.33 -18.23
C TYR C 143 -44.34 -25.40 -16.74
N GLY C 144 -43.79 -26.42 -16.09
CA GLY C 144 -44.01 -26.63 -14.67
C GLY C 144 -43.12 -25.77 -13.79
N GLN C 145 -41.91 -25.52 -14.26
CA GLN C 145 -40.92 -24.77 -13.50
C GLN C 145 -41.32 -23.31 -13.32
N ALA C 146 -41.70 -22.68 -14.43
CA ALA C 146 -42.12 -21.27 -14.42
C ALA C 146 -41.20 -20.40 -13.57
N ARG C 147 -39.98 -20.19 -14.07
CA ARG C 147 -39.00 -19.39 -13.34
C ARG C 147 -38.71 -18.06 -14.03
N ALA C 148 -38.06 -17.18 -13.27
CA ALA C 148 -37.51 -15.94 -13.81
C ALA C 148 -36.00 -16.09 -13.87
N ALA C 149 -35.38 -15.50 -14.90
CA ALA C 149 -33.93 -15.61 -15.07
C ALA C 149 -33.30 -14.22 -15.16
N VAL C 150 -32.06 -14.12 -14.69
CA VAL C 150 -31.36 -12.84 -14.65
C VAL C 150 -29.98 -12.93 -15.29
N ALA C 151 -29.57 -11.84 -15.94
CA ALA C 151 -28.24 -11.73 -16.52
C ALA C 151 -27.77 -10.28 -16.44
N TYR C 152 -26.46 -10.07 -16.57
CA TYR C 152 -25.92 -8.72 -16.49
C TYR C 152 -24.71 -8.54 -17.39
N SER C 153 -24.43 -7.30 -17.76
CA SER C 153 -23.29 -6.98 -18.61
C SER C 153 -22.92 -5.51 -18.46
N LYS C 154 -21.63 -5.22 -18.54
CA LYS C 154 -21.14 -3.85 -18.45
C LYS C 154 -21.58 -3.03 -19.67
N THR C 155 -21.64 -3.70 -20.82
CA THR C 155 -22.04 -3.05 -22.07
C THR C 155 -23.43 -3.50 -22.51
N PRO C 156 -24.11 -2.65 -23.29
CA PRO C 156 -25.48 -2.94 -23.76
C PRO C 156 -25.52 -4.01 -24.85
N ASP C 157 -24.57 -3.98 -25.77
CA ASP C 157 -24.54 -4.94 -26.87
C ASP C 157 -23.48 -6.02 -26.65
N GLY C 158 -22.91 -6.03 -25.46
CA GLY C 158 -21.91 -7.03 -25.10
C GLY C 158 -22.55 -8.31 -24.61
N LYS C 159 -21.77 -9.38 -24.58
CA LYS C 159 -22.27 -10.68 -24.16
C LYS C 159 -22.55 -10.73 -22.66
N PHE C 160 -23.83 -10.85 -22.31
CA PHE C 160 -24.23 -10.92 -20.91
C PHE C 160 -23.72 -12.20 -20.25
N THR C 161 -23.46 -12.12 -18.95
CA THR C 161 -23.07 -13.30 -18.18
C THR C 161 -24.27 -13.80 -17.38
N TYR C 162 -24.63 -15.06 -17.59
CA TYR C 162 -25.81 -15.63 -16.95
C TYR C 162 -25.62 -15.77 -15.45
N ILE C 163 -26.64 -15.36 -14.69
CA ILE C 163 -26.61 -15.49 -13.24
C ILE C 163 -27.30 -16.76 -12.76
N ARG C 164 -28.63 -16.77 -12.87
CA ARG C 164 -29.43 -17.90 -12.40
C ARG C 164 -30.89 -17.82 -12.84
N SER C 165 -31.65 -18.85 -12.51
CA SER C 165 -33.09 -18.87 -12.70
C SER C 165 -33.77 -19.33 -11.42
N PHE C 166 -34.88 -18.70 -11.05
CA PHE C 166 -35.53 -19.00 -9.78
C PHE C 166 -37.01 -18.60 -9.76
N ARG C 167 -37.77 -19.16 -8.81
CA ARG C 167 -39.14 -18.73 -8.59
C ARG C 167 -39.18 -17.75 -7.42
N PRO C 168 -39.61 -16.51 -7.69
CA PRO C 168 -39.62 -15.46 -6.67
C PRO C 168 -40.20 -15.90 -5.33
N MET C 169 -39.60 -15.41 -4.24
CA MET C 169 -40.05 -15.70 -2.89
C MET C 169 -40.04 -17.20 -2.61
N GLN C 170 -39.06 -17.89 -3.19
CA GLN C 170 -38.92 -19.33 -3.01
C GLN C 170 -38.64 -19.70 -1.55
N ASP C 171 -37.85 -18.87 -0.88
CA ASP C 171 -37.38 -19.15 0.48
C ASP C 171 -38.28 -18.63 1.59
N THR C 172 -39.40 -18.02 1.21
CA THR C 172 -40.34 -17.50 2.20
C THR C 172 -41.27 -18.59 2.70
N GLY C 173 -41.19 -19.75 2.08
CA GLY C 173 -41.99 -20.89 2.49
C GLY C 173 -43.35 -20.89 1.82
N VAL C 174 -43.45 -20.18 0.70
CA VAL C 174 -44.71 -20.09 -0.02
C VAL C 174 -44.77 -21.15 -1.11
N MET C 175 -45.97 -21.71 -1.32
CA MET C 175 -46.16 -22.74 -2.33
C MET C 175 -47.15 -22.28 -3.39
N ASP C 176 -46.74 -22.35 -4.65
CA ASP C 176 -47.60 -21.94 -5.75
C ASP C 176 -47.86 -23.10 -6.71
N HIS C 177 -48.84 -23.93 -6.40
CA HIS C 177 -49.25 -25.03 -7.27
C HIS C 177 -48.18 -26.11 -7.42
N GLY C 178 -47.73 -26.65 -6.29
CA GLY C 178 -46.83 -27.79 -6.28
C GLY C 178 -45.38 -27.49 -5.95
N LEU C 179 -44.86 -26.38 -6.45
CA LEU C 179 -43.46 -26.04 -6.24
C LEU C 179 -43.31 -24.82 -5.33
N PRO C 180 -42.21 -24.78 -4.57
CA PRO C 180 -41.89 -23.65 -3.67
C PRO C 180 -41.68 -22.36 -4.44
N GLY C 181 -42.22 -21.26 -3.91
CA GLY C 181 -42.08 -19.96 -4.54
C GLY C 181 -43.18 -19.65 -5.54
N TYR C 182 -43.41 -18.36 -5.77
CA TYR C 182 -44.43 -17.91 -6.70
C TYR C 182 -44.08 -18.29 -8.13
N MET C 183 -45.11 -18.61 -8.92
CA MET C 183 -44.93 -18.88 -10.34
C MET C 183 -44.59 -17.58 -11.07
N SER C 184 -43.81 -17.70 -12.14
CA SER C 184 -43.41 -16.54 -12.92
C SER C 184 -43.31 -16.87 -14.40
N ARG C 185 -44.32 -16.47 -15.17
CA ARG C 185 -44.31 -16.70 -16.61
C ARG C 185 -44.09 -15.40 -17.37
N ASP C 186 -45.12 -14.93 -18.08
CA ASP C 186 -45.02 -13.67 -18.81
C ASP C 186 -44.49 -12.57 -17.91
N CYS C 187 -43.42 -11.92 -18.32
CA CYS C 187 -42.73 -10.96 -17.45
C CYS C 187 -42.39 -9.66 -18.16
N ASN C 188 -42.00 -8.66 -17.36
CA ASN C 188 -41.57 -7.36 -17.87
C ASN C 188 -40.88 -6.55 -16.79
N VAL C 189 -40.03 -5.61 -17.20
CA VAL C 189 -39.27 -4.81 -16.24
C VAL C 189 -39.67 -3.34 -16.32
N PHE C 190 -39.46 -2.62 -15.22
CA PHE C 190 -39.80 -1.20 -15.14
C PHE C 190 -38.95 -0.46 -14.12
N VAL C 191 -38.40 0.68 -14.55
CA VAL C 191 -37.61 1.53 -13.67
C VAL C 191 -38.37 2.80 -13.31
N ASP C 192 -38.64 2.98 -12.02
CA ASP C 192 -39.40 4.13 -11.54
C ASP C 192 -38.56 5.40 -11.56
N THR C 193 -39.20 6.53 -11.27
CA THR C 193 -38.51 7.81 -11.25
C THR C 193 -37.57 7.94 -10.05
N ASP C 194 -37.95 7.34 -8.93
CA ASP C 194 -37.14 7.38 -7.72
C ASP C 194 -35.90 6.50 -7.85
N GLY C 195 -35.85 5.75 -8.95
CA GLY C 195 -34.72 4.88 -9.22
C GLY C 195 -34.96 3.44 -8.80
N LYS C 196 -36.14 3.16 -8.25
CA LYS C 196 -36.49 1.81 -7.85
C LYS C 196 -36.70 0.91 -9.05
N GLY C 197 -36.20 -0.32 -8.96
CA GLY C 197 -36.37 -1.31 -10.00
C GLY C 197 -37.55 -2.21 -9.69
N TYR C 198 -38.23 -2.67 -10.73
CA TYR C 198 -39.41 -3.51 -10.57
C TYR C 198 -39.48 -4.62 -11.61
N PHE C 199 -39.99 -5.77 -11.18
CA PHE C 199 -40.17 -6.92 -12.07
C PHE C 199 -41.57 -7.49 -11.90
N ILE C 200 -42.36 -7.42 -12.97
CA ILE C 200 -43.74 -7.90 -12.94
C ILE C 200 -43.91 -9.17 -13.77
N SER C 201 -44.65 -10.14 -13.23
CA SER C 201 -44.89 -11.39 -13.93
C SER C 201 -46.20 -12.04 -13.51
N ALA C 202 -46.72 -12.91 -14.37
CA ALA C 202 -47.97 -13.62 -14.09
C ALA C 202 -47.74 -14.81 -13.16
N ALA C 203 -48.45 -14.83 -12.04
CA ALA C 203 -48.29 -15.89 -11.05
C ALA C 203 -49.62 -16.58 -10.76
N ASN C 204 -49.62 -17.47 -9.76
CA ASN C 204 -50.81 -18.22 -9.39
C ASN C 204 -51.52 -18.80 -10.61
N GLU C 205 -50.76 -19.52 -11.42
CA GLU C 205 -51.30 -20.15 -12.63
C GLU C 205 -51.80 -19.11 -13.62
N ASN C 206 -51.04 -18.03 -13.77
CA ASN C 206 -51.37 -16.97 -14.72
C ASN C 206 -52.61 -16.18 -14.34
N MET C 207 -53.20 -16.50 -13.20
CA MET C 207 -54.42 -15.84 -12.75
C MET C 207 -54.15 -14.45 -12.16
N ASP C 208 -53.06 -14.32 -11.41
CA ASP C 208 -52.74 -13.06 -10.77
C ASP C 208 -51.48 -12.44 -11.38
N LEU C 209 -51.28 -11.15 -11.11
CA LEU C 209 -50.06 -10.47 -11.52
C LEU C 209 -49.25 -10.07 -10.28
N HIS C 210 -47.97 -10.40 -10.29
CA HIS C 210 -47.09 -10.07 -9.17
C HIS C 210 -46.08 -9.00 -9.54
N LEU C 211 -46.08 -7.91 -8.79
CA LEU C 211 -45.12 -6.84 -8.97
C LEU C 211 -44.07 -6.96 -7.89
N TYR C 212 -42.84 -7.27 -8.28
CA TYR C 212 -41.77 -7.44 -7.30
C TYR C 212 -40.88 -6.22 -7.31
N GLU C 213 -40.52 -5.72 -6.12
CA GLU C 213 -39.54 -4.65 -6.03
C GLU C 213 -38.14 -5.26 -5.97
N LEU C 214 -37.31 -4.91 -6.94
CA LEU C 214 -35.98 -5.48 -7.03
C LEU C 214 -35.01 -4.87 -6.03
N THR C 215 -33.91 -5.57 -5.79
CA THR C 215 -32.82 -5.07 -4.96
C THR C 215 -32.14 -3.89 -5.67
N PRO C 216 -31.44 -3.05 -4.90
CA PRO C 216 -30.80 -1.84 -5.44
C PRO C 216 -29.97 -2.07 -6.72
N ASP C 217 -29.44 -3.28 -6.89
CA ASP C 217 -28.62 -3.57 -8.06
C ASP C 217 -29.43 -4.21 -9.20
N TYR C 218 -30.73 -4.34 -9.00
CA TYR C 218 -31.65 -4.87 -10.01
C TYR C 218 -31.44 -6.35 -10.32
N LYS C 219 -30.39 -6.94 -9.73
CA LYS C 219 -30.03 -8.32 -10.06
C LYS C 219 -30.72 -9.36 -9.18
N ASN C 220 -31.68 -8.92 -8.37
CA ASN C 220 -32.42 -9.85 -7.51
C ASN C 220 -33.72 -9.24 -6.99
N ILE C 221 -34.61 -10.10 -6.49
CA ILE C 221 -35.89 -9.66 -5.98
C ILE C 221 -35.84 -9.37 -4.48
N ALA C 222 -36.25 -8.16 -4.11
CA ALA C 222 -36.20 -7.74 -2.71
C ALA C 222 -37.47 -8.11 -1.95
N SER C 223 -38.62 -7.74 -2.51
CA SER C 223 -39.90 -8.01 -1.86
C SER C 223 -41.07 -7.94 -2.84
N LEU C 224 -42.25 -8.34 -2.37
CA LEU C 224 -43.46 -8.30 -3.18
C LEU C 224 -44.17 -6.97 -3.01
N LYS C 225 -44.09 -6.11 -4.01
CA LYS C 225 -44.71 -4.79 -3.91
C LYS C 225 -46.22 -4.91 -3.76
N ALA C 226 -46.86 -5.59 -4.69
CA ALA C 226 -48.32 -5.76 -4.63
C ALA C 226 -48.84 -6.79 -5.64
N LYS C 227 -49.98 -7.39 -5.31
CA LYS C 227 -50.67 -8.30 -6.22
C LYS C 227 -51.74 -7.52 -6.98
N LEU C 228 -51.62 -7.48 -8.30
CA LEU C 228 -52.51 -6.70 -9.14
C LEU C 228 -53.45 -7.54 -9.99
N PHE C 229 -54.73 -7.19 -9.98
CA PHE C 229 -55.72 -7.85 -10.81
C PHE C 229 -55.81 -9.35 -10.54
N VAL C 230 -56.06 -9.69 -9.28
CA VAL C 230 -56.19 -11.08 -8.89
C VAL C 230 -57.42 -11.73 -9.54
N GLY C 231 -57.22 -12.89 -10.15
CA GLY C 231 -58.31 -13.60 -10.79
C GLY C 231 -58.64 -13.09 -12.18
N GLN C 232 -58.12 -11.91 -12.52
CA GLN C 232 -58.40 -11.31 -13.81
C GLN C 232 -57.71 -12.06 -14.95
N GLN C 233 -56.65 -12.80 -14.61
CA GLN C 233 -55.93 -13.62 -15.58
C GLN C 233 -55.42 -12.79 -16.76
N ARG C 234 -54.63 -11.76 -16.44
CA ARG C 234 -54.05 -10.89 -17.46
C ARG C 234 -52.62 -11.28 -17.77
N GLU C 235 -52.27 -11.27 -19.05
CA GLU C 235 -50.93 -11.72 -19.43
C GLU C 235 -50.14 -10.63 -20.17
N ALA C 236 -48.93 -10.98 -20.62
CA ALA C 236 -48.06 -10.06 -21.38
C ALA C 236 -48.15 -8.62 -20.87
N PRO C 237 -47.81 -8.39 -19.59
CA PRO C 237 -47.93 -7.07 -18.99
C PRO C 237 -46.84 -6.10 -19.43
N CYS C 238 -47.22 -4.84 -19.61
CA CYS C 238 -46.27 -3.79 -19.97
C CYS C 238 -46.46 -2.59 -19.04
N LEU C 239 -45.43 -2.26 -18.27
CA LEU C 239 -45.53 -1.19 -17.29
C LEU C 239 -44.74 0.05 -17.69
N ILE C 240 -45.44 1.18 -17.82
CA ILE C 240 -44.82 2.45 -18.17
C ILE C 240 -45.38 3.60 -17.33
N LYS C 241 -44.77 4.77 -17.43
CA LYS C 241 -45.20 5.94 -16.65
C LYS C 241 -45.22 7.22 -17.47
N ARG C 242 -46.23 8.06 -17.24
CA ARG C 242 -46.39 9.31 -17.99
C ARG C 242 -46.20 10.56 -17.12
N ASN C 243 -47.30 11.08 -16.59
CA ASN C 243 -47.26 12.27 -15.76
C ASN C 243 -47.71 11.99 -14.34
N GLY C 244 -46.88 11.27 -13.59
CA GLY C 244 -47.22 10.87 -12.24
C GLY C 244 -48.28 9.78 -12.25
N TYR C 245 -48.49 9.21 -13.43
CA TYR C 245 -49.46 8.13 -13.58
C TYR C 245 -48.78 6.85 -14.03
N TYR C 246 -49.16 5.73 -13.41
CA TYR C 246 -48.68 4.41 -13.80
C TYR C 246 -49.69 3.73 -14.71
N TYR C 247 -49.26 3.27 -15.87
CA TYR C 247 -50.14 2.59 -16.80
C TYR C 247 -49.68 1.15 -17.03
N LEU C 248 -50.63 0.23 -17.09
CA LEU C 248 -50.33 -1.18 -17.29
C LEU C 248 -51.16 -1.78 -18.43
N ILE C 249 -50.50 -2.06 -19.55
CA ILE C 249 -51.17 -2.68 -20.69
C ILE C 249 -51.00 -4.19 -20.65
N THR C 250 -52.11 -4.91 -20.55
CA THR C 250 -52.09 -6.36 -20.47
C THR C 250 -52.97 -7.02 -21.52
N SER C 251 -52.57 -8.21 -21.95
CA SER C 251 -53.36 -8.99 -22.90
C SER C 251 -54.14 -10.09 -22.20
N GLY C 252 -54.96 -10.80 -22.96
CA GLY C 252 -55.72 -11.92 -22.42
C GLY C 252 -54.94 -13.21 -22.54
N CYS C 253 -55.34 -14.23 -21.79
CA CYS C 253 -54.64 -15.50 -21.79
C CYS C 253 -55.31 -16.50 -22.73
N THR C 254 -54.90 -16.49 -23.99
CA THR C 254 -55.46 -17.40 -24.98
C THR C 254 -54.43 -17.92 -25.98
N GLY C 255 -53.27 -18.34 -25.48
CA GLY C 255 -52.23 -18.88 -26.33
C GLY C 255 -51.84 -17.95 -27.46
N TRP C 256 -51.60 -18.52 -28.65
CA TRP C 256 -51.23 -17.72 -29.81
C TRP C 256 -52.37 -16.80 -30.24
N ASN C 257 -53.60 -17.23 -29.97
CA ASN C 257 -54.78 -16.47 -30.36
C ASN C 257 -54.75 -15.02 -29.90
N PRO C 258 -54.67 -14.08 -30.86
CA PRO C 258 -54.76 -12.66 -30.54
C PRO C 258 -56.06 -12.36 -29.83
N ASN C 259 -56.07 -11.37 -28.94
CA ASN C 259 -57.26 -11.08 -28.16
C ASN C 259 -57.34 -9.60 -27.74
N GLN C 260 -58.34 -9.27 -26.93
CA GLN C 260 -58.54 -7.90 -26.50
C GLN C 260 -57.51 -7.44 -25.46
N ALA C 261 -56.68 -6.48 -25.85
CA ALA C 261 -55.74 -5.89 -24.91
C ALA C 261 -56.45 -4.84 -24.06
N LYS C 262 -56.13 -4.79 -22.79
CA LYS C 262 -56.74 -3.83 -21.88
C LYS C 262 -55.68 -3.03 -21.13
N TYR C 263 -56.10 -1.91 -20.56
CA TYR C 263 -55.19 -1.08 -19.79
C TYR C 263 -55.82 -0.59 -18.49
N ALA C 264 -54.97 -0.15 -17.56
CA ALA C 264 -55.42 0.38 -16.29
C ALA C 264 -54.42 1.39 -15.75
N TYR C 265 -54.90 2.35 -14.97
CA TYR C 265 -54.04 3.40 -14.45
C TYR C 265 -54.14 3.51 -12.93
N SER C 266 -53.13 4.13 -12.32
CA SER C 266 -53.10 4.32 -10.88
C SER C 266 -52.05 5.35 -10.48
N LYS C 267 -52.30 6.05 -9.39
CA LYS C 267 -51.37 7.05 -8.89
C LYS C 267 -50.19 6.36 -8.21
N ASP C 268 -50.47 5.24 -7.55
CA ASP C 268 -49.43 4.50 -6.84
C ASP C 268 -49.38 3.05 -7.32
N LEU C 269 -48.21 2.43 -7.21
CA LEU C 269 -48.03 1.05 -7.65
C LEU C 269 -48.67 0.06 -6.69
N ALA C 270 -48.59 0.34 -5.39
CA ALA C 270 -49.08 -0.57 -4.37
C ALA C 270 -50.60 -0.72 -4.40
N SER C 271 -51.29 0.38 -4.70
CA SER C 271 -52.75 0.37 -4.73
C SER C 271 -53.31 1.54 -5.52
N GLY C 272 -54.64 1.67 -5.49
CA GLY C 272 -55.31 2.75 -6.19
C GLY C 272 -55.45 2.48 -7.68
N TRP C 273 -55.41 1.21 -8.05
CA TRP C 273 -55.53 0.82 -9.45
C TRP C 273 -56.97 0.82 -9.93
N SER C 274 -57.17 1.33 -11.15
CA SER C 274 -58.49 1.38 -11.75
C SER C 274 -58.86 0.04 -12.39
N GLN C 275 -60.11 -0.05 -12.86
CA GLN C 275 -60.57 -1.24 -13.55
C GLN C 275 -59.98 -1.31 -14.95
N LEU C 276 -60.10 -2.46 -15.60
CA LEU C 276 -59.58 -2.65 -16.96
C LEU C 276 -60.42 -1.90 -17.98
N TYR C 277 -59.75 -1.24 -18.92
CA TYR C 277 -60.45 -0.53 -20.00
C TYR C 277 -59.96 -1.03 -21.36
N ASN C 278 -60.90 -1.31 -22.25
CA ASN C 278 -60.56 -1.83 -23.57
C ASN C 278 -59.59 -0.94 -24.35
N LEU C 279 -58.65 -1.57 -25.05
CA LEU C 279 -57.66 -0.85 -25.85
C LEU C 279 -57.48 -1.53 -27.20
N GLY C 280 -57.92 -0.86 -28.26
CA GLY C 280 -57.88 -1.43 -29.61
C GLY C 280 -59.04 -2.37 -29.86
N ASN C 281 -59.00 -3.07 -31.00
CA ASN C 281 -60.07 -3.99 -31.34
C ASN C 281 -59.98 -5.32 -30.59
N SER C 282 -60.88 -6.25 -30.95
CA SER C 282 -60.98 -7.52 -30.24
C SER C 282 -59.77 -8.43 -30.40
N THR C 283 -58.86 -8.07 -31.32
CA THR C 283 -57.68 -8.89 -31.55
C THR C 283 -56.39 -8.10 -31.44
N THR C 284 -56.47 -6.90 -30.86
CA THR C 284 -55.31 -6.01 -30.79
C THR C 284 -54.61 -5.95 -32.14
N TYR C 285 -55.40 -5.89 -33.20
CA TYR C 285 -54.87 -5.82 -34.57
C TYR C 285 -53.93 -6.98 -34.85
N ARG C 286 -54.37 -8.18 -34.49
CA ARG C 286 -53.58 -9.39 -34.69
C ARG C 286 -52.18 -9.26 -34.12
N SER C 287 -52.09 -8.98 -32.82
CA SER C 287 -50.81 -8.85 -32.15
C SER C 287 -50.99 -9.00 -30.65
N GLN C 288 -49.89 -9.23 -29.95
CA GLN C 288 -49.91 -9.34 -28.51
C GLN C 288 -48.91 -8.36 -27.92
N PRO C 289 -49.36 -7.56 -26.94
CA PRO C 289 -48.50 -6.55 -26.30
C PRO C 289 -47.21 -7.18 -25.81
N THR C 290 -46.09 -6.50 -26.03
CA THR C 290 -44.81 -7.03 -25.56
C THR C 290 -44.02 -6.00 -24.76
N PHE C 291 -44.03 -4.76 -25.20
CA PHE C 291 -43.30 -3.70 -24.51
C PHE C 291 -43.68 -2.32 -25.06
N ILE C 292 -43.62 -1.32 -24.20
CA ILE C 292 -43.92 0.05 -24.60
C ILE C 292 -42.81 0.96 -24.12
N ILE C 293 -42.26 1.77 -25.03
CA ILE C 293 -41.15 2.64 -24.69
C ILE C 293 -41.42 4.09 -25.06
N PRO C 294 -41.18 5.01 -24.12
CA PRO C 294 -41.34 6.45 -24.37
C PRO C 294 -40.26 6.97 -25.31
N VAL C 295 -40.67 7.62 -26.39
CA VAL C 295 -39.71 8.16 -27.36
C VAL C 295 -39.67 9.68 -27.25
N GLN C 296 -38.65 10.19 -26.56
CA GLN C 296 -38.49 11.63 -26.36
C GLN C 296 -37.83 12.29 -27.56
N GLY C 297 -38.34 13.47 -27.92
CA GLY C 297 -37.78 14.21 -29.04
C GLY C 297 -37.77 15.71 -28.81
N SER C 298 -37.39 16.46 -29.84
CA SER C 298 -37.32 17.91 -29.77
C SER C 298 -38.68 18.56 -29.52
N SER C 299 -39.68 18.13 -30.30
CA SER C 299 -41.02 18.70 -30.21
C SER C 299 -41.81 18.14 -29.04
N GLY C 300 -41.37 17.01 -28.51
CA GLY C 300 -42.02 16.38 -27.37
C GLY C 300 -41.87 14.88 -27.35
N THR C 301 -42.42 14.24 -26.32
CA THR C 301 -42.32 12.79 -26.17
C THR C 301 -43.60 12.08 -26.60
N SER C 302 -43.44 10.93 -27.24
CA SER C 302 -44.58 10.13 -27.68
C SER C 302 -44.28 8.63 -27.57
N TYR C 303 -45.12 7.91 -26.83
CA TYR C 303 -44.86 6.51 -26.52
C TYR C 303 -45.01 5.59 -27.72
N LEU C 304 -44.14 4.58 -27.80
CA LEU C 304 -44.17 3.61 -28.89
C LEU C 304 -44.62 2.22 -28.41
N TYR C 305 -45.65 1.68 -29.05
CA TYR C 305 -46.14 0.34 -28.73
C TYR C 305 -45.51 -0.74 -29.61
N MET C 306 -44.98 -1.78 -28.97
CA MET C 306 -44.43 -2.92 -29.69
C MET C 306 -45.24 -4.18 -29.43
N GLY C 307 -45.60 -4.88 -30.50
CA GLY C 307 -46.39 -6.10 -30.36
C GLY C 307 -45.92 -7.21 -31.28
N ASP C 308 -46.25 -8.44 -30.92
CA ASP C 308 -45.88 -9.60 -31.72
C ASP C 308 -47.09 -10.26 -32.37
N ARG C 309 -47.01 -10.42 -33.69
CA ARG C 309 -48.00 -11.20 -34.42
C ARG C 309 -47.45 -12.61 -34.58
N TRP C 310 -47.74 -13.47 -33.62
CA TRP C 310 -47.17 -14.81 -33.59
C TRP C 310 -47.66 -15.66 -34.77
N ALA C 311 -46.71 -16.33 -35.43
CA ALA C 311 -47.02 -17.18 -36.57
C ALA C 311 -47.76 -18.44 -36.14
N GLY C 312 -47.68 -18.76 -34.85
CA GLY C 312 -48.38 -19.91 -34.32
C GLY C 312 -49.87 -19.80 -34.55
N ALA C 313 -50.34 -18.57 -34.78
CA ALA C 313 -51.76 -18.33 -35.03
C ALA C 313 -52.21 -18.99 -36.33
N TRP C 314 -51.29 -19.09 -37.29
CA TRP C 314 -51.62 -19.72 -38.58
C TRP C 314 -50.80 -20.99 -38.81
N GLY C 315 -50.36 -21.62 -37.72
CA GLY C 315 -49.63 -22.87 -37.80
C GLY C 315 -48.18 -22.70 -38.24
N GLY C 316 -47.67 -21.49 -38.07
CA GLY C 316 -46.31 -21.17 -38.45
C GLY C 316 -45.32 -21.26 -37.30
N LYS C 317 -44.03 -21.41 -37.64
CA LYS C 317 -42.97 -21.48 -36.65
C LYS C 317 -42.85 -20.14 -35.92
N VAL C 318 -42.28 -20.17 -34.72
CA VAL C 318 -42.11 -18.95 -33.94
C VAL C 318 -41.22 -17.94 -34.66
N ASN C 319 -40.24 -18.45 -35.40
CA ASN C 319 -39.31 -17.60 -36.14
C ASN C 319 -39.98 -16.83 -37.27
N ASP C 320 -41.09 -17.36 -37.75
CA ASP C 320 -41.84 -16.72 -38.85
C ASP C 320 -42.76 -15.62 -38.33
N SER C 321 -42.76 -15.42 -37.01
CA SER C 321 -43.59 -14.39 -36.40
C SER C 321 -43.27 -13.01 -36.95
N GLN C 322 -44.21 -12.08 -36.83
CA GLN C 322 -44.04 -10.73 -37.35
C GLN C 322 -44.17 -9.70 -36.24
N TYR C 323 -43.96 -8.42 -36.58
CA TYR C 323 -43.99 -7.35 -35.60
C TYR C 323 -45.03 -6.30 -35.94
N VAL C 324 -45.60 -5.67 -34.91
CA VAL C 324 -46.59 -4.62 -35.10
C VAL C 324 -46.33 -3.44 -34.18
N TRP C 325 -45.81 -2.35 -34.73
CA TRP C 325 -45.54 -1.14 -33.96
C TRP C 325 -46.60 -0.07 -34.22
N LEU C 326 -47.16 0.47 -33.14
CA LEU C 326 -48.22 1.47 -33.26
C LEU C 326 -48.07 2.57 -32.22
N PRO C 327 -48.47 3.80 -32.57
CA PRO C 327 -48.44 4.95 -31.67
C PRO C 327 -49.43 4.80 -30.51
N LEU C 328 -48.95 4.98 -29.29
CA LEU C 328 -49.81 4.96 -28.12
C LEU C 328 -50.20 6.38 -27.72
N ASN C 329 -51.42 6.78 -28.08
CA ASN C 329 -51.87 8.15 -27.84
C ASN C 329 -52.61 8.30 -26.51
N PHE C 330 -52.30 9.37 -25.80
CA PHE C 330 -52.93 9.68 -24.53
C PHE C 330 -53.95 10.81 -24.64
N ILE C 331 -55.18 10.46 -25.00
CA ILE C 331 -56.25 11.44 -25.11
C ILE C 331 -56.43 12.16 -23.77
N SER C 332 -56.28 11.43 -22.67
CA SER C 332 -56.40 11.98 -21.34
C SER C 332 -55.45 11.27 -20.39
N ASP C 333 -55.38 11.75 -19.14
CA ASP C 333 -54.57 11.09 -18.13
C ASP C 333 -55.23 9.78 -17.70
N THR C 334 -56.46 9.57 -18.14
CA THR C 334 -57.20 8.36 -17.78
C THR C 334 -57.81 7.70 -19.02
N THR C 335 -57.42 8.17 -20.20
CA THR C 335 -57.97 7.63 -21.45
C THR C 335 -56.91 7.47 -22.53
N LEU C 336 -56.67 6.24 -22.94
CA LEU C 336 -55.67 5.96 -23.97
C LEU C 336 -56.33 5.44 -25.25
N GLU C 337 -55.60 5.52 -26.36
CA GLU C 337 -56.09 5.03 -27.65
C GLU C 337 -54.95 4.39 -28.44
N LEU C 338 -55.21 3.21 -28.97
CA LEU C 338 -54.24 2.49 -29.79
C LEU C 338 -54.77 2.17 -31.19
N PRO C 339 -54.62 3.13 -32.12
CA PRO C 339 -55.08 2.98 -33.50
C PRO C 339 -54.11 2.14 -34.33
N TYR C 340 -54.60 1.59 -35.44
CA TYR C 340 -53.77 0.79 -36.34
C TYR C 340 -53.52 1.49 -37.66
N TYR C 341 -52.25 1.58 -38.03
CA TYR C 341 -51.84 2.17 -39.30
C TYR C 341 -50.97 1.19 -40.07
N ASP C 342 -51.37 0.85 -41.28
CA ASP C 342 -50.62 -0.10 -42.10
C ASP C 342 -49.16 0.35 -42.24
N SER C 343 -48.95 1.66 -42.16
CA SER C 343 -47.61 2.24 -42.18
C SER C 343 -47.51 3.36 -41.15
N VAL C 344 -46.40 3.39 -40.40
CA VAL C 344 -46.24 4.37 -39.32
C VAL C 344 -45.00 5.26 -39.50
N LYS C 345 -45.25 6.56 -39.54
CA LYS C 345 -44.19 7.57 -39.64
C LYS C 345 -43.58 7.82 -38.26
N ILE C 346 -42.27 7.61 -38.15
CA ILE C 346 -41.57 7.82 -36.89
C ILE C 346 -40.29 8.62 -37.07
N ASP C 347 -40.20 9.73 -36.37
CA ASP C 347 -39.02 10.58 -36.40
C ASP C 347 -38.43 10.71 -34.99
N ALA C 348 -37.32 10.01 -34.76
CA ALA C 348 -36.69 9.97 -33.45
C ALA C 348 -36.25 11.34 -32.96
N SER C 349 -35.65 12.12 -33.85
CA SER C 349 -35.16 13.45 -33.49
C SER C 349 -36.26 14.32 -32.89
N SER C 350 -37.36 14.44 -33.62
CA SER C 350 -38.49 15.23 -33.15
C SER C 350 -39.28 14.49 -32.07
N GLY C 351 -39.21 13.16 -32.10
CA GLY C 351 -39.92 12.34 -31.13
C GLY C 351 -41.40 12.31 -31.45
N ILE C 352 -41.71 12.03 -32.71
CA ILE C 352 -43.10 12.00 -33.17
C ILE C 352 -43.47 10.66 -33.82
N ILE C 353 -44.63 10.14 -33.43
CA ILE C 353 -45.21 8.95 -34.05
C ILE C 353 -46.57 9.25 -34.67
N SER C 354 -46.76 8.82 -35.92
CA SER C 354 -47.99 9.11 -36.63
C SER C 354 -48.20 8.20 -37.84
N GLU C 355 -49.30 8.42 -38.56
CA GLU C 355 -49.60 7.63 -39.74
C GLU C 355 -48.84 8.13 -40.97
N TYR C 356 -48.47 7.20 -41.85
CA TYR C 356 -47.75 7.54 -43.07
C TYR C 356 -48.68 7.69 -44.28
N ILE C 357 -48.83 8.91 -44.77
CA ILE C 357 -49.69 9.19 -45.91
C ILE C 357 -48.84 9.44 -47.16
N PRO C 358 -48.79 8.46 -48.07
CA PRO C 358 -48.03 8.49 -49.33
C PRO C 358 -48.50 9.61 -50.27
N ASP C 359 -49.75 10.04 -50.10
CA ASP C 359 -50.34 11.08 -50.94
C ASP C 359 -50.94 12.15 -50.04
N THR C 360 -50.21 13.24 -49.85
CA THR C 360 -50.62 14.27 -48.90
C THR C 360 -51.61 15.27 -49.51
N THR C 361 -51.99 15.04 -50.76
CA THR C 361 -52.93 15.96 -51.40
C THR C 361 -54.20 16.03 -50.56
N ARG C 362 -54.67 17.24 -50.31
CA ARG C 362 -55.84 17.45 -49.47
C ARG C 362 -57.10 17.67 -50.31
N TYR C 363 -58.15 16.91 -50.03
CA TYR C 363 -59.37 17.03 -50.82
C TYR C 363 -60.56 17.45 -49.96
N LYS C 364 -61.62 17.90 -50.61
CA LYS C 364 -62.87 18.23 -49.95
C LYS C 364 -64.05 17.63 -50.71
N LEU C 365 -65.12 17.28 -49.99
CA LEU C 365 -66.27 16.62 -50.61
C LEU C 365 -67.49 17.51 -50.62
N VAL C 366 -68.20 17.54 -51.76
CA VAL C 366 -69.41 18.34 -51.87
C VAL C 366 -70.54 17.49 -52.43
N ASN C 367 -71.77 17.94 -52.24
CA ASN C 367 -72.94 17.19 -52.71
C ASN C 367 -73.81 18.04 -53.64
N LYS C 368 -74.44 17.38 -54.60
CA LYS C 368 -75.29 18.08 -55.56
C LYS C 368 -76.43 18.82 -54.86
N ASN C 369 -77.40 18.06 -54.36
CA ASN C 369 -78.58 18.61 -53.72
C ASN C 369 -78.29 19.57 -52.56
N SER C 370 -77.57 19.09 -51.56
CA SER C 370 -77.31 19.90 -50.38
C SER C 370 -76.56 21.18 -50.76
N GLY C 371 -75.74 21.09 -51.80
CA GLY C 371 -74.93 22.21 -52.23
C GLY C 371 -73.91 22.64 -51.19
N LYS C 372 -73.63 21.75 -50.25
CA LYS C 372 -72.68 22.05 -49.19
C LYS C 372 -71.61 20.96 -49.10
N VAL C 373 -70.54 21.26 -48.37
CA VAL C 373 -69.43 20.31 -48.24
C VAL C 373 -69.52 19.50 -46.95
N LEU C 374 -68.62 18.54 -46.81
CA LEU C 374 -68.61 17.67 -45.63
C LEU C 374 -67.88 18.36 -44.47
N ASP C 375 -68.24 18.01 -43.25
CA ASP C 375 -67.69 18.68 -42.07
C ASP C 375 -67.81 17.81 -40.82
N VAL C 376 -67.12 18.22 -39.76
CA VAL C 376 -67.21 17.54 -38.47
C VAL C 376 -68.03 18.38 -37.49
N LEU C 377 -69.03 17.77 -36.87
CA LEU C 377 -69.91 18.50 -35.94
C LEU C 377 -69.13 19.32 -34.92
N ASP C 378 -69.38 20.63 -34.91
CA ASP C 378 -68.74 21.53 -33.95
C ASP C 378 -67.24 21.59 -34.17
N GLY C 379 -66.77 20.89 -35.19
CA GLY C 379 -65.33 20.77 -35.45
C GLY C 379 -64.66 20.11 -34.26
N SER C 380 -65.29 19.04 -33.77
CA SER C 380 -64.83 18.33 -32.57
C SER C 380 -63.72 17.33 -32.86
N VAL C 381 -62.69 17.35 -32.03
CA VAL C 381 -61.58 16.41 -32.13
C VAL C 381 -61.71 15.29 -31.10
N ASP C 382 -62.93 15.09 -30.60
CA ASP C 382 -63.20 14.03 -29.64
C ASP C 382 -63.88 12.84 -30.33
N ASN C 383 -63.39 11.64 -30.02
CA ASN C 383 -63.95 10.43 -30.63
C ASN C 383 -65.46 10.31 -30.47
N ALA C 384 -66.07 9.51 -31.35
CA ALA C 384 -67.52 9.37 -31.40
C ALA C 384 -68.18 10.65 -31.88
N ALA C 385 -67.38 11.56 -32.43
CA ALA C 385 -67.91 12.82 -32.96
C ALA C 385 -68.77 12.58 -34.19
N GLN C 386 -70.01 13.04 -34.13
CA GLN C 386 -70.96 12.89 -35.21
C GLN C 386 -70.51 13.65 -36.46
N ILE C 387 -70.86 13.14 -37.63
CA ILE C 387 -70.51 13.78 -38.89
C ILE C 387 -71.73 14.52 -39.44
N VAL C 388 -71.53 15.74 -39.90
CA VAL C 388 -72.61 16.58 -40.43
C VAL C 388 -72.21 17.32 -41.70
N GLN C 389 -73.15 18.09 -42.26
CA GLN C 389 -72.89 18.87 -43.46
C GLN C 389 -73.24 20.35 -43.36
N TRP C 390 -72.21 21.19 -43.29
CA TRP C 390 -72.39 22.62 -43.19
C TRP C 390 -72.05 23.26 -44.53
N THR C 391 -72.44 24.52 -44.71
CA THR C 391 -72.07 25.27 -45.90
C THR C 391 -70.54 25.36 -45.98
N ASP C 392 -70.02 25.62 -47.18
CA ASP C 392 -68.58 25.75 -47.34
C ASP C 392 -68.09 26.94 -46.52
N ASN C 393 -67.51 26.64 -45.37
CA ASN C 393 -67.03 27.67 -44.45
C ASN C 393 -65.52 27.84 -44.48
N GLY C 394 -64.83 26.95 -45.19
CA GLY C 394 -63.38 26.97 -45.22
C GLY C 394 -62.78 26.47 -43.91
N SER C 395 -63.64 26.01 -43.01
CA SER C 395 -63.21 25.49 -41.72
C SER C 395 -62.29 24.28 -41.88
N LEU C 396 -61.48 24.02 -40.85
CA LEU C 396 -60.52 22.92 -40.87
C LEU C 396 -61.23 21.57 -40.97
N SER C 397 -62.42 21.50 -40.39
CA SER C 397 -63.26 20.30 -40.40
C SER C 397 -63.72 19.87 -41.78
N GLN C 398 -63.29 20.58 -42.82
CA GLN C 398 -63.70 20.24 -44.18
C GLN C 398 -62.62 19.60 -45.04
N GLN C 399 -61.37 19.63 -44.60
CA GLN C 399 -60.29 18.99 -45.37
C GLN C 399 -60.08 17.55 -44.91
N TRP C 400 -59.97 16.63 -45.87
CA TRP C 400 -59.82 15.21 -45.55
C TRP C 400 -58.74 14.55 -46.40
N TYR C 401 -58.15 13.47 -45.90
CA TYR C 401 -57.14 12.72 -46.64
C TYR C 401 -57.69 11.48 -47.36
N LEU C 402 -56.89 10.94 -48.27
CA LEU C 402 -57.22 9.70 -48.98
C LEU C 402 -56.10 8.67 -48.85
N VAL C 403 -56.43 7.51 -48.29
CA VAL C 403 -55.46 6.43 -48.16
C VAL C 403 -56.06 5.12 -48.68
N ASP C 404 -55.40 4.52 -49.66
CA ASP C 404 -55.91 3.30 -50.29
C ASP C 404 -55.56 2.05 -49.49
N VAL C 405 -56.58 1.32 -49.07
CA VAL C 405 -56.40 0.08 -48.31
C VAL C 405 -56.96 -1.13 -49.06
N GLY C 406 -56.08 -2.06 -49.37
CA GLY C 406 -56.43 -3.29 -50.08
C GLY C 406 -56.40 -3.08 -51.57
N GLY C 407 -57.37 -3.63 -52.29
CA GLY C 407 -57.37 -3.50 -53.74
C GLY C 407 -57.94 -2.20 -54.29
N GLY C 408 -59.19 -1.93 -53.93
CA GLY C 408 -59.91 -0.75 -54.42
C GLY C 408 -60.65 0.05 -53.37
N TYR C 409 -60.28 -0.12 -52.11
CA TYR C 409 -60.96 0.58 -51.01
C TYR C 409 -60.07 1.63 -50.35
N LYS C 410 -60.69 2.72 -49.88
CA LYS C 410 -59.95 3.82 -49.26
C LYS C 410 -60.62 4.38 -48.01
N LYS C 411 -59.81 4.85 -47.07
CA LYS C 411 -60.30 5.41 -45.82
C LYS C 411 -60.25 6.93 -45.80
N ILE C 412 -61.34 7.57 -45.37
CA ILE C 412 -61.38 9.03 -45.29
C ILE C 412 -60.93 9.52 -43.91
N VAL C 413 -59.86 10.32 -43.87
CA VAL C 413 -59.32 10.80 -42.60
C VAL C 413 -59.45 12.32 -42.47
N ASN C 414 -59.58 12.80 -41.23
CA ASN C 414 -59.71 14.23 -40.98
C ASN C 414 -58.37 14.89 -40.65
N VAL C 415 -58.19 16.13 -41.09
CA VAL C 415 -56.96 16.86 -40.85
C VAL C 415 -56.90 17.43 -39.43
N LYS C 416 -58.03 17.98 -38.98
CA LYS C 416 -58.11 18.59 -37.65
C LYS C 416 -57.89 17.55 -36.56
N SER C 417 -58.81 16.60 -36.47
CA SER C 417 -58.72 15.56 -35.44
C SER C 417 -57.71 14.48 -35.85
N GLY C 418 -58.01 13.73 -36.90
CA GLY C 418 -57.10 12.70 -37.37
C GLY C 418 -57.76 11.34 -37.47
N ARG C 419 -59.05 11.28 -37.20
CA ARG C 419 -59.79 10.02 -37.24
C ARG C 419 -60.28 9.70 -38.65
N ALA C 420 -60.66 8.43 -38.85
CA ALA C 420 -61.19 7.98 -40.14
C ALA C 420 -62.70 7.86 -40.06
N LEU C 421 -63.36 8.05 -41.19
CA LEU C 421 -64.82 7.96 -41.27
C LEU C 421 -65.27 6.53 -40.93
N ASP C 422 -66.05 6.42 -39.86
CA ASP C 422 -66.43 5.11 -39.34
C ASP C 422 -67.93 5.01 -39.09
N VAL C 423 -68.53 3.94 -39.59
CA VAL C 423 -69.94 3.64 -39.36
C VAL C 423 -70.19 3.22 -37.92
N LYS C 424 -70.94 4.02 -37.17
CA LYS C 424 -71.17 3.77 -35.75
C LYS C 424 -71.70 2.36 -35.45
N ASP C 425 -71.01 1.68 -34.54
CA ASP C 425 -71.44 0.34 -34.13
C ASP C 425 -71.44 -0.61 -35.31
N GLU C 426 -70.67 -0.28 -36.34
CA GLU C 426 -70.58 -1.08 -37.55
C GLU C 426 -71.98 -1.44 -38.07
N SER C 427 -72.88 -0.46 -38.00
CA SER C 427 -74.27 -0.64 -38.41
C SER C 427 -74.42 -1.10 -39.87
N LYS C 428 -75.16 -2.18 -40.08
CA LYS C 428 -75.41 -2.69 -41.42
C LYS C 428 -76.83 -2.34 -41.88
N GLU C 429 -77.58 -1.67 -41.01
CA GLU C 429 -78.94 -1.24 -41.31
C GLU C 429 -79.00 0.13 -41.97
N ASP C 430 -80.13 0.42 -42.61
CA ASP C 430 -80.38 1.75 -43.17
C ASP C 430 -80.71 2.76 -42.07
N GLY C 431 -80.30 4.00 -42.30
CA GLY C 431 -80.53 5.06 -41.33
C GLY C 431 -79.51 5.02 -40.21
N GLY C 432 -78.31 4.53 -40.54
CA GLY C 432 -77.24 4.44 -39.57
C GLY C 432 -76.44 5.72 -39.44
N VAL C 433 -76.41 6.27 -38.23
CA VAL C 433 -75.67 7.49 -37.97
C VAL C 433 -74.19 7.30 -38.30
N LEU C 434 -73.55 8.36 -38.76
CA LEU C 434 -72.15 8.30 -39.15
C LEU C 434 -71.30 9.19 -38.24
N ILE C 435 -70.15 8.66 -37.80
CA ILE C 435 -69.25 9.40 -36.92
C ILE C 435 -67.78 9.12 -37.22
N GLN C 436 -66.91 9.98 -36.72
CA GLN C 436 -65.47 9.77 -36.85
C GLN C 436 -64.95 8.90 -35.72
N TYR C 437 -63.88 8.16 -35.98
CA TYR C 437 -63.35 7.23 -34.99
C TYR C 437 -61.90 6.88 -35.30
N THR C 438 -61.15 6.51 -34.27
CA THR C 438 -59.74 6.14 -34.44
C THR C 438 -59.61 4.97 -35.40
N SER C 439 -58.62 5.02 -36.27
CA SER C 439 -58.41 3.96 -37.26
C SER C 439 -58.23 2.61 -36.59
N ASN C 440 -59.25 1.77 -36.69
CA ASN C 440 -59.20 0.43 -36.12
C ASN C 440 -59.09 -0.67 -37.17
N GLY C 441 -58.69 -0.29 -38.39
CA GLY C 441 -58.53 -1.26 -39.46
C GLY C 441 -59.80 -2.02 -39.80
N GLY C 442 -60.93 -1.51 -39.34
CA GLY C 442 -62.21 -2.15 -39.59
C GLY C 442 -62.73 -1.98 -41.00
N TYR C 443 -63.59 -2.89 -41.42
CA TYR C 443 -64.17 -2.84 -42.76
C TYR C 443 -65.09 -1.66 -42.97
N ASN C 444 -65.71 -1.19 -41.88
CA ASN C 444 -66.62 -0.06 -41.95
C ASN C 444 -65.93 1.25 -42.34
N GLN C 445 -64.62 1.29 -42.14
CA GLN C 445 -63.81 2.46 -42.47
C GLN C 445 -63.25 2.43 -43.90
N HIS C 446 -63.58 1.38 -44.65
CA HIS C 446 -63.13 1.24 -46.03
C HIS C 446 -64.20 1.69 -47.02
N TRP C 447 -63.78 2.44 -48.04
CA TRP C 447 -64.71 3.02 -49.01
C TRP C 447 -64.17 2.95 -50.44
N LYS C 448 -64.95 2.37 -51.35
CA LYS C 448 -64.56 2.30 -52.76
C LYS C 448 -65.35 3.31 -53.58
N PHE C 449 -64.66 4.10 -54.41
CA PHE C 449 -65.32 5.11 -55.22
C PHE C 449 -65.90 4.55 -56.51
N THR C 450 -67.02 5.10 -56.94
CA THR C 450 -67.64 4.77 -58.23
C THR C 450 -67.95 6.03 -59.03
N ASP C 451 -67.42 6.13 -60.23
CA ASP C 451 -67.64 7.32 -61.06
C ASP C 451 -69.06 7.29 -61.67
N ILE C 452 -69.60 8.47 -61.94
CA ILE C 452 -70.90 8.63 -62.50
C ILE C 452 -70.84 9.25 -63.90
N GLY C 453 -69.95 10.20 -64.06
CA GLY C 453 -69.64 10.77 -65.36
C GLY C 453 -69.71 12.29 -65.37
N ASP C 454 -70.64 12.85 -64.60
CA ASP C 454 -70.86 14.29 -64.62
C ASP C 454 -70.30 14.99 -63.37
N GLY C 455 -68.99 14.82 -63.16
CA GLY C 455 -68.33 15.38 -62.00
C GLY C 455 -68.90 14.99 -60.65
N TYR C 456 -69.19 13.71 -60.47
CA TYR C 456 -69.66 13.20 -59.18
C TYR C 456 -69.44 11.71 -59.02
N TYR C 457 -69.10 11.30 -57.80
CA TYR C 457 -68.83 9.91 -57.48
C TYR C 457 -69.97 9.35 -56.65
N LYS C 458 -69.93 8.03 -56.40
CA LYS C 458 -70.83 7.41 -55.43
C LYS C 458 -70.04 6.48 -54.50
N ILE C 459 -69.67 7.00 -53.33
CA ILE C 459 -68.89 6.23 -52.36
C ILE C 459 -69.60 4.95 -51.91
N SER C 460 -68.85 3.85 -51.95
CA SER C 460 -69.34 2.54 -51.52
C SER C 460 -68.70 2.08 -50.20
N SER C 461 -69.52 1.50 -49.32
CA SER C 461 -69.02 0.99 -48.05
C SER C 461 -68.77 -0.51 -48.09
N ARG C 462 -67.65 -0.93 -47.50
CA ARG C 462 -67.17 -2.31 -47.55
C ARG C 462 -67.89 -3.22 -46.57
N HIS C 463 -68.62 -2.63 -45.63
CA HIS C 463 -69.29 -3.41 -44.59
C HIS C 463 -70.60 -4.01 -45.08
N CYS C 464 -71.46 -3.17 -45.66
CA CYS C 464 -72.79 -3.61 -46.10
C CYS C 464 -73.03 -3.32 -47.58
N GLY C 465 -72.55 -2.18 -48.05
CA GLY C 465 -72.73 -1.80 -49.44
C GLY C 465 -73.69 -0.63 -49.57
N LYS C 466 -74.17 -0.16 -48.42
CA LYS C 466 -75.01 1.02 -48.35
C LYS C 466 -74.11 2.23 -48.18
N LEU C 467 -74.53 3.38 -48.70
CA LEU C 467 -73.61 4.49 -48.88
C LEU C 467 -74.02 5.81 -48.24
N ILE C 468 -73.08 6.74 -48.21
CA ILE C 468 -73.30 8.05 -47.60
C ILE C 468 -74.49 8.78 -48.21
N ASP C 469 -75.25 9.45 -47.37
CA ASP C 469 -76.40 10.23 -47.80
C ASP C 469 -76.73 11.27 -46.74
N VAL C 470 -77.37 12.36 -47.16
CA VAL C 470 -77.83 13.35 -46.21
C VAL C 470 -79.22 12.96 -45.70
N ARG C 471 -79.26 12.50 -44.46
CA ARG C 471 -80.49 12.00 -43.83
C ARG C 471 -81.72 12.84 -44.17
N LYS C 472 -82.76 12.16 -44.67
CA LYS C 472 -84.04 12.78 -44.99
C LYS C 472 -83.95 13.90 -46.03
N TRP C 473 -82.97 13.78 -46.91
CA TRP C 473 -82.80 14.73 -48.02
C TRP C 473 -82.60 16.17 -47.59
N SER C 474 -82.28 16.37 -46.31
CA SER C 474 -82.08 17.71 -45.77
C SER C 474 -80.96 18.46 -46.48
N THR C 475 -81.07 19.79 -46.54
CA THR C 475 -80.02 20.62 -47.12
C THR C 475 -79.67 21.77 -46.18
N GLU C 476 -80.20 21.70 -44.96
CA GLU C 476 -80.01 22.75 -43.97
C GLU C 476 -78.78 22.46 -43.11
N ASP C 477 -78.05 23.52 -42.75
CA ASP C 477 -76.88 23.37 -41.89
C ASP C 477 -77.19 22.51 -40.68
N GLY C 478 -76.26 21.63 -40.32
CA GLY C 478 -76.50 20.72 -39.22
C GLY C 478 -77.09 19.40 -39.67
N GLY C 479 -76.92 19.07 -40.96
CA GLY C 479 -77.46 17.84 -41.51
C GLY C 479 -76.73 16.61 -41.02
N ILE C 480 -77.51 15.66 -40.51
CA ILE C 480 -76.97 14.41 -39.96
C ILE C 480 -76.60 13.42 -41.06
N ILE C 481 -75.30 13.19 -41.24
CA ILE C 481 -74.82 12.19 -42.18
C ILE C 481 -75.21 10.78 -41.79
N GLN C 482 -75.59 9.97 -42.79
CA GLN C 482 -76.15 8.66 -42.53
C GLN C 482 -75.71 7.68 -43.61
N GLN C 483 -76.22 6.44 -43.52
CA GLN C 483 -75.89 5.42 -44.50
C GLN C 483 -77.19 4.79 -45.02
N TRP C 484 -77.34 4.73 -46.34
CA TRP C 484 -78.56 4.22 -46.93
C TRP C 484 -78.34 3.55 -48.28
N SER C 485 -79.22 2.62 -48.61
CA SER C 485 -79.17 1.91 -49.89
C SER C 485 -79.40 2.86 -51.06
N ASP C 486 -78.44 2.88 -51.97
CA ASP C 486 -78.48 3.79 -53.12
C ASP C 486 -79.79 3.68 -53.91
N ALA C 487 -80.56 4.76 -53.88
CA ALA C 487 -81.83 4.82 -54.59
C ALA C 487 -81.72 5.77 -55.78
N GLY C 488 -80.51 6.25 -56.03
CA GLY C 488 -80.25 7.15 -57.13
C GLY C 488 -80.47 8.61 -56.78
N GLY C 489 -80.81 8.88 -55.53
CA GLY C 489 -81.04 10.23 -55.08
C GLY C 489 -79.87 11.16 -55.39
N THR C 490 -80.17 12.33 -55.93
CA THR C 490 -79.15 13.29 -56.32
C THR C 490 -78.59 14.03 -55.11
N ASN C 491 -78.63 13.36 -53.96
CA ASN C 491 -78.03 13.86 -52.73
C ASN C 491 -77.06 12.86 -52.14
N GLN C 492 -76.88 11.74 -52.84
CA GLN C 492 -75.96 10.71 -52.41
C GLN C 492 -74.67 10.69 -53.23
N HIS C 493 -74.48 11.66 -54.12
CA HIS C 493 -73.25 11.66 -54.90
C HIS C 493 -72.22 12.64 -54.33
N TRP C 494 -70.95 12.27 -54.45
CA TRP C 494 -69.84 13.05 -53.89
C TRP C 494 -68.56 13.03 -54.73
N LYS C 495 -68.18 14.16 -55.33
CA LYS C 495 -66.92 14.17 -56.07
C LYS C 495 -65.86 15.02 -55.36
N LEU C 496 -64.68 14.44 -55.21
CA LEU C 496 -63.54 15.13 -54.62
C LEU C 496 -63.21 16.45 -55.32
N VAL C 497 -62.64 17.37 -54.54
CA VAL C 497 -62.33 18.72 -55.02
C VAL C 497 -61.03 19.20 -54.40
N LEU C 498 -59.97 19.21 -55.20
CA LEU C 498 -58.66 19.69 -54.75
C LEU C 498 -58.78 21.00 -53.98
N VAL C 499 -58.10 21.07 -52.84
CA VAL C 499 -58.08 22.27 -52.01
C VAL C 499 -56.70 22.50 -51.40
N GLU D 39 29.96 -78.57 43.46
CA GLU D 39 30.51 -78.96 42.17
C GLU D 39 30.91 -77.72 41.35
N GLY D 40 31.66 -76.83 41.99
CA GLY D 40 32.16 -75.63 41.33
C GLY D 40 33.36 -75.97 40.49
N VAL D 41 33.20 -76.96 39.61
CA VAL D 41 34.27 -77.45 38.77
C VAL D 41 34.13 -77.01 37.31
N ILE D 42 35.28 -76.73 36.69
CA ILE D 42 35.34 -76.30 35.31
C ILE D 42 36.18 -77.23 34.44
N VAL D 43 35.65 -77.60 33.28
CA VAL D 43 36.36 -78.50 32.37
C VAL D 43 37.05 -77.75 31.24
N ASN D 44 38.38 -77.63 31.34
CA ASN D 44 39.18 -76.94 30.34
C ASN D 44 39.18 -77.62 28.98
N GLY D 45 39.46 -76.84 27.94
CA GLY D 45 39.51 -77.35 26.58
C GLY D 45 38.13 -77.58 25.99
N THR D 46 37.14 -76.86 26.51
CA THR D 46 35.77 -76.96 26.03
C THR D 46 35.11 -75.59 25.96
N GLN D 47 33.87 -75.56 25.49
CA GLN D 47 33.08 -74.34 25.47
C GLN D 47 32.09 -74.33 26.64
N PHE D 48 32.39 -73.49 27.64
CA PHE D 48 31.53 -73.38 28.82
C PHE D 48 30.12 -73.00 28.39
N LYS D 49 29.12 -73.49 29.12
CA LYS D 49 27.74 -73.15 28.81
C LYS D 49 27.11 -72.28 29.90
N ASP D 50 26.31 -71.31 29.48
CA ASP D 50 25.61 -70.43 30.41
C ASP D 50 24.46 -71.16 31.11
N THR D 51 23.79 -70.46 32.01
CA THR D 51 22.71 -71.05 32.79
C THR D 51 21.50 -71.44 31.95
N SER D 52 21.56 -71.14 30.65
CA SER D 52 20.46 -71.47 29.74
C SER D 52 20.79 -72.70 28.91
N GLY D 53 22.00 -73.23 29.08
CA GLY D 53 22.43 -74.41 28.36
C GLY D 53 23.00 -74.06 27.00
N ASN D 54 23.19 -72.77 26.75
CA ASN D 54 23.75 -72.29 25.50
C ASN D 54 25.24 -72.00 25.60
N VAL D 55 25.94 -72.18 24.48
CA VAL D 55 27.38 -71.95 24.42
C VAL D 55 27.74 -70.49 24.71
N ILE D 56 28.66 -70.30 25.67
CA ILE D 56 29.13 -68.96 26.02
C ILE D 56 30.06 -68.41 24.95
N HIS D 57 29.67 -67.29 24.35
CA HIS D 57 30.47 -66.65 23.31
C HIS D 57 31.16 -65.39 23.81
N ALA D 58 32.26 -65.55 24.53
CA ALA D 58 33.03 -64.43 25.04
C ALA D 58 34.53 -64.68 24.84
N HIS D 59 34.98 -64.63 23.59
CA HIS D 59 36.35 -64.97 23.28
C HIS D 59 37.28 -63.76 23.40
N GLY D 60 38.54 -64.02 23.72
CA GLY D 60 39.53 -62.98 23.90
C GLY D 60 39.06 -61.89 24.84
N GLY D 61 38.23 -62.26 25.82
CA GLY D 61 37.64 -61.29 26.72
C GLY D 61 38.34 -61.13 28.06
N GLY D 62 37.74 -60.35 28.94
CA GLY D 62 38.26 -60.15 30.27
C GLY D 62 37.18 -60.30 31.33
N MET D 63 37.54 -60.03 32.58
CA MET D 63 36.60 -60.18 33.68
C MET D 63 36.70 -59.02 34.68
N LEU D 64 35.56 -58.64 35.24
CA LEU D 64 35.51 -57.52 36.18
C LEU D 64 34.80 -57.96 37.46
N LYS D 65 35.35 -57.54 38.60
CA LYS D 65 34.74 -57.83 39.89
C LYS D 65 34.12 -56.57 40.47
N HIS D 66 32.80 -56.48 40.41
CA HIS D 66 32.08 -55.33 40.93
C HIS D 66 30.89 -55.75 41.79
N GLY D 67 30.97 -55.46 43.08
CA GLY D 67 29.93 -55.85 44.02
C GLY D 67 29.94 -57.33 44.34
N ASP D 68 28.78 -57.96 44.24
CA ASP D 68 28.65 -59.37 44.56
C ASP D 68 28.76 -60.24 43.30
N TYR D 69 29.05 -59.59 42.18
CA TYR D 69 29.07 -60.27 40.89
C TYR D 69 30.39 -60.18 40.14
N TYR D 70 30.73 -61.28 39.46
CA TYR D 70 31.84 -61.28 38.51
C TYR D 70 31.27 -61.12 37.11
N TYR D 71 31.78 -60.15 36.37
CA TYR D 71 31.29 -59.90 35.01
C TYR D 71 32.30 -60.30 33.94
N TRP D 72 31.87 -61.21 33.06
CA TRP D 72 32.72 -61.73 32.02
C TRP D 72 32.36 -61.17 30.64
N TYR D 73 33.29 -60.41 30.06
CA TYR D 73 33.07 -59.82 28.73
C TYR D 73 33.92 -60.55 27.68
N GLY D 74 33.56 -60.39 26.42
CA GLY D 74 34.30 -61.02 25.33
C GLY D 74 33.69 -60.76 23.97
N GLU D 75 34.49 -60.93 22.91
CA GLU D 75 34.02 -60.68 21.55
C GLU D 75 33.07 -61.78 21.07
N TYR D 76 32.42 -61.52 19.95
CA TYR D 76 31.42 -62.42 19.40
C TYR D 76 31.24 -62.05 17.93
N ARG D 77 31.54 -62.99 17.02
CA ARG D 77 31.54 -62.67 15.60
C ARG D 77 30.37 -63.31 14.84
N ASP D 78 30.12 -62.83 13.63
CA ASP D 78 29.01 -63.31 12.82
C ASP D 78 29.43 -64.24 11.68
N ASP D 79 28.63 -64.23 10.61
CA ASP D 79 28.85 -65.06 9.43
C ASP D 79 30.14 -64.68 8.69
N SER D 80 30.27 -63.40 8.37
CA SER D 80 31.45 -62.91 7.66
C SER D 80 32.66 -62.81 8.58
N ASN D 81 32.56 -63.43 9.75
CA ASN D 81 33.64 -63.40 10.74
C ASN D 81 33.93 -61.99 11.22
N LEU D 82 32.96 -61.10 11.00
CA LEU D 82 33.09 -59.71 11.43
C LEU D 82 32.57 -59.51 12.85
N PHE D 83 32.83 -58.34 13.41
CA PHE D 83 32.38 -58.02 14.75
C PHE D 83 30.86 -58.03 14.85
N LEU D 84 30.33 -58.81 15.78
CA LEU D 84 28.89 -58.89 15.99
C LEU D 84 28.46 -58.25 17.29
N GLY D 85 29.26 -58.41 18.33
CA GLY D 85 28.96 -57.81 19.62
C GLY D 85 29.88 -58.25 20.74
N VAL D 86 29.94 -57.45 21.80
CA VAL D 86 30.70 -57.81 22.99
C VAL D 86 29.75 -58.34 24.04
N SER D 87 29.81 -59.64 24.29
CA SER D 87 28.88 -60.31 25.20
C SER D 87 29.23 -60.10 26.67
N CYS D 88 28.23 -60.20 27.53
CA CYS D 88 28.43 -60.04 28.96
C CYS D 88 27.79 -61.18 29.74
N TYR D 89 28.59 -61.83 30.58
CA TYR D 89 28.10 -62.92 31.42
C TYR D 89 28.37 -62.61 32.89
N ARG D 90 27.38 -62.89 33.73
CA ARG D 90 27.46 -62.58 35.15
C ARG D 90 27.46 -63.84 36.00
N SER D 91 28.20 -63.81 37.10
CA SER D 91 28.26 -64.97 38.00
C SER D 91 28.82 -64.61 39.37
N LYS D 92 28.46 -65.40 40.37
CA LYS D 92 28.95 -65.21 41.73
C LYS D 92 29.99 -66.26 42.09
N ASP D 93 29.93 -67.41 41.43
CA ASP D 93 30.81 -68.53 41.74
C ASP D 93 31.85 -68.79 40.66
N LEU D 94 31.81 -68.00 39.59
CA LEU D 94 32.74 -68.14 38.48
C LEU D 94 32.55 -69.42 37.68
N VAL D 95 31.51 -70.18 38.01
CA VAL D 95 31.21 -71.43 37.31
C VAL D 95 29.90 -71.34 36.53
N ASN D 96 28.85 -70.92 37.22
CA ASN D 96 27.53 -70.76 36.59
C ASN D 96 27.32 -69.35 36.07
N TRP D 97 27.44 -69.18 34.76
CA TRP D 97 27.36 -67.86 34.16
C TRP D 97 25.97 -67.58 33.59
N GLU D 98 25.39 -66.46 33.98
CA GLU D 98 24.09 -66.06 33.46
C GLU D 98 24.31 -65.04 32.35
N TYR D 99 23.75 -65.33 31.18
CA TYR D 99 23.90 -64.47 30.01
C TYR D 99 23.12 -63.16 30.18
N ARG D 100 23.81 -62.04 30.14
CA ARG D 100 23.18 -60.73 30.34
C ARG D 100 22.80 -60.05 29.02
N GLY D 101 23.55 -60.32 27.96
CA GLY D 101 23.27 -59.73 26.66
C GLY D 101 24.48 -59.06 26.04
N GLU D 102 24.27 -58.35 24.95
CA GLU D 102 25.35 -57.66 24.27
C GLU D 102 25.49 -56.23 24.75
N VAL D 103 26.49 -55.98 25.59
CA VAL D 103 26.75 -54.65 26.12
C VAL D 103 27.20 -53.70 25.02
N LEU D 104 27.67 -54.27 23.92
CA LEU D 104 28.07 -53.52 22.74
C LEU D 104 27.80 -54.34 21.49
N SER D 105 27.33 -53.70 20.42
CA SER D 105 27.00 -54.42 19.20
C SER D 105 27.42 -53.67 17.95
N ARG D 106 27.25 -54.31 16.81
CA ARG D 106 27.59 -53.71 15.52
C ARG D 106 26.66 -52.54 15.22
N ASN D 107 25.62 -52.40 16.05
CA ASN D 107 24.65 -51.33 15.89
C ASN D 107 24.86 -50.20 16.88
N SER D 108 25.90 -50.32 17.71
CA SER D 108 26.20 -49.31 18.72
C SER D 108 26.75 -48.03 18.08
N ALA D 109 27.30 -48.18 16.88
CA ALA D 109 27.87 -47.06 16.15
C ALA D 109 28.06 -47.39 14.67
N PRO D 110 27.96 -46.38 13.80
CA PRO D 110 28.09 -46.55 12.36
C PRO D 110 29.39 -47.26 11.97
N GLU D 111 30.49 -46.88 12.59
CA GLU D 111 31.79 -47.47 12.26
C GLU D 111 31.95 -48.87 12.81
N LEU D 112 30.88 -49.38 13.44
CA LEU D 112 30.88 -50.73 13.98
C LEU D 112 30.01 -51.67 13.13
N ASN D 113 29.27 -51.11 12.20
CA ASN D 113 28.40 -51.88 11.32
C ASN D 113 29.18 -52.99 10.59
N HIS D 114 30.38 -52.66 10.16
CA HIS D 114 31.20 -53.61 9.40
C HIS D 114 32.67 -53.42 9.80
N CYS D 115 33.12 -54.19 10.77
CA CYS D 115 34.47 -54.02 11.28
C CYS D 115 34.97 -55.22 12.08
N ASN D 116 36.11 -55.06 12.73
CA ASN D 116 36.68 -56.08 13.59
C ASN D 116 36.99 -55.54 14.98
N ILE D 117 36.31 -56.10 15.98
CA ILE D 117 36.58 -55.78 17.38
C ILE D 117 37.07 -57.04 18.08
N GLU D 118 38.22 -56.94 18.74
CA GLU D 118 38.76 -58.10 19.42
C GLU D 118 39.50 -57.73 20.71
N ARG D 119 39.42 -58.62 21.70
CA ARG D 119 40.05 -58.41 23.01
C ARG D 119 39.53 -57.18 23.75
N PRO D 120 38.21 -57.11 23.95
CA PRO D 120 37.60 -56.01 24.71
C PRO D 120 37.74 -56.25 26.21
N LYS D 121 38.18 -55.22 26.93
CA LYS D 121 38.36 -55.29 28.37
C LYS D 121 37.56 -54.18 29.06
N VAL D 122 37.04 -54.49 30.24
CA VAL D 122 36.25 -53.53 31.01
C VAL D 122 36.90 -53.18 32.34
N MET D 123 37.00 -51.88 32.62
CA MET D 123 37.61 -51.41 33.87
C MET D 123 36.67 -50.46 34.59
N TYR D 124 36.65 -50.52 35.91
CA TYR D 124 35.77 -49.67 36.70
C TYR D 124 36.49 -48.45 37.28
N ASN D 125 35.86 -47.28 37.13
CA ASN D 125 36.43 -46.06 37.67
C ASN D 125 35.75 -45.66 38.98
N ALA D 126 36.50 -45.73 40.07
CA ALA D 126 35.95 -45.48 41.40
C ALA D 126 35.47 -44.04 41.59
N SER D 127 36.21 -43.09 41.03
CA SER D 127 35.91 -41.68 41.22
C SER D 127 34.67 -41.22 40.43
N THR D 128 34.57 -41.67 39.18
CA THR D 128 33.46 -41.26 38.32
C THR D 128 32.26 -42.18 38.47
N GLY D 129 32.50 -43.40 38.92
CA GLY D 129 31.43 -44.36 39.16
C GLY D 129 30.91 -44.99 37.88
N GLU D 130 31.58 -44.73 36.76
CA GLU D 130 31.16 -45.29 35.48
C GLU D 130 32.16 -46.35 35.00
N PHE D 131 31.69 -47.25 34.14
CA PHE D 131 32.52 -48.31 33.61
C PHE D 131 33.09 -47.92 32.25
N VAL D 132 34.39 -48.12 32.07
CA VAL D 132 35.03 -47.80 30.80
C VAL D 132 35.53 -49.07 30.11
N MET D 133 35.29 -49.15 28.81
CA MET D 133 35.62 -50.34 28.03
C MET D 133 36.58 -50.02 26.88
N TRP D 134 37.75 -50.64 26.88
CA TRP D 134 38.72 -50.48 25.82
C TRP D 134 38.80 -51.73 24.96
N MET D 135 39.17 -51.56 23.69
CA MET D 135 39.21 -52.69 22.76
C MET D 135 40.07 -52.41 21.53
N HIS D 136 40.28 -53.43 20.72
CA HIS D 136 41.05 -53.31 19.49
C HIS D 136 40.12 -53.22 18.27
N TRP D 137 40.32 -52.18 17.44
CA TRP D 137 39.42 -51.94 16.32
C TRP D 137 40.12 -52.04 14.96
N GLU D 138 39.46 -52.69 14.01
CA GLU D 138 39.94 -52.76 12.64
C GLU D 138 38.76 -52.53 11.69
N ASN D 139 39.04 -52.03 10.49
CA ASN D 139 37.98 -51.63 9.57
C ASN D 139 37.15 -52.78 8.99
N GLY D 140 37.63 -54.01 9.15
CA GLY D 140 36.88 -55.17 8.71
C GLY D 140 37.39 -55.77 7.41
N ILE D 141 38.20 -55.01 6.69
CA ILE D 141 38.76 -55.50 5.43
C ILE D 141 40.27 -55.75 5.57
N ASN D 142 40.91 -55.03 6.48
CA ASN D 142 42.34 -55.21 6.72
C ASN D 142 42.75 -54.79 8.13
N TYR D 143 44.03 -54.99 8.44
CA TYR D 143 44.57 -54.64 9.76
C TYR D 143 45.52 -53.46 9.64
N GLY D 144 45.20 -52.53 8.75
CA GLY D 144 46.05 -51.38 8.50
C GLY D 144 45.81 -50.27 9.50
N GLN D 145 44.60 -50.21 10.04
CA GLN D 145 44.22 -49.15 10.96
C GLN D 145 44.85 -49.30 12.34
N ALA D 146 44.72 -50.49 12.92
CA ALA D 146 45.29 -50.76 14.24
C ALA D 146 44.92 -49.64 15.21
N ARG D 147 43.64 -49.56 15.56
CA ARG D 147 43.16 -48.51 16.44
C ARG D 147 42.74 -49.06 17.80
N ALA D 148 42.54 -48.15 18.74
CA ALA D 148 41.97 -48.48 20.03
C ALA D 148 40.59 -47.84 20.16
N ALA D 149 39.61 -48.61 20.61
CA ALA D 149 38.25 -48.09 20.71
C ALA D 149 37.82 -47.96 22.17
N VAL D 150 37.06 -46.91 22.47
CA VAL D 150 36.62 -46.63 23.84
C VAL D 150 35.11 -46.59 23.94
N ALA D 151 34.59 -47.08 25.06
CA ALA D 151 33.15 -47.05 25.33
C ALA D 151 32.91 -47.00 26.82
N TYR D 152 31.81 -46.39 27.24
CA TYR D 152 31.51 -46.27 28.67
C TYR D 152 30.04 -46.54 28.96
N SER D 153 29.75 -46.81 30.24
CA SER D 153 28.40 -47.11 30.68
C SER D 153 28.23 -46.77 32.14
N LYS D 154 26.98 -46.59 32.56
CA LYS D 154 26.69 -46.33 33.97
C LYS D 154 26.45 -47.63 34.71
N THR D 155 26.26 -48.70 33.93
CA THR D 155 26.03 -50.03 34.49
C THR D 155 27.03 -51.02 33.91
N PRO D 156 27.35 -52.08 34.67
CA PRO D 156 28.30 -53.11 34.24
C PRO D 156 27.72 -54.01 33.16
N ASP D 157 26.43 -54.33 33.26
CA ASP D 157 25.79 -55.24 32.32
C ASP D 157 24.74 -54.54 31.45
N GLY D 158 24.90 -53.24 31.26
CA GLY D 158 23.97 -52.47 30.44
C GLY D 158 24.54 -52.09 29.09
N LYS D 159 23.71 -51.46 28.27
CA LYS D 159 24.11 -51.00 26.95
C LYS D 159 25.16 -49.90 27.04
N PHE D 160 26.38 -50.19 26.58
CA PHE D 160 27.44 -49.20 26.56
C PHE D 160 27.24 -48.20 25.43
N THR D 161 27.68 -46.97 25.63
CA THR D 161 27.63 -45.95 24.59
C THR D 161 29.01 -45.78 23.96
N TYR D 162 29.10 -46.07 22.66
CA TYR D 162 30.37 -46.01 21.96
C TYR D 162 30.89 -44.58 21.88
N ILE D 163 32.21 -44.42 22.06
CA ILE D 163 32.84 -43.10 21.96
C ILE D 163 33.53 -42.88 20.63
N ARG D 164 34.68 -43.52 20.44
CA ARG D 164 35.49 -43.32 19.25
C ARG D 164 36.60 -44.35 19.12
N SER D 165 37.21 -44.41 17.93
CA SER D 165 38.39 -45.23 17.71
C SER D 165 39.53 -44.34 17.23
N PHE D 166 40.75 -44.59 17.70
CA PHE D 166 41.88 -43.74 17.38
C PHE D 166 43.22 -44.43 17.58
N ARG D 167 44.26 -43.91 16.93
CA ARG D 167 45.62 -44.36 17.18
C ARG D 167 46.27 -43.44 18.20
N PRO D 168 46.70 -44.01 19.33
CA PRO D 168 47.25 -43.25 20.46
C PRO D 168 48.31 -42.23 20.02
N MET D 169 48.28 -41.04 20.63
CA MET D 169 49.28 -40.02 20.40
C MET D 169 49.36 -39.63 18.92
N GLN D 170 48.21 -39.51 18.27
CA GLN D 170 48.17 -39.18 16.84
C GLN D 170 48.38 -37.69 16.60
N ASP D 171 48.14 -36.89 17.63
CA ASP D 171 48.24 -35.44 17.52
C ASP D 171 49.60 -34.91 17.94
N THR D 172 50.53 -35.82 18.23
CA THR D 172 51.86 -35.45 18.66
C THR D 172 52.82 -35.37 17.49
N GLY D 173 52.33 -35.70 16.30
CA GLY D 173 53.14 -35.69 15.10
C GLY D 173 53.78 -37.05 14.87
N VAL D 174 53.60 -37.96 15.82
CA VAL D 174 54.16 -39.29 15.72
C VAL D 174 53.59 -40.07 14.53
N MET D 175 54.47 -40.77 13.82
CA MET D 175 54.06 -41.59 12.69
C MET D 175 54.48 -43.04 12.93
N ASP D 176 53.59 -43.98 12.64
CA ASP D 176 53.88 -45.40 12.80
C ASP D 176 53.48 -46.18 11.56
N HIS D 177 54.43 -46.33 10.64
CA HIS D 177 54.21 -47.07 9.39
C HIS D 177 53.18 -46.44 8.46
N GLY D 178 53.35 -45.15 8.20
CA GLY D 178 52.55 -44.44 7.21
C GLY D 178 51.29 -43.77 7.71
N LEU D 179 50.98 -43.98 8.99
CA LEU D 179 49.79 -43.39 9.59
C LEU D 179 50.11 -42.66 10.89
N PRO D 180 49.44 -41.52 11.11
CA PRO D 180 49.62 -40.71 12.32
C PRO D 180 49.25 -41.47 13.59
N GLY D 181 50.16 -41.48 14.55
CA GLY D 181 49.93 -42.14 15.83
C GLY D 181 50.42 -43.58 15.86
N TYR D 182 50.72 -44.05 17.06
CA TYR D 182 51.18 -45.42 17.26
C TYR D 182 50.12 -46.44 16.85
N MET D 183 50.57 -47.60 16.39
CA MET D 183 49.67 -48.70 16.07
C MET D 183 49.15 -49.34 17.35
N SER D 184 47.95 -49.89 17.29
CA SER D 184 47.36 -50.54 18.46
C SER D 184 46.62 -51.82 18.08
N ARG D 185 47.21 -52.96 18.42
CA ARG D 185 46.62 -54.26 18.14
C ARG D 185 46.12 -54.88 19.43
N ASP D 186 46.69 -56.03 19.80
CA ASP D 186 46.36 -56.71 21.04
C ASP D 186 46.48 -55.73 22.20
N CYS D 187 45.49 -55.74 23.09
CA CYS D 187 45.43 -54.76 24.16
C CYS D 187 44.94 -55.32 25.49
N ASN D 188 44.97 -54.49 26.52
CA ASN D 188 44.47 -54.84 27.85
C ASN D 188 44.44 -53.62 28.75
N VAL D 189 43.73 -53.72 29.88
CA VAL D 189 43.60 -52.61 30.80
C VAL D 189 44.10 -52.97 32.19
N PHE D 190 44.55 -51.97 32.93
CA PHE D 190 45.08 -52.19 34.27
C PHE D 190 44.85 -50.99 35.19
N VAL D 191 44.21 -51.25 36.33
CA VAL D 191 43.99 -50.20 37.32
C VAL D 191 44.96 -50.36 38.49
N ASP D 192 45.87 -49.40 38.63
CA ASP D 192 46.86 -49.46 39.69
C ASP D 192 46.23 -49.15 41.04
N THR D 193 47.00 -49.32 42.11
CA THR D 193 46.48 -49.10 43.46
C THR D 193 46.28 -47.62 43.79
N ASP D 194 46.87 -46.75 42.98
CA ASP D 194 46.77 -45.32 43.22
C ASP D 194 45.64 -44.67 42.42
N GLY D 195 44.79 -45.50 41.85
CA GLY D 195 43.65 -45.02 41.09
C GLY D 195 43.97 -44.72 39.64
N LYS D 196 45.25 -44.77 39.30
CA LYS D 196 45.67 -44.53 37.93
C LYS D 196 45.19 -45.65 37.01
N GLY D 197 44.70 -45.25 35.84
CA GLY D 197 44.27 -46.20 34.83
C GLY D 197 45.30 -46.34 33.72
N TYR D 198 45.46 -47.55 33.21
CA TYR D 198 46.47 -47.79 32.19
C TYR D 198 45.91 -48.64 31.04
N PHE D 199 46.37 -48.34 29.83
CA PHE D 199 46.01 -49.11 28.65
C PHE D 199 47.25 -49.56 27.90
N ILE D 200 47.38 -50.87 27.72
CA ILE D 200 48.55 -51.43 27.05
C ILE D 200 48.19 -52.12 25.74
N SER D 201 48.97 -51.86 24.70
CA SER D 201 48.73 -52.46 23.40
C SER D 201 50.02 -52.66 22.62
N ALA D 202 49.96 -53.54 21.61
CA ALA D 202 51.11 -53.82 20.76
C ALA D 202 51.24 -52.79 19.64
N ALA D 203 52.37 -52.09 19.63
CA ALA D 203 52.61 -51.07 18.62
C ALA D 203 53.80 -51.41 17.74
N ASN D 204 54.19 -50.48 16.88
CA ASN D 204 55.32 -50.67 15.98
C ASN D 204 55.27 -52.03 15.29
N GLU D 205 54.20 -52.26 14.52
CA GLU D 205 54.03 -53.50 13.78
C GLU D 205 54.13 -54.70 14.71
N ASN D 206 53.51 -54.59 15.88
CA ASN D 206 53.47 -55.67 16.87
C ASN D 206 54.82 -56.01 17.50
N MET D 207 55.85 -55.23 17.18
CA MET D 207 57.19 -55.49 17.69
C MET D 207 57.35 -55.03 19.14
N ASP D 208 56.72 -53.91 19.49
CA ASP D 208 56.87 -53.34 20.82
C ASP D 208 55.55 -53.31 21.58
N LEU D 209 55.63 -53.08 22.90
CA LEU D 209 54.45 -52.93 23.73
C LEU D 209 54.42 -51.56 24.39
N HIS D 210 53.37 -50.79 24.09
CA HIS D 210 53.22 -49.46 24.66
C HIS D 210 52.26 -49.47 25.85
N LEU D 211 52.70 -48.87 26.95
CA LEU D 211 51.85 -48.70 28.13
C LEU D 211 51.41 -47.25 28.22
N TYR D 212 50.11 -47.03 28.09
CA TYR D 212 49.57 -45.68 28.09
C TYR D 212 48.90 -45.35 29.42
N GLU D 213 49.06 -44.12 29.87
CA GLU D 213 48.40 -43.64 31.08
C GLU D 213 47.09 -42.94 30.72
N LEU D 214 45.98 -43.52 31.15
CA LEU D 214 44.66 -42.97 30.83
C LEU D 214 44.38 -41.71 31.62
N THR D 215 43.54 -40.85 31.07
CA THR D 215 43.06 -39.67 31.76
C THR D 215 42.28 -40.10 33.01
N PRO D 216 42.09 -39.18 33.97
CA PRO D 216 41.42 -39.49 35.23
C PRO D 216 40.12 -40.29 35.05
N ASP D 217 39.40 -40.07 33.96
CA ASP D 217 38.12 -40.75 33.76
C ASP D 217 38.26 -42.07 33.00
N TYR D 218 39.49 -42.47 32.73
CA TYR D 218 39.79 -43.73 32.05
C TYR D 218 39.33 -43.75 30.59
N LYS D 219 38.68 -42.68 30.14
CA LYS D 219 38.08 -42.67 28.80
C LYS D 219 38.97 -42.12 27.69
N ASN D 220 40.22 -41.77 28.03
CA ASN D 220 41.13 -41.22 27.03
C ASN D 220 42.60 -41.40 27.42
N ILE D 221 43.47 -41.55 26.42
CA ILE D 221 44.89 -41.68 26.68
C ILE D 221 45.52 -40.32 26.93
N ALA D 222 46.23 -40.21 28.06
CA ALA D 222 46.81 -38.93 28.46
C ALA D 222 48.28 -38.82 28.04
N SER D 223 49.03 -39.89 28.22
CA SER D 223 50.45 -39.89 27.90
C SER D 223 51.01 -41.31 27.77
N LEU D 224 52.23 -41.41 27.25
CA LEU D 224 52.92 -42.68 27.10
C LEU D 224 53.76 -42.99 28.33
N LYS D 225 53.28 -43.90 29.17
CA LYS D 225 53.98 -44.24 30.40
C LYS D 225 55.38 -44.77 30.12
N ALA D 226 55.49 -45.75 29.23
CA ALA D 226 56.78 -46.33 28.88
C ALA D 226 56.67 -47.32 27.73
N LYS D 227 57.80 -47.55 27.06
CA LYS D 227 57.90 -48.58 26.04
C LYS D 227 58.55 -49.81 26.65
N LEU D 228 57.90 -50.96 26.53
CA LEU D 228 58.34 -52.18 27.18
C LEU D 228 58.63 -53.32 26.20
N PHE D 229 59.75 -54.00 26.42
CA PHE D 229 60.14 -55.14 25.59
C PHE D 229 60.16 -54.82 24.10
N VAL D 230 60.97 -53.82 23.73
CA VAL D 230 61.09 -53.42 22.34
C VAL D 230 61.80 -54.47 21.49
N GLY D 231 61.22 -54.78 20.34
CA GLY D 231 61.82 -55.70 19.40
C GLY D 231 61.61 -57.17 19.73
N GLN D 232 61.04 -57.43 20.91
CA GLN D 232 60.82 -58.80 21.36
C GLN D 232 59.50 -59.40 20.86
N GLN D 233 58.67 -58.55 20.25
CA GLN D 233 57.44 -59.00 19.61
C GLN D 233 56.54 -59.86 20.50
N ARG D 234 56.10 -59.27 21.61
CA ARG D 234 55.21 -59.96 22.55
C ARG D 234 53.75 -59.53 22.33
N GLU D 235 52.83 -60.50 22.41
CA GLU D 235 51.42 -60.23 22.16
C GLU D 235 50.53 -60.66 23.33
N ALA D 236 49.23 -60.43 23.18
CA ALA D 236 48.25 -60.79 24.21
C ALA D 236 48.74 -60.46 25.61
N PRO D 237 49.01 -59.16 25.86
CA PRO D 237 49.56 -58.72 27.15
C PRO D 237 48.54 -58.76 28.27
N CYS D 238 49.00 -59.14 29.46
CA CYS D 238 48.15 -59.17 30.64
C CYS D 238 48.88 -58.54 31.82
N LEU D 239 48.47 -57.33 32.18
CA LEU D 239 49.15 -56.59 33.24
C LEU D 239 48.42 -56.71 34.56
N ILE D 240 49.12 -57.19 35.59
CA ILE D 240 48.54 -57.35 36.93
C ILE D 240 49.49 -56.88 38.02
N LYS D 241 49.06 -57.05 39.27
CA LYS D 241 49.88 -56.64 40.43
C LYS D 241 49.55 -57.47 41.67
N ARG D 242 50.58 -57.84 42.42
CA ARG D 242 50.40 -58.70 43.59
C ARG D 242 50.83 -58.02 44.90
N ASN D 243 52.11 -58.13 45.24
CA ASN D 243 52.61 -57.56 46.48
C ASN D 243 53.65 -56.47 46.23
N GLY D 244 53.23 -55.40 45.56
CA GLY D 244 54.14 -54.32 45.23
C GLY D 244 54.91 -54.62 43.96
N TYR D 245 54.63 -55.77 43.37
CA TYR D 245 55.27 -56.18 42.12
C TYR D 245 54.27 -56.18 40.98
N TYR D 246 54.69 -55.63 39.84
CA TYR D 246 53.87 -55.69 38.63
C TYR D 246 54.27 -56.90 37.81
N TYR D 247 53.29 -57.58 37.21
CA TYR D 247 53.55 -58.76 36.42
C TYR D 247 52.96 -58.66 35.03
N LEU D 248 53.75 -58.99 34.01
CA LEU D 248 53.32 -58.92 32.62
C LEU D 248 53.40 -60.26 31.91
N ILE D 249 52.26 -60.94 31.82
CA ILE D 249 52.18 -62.21 31.10
C ILE D 249 51.86 -61.97 29.63
N THR D 250 52.72 -62.46 28.75
CA THR D 250 52.55 -62.27 27.31
C THR D 250 52.68 -63.57 26.53
N SER D 251 52.42 -63.50 25.23
CA SER D 251 52.58 -64.65 24.36
C SER D 251 53.43 -64.27 23.15
N GLY D 252 53.63 -65.21 22.24
CA GLY D 252 54.38 -64.95 21.04
C GLY D 252 53.45 -64.53 19.91
N CYS D 253 54.03 -64.00 18.84
CA CYS D 253 53.23 -63.56 17.70
C CYS D 253 53.29 -64.62 16.60
N THR D 254 52.41 -65.63 16.71
CA THR D 254 52.38 -66.71 15.74
C THR D 254 50.97 -67.08 15.31
N GLY D 255 50.14 -66.07 15.06
CA GLY D 255 48.78 -66.28 14.59
C GLY D 255 47.91 -67.08 15.53
N TRP D 256 47.09 -67.97 14.97
CA TRP D 256 46.21 -68.81 15.78
C TRP D 256 47.01 -69.82 16.59
N ASN D 257 48.06 -70.35 15.98
CA ASN D 257 48.89 -71.38 16.60
C ASN D 257 49.44 -70.96 17.96
N PRO D 258 49.13 -71.74 19.00
CA PRO D 258 49.59 -71.47 20.36
C PRO D 258 51.10 -71.50 20.46
N ASN D 259 51.67 -70.70 21.36
CA ASN D 259 53.11 -70.65 21.54
C ASN D 259 53.51 -70.65 23.01
N GLN D 260 54.77 -70.30 23.28
CA GLN D 260 55.26 -70.27 24.66
C GLN D 260 54.93 -68.94 25.34
N ALA D 261 54.12 -69.01 26.39
CA ALA D 261 53.80 -67.82 27.16
C ALA D 261 54.92 -67.51 28.15
N LYS D 262 55.27 -66.23 28.26
CA LYS D 262 56.32 -65.81 29.18
C LYS D 262 55.81 -64.74 30.12
N TYR D 263 56.61 -64.42 31.14
CA TYR D 263 56.23 -63.41 32.11
C TYR D 263 57.44 -62.62 32.58
N ALA D 264 57.19 -61.44 33.14
CA ALA D 264 58.24 -60.60 33.69
C ALA D 264 57.68 -59.79 34.85
N TYR D 265 58.56 -59.31 35.72
CA TYR D 265 58.14 -58.55 36.88
C TYR D 265 58.92 -57.25 37.04
N SER D 266 58.39 -56.34 37.85
CA SER D 266 59.05 -55.07 38.10
C SER D 266 58.42 -54.34 39.29
N LYS D 267 59.22 -53.52 39.97
CA LYS D 267 58.74 -52.76 41.10
C LYS D 267 58.01 -51.51 40.62
N ASP D 268 58.37 -51.04 39.42
CA ASP D 268 57.74 -49.88 38.82
C ASP D 268 57.26 -50.18 37.40
N LEU D 269 56.25 -49.45 36.94
CA LEU D 269 55.72 -49.64 35.60
C LEU D 269 56.61 -49.00 34.53
N ALA D 270 57.16 -47.84 34.84
CA ALA D 270 57.99 -47.10 33.89
C ALA D 270 59.25 -47.86 33.49
N SER D 271 59.93 -48.45 34.46
CA SER D 271 61.17 -49.16 34.21
C SER D 271 61.47 -50.19 35.31
N GLY D 272 62.59 -50.88 35.18
CA GLY D 272 63.01 -51.86 36.18
C GLY D 272 62.45 -53.24 35.91
N TRP D 273 62.06 -53.48 34.66
CA TRP D 273 61.48 -54.76 34.27
C TRP D 273 62.52 -55.86 34.11
N SER D 274 62.19 -57.05 34.60
CA SER D 274 63.09 -58.21 34.52
C SER D 274 63.04 -58.82 33.13
N GLN D 275 63.76 -59.91 32.93
CA GLN D 275 63.75 -60.59 31.63
C GLN D 275 62.50 -61.45 31.47
N LEU D 276 62.38 -62.07 30.31
CA LEU D 276 61.24 -62.92 30.01
C LEU D 276 61.52 -64.33 30.52
N TYR D 277 60.64 -64.83 31.38
CA TYR D 277 60.76 -66.18 31.89
C TYR D 277 59.62 -67.04 31.36
N ASN D 278 59.93 -68.26 30.96
CA ASN D 278 58.92 -69.17 30.44
C ASN D 278 57.80 -69.39 31.45
N LEU D 279 56.60 -69.68 30.94
CA LEU D 279 55.42 -69.83 31.78
C LEU D 279 54.46 -70.81 31.13
N GLY D 280 54.39 -72.03 31.67
CA GLY D 280 53.63 -73.10 31.05
C GLY D 280 54.51 -73.86 30.09
N ASN D 281 53.91 -74.70 29.25
CA ASN D 281 54.68 -75.43 28.25
C ASN D 281 54.85 -74.62 26.97
N SER D 282 55.49 -75.23 25.97
CA SER D 282 55.81 -74.54 24.72
C SER D 282 54.54 -74.14 23.96
N THR D 283 53.39 -74.59 24.45
CA THR D 283 52.12 -74.32 23.78
C THR D 283 51.14 -73.64 24.71
N THR D 284 51.61 -73.28 25.91
CA THR D 284 50.74 -72.73 26.94
C THR D 284 49.49 -73.60 27.08
N TYR D 285 49.68 -74.91 26.95
CA TYR D 285 48.58 -75.86 27.05
C TYR D 285 47.51 -75.55 26.01
N ARG D 286 47.94 -75.32 24.78
CA ARG D 286 47.05 -75.00 23.68
C ARG D 286 46.09 -73.87 24.01
N SER D 287 46.65 -72.71 24.33
CA SER D 287 45.85 -71.53 24.64
C SER D 287 46.68 -70.27 24.52
N GLN D 288 46.00 -69.12 24.48
CA GLN D 288 46.67 -67.84 24.43
C GLN D 288 46.12 -66.94 25.53
N PRO D 289 47.01 -66.34 26.33
CA PRO D 289 46.64 -65.46 27.44
C PRO D 289 45.67 -64.37 26.99
N THR D 290 44.65 -64.09 27.80
CA THR D 290 43.70 -63.04 27.46
C THR D 290 43.47 -62.09 28.64
N PHE D 291 43.51 -62.63 29.85
CA PHE D 291 43.30 -61.81 31.04
C PHE D 291 43.56 -62.62 32.32
N ILE D 292 44.13 -61.96 33.33
CA ILE D 292 44.37 -62.58 34.62
C ILE D 292 43.76 -61.75 35.75
N ILE D 293 42.86 -62.35 36.51
CA ILE D 293 42.14 -61.64 37.57
C ILE D 293 42.27 -62.31 38.93
N PRO D 294 42.64 -61.53 39.95
CA PRO D 294 42.76 -62.02 41.33
C PRO D 294 41.38 -62.32 41.91
N VAL D 295 41.23 -63.55 42.41
CA VAL D 295 39.98 -64.00 43.01
C VAL D 295 40.09 -64.05 44.52
N GLN D 296 39.65 -62.99 45.19
CA GLN D 296 39.76 -62.90 46.64
C GLN D 296 38.55 -63.49 47.35
N GLY D 297 38.83 -64.23 48.42
CA GLY D 297 37.78 -64.85 49.22
C GLY D 297 38.11 -64.78 50.70
N SER D 298 37.48 -65.64 51.49
CA SER D 298 37.69 -65.67 52.94
C SER D 298 39.10 -66.18 53.28
N SER D 299 39.48 -67.30 52.67
CA SER D 299 40.78 -67.91 52.93
C SER D 299 41.94 -67.05 52.43
N GLY D 300 41.90 -66.69 51.15
CA GLY D 300 42.95 -65.87 50.56
C GLY D 300 42.62 -65.43 49.15
N THR D 301 43.65 -65.07 48.39
CA THR D 301 43.49 -64.60 47.02
C THR D 301 44.23 -65.50 46.03
N SER D 302 43.48 -66.10 45.12
CA SER D 302 44.06 -66.94 44.07
C SER D 302 43.85 -66.31 42.70
N TYR D 303 44.95 -65.97 42.04
CA TYR D 303 44.91 -65.33 40.73
C TYR D 303 44.42 -66.31 39.66
N LEU D 304 43.41 -65.89 38.89
CA LEU D 304 42.83 -66.72 37.85
C LEU D 304 43.38 -66.39 36.47
N TYR D 305 43.82 -67.42 35.74
CA TYR D 305 44.30 -67.24 34.37
C TYR D 305 43.24 -67.63 33.36
N MET D 306 42.90 -66.69 32.48
CA MET D 306 41.93 -66.96 31.41
C MET D 306 42.65 -67.02 30.07
N GLY D 307 42.37 -68.06 29.29
CA GLY D 307 42.99 -68.23 28.00
C GLY D 307 42.04 -68.73 26.92
N ASP D 308 42.39 -68.48 25.66
CA ASP D 308 41.57 -68.91 24.53
C ASP D 308 42.24 -70.01 23.72
N ARG D 309 41.52 -71.09 23.48
CA ARG D 309 41.96 -72.14 22.58
C ARG D 309 41.32 -71.88 21.22
N TRP D 310 41.94 -70.99 20.44
CA TRP D 310 41.37 -70.54 19.17
C TRP D 310 41.11 -71.67 18.20
N ALA D 311 39.89 -71.74 17.68
CA ALA D 311 39.54 -72.80 16.73
C ALA D 311 40.24 -72.60 15.41
N GLY D 312 40.82 -71.42 15.21
CA GLY D 312 41.54 -71.14 13.98
C GLY D 312 42.74 -72.04 13.82
N ALA D 313 43.22 -72.55 14.95
CA ALA D 313 44.39 -73.42 14.95
C ALA D 313 44.14 -74.72 14.19
N TRP D 314 42.87 -75.14 14.12
CA TRP D 314 42.53 -76.36 13.40
C TRP D 314 41.52 -76.17 12.27
N GLY D 315 41.42 -74.95 11.75
CA GLY D 315 40.57 -74.68 10.60
C GLY D 315 39.14 -74.34 10.94
N GLY D 316 38.89 -74.00 12.20
CA GLY D 316 37.56 -73.65 12.66
C GLY D 316 37.36 -72.15 12.74
N LYS D 317 36.11 -71.72 12.78
CA LYS D 317 35.83 -70.29 12.87
C LYS D 317 35.94 -69.81 14.32
N VAL D 318 36.09 -68.50 14.50
CA VAL D 318 36.33 -67.93 15.82
C VAL D 318 35.29 -68.34 16.86
N ASN D 319 34.03 -68.38 16.46
CA ASN D 319 32.95 -68.72 17.38
C ASN D 319 32.96 -70.18 17.83
N ASP D 320 33.91 -70.95 17.30
CA ASP D 320 34.07 -72.34 17.71
C ASP D 320 35.21 -72.49 18.71
N SER D 321 35.88 -71.39 19.02
CA SER D 321 37.00 -71.42 19.96
C SER D 321 36.55 -71.88 21.34
N GLN D 322 37.52 -72.34 22.14
CA GLN D 322 37.24 -72.87 23.47
C GLN D 322 37.97 -72.07 24.54
N TYR D 323 37.81 -72.49 25.79
CA TYR D 323 38.41 -71.75 26.90
C TYR D 323 39.30 -72.63 27.79
N VAL D 324 40.36 -72.04 28.31
CA VAL D 324 41.26 -72.72 29.22
C VAL D 324 41.56 -71.84 30.43
N TRP D 325 40.99 -72.20 31.58
CA TRP D 325 41.21 -71.45 32.82
C TRP D 325 42.09 -72.22 33.80
N LEU D 326 43.16 -71.57 34.25
CA LEU D 326 44.09 -72.21 35.17
C LEU D 326 44.49 -71.25 36.29
N PRO D 327 44.89 -71.80 37.45
CA PRO D 327 45.36 -70.95 38.55
C PRO D 327 46.80 -70.47 38.32
N LEU D 328 47.06 -69.19 38.54
CA LEU D 328 48.41 -68.66 38.43
C LEU D 328 49.04 -68.58 39.82
N ASN D 329 49.94 -69.51 40.11
CA ASN D 329 50.54 -69.61 41.45
C ASN D 329 51.83 -68.80 41.58
N PHE D 330 51.99 -68.15 42.72
CA PHE D 330 53.19 -67.36 42.99
C PHE D 330 54.07 -68.00 44.06
N ILE D 331 54.96 -68.89 43.61
CA ILE D 331 55.92 -69.53 44.50
C ILE D 331 56.77 -68.48 45.20
N SER D 332 57.12 -67.42 44.48
CA SER D 332 57.87 -66.30 45.03
C SER D 332 57.44 -65.01 44.36
N ASP D 333 57.95 -63.88 44.85
CA ASP D 333 57.65 -62.59 44.24
C ASP D 333 58.25 -62.48 42.86
N THR D 334 59.17 -63.40 42.54
CA THR D 334 59.85 -63.39 41.25
C THR D 334 59.65 -64.69 40.49
N THR D 335 59.01 -65.67 41.13
CA THR D 335 58.78 -66.96 40.50
C THR D 335 57.31 -67.32 40.37
N LEU D 336 56.84 -67.43 39.12
CA LEU D 336 55.45 -67.76 38.85
C LEU D 336 55.32 -69.16 38.28
N GLU D 337 54.13 -69.74 38.40
CA GLU D 337 53.89 -71.11 37.96
C GLU D 337 52.47 -71.28 37.42
N LEU D 338 52.35 -71.83 36.23
CA LEU D 338 51.03 -72.06 35.63
C LEU D 338 50.85 -73.53 35.25
N PRO D 339 50.28 -74.32 36.17
CA PRO D 339 50.03 -75.75 35.95
C PRO D 339 48.80 -75.97 35.08
N TYR D 340 48.68 -77.16 34.50
CA TYR D 340 47.51 -77.50 33.71
C TYR D 340 46.68 -78.60 34.38
N TYR D 341 45.39 -78.34 34.54
CA TYR D 341 44.47 -79.31 35.11
C TYR D 341 43.29 -79.51 34.16
N ASP D 342 43.07 -80.75 33.76
CA ASP D 342 41.96 -81.06 32.86
C ASP D 342 40.66 -80.57 33.46
N SER D 343 40.61 -80.50 34.79
CA SER D 343 39.46 -79.98 35.52
C SER D 343 39.91 -79.10 36.68
N VAL D 344 39.33 -77.91 36.79
CA VAL D 344 39.72 -76.98 37.84
C VAL D 344 38.53 -76.65 38.74
N LYS D 345 38.72 -76.78 40.05
CA LYS D 345 37.68 -76.46 41.02
C LYS D 345 37.84 -75.04 41.54
N ILE D 346 36.75 -74.28 41.49
CA ILE D 346 36.78 -72.89 41.94
C ILE D 346 35.78 -72.65 43.06
N ASP D 347 36.23 -71.94 44.09
CA ASP D 347 35.37 -71.59 45.20
C ASP D 347 35.58 -70.12 45.51
N ALA D 348 34.77 -69.27 44.88
CA ALA D 348 34.93 -67.82 44.97
C ALA D 348 34.80 -67.30 46.39
N SER D 349 33.94 -67.93 47.18
CA SER D 349 33.71 -67.51 48.55
C SER D 349 34.98 -67.61 49.38
N SER D 350 35.68 -68.73 49.27
CA SER D 350 36.92 -68.95 50.02
C SER D 350 38.13 -68.38 49.28
N GLY D 351 38.03 -68.28 47.96
CA GLY D 351 39.13 -67.78 47.15
C GLY D 351 40.12 -68.87 46.80
N ILE D 352 39.61 -70.09 46.63
CA ILE D 352 40.44 -71.24 46.32
C ILE D 352 40.30 -71.66 44.86
N ILE D 353 41.44 -71.75 44.17
CA ILE D 353 41.48 -72.26 42.80
C ILE D 353 42.50 -73.39 42.70
N SER D 354 42.01 -74.63 42.70
CA SER D 354 42.91 -75.78 42.67
C SER D 354 42.47 -76.86 41.69
N GLU D 355 43.31 -77.89 41.55
CA GLU D 355 43.01 -79.01 40.68
C GLU D 355 41.82 -79.79 41.21
N TYR D 356 40.94 -80.24 40.32
CA TYR D 356 39.82 -81.07 40.72
C TYR D 356 40.11 -82.55 40.50
N ILE D 357 40.16 -83.30 41.60
CA ILE D 357 40.41 -84.74 41.54
C ILE D 357 39.10 -85.51 41.64
N PRO D 358 38.69 -86.15 40.54
CA PRO D 358 37.44 -86.92 40.45
C PRO D 358 37.34 -87.99 41.54
N ASP D 359 38.47 -88.60 41.88
CA ASP D 359 38.51 -89.65 42.89
C ASP D 359 39.45 -89.28 44.03
N THR D 360 38.87 -88.81 45.13
CA THR D 360 39.65 -88.32 46.26
C THR D 360 40.19 -89.45 47.13
N THR D 361 40.26 -90.65 46.57
CA THR D 361 40.79 -91.79 47.31
C THR D 361 42.30 -91.63 47.47
N ARG D 362 42.74 -91.59 48.73
CA ARG D 362 44.16 -91.43 49.05
C ARG D 362 44.86 -92.79 49.07
N TYR D 363 46.15 -92.79 48.74
CA TYR D 363 46.90 -94.03 48.65
C TYR D 363 48.29 -93.95 49.29
N LYS D 364 48.85 -95.13 49.57
CA LYS D 364 50.23 -95.26 50.00
C LYS D 364 50.92 -96.24 49.08
N LEU D 365 52.09 -95.87 48.58
CA LEU D 365 52.85 -96.74 47.68
C LEU D 365 53.97 -97.44 48.44
N VAL D 366 53.72 -98.69 48.80
CA VAL D 366 54.66 -99.47 49.59
C VAL D 366 55.59 -100.31 48.71
N ASN D 367 56.89 -100.21 48.97
CA ASN D 367 57.88 -100.98 48.23
C ASN D 367 57.99 -102.43 48.73
N LYS D 368 58.00 -103.36 47.79
CA LYS D 368 58.05 -104.78 48.14
C LYS D 368 59.36 -105.17 48.84
N ASN D 369 60.47 -104.64 48.35
CA ASN D 369 61.78 -105.00 48.87
C ASN D 369 62.11 -104.38 50.23
N SER D 370 61.89 -103.07 50.34
CA SER D 370 62.26 -102.33 51.53
C SER D 370 61.13 -102.24 52.55
N GLY D 371 59.90 -102.31 52.07
CA GLY D 371 58.75 -102.16 52.94
C GLY D 371 58.45 -100.70 53.22
N LYS D 372 59.32 -99.83 52.74
CA LYS D 372 59.12 -98.39 52.89
C LYS D 372 58.06 -97.89 51.90
N VAL D 373 57.61 -96.66 52.11
CA VAL D 373 56.58 -96.07 51.27
C VAL D 373 57.08 -94.85 50.51
N LEU D 374 56.42 -94.54 49.40
CA LEU D 374 56.77 -93.39 48.58
C LEU D 374 56.51 -92.08 49.33
N ASP D 375 57.49 -91.19 49.32
CA ASP D 375 57.41 -89.95 50.09
C ASP D 375 58.19 -88.84 49.41
N VAL D 376 58.04 -87.62 49.94
CA VAL D 376 58.80 -86.47 49.45
C VAL D 376 59.84 -86.08 50.49
N LEU D 377 61.06 -85.81 50.04
CA LEU D 377 62.15 -85.47 50.96
C LEU D 377 61.77 -84.30 51.86
N ASP D 378 61.87 -84.52 53.16
CA ASP D 378 61.54 -83.50 54.15
C ASP D 378 60.07 -83.06 54.07
N GLY D 379 59.26 -83.86 53.39
CA GLY D 379 57.85 -83.53 53.22
C GLY D 379 57.69 -82.13 52.65
N SER D 380 58.59 -81.76 51.76
CA SER D 380 58.59 -80.42 51.18
C SER D 380 57.52 -80.25 50.12
N VAL D 381 56.98 -79.03 50.04
CA VAL D 381 55.98 -78.69 49.03
C VAL D 381 56.63 -77.89 47.91
N ASP D 382 57.94 -77.67 48.03
CA ASP D 382 58.68 -76.93 47.01
C ASP D 382 58.71 -77.70 45.70
N ASN D 383 58.85 -76.96 44.60
CA ASN D 383 58.84 -77.58 43.28
C ASN D 383 60.14 -78.32 43.01
N ALA D 384 60.05 -79.38 42.20
CA ALA D 384 61.21 -80.19 41.85
C ALA D 384 61.81 -80.92 43.04
N ALA D 385 61.07 -81.00 44.13
CA ALA D 385 61.54 -81.69 45.33
C ALA D 385 61.84 -83.16 45.07
N GLN D 386 62.90 -83.67 45.71
CA GLN D 386 63.34 -85.04 45.52
C GLN D 386 62.35 -86.06 46.09
N ILE D 387 62.10 -87.14 45.34
CA ILE D 387 61.21 -88.20 45.78
C ILE D 387 62.02 -89.37 46.36
N VAL D 388 61.82 -89.63 47.65
CA VAL D 388 62.54 -90.69 48.35
C VAL D 388 61.59 -91.64 49.06
N GLN D 389 62.10 -92.83 49.42
CA GLN D 389 61.30 -93.79 50.18
C GLN D 389 61.57 -93.56 51.66
N TRP D 390 60.53 -93.67 52.48
CA TRP D 390 60.68 -93.47 53.92
C TRP D 390 59.83 -94.48 54.68
N THR D 391 60.00 -94.53 55.99
CA THR D 391 59.21 -95.47 56.80
C THR D 391 57.76 -95.01 56.82
N ASP D 392 56.84 -95.95 56.99
CA ASP D 392 55.42 -95.62 57.03
C ASP D 392 55.04 -94.89 58.31
N ASN D 393 55.27 -93.58 58.35
CA ASN D 393 54.92 -92.82 59.55
C ASN D 393 53.56 -92.14 59.42
N GLY D 394 52.92 -92.32 58.27
CA GLY D 394 51.59 -91.75 58.06
C GLY D 394 51.60 -90.25 57.88
N SER D 395 52.79 -89.65 57.82
CA SER D 395 52.91 -88.21 57.67
C SER D 395 52.19 -87.66 56.43
N LEU D 396 51.81 -86.39 56.52
CA LEU D 396 51.11 -85.68 55.45
C LEU D 396 52.00 -85.46 54.24
N SER D 397 52.77 -86.47 53.85
CA SER D 397 53.68 -86.33 52.72
C SER D 397 53.78 -87.64 51.93
N GLN D 398 53.17 -88.68 52.47
CA GLN D 398 53.24 -90.01 51.91
C GLN D 398 51.90 -90.45 51.34
N GLN D 399 51.04 -89.48 51.07
CA GLN D 399 49.73 -89.77 50.52
C GLN D 399 49.60 -89.25 49.09
N TRP D 400 48.96 -90.02 48.22
CA TRP D 400 48.91 -89.70 46.79
C TRP D 400 47.53 -89.93 46.16
N TYR D 401 47.14 -89.03 45.27
CA TYR D 401 45.92 -89.19 44.48
C TYR D 401 46.24 -89.92 43.18
N LEU D 402 45.23 -90.58 42.60
CA LEU D 402 45.40 -91.21 41.29
C LEU D 402 44.44 -90.62 40.26
N VAL D 403 44.93 -89.69 39.45
CA VAL D 403 44.11 -89.01 38.46
C VAL D 403 44.18 -89.65 37.07
N ASP D 404 43.06 -90.17 36.60
CA ASP D 404 43.00 -90.82 35.30
C ASP D 404 43.17 -89.79 34.18
N VAL D 405 44.12 -90.03 33.28
CA VAL D 405 44.38 -89.11 32.18
C VAL D 405 44.12 -89.78 30.82
N GLY D 406 43.41 -90.90 30.84
CA GLY D 406 43.05 -91.61 29.63
C GLY D 406 44.21 -92.35 28.99
N GLY D 407 43.89 -93.41 28.26
CA GLY D 407 44.89 -94.22 27.60
C GLY D 407 45.42 -95.31 28.51
N GLY D 408 44.87 -95.38 29.72
CA GLY D 408 45.28 -96.36 30.70
C GLY D 408 46.36 -95.82 31.63
N TYR D 409 46.79 -94.59 31.38
CA TYR D 409 47.80 -93.96 32.21
C TYR D 409 47.17 -93.04 33.25
N LYS D 410 47.90 -92.75 34.31
CA LYS D 410 47.39 -91.93 35.41
C LYS D 410 48.45 -91.01 35.99
N LYS D 411 48.00 -89.95 36.65
CA LYS D 411 48.90 -89.03 37.34
C LYS D 411 48.99 -89.41 38.81
N ILE D 412 50.22 -89.47 39.32
CA ILE D 412 50.45 -89.72 40.75
C ILE D 412 50.69 -88.40 41.47
N VAL D 413 49.63 -87.83 42.02
CA VAL D 413 49.69 -86.51 42.64
C VAL D 413 49.80 -86.58 44.18
N ASN D 414 50.82 -85.92 44.71
CA ASN D 414 51.02 -85.84 46.15
C ASN D 414 49.87 -85.05 46.79
N VAL D 415 49.58 -85.33 48.06
CA VAL D 415 48.48 -84.66 48.75
C VAL D 415 48.91 -83.36 49.41
N LYS D 416 50.03 -83.38 50.13
CA LYS D 416 50.51 -82.18 50.80
C LYS D 416 50.76 -81.07 49.79
N SER D 417 51.39 -81.41 48.68
CA SER D 417 51.59 -80.47 47.59
C SER D 417 50.88 -80.98 46.35
N GLY D 418 50.18 -80.07 45.66
CA GLY D 418 49.40 -80.45 44.49
C GLY D 418 50.24 -80.90 43.32
N ARG D 419 51.55 -81.02 43.54
CA ARG D 419 52.47 -81.40 42.47
C ARG D 419 52.37 -82.88 42.14
N ALA D 420 52.85 -83.24 40.94
CA ALA D 420 52.77 -84.62 40.47
C ALA D 420 54.15 -85.26 40.32
N LEU D 421 54.17 -86.58 40.35
CA LEU D 421 55.41 -87.34 40.20
C LEU D 421 55.80 -87.37 38.72
N ASP D 422 57.04 -86.98 38.42
CA ASP D 422 57.52 -86.96 37.04
C ASP D 422 58.99 -87.28 36.89
N VAL D 423 59.37 -87.80 35.73
CA VAL D 423 60.76 -88.08 35.41
C VAL D 423 61.49 -86.78 35.10
N LYS D 424 62.43 -86.40 35.97
CA LYS D 424 63.15 -85.14 35.85
C LYS D 424 63.77 -84.94 34.47
N ASP D 425 63.59 -83.74 33.92
CA ASP D 425 64.17 -83.38 32.63
C ASP D 425 63.76 -84.33 31.51
N GLU D 426 62.60 -84.96 31.67
CA GLU D 426 62.10 -85.92 30.69
C GLU D 426 63.19 -86.91 30.29
N SER D 427 63.85 -87.49 31.28
CA SER D 427 64.94 -88.44 31.03
C SER D 427 64.44 -89.77 30.47
N LYS D 428 65.29 -90.40 29.67
CA LYS D 428 64.97 -91.69 29.06
C LYS D 428 65.96 -92.76 29.51
N GLU D 429 66.90 -92.36 30.36
CA GLU D 429 67.99 -93.24 30.75
C GLU D 429 67.80 -93.86 32.13
N ASP D 430 68.50 -94.95 32.40
CA ASP D 430 68.48 -95.58 33.71
C ASP D 430 69.09 -94.63 34.75
N GLY D 431 68.60 -94.69 35.98
CA GLY D 431 69.09 -93.82 37.04
C GLY D 431 68.43 -92.47 37.01
N GLY D 432 67.48 -92.29 36.10
CA GLY D 432 66.75 -91.04 36.00
C GLY D 432 66.01 -90.74 37.30
N VAL D 433 66.50 -89.75 38.03
CA VAL D 433 65.93 -89.42 39.33
C VAL D 433 64.51 -88.88 39.18
N LEU D 434 63.63 -89.25 40.11
CA LEU D 434 62.25 -88.77 40.10
C LEU D 434 62.00 -87.65 41.10
N ILE D 435 61.26 -86.64 40.66
CA ILE D 435 60.91 -85.51 41.51
C ILE D 435 59.44 -85.17 41.39
N GLN D 436 58.94 -84.35 42.32
CA GLN D 436 57.59 -83.82 42.22
C GLN D 436 57.64 -82.49 41.50
N TYR D 437 56.82 -82.34 40.45
CA TYR D 437 56.88 -81.14 39.64
C TYR D 437 55.45 -80.68 39.32
N THR D 438 55.32 -79.41 38.96
CA THR D 438 54.01 -78.86 38.63
C THR D 438 53.41 -79.63 37.45
N SER D 439 52.10 -79.86 37.52
CA SER D 439 51.40 -80.57 36.45
C SER D 439 51.49 -79.79 35.15
N ASN D 440 51.92 -80.47 34.08
CA ASN D 440 52.07 -79.81 32.78
C ASN D 440 51.61 -80.68 31.61
N GLY D 441 50.93 -81.78 31.92
CA GLY D 441 50.39 -82.65 30.89
C GLY D 441 51.45 -83.42 30.11
N GLY D 442 52.71 -83.27 30.53
CA GLY D 442 53.81 -83.98 29.90
C GLY D 442 53.72 -85.48 30.11
N TYR D 443 54.18 -86.26 29.13
CA TYR D 443 54.11 -87.71 29.22
C TYR D 443 55.04 -88.27 30.30
N ASN D 444 55.98 -87.44 30.76
CA ASN D 444 56.86 -87.87 31.84
C ASN D 444 56.14 -87.83 33.19
N GLN D 445 54.87 -87.41 33.16
CA GLN D 445 54.05 -87.36 34.37
C GLN D 445 52.90 -88.37 34.34
N HIS D 446 52.86 -89.19 33.29
CA HIS D 446 51.82 -90.21 33.16
C HIS D 446 52.41 -91.58 33.46
N TRP D 447 51.70 -92.38 34.25
CA TRP D 447 52.18 -93.69 34.66
C TRP D 447 51.16 -94.80 34.44
N LYS D 448 51.62 -95.96 33.96
CA LYS D 448 50.75 -97.11 33.78
C LYS D 448 50.93 -98.13 34.89
N PHE D 449 49.82 -98.64 35.40
CA PHE D 449 49.86 -99.63 36.47
C PHE D 449 49.66 -101.05 35.94
N THR D 450 50.68 -101.88 36.08
CA THR D 450 50.61 -103.26 35.63
C THR D 450 50.55 -104.21 36.82
N ASP D 451 49.41 -104.88 36.97
CA ASP D 451 49.22 -105.80 38.08
C ASP D 451 50.08 -107.06 37.90
N ILE D 452 50.85 -107.39 38.93
CA ILE D 452 51.70 -108.58 38.88
C ILE D 452 51.30 -109.56 39.97
N GLY D 453 50.18 -109.30 40.62
CA GLY D 453 49.67 -110.18 41.65
C GLY D 453 49.93 -109.71 43.07
N ASP D 454 49.13 -110.21 44.00
CA ASP D 454 49.26 -109.86 45.41
C ASP D 454 49.18 -108.35 45.66
N GLY D 455 48.38 -107.66 44.85
CA GLY D 455 48.18 -106.23 45.01
C GLY D 455 49.44 -105.41 44.76
N TYR D 456 50.39 -106.00 44.05
CA TYR D 456 51.62 -105.33 43.67
C TYR D 456 51.62 -104.94 42.20
N TYR D 457 52.21 -103.78 41.89
CA TYR D 457 52.22 -103.25 40.54
C TYR D 457 53.61 -102.87 40.06
N LYS D 458 53.79 -102.90 38.74
CA LYS D 458 54.97 -102.34 38.11
C LYS D 458 54.59 -101.02 37.45
N ILE D 459 54.94 -99.91 38.09
CA ILE D 459 54.57 -98.59 37.61
C ILE D 459 55.56 -98.10 36.54
N SER D 460 55.12 -98.11 35.29
CA SER D 460 55.96 -97.69 34.18
C SER D 460 55.63 -96.29 33.69
N SER D 461 56.66 -95.60 33.19
CA SER D 461 56.48 -94.25 32.66
C SER D 461 55.95 -94.29 31.24
N ARG D 462 55.12 -93.30 30.88
CA ARG D 462 54.54 -93.23 29.55
C ARG D 462 55.59 -92.77 28.54
N HIS D 463 56.66 -92.17 29.06
CA HIS D 463 57.71 -91.61 28.21
C HIS D 463 58.55 -92.69 27.52
N CYS D 464 59.16 -93.55 28.32
CA CYS D 464 60.02 -94.60 27.78
C CYS D 464 59.55 -96.00 28.15
N GLY D 465 58.92 -96.13 29.31
CA GLY D 465 58.39 -97.40 29.75
C GLY D 465 59.11 -97.96 30.95
N LYS D 466 60.14 -97.25 31.40
CA LYS D 466 60.91 -97.70 32.57
C LYS D 466 60.08 -97.61 33.85
N LEU D 467 60.46 -98.39 34.85
CA LEU D 467 59.69 -98.51 36.08
C LEU D 467 60.20 -97.62 37.20
N ILE D 468 59.34 -97.37 38.19
CA ILE D 468 59.75 -96.68 39.40
C ILE D 468 60.67 -97.57 40.21
N ASP D 469 61.90 -97.15 40.39
CA ASP D 469 62.93 -97.99 40.99
C ASP D 469 63.50 -97.37 42.27
N VAL D 470 63.86 -98.22 43.22
CA VAL D 470 64.55 -97.75 44.41
C VAL D 470 66.06 -97.90 44.19
N ARG D 471 66.76 -96.77 44.16
CA ARG D 471 68.18 -96.74 43.83
C ARG D 471 69.01 -97.76 44.61
N LYS D 472 69.57 -98.73 43.90
CA LYS D 472 70.46 -99.72 44.48
C LYS D 472 69.78 -100.56 45.55
N TRP D 473 68.50 -100.85 45.33
CA TRP D 473 67.75 -101.70 46.26
C TRP D 473 67.81 -101.19 47.69
N SER D 474 68.04 -99.90 47.85
CA SER D 474 68.18 -99.30 49.17
C SER D 474 67.04 -99.72 50.09
N THR D 475 67.36 -99.91 51.36
CA THR D 475 66.38 -100.34 52.35
C THR D 475 66.26 -99.35 53.49
N GLU D 476 67.00 -98.24 53.38
CA GLU D 476 67.02 -97.25 54.45
C GLU D 476 66.14 -96.05 54.11
N ASP D 477 65.92 -95.19 55.10
CA ASP D 477 65.16 -93.97 54.88
C ASP D 477 65.92 -93.03 53.96
N GLY D 478 65.19 -92.25 53.17
CA GLY D 478 65.80 -91.33 52.24
C GLY D 478 66.30 -92.02 50.98
N GLY D 479 65.91 -93.28 50.82
CA GLY D 479 66.27 -94.05 49.64
C GLY D 479 65.76 -93.38 48.38
N ILE D 480 66.68 -92.87 47.58
CA ILE D 480 66.32 -92.13 46.37
C ILE D 480 65.52 -92.99 45.39
N ILE D 481 64.32 -92.50 45.05
CA ILE D 481 63.48 -93.13 44.05
C ILE D 481 63.88 -92.64 42.66
N GLN D 482 64.00 -93.57 41.72
CA GLN D 482 64.49 -93.24 40.39
C GLN D 482 63.73 -93.98 39.29
N GLN D 483 64.36 -94.09 38.14
CA GLN D 483 63.77 -94.72 36.97
C GLN D 483 64.72 -95.76 36.42
N TRP D 484 64.21 -96.95 36.11
CA TRP D 484 65.07 -98.02 35.65
C TRP D 484 64.30 -99.02 34.78
N SER D 485 65.03 -99.73 33.93
CA SER D 485 64.42 -100.73 33.05
C SER D 485 63.83 -101.88 33.87
N ASP D 486 62.85 -102.57 33.29
CA ASP D 486 62.21 -103.69 33.96
C ASP D 486 63.22 -104.80 34.23
N ALA D 487 63.60 -104.96 35.50
CA ALA D 487 64.59 -105.96 35.90
C ALA D 487 63.97 -107.09 36.71
N GLY D 488 62.68 -106.96 37.00
CA GLY D 488 61.96 -107.99 37.74
C GLY D 488 62.34 -108.04 39.20
N GLY D 489 63.04 -107.02 39.67
CA GLY D 489 63.45 -106.95 41.07
C GLY D 489 62.32 -106.47 41.96
N THR D 490 62.32 -106.93 43.21
CA THR D 490 61.28 -106.54 44.16
C THR D 490 61.37 -105.07 44.50
N ASN D 491 62.50 -104.45 44.19
CA ASN D 491 62.68 -103.01 44.42
C ASN D 491 61.92 -102.20 43.38
N GLN D 492 61.36 -102.90 42.39
CA GLN D 492 60.60 -102.25 41.32
C GLN D 492 59.12 -102.58 41.45
N HIS D 493 58.78 -103.26 42.54
CA HIS D 493 57.40 -103.67 42.78
C HIS D 493 56.80 -102.84 43.91
N TRP D 494 55.58 -102.36 43.68
CA TRP D 494 54.90 -101.48 44.64
C TRP D 494 53.49 -101.96 44.97
N LYS D 495 53.13 -101.83 46.25
CA LYS D 495 51.81 -102.24 46.72
C LYS D 495 50.93 -101.00 46.94
N LEU D 496 49.71 -101.07 46.42
CA LEU D 496 48.78 -99.96 46.52
C LEU D 496 47.92 -100.09 47.77
N VAL D 497 48.20 -99.24 48.76
CA VAL D 497 47.50 -99.31 50.04
C VAL D 497 46.58 -98.12 50.30
N LEU D 498 45.32 -98.43 50.62
CA LEU D 498 44.34 -97.39 50.90
C LEU D 498 44.59 -96.78 52.27
N VAL D 499 44.18 -95.53 52.46
CA VAL D 499 44.38 -94.86 53.74
C VAL D 499 43.26 -93.87 54.02
N GLU E 39 8.51 -8.44 1.79
CA GLU E 39 9.00 -9.66 1.15
C GLU E 39 10.17 -10.24 1.91
N GLY E 40 11.29 -10.42 1.22
CA GLY E 40 12.51 -10.93 1.82
C GLY E 40 13.23 -9.89 2.63
N VAL E 41 12.59 -9.40 3.68
CA VAL E 41 13.16 -8.34 4.50
C VAL E 41 13.38 -8.79 5.94
N ILE E 42 14.46 -8.30 6.54
CA ILE E 42 14.82 -8.64 7.91
C ILE E 42 14.92 -7.39 8.78
N VAL E 43 14.35 -7.45 9.99
CA VAL E 43 14.45 -6.34 10.90
C VAL E 43 15.46 -6.62 12.01
N ASN E 44 16.63 -5.99 11.92
CA ASN E 44 17.69 -6.20 12.90
C ASN E 44 17.32 -5.67 14.28
N GLY E 45 17.92 -6.25 15.31
CA GLY E 45 17.67 -5.82 16.67
C GLY E 45 16.42 -6.44 17.27
N THR E 46 15.94 -7.51 16.65
CA THR E 46 14.75 -8.19 17.12
C THR E 46 14.95 -9.71 17.13
N GLN E 47 14.03 -10.41 17.78
CA GLN E 47 14.06 -11.87 17.78
C GLN E 47 13.26 -12.40 16.60
N PHE E 48 13.96 -12.90 15.59
CA PHE E 48 13.32 -13.44 14.41
C PHE E 48 12.37 -14.55 14.80
N LYS E 49 11.28 -14.69 14.06
CA LYS E 49 10.31 -15.76 14.33
C LYS E 49 10.33 -16.80 13.23
N ASP E 50 10.09 -18.06 13.59
CA ASP E 50 10.04 -19.14 12.62
C ASP E 50 8.67 -19.19 11.94
N THR E 51 8.52 -20.13 11.02
CA THR E 51 7.28 -20.26 10.25
C THR E 51 6.09 -20.60 11.14
N SER E 52 6.36 -20.98 12.39
CA SER E 52 5.30 -21.36 13.32
C SER E 52 4.92 -20.21 14.26
N GLY E 53 5.60 -19.07 14.12
CA GLY E 53 5.27 -17.91 14.92
C GLY E 53 6.05 -17.83 16.22
N ASN E 54 6.87 -18.84 16.47
CA ASN E 54 7.70 -18.88 17.67
C ASN E 54 9.02 -18.15 17.47
N VAL E 55 9.55 -17.60 18.55
CA VAL E 55 10.85 -16.92 18.48
C VAL E 55 11.95 -17.94 18.16
N ILE E 56 12.86 -17.55 17.27
CA ILE E 56 13.95 -18.43 16.90
C ILE E 56 15.03 -18.44 17.97
N HIS E 57 15.29 -19.61 18.55
CA HIS E 57 16.34 -19.72 19.54
C HIS E 57 17.60 -20.41 19.00
N ALA E 58 18.45 -19.65 18.35
CA ALA E 58 19.71 -20.16 17.81
C ALA E 58 20.80 -19.11 18.02
N HIS E 59 21.14 -18.87 19.27
CA HIS E 59 22.08 -17.81 19.61
C HIS E 59 23.53 -18.22 19.43
N GLY E 60 24.37 -17.25 19.07
CA GLY E 60 25.78 -17.49 18.84
C GLY E 60 26.00 -18.69 17.96
N GLY E 61 25.14 -18.85 16.95
CA GLY E 61 25.20 -20.01 16.08
C GLY E 61 25.86 -19.74 14.75
N GLY E 62 25.80 -20.73 13.86
CA GLY E 62 26.36 -20.58 12.53
C GLY E 62 25.40 -21.10 11.49
N MET E 63 25.86 -21.17 10.24
CA MET E 63 24.99 -21.64 9.15
C MET E 63 25.74 -22.52 8.16
N LEU E 64 25.03 -23.49 7.61
CA LEU E 64 25.60 -24.42 6.65
C LEU E 64 24.75 -24.44 5.38
N LYS E 65 25.40 -24.36 4.22
CA LYS E 65 24.70 -24.42 2.95
C LYS E 65 24.88 -25.79 2.32
N HIS E 66 23.87 -26.64 2.47
CA HIS E 66 23.90 -27.97 1.89
C HIS E 66 22.64 -28.24 1.08
N GLY E 67 22.84 -28.68 -0.16
CA GLY E 67 21.72 -28.89 -1.06
C GLY E 67 21.03 -27.60 -1.44
N ASP E 68 19.70 -27.58 -1.34
CA ASP E 68 18.93 -26.38 -1.67
C ASP E 68 18.57 -25.61 -0.41
N TYR E 69 19.06 -26.08 0.73
CA TYR E 69 18.67 -25.50 2.02
C TYR E 69 19.83 -24.87 2.78
N TYR E 70 19.52 -23.82 3.53
CA TYR E 70 20.45 -23.25 4.49
C TYR E 70 20.07 -23.77 5.87
N TYR E 71 21.05 -24.24 6.63
CA TYR E 71 20.79 -24.76 7.97
C TYR E 71 21.41 -23.87 9.04
N TRP E 72 20.56 -23.35 9.91
CA TRP E 72 20.97 -22.43 10.96
C TRP E 72 20.97 -23.10 12.33
N TYR E 73 22.17 -23.37 12.85
CA TYR E 73 22.30 -23.99 14.17
C TYR E 73 22.64 -22.92 15.20
N GLY E 74 22.25 -23.15 16.45
CA GLY E 74 22.52 -22.19 17.50
C GLY E 74 22.14 -22.67 18.89
N GLU E 75 22.52 -21.90 19.91
CA GLU E 75 22.25 -22.26 21.29
C GLU E 75 20.77 -22.16 21.61
N TYR E 76 20.32 -23.02 22.53
CA TYR E 76 18.97 -23.01 23.06
C TYR E 76 19.08 -23.24 24.56
N ARG E 77 18.96 -22.16 25.32
CA ARG E 77 19.20 -22.21 26.75
C ARG E 77 17.94 -21.94 27.57
N ASP E 78 17.94 -22.38 28.82
CA ASP E 78 16.81 -22.15 29.71
C ASP E 78 16.94 -20.79 30.41
N ASP E 79 16.07 -20.52 31.37
CA ASP E 79 16.08 -19.26 32.10
C ASP E 79 17.35 -19.10 32.94
N SER E 80 17.97 -20.21 33.28
CA SER E 80 19.20 -20.19 34.08
C SER E 80 20.43 -20.19 33.21
N ASN E 81 20.27 -19.79 31.95
CA ASN E 81 21.36 -19.77 30.98
C ASN E 81 22.11 -21.11 30.89
N LEU E 82 21.39 -22.20 31.15
CA LEU E 82 21.96 -23.54 31.02
C LEU E 82 21.59 -24.17 29.68
N PHE E 83 22.38 -25.14 29.27
CA PHE E 83 22.20 -25.79 27.96
C PHE E 83 20.96 -26.68 27.91
N LEU E 84 20.08 -26.39 26.95
CA LEU E 84 18.92 -27.23 26.70
C LEU E 84 19.10 -28.01 25.41
N GLY E 85 19.73 -27.37 24.41
CA GLY E 85 19.99 -28.02 23.16
C GLY E 85 20.55 -27.11 22.09
N VAL E 86 21.00 -27.71 20.99
CA VAL E 86 21.44 -26.96 19.81
C VAL E 86 20.36 -27.07 18.75
N SER E 87 19.65 -25.96 18.51
CA SER E 87 18.50 -25.96 17.62
C SER E 87 18.91 -25.86 16.15
N CYS E 88 18.07 -26.40 15.28
CA CYS E 88 18.32 -26.39 13.84
C CYS E 88 17.16 -25.76 13.08
N TYR E 89 17.46 -24.75 12.27
CA TYR E 89 16.46 -24.08 11.45
C TYR E 89 16.80 -24.14 9.97
N ARG E 90 15.84 -24.56 9.16
CA ARG E 90 16.06 -24.72 7.73
C ARG E 90 15.37 -23.62 6.92
N SER E 91 15.94 -23.28 5.77
CA SER E 91 15.36 -22.25 4.92
C SER E 91 15.98 -22.24 3.52
N LYS E 92 15.23 -21.74 2.55
CA LYS E 92 15.73 -21.61 1.19
C LYS E 92 16.03 -20.15 0.86
N ASP E 93 15.33 -19.24 1.53
CA ASP E 93 15.42 -17.82 1.24
C ASP E 93 16.13 -17.00 2.30
N LEU E 94 16.52 -17.66 3.40
CA LEU E 94 17.24 -17.00 4.47
C LEU E 94 16.35 -16.03 5.24
N VAL E 95 15.06 -16.00 4.91
CA VAL E 95 14.11 -15.12 5.57
C VAL E 95 13.06 -15.89 6.35
N ASN E 96 12.55 -16.97 5.76
CA ASN E 96 11.57 -17.81 6.42
C ASN E 96 12.18 -19.10 6.93
N TRP E 97 12.31 -19.22 8.25
CA TRP E 97 12.98 -20.37 8.83
C TRP E 97 11.99 -21.38 9.41
N GLU E 98 12.18 -22.64 9.02
CA GLU E 98 11.35 -23.73 9.51
C GLU E 98 12.08 -24.48 10.62
N TYR E 99 11.46 -24.52 11.80
CA TYR E 99 12.05 -25.19 12.94
C TYR E 99 12.15 -26.69 12.72
N ARG E 100 13.33 -27.24 12.97
CA ARG E 100 13.59 -28.66 12.72
C ARG E 100 13.88 -29.42 14.01
N GLY E 101 13.82 -28.71 15.13
CA GLY E 101 14.06 -29.31 16.44
C GLY E 101 15.51 -29.21 16.90
N GLU E 102 15.79 -29.84 18.03
CA GLU E 102 17.14 -29.85 18.58
C GLU E 102 17.96 -31.02 18.03
N VAL E 103 19.01 -30.69 17.28
CA VAL E 103 19.91 -31.70 16.74
C VAL E 103 20.79 -32.28 17.85
N LEU E 104 20.85 -31.56 18.96
CA LEU E 104 21.56 -32.03 20.14
C LEU E 104 20.87 -31.45 21.38
N SER E 105 20.79 -32.24 22.44
CA SER E 105 20.09 -31.80 23.65
C SER E 105 20.85 -32.16 24.92
N ARG E 106 20.31 -31.71 26.05
CA ARG E 106 20.90 -32.00 27.36
C ARG E 106 20.76 -33.48 27.69
N ASN E 107 20.02 -34.20 26.85
CA ASN E 107 19.80 -35.63 27.05
C ASN E 107 20.69 -36.49 26.15
N SER E 108 21.40 -35.85 25.24
CA SER E 108 22.26 -36.56 24.30
C SER E 108 23.43 -37.26 24.98
N ALA E 109 23.76 -36.84 26.19
CA ALA E 109 24.86 -37.43 26.95
C ALA E 109 24.77 -37.03 28.42
N PRO E 110 25.22 -37.92 29.31
CA PRO E 110 25.15 -37.63 30.75
C PRO E 110 25.88 -36.34 31.11
N GLU E 111 27.01 -36.09 30.48
CA GLU E 111 27.79 -34.89 30.77
C GLU E 111 27.16 -33.64 30.18
N LEU E 112 26.01 -33.81 29.53
CA LEU E 112 25.29 -32.68 28.94
C LEU E 112 24.01 -32.34 29.72
N ASN E 113 23.63 -33.22 30.65
CA ASN E 113 22.43 -33.00 31.46
C ASN E 113 22.39 -31.62 32.12
N HIS E 114 23.48 -31.24 32.76
CA HIS E 114 23.57 -29.94 33.41
C HIS E 114 24.89 -29.27 33.03
N CYS E 115 24.85 -28.44 31.99
CA CYS E 115 26.07 -27.80 31.50
C CYS E 115 25.76 -26.54 30.69
N ASN E 116 26.77 -26.09 29.94
CA ASN E 116 26.62 -24.90 29.10
C ASN E 116 27.40 -25.01 27.80
N ILE E 117 26.69 -25.23 26.70
CA ILE E 117 27.31 -25.29 25.38
C ILE E 117 27.17 -23.93 24.70
N GLU E 118 28.24 -23.46 24.09
CA GLU E 118 28.24 -22.15 23.45
C GLU E 118 28.80 -22.18 22.03
N ARG E 119 28.20 -21.40 21.15
CA ARG E 119 28.70 -21.22 19.79
C ARG E 119 28.93 -22.52 19.03
N PRO E 120 27.87 -23.34 18.92
CA PRO E 120 27.94 -24.59 18.15
C PRO E 120 28.00 -24.30 16.66
N LYS E 121 28.93 -24.96 15.96
CA LYS E 121 29.09 -24.78 14.53
C LYS E 121 29.05 -26.13 13.82
N VAL E 122 28.51 -26.14 12.60
CA VAL E 122 28.40 -27.37 11.83
C VAL E 122 29.14 -27.29 10.50
N MET E 123 29.93 -28.32 10.21
CA MET E 123 30.68 -28.38 8.97
C MET E 123 30.39 -29.70 8.26
N TYR E 124 30.42 -29.67 6.93
CA TYR E 124 30.16 -30.87 6.13
C TYR E 124 31.44 -31.46 5.58
N ASN E 125 31.60 -32.78 5.75
CA ASN E 125 32.78 -33.48 5.24
C ASN E 125 32.48 -34.20 3.93
N ALA E 126 33.04 -33.68 2.84
CA ALA E 126 32.76 -34.19 1.50
C ALA E 126 33.11 -35.67 1.34
N SER E 127 34.25 -36.08 1.89
CA SER E 127 34.71 -37.46 1.73
C SER E 127 33.88 -38.46 2.53
N THR E 128 33.71 -38.18 3.82
CA THR E 128 32.97 -39.08 4.69
C THR E 128 31.46 -38.95 4.53
N GLY E 129 31.02 -37.81 4.00
CA GLY E 129 29.61 -37.56 3.79
C GLY E 129 28.86 -37.34 5.10
N GLU E 130 29.59 -37.05 6.16
CA GLU E 130 29.01 -36.83 7.47
C GLU E 130 29.05 -35.36 7.88
N PHE E 131 28.10 -34.95 8.71
CA PHE E 131 28.08 -33.60 9.24
C PHE E 131 28.68 -33.58 10.64
N VAL E 132 29.73 -32.78 10.83
CA VAL E 132 30.41 -32.70 12.11
C VAL E 132 30.10 -31.39 12.82
N MET E 133 29.77 -31.46 14.10
CA MET E 133 29.44 -30.29 14.88
C MET E 133 30.51 -30.02 15.93
N TRP E 134 31.04 -28.80 15.94
CA TRP E 134 32.01 -28.39 16.95
C TRP E 134 31.41 -27.33 17.87
N MET E 135 31.73 -27.40 19.16
CA MET E 135 31.12 -26.50 20.12
C MET E 135 32.05 -26.21 21.31
N HIS E 136 31.70 -25.17 22.07
CA HIS E 136 32.45 -24.80 23.26
C HIS E 136 31.74 -25.35 24.50
N TRP E 137 32.38 -26.29 25.19
CA TRP E 137 31.76 -26.92 26.35
C TRP E 137 32.17 -26.25 27.66
N GLU E 138 31.20 -26.12 28.56
CA GLU E 138 31.44 -25.57 29.90
C GLU E 138 30.48 -26.18 30.88
N ASN E 139 30.80 -26.09 32.17
CA ASN E 139 29.87 -26.49 33.23
C ASN E 139 28.89 -25.37 33.52
N GLY E 140 27.87 -25.67 34.32
CA GLY E 140 26.84 -24.70 34.64
C GLY E 140 27.34 -23.58 35.52
N ILE E 141 28.44 -23.82 36.22
CA ILE E 141 28.95 -22.87 37.21
C ILE E 141 29.78 -21.75 36.60
N ASN E 142 30.85 -22.09 35.89
CA ASN E 142 31.75 -21.08 35.35
C ASN E 142 32.33 -21.43 33.98
N TYR E 143 33.30 -20.62 33.54
CA TYR E 143 33.98 -20.85 32.26
C TYR E 143 35.38 -21.37 32.50
N GLY E 144 35.58 -22.03 33.64
CA GLY E 144 36.89 -22.50 34.05
C GLY E 144 37.39 -23.70 33.27
N GLN E 145 36.46 -24.53 32.81
CA GLN E 145 36.82 -25.75 32.09
C GLN E 145 37.39 -25.48 30.70
N ALA E 146 36.75 -24.57 29.97
CA ALA E 146 37.22 -24.17 28.65
C ALA E 146 37.59 -25.37 27.77
N ARG E 147 36.61 -26.21 27.50
CA ARG E 147 36.81 -27.38 26.64
C ARG E 147 36.19 -27.17 25.27
N ALA E 148 36.43 -28.13 24.39
CA ALA E 148 35.76 -28.18 23.10
C ALA E 148 35.04 -29.51 23.01
N ALA E 149 33.91 -29.56 22.31
CA ALA E 149 33.15 -30.80 22.21
C ALA E 149 32.78 -31.11 20.77
N VAL E 150 32.63 -32.40 20.46
CA VAL E 150 32.33 -32.81 19.10
C VAL E 150 31.12 -33.73 19.03
N ALA E 151 30.38 -33.62 17.94
CA ALA E 151 29.26 -34.52 17.67
C ALA E 151 29.13 -34.67 16.16
N TYR E 152 28.54 -35.77 15.71
CA TYR E 152 28.39 -36.00 14.28
C TYR E 152 27.03 -36.55 13.91
N SER E 153 26.71 -36.47 12.62
CA SER E 153 25.43 -36.97 12.11
C SER E 153 25.53 -37.18 10.61
N LYS E 154 24.71 -38.10 10.10
CA LYS E 154 24.64 -38.37 8.67
C LYS E 154 23.81 -37.31 7.96
N THR E 155 22.83 -36.75 8.67
CA THR E 155 21.96 -35.74 8.10
C THR E 155 22.09 -34.43 8.87
N PRO E 156 21.82 -33.30 8.19
CA PRO E 156 21.96 -31.96 8.78
C PRO E 156 20.93 -31.66 9.87
N ASP E 157 19.71 -32.18 9.74
CA ASP E 157 18.66 -31.88 10.70
C ASP E 157 18.30 -33.09 11.58
N GLY E 158 19.10 -34.14 11.49
CA GLY E 158 18.87 -35.32 12.31
C GLY E 158 19.45 -35.16 13.71
N LYS E 159 19.28 -36.17 14.54
CA LYS E 159 19.79 -36.11 15.91
C LYS E 159 21.27 -36.48 15.93
N PHE E 160 22.12 -35.47 16.11
CA PHE E 160 23.56 -35.69 16.18
C PHE E 160 23.92 -36.58 17.37
N THR E 161 24.82 -37.53 17.14
CA THR E 161 25.32 -38.36 18.23
C THR E 161 26.55 -37.70 18.85
N TYR E 162 26.51 -37.54 20.18
CA TYR E 162 27.58 -36.87 20.89
C TYR E 162 28.82 -37.75 20.97
N ILE E 163 29.99 -37.14 20.82
CA ILE E 163 31.25 -37.87 20.90
C ILE E 163 31.94 -37.65 22.24
N ARG E 164 32.44 -36.44 22.45
CA ARG E 164 33.19 -36.14 23.67
C ARG E 164 33.54 -34.66 23.79
N SER E 165 33.87 -34.24 25.00
CA SER E 165 34.41 -32.92 25.24
C SER E 165 35.84 -33.05 25.73
N PHE E 166 36.70 -32.12 25.34
CA PHE E 166 38.12 -32.23 25.67
C PHE E 166 38.87 -30.92 25.49
N ARG E 167 40.09 -30.87 26.04
CA ARG E 167 40.98 -29.73 25.85
C ARG E 167 42.04 -30.11 24.82
N PRO E 168 42.14 -29.31 23.74
CA PRO E 168 43.03 -29.59 22.62
C PRO E 168 44.47 -29.84 23.04
N MET E 169 45.10 -30.84 22.44
CA MET E 169 46.51 -31.14 22.66
C MET E 169 46.85 -31.55 24.09
N GLN E 170 45.93 -32.28 24.74
CA GLN E 170 46.19 -32.71 26.09
C GLN E 170 47.18 -33.88 26.11
N ASP E 171 47.40 -34.47 24.93
CA ASP E 171 48.37 -35.54 24.81
C ASP E 171 49.80 -35.03 24.99
N THR E 172 50.07 -33.85 24.46
CA THR E 172 51.41 -33.28 24.48
C THR E 172 51.84 -32.83 25.87
N GLY E 173 51.01 -33.10 26.87
CA GLY E 173 51.33 -32.77 28.25
C GLY E 173 51.35 -31.28 28.53
N VAL E 174 50.90 -30.49 27.56
CA VAL E 174 50.86 -29.04 27.72
C VAL E 174 49.91 -28.65 28.84
N MET E 175 50.20 -27.53 29.51
CA MET E 175 49.34 -27.03 30.57
C MET E 175 48.91 -25.61 30.25
N ASP E 176 47.64 -25.30 30.52
CA ASP E 176 47.12 -23.96 30.28
C ASP E 176 46.29 -23.49 31.47
N HIS E 177 46.92 -22.76 32.38
CA HIS E 177 46.25 -22.24 33.57
C HIS E 177 45.67 -23.33 34.46
N GLY E 178 46.52 -24.30 34.81
CA GLY E 178 46.18 -25.30 35.80
C GLY E 178 45.57 -26.60 35.29
N LEU E 179 45.38 -26.71 33.98
CA LEU E 179 44.78 -27.92 33.41
C LEU E 179 45.53 -28.41 32.18
N PRO E 180 45.58 -29.74 32.01
CA PRO E 180 46.24 -30.37 30.86
C PRO E 180 45.54 -30.00 29.56
N GLY E 181 46.32 -29.62 28.56
CA GLY E 181 45.76 -29.25 27.25
C GLY E 181 45.40 -27.78 27.19
N TYR E 182 45.44 -27.22 25.99
CA TYR E 182 45.09 -25.83 25.76
C TYR E 182 43.66 -25.54 26.17
N MET E 183 43.42 -24.31 26.61
CA MET E 183 42.06 -23.85 26.89
C MET E 183 41.34 -23.61 25.57
N SER E 184 40.07 -23.97 25.51
CA SER E 184 39.28 -23.76 24.30
C SER E 184 37.91 -23.20 24.64
N ARG E 185 37.67 -21.95 24.24
CA ARG E 185 36.39 -21.30 24.52
C ARG E 185 35.64 -20.90 23.25
N ASP E 186 35.52 -19.60 23.02
CA ASP E 186 34.87 -19.10 21.81
C ASP E 186 35.44 -19.78 20.57
N CYS E 187 34.60 -20.46 19.82
CA CYS E 187 35.06 -21.27 18.69
C CYS E 187 34.35 -20.98 17.37
N ASN E 188 34.78 -21.68 16.34
CA ASN E 188 34.21 -21.58 15.00
C ASN E 188 34.96 -22.52 14.05
N VAL E 189 34.26 -23.03 13.05
CA VAL E 189 34.85 -23.98 12.11
C VAL E 189 35.07 -23.37 10.73
N PHE E 190 35.94 -24.01 9.94
CA PHE E 190 36.26 -23.55 8.61
C PHE E 190 36.77 -24.67 7.71
N VAL E 191 36.26 -24.72 6.48
CA VAL E 191 36.70 -25.72 5.51
C VAL E 191 37.41 -25.02 4.36
N ASP E 192 38.67 -25.40 4.14
CA ASP E 192 39.48 -24.77 3.11
C ASP E 192 39.15 -25.38 1.74
N THR E 193 39.61 -24.73 0.68
CA THR E 193 39.36 -25.21 -0.68
C THR E 193 40.10 -26.51 -0.97
N ASP E 194 41.13 -26.79 -0.17
CA ASP E 194 41.91 -28.02 -0.34
C ASP E 194 41.22 -29.23 0.28
N GLY E 195 40.18 -28.97 1.08
CA GLY E 195 39.42 -30.04 1.69
C GLY E 195 39.76 -30.27 3.15
N LYS E 196 40.73 -29.52 3.66
CA LYS E 196 41.14 -29.64 5.06
C LYS E 196 40.19 -28.86 5.96
N GLY E 197 39.81 -29.46 7.07
CA GLY E 197 38.94 -28.80 8.03
C GLY E 197 39.74 -28.16 9.15
N TYR E 198 39.19 -27.12 9.75
CA TYR E 198 39.87 -26.41 10.81
C TYR E 198 38.93 -26.03 11.96
N PHE E 199 39.50 -25.89 13.15
CA PHE E 199 38.73 -25.50 14.34
C PHE E 199 39.50 -24.43 15.10
N ILE E 200 39.00 -23.21 15.07
CA ILE E 200 39.68 -22.10 15.73
C ILE E 200 38.98 -21.72 17.04
N SER E 201 39.77 -21.53 18.10
CA SER E 201 39.23 -21.16 19.40
C SER E 201 40.19 -20.31 20.22
N ALA E 202 39.65 -19.58 21.20
CA ALA E 202 40.45 -18.73 22.08
C ALA E 202 41.12 -19.56 23.18
N ALA E 203 42.44 -19.42 23.29
CA ALA E 203 43.22 -20.18 24.28
C ALA E 203 44.01 -19.25 25.20
N ASN E 204 44.72 -19.84 26.16
CA ASN E 204 45.55 -19.07 27.08
C ASN E 204 44.75 -17.96 27.75
N GLU E 205 43.62 -18.35 28.36
CA GLU E 205 42.74 -17.40 29.02
C GLU E 205 42.23 -16.36 28.03
N ASN E 206 41.87 -16.81 26.83
CA ASN E 206 41.31 -15.94 25.80
C ASN E 206 42.31 -14.95 25.19
N MET E 207 43.55 -14.99 25.67
CA MET E 207 44.57 -14.06 25.21
C MET E 207 45.05 -14.39 23.79
N ASP E 208 45.07 -15.66 23.43
CA ASP E 208 45.54 -16.08 22.12
C ASP E 208 44.49 -16.86 21.35
N LEU E 209 44.66 -16.94 20.03
CA LEU E 209 43.79 -17.74 19.18
C LEU E 209 44.54 -18.94 18.61
N HIS E 210 43.99 -20.13 18.81
CA HIS E 210 44.60 -21.35 18.31
C HIS E 210 43.83 -21.91 17.11
N LEU E 211 44.51 -21.97 15.97
CA LEU E 211 43.94 -22.57 14.77
C LEU E 211 44.37 -24.02 14.69
N TYR E 212 43.41 -24.94 14.86
CA TYR E 212 43.72 -26.36 14.84
C TYR E 212 43.34 -26.98 13.50
N GLU E 213 44.18 -27.89 13.00
CA GLU E 213 43.84 -28.63 11.81
C GLU E 213 43.17 -29.94 12.22
N LEU E 214 42.00 -30.21 11.67
CA LEU E 214 41.25 -31.39 12.06
C LEU E 214 41.71 -32.61 11.27
N THR E 215 41.49 -33.79 11.83
CA THR E 215 41.78 -35.04 11.15
C THR E 215 40.91 -35.14 9.90
N PRO E 216 41.27 -36.06 8.99
CA PRO E 216 40.55 -36.22 7.71
C PRO E 216 39.02 -36.32 7.86
N ASP E 217 38.53 -36.89 8.96
CA ASP E 217 37.09 -37.05 9.12
C ASP E 217 36.46 -35.89 9.89
N TYR E 218 37.27 -34.90 10.24
CA TYR E 218 36.80 -33.69 10.91
C TYR E 218 36.40 -33.91 12.39
N LYS E 219 36.42 -35.16 12.84
CA LYS E 219 35.92 -35.46 14.18
C LYS E 219 37.01 -35.47 15.26
N ASN E 220 38.14 -34.83 14.97
CA ASN E 220 39.23 -34.76 15.93
C ASN E 220 40.29 -33.75 15.53
N ILE E 221 41.06 -33.27 16.50
CA ILE E 221 42.15 -32.34 16.23
C ILE E 221 43.44 -33.09 15.93
N ALA E 222 44.03 -32.80 14.79
CA ALA E 222 45.24 -33.50 14.34
C ALA E 222 46.50 -32.77 14.80
N SER E 223 46.47 -31.45 14.76
CA SER E 223 47.63 -30.65 15.13
C SER E 223 47.29 -29.17 15.27
N LEU E 224 48.22 -28.40 15.81
CA LEU E 224 48.05 -26.96 15.93
C LEU E 224 48.61 -26.25 14.71
N LYS E 225 47.71 -25.78 13.84
CA LYS E 225 48.12 -25.12 12.60
C LYS E 225 48.98 -23.89 12.89
N ALA E 226 48.51 -23.03 13.79
CA ALA E 226 49.23 -21.81 14.13
C ALA E 226 48.61 -21.06 15.30
N LYS E 227 49.43 -20.28 16.00
CA LYS E 227 48.94 -19.40 17.05
C LYS E 227 48.78 -18.00 16.46
N LEU E 228 47.54 -17.54 16.32
CA LEU E 228 47.25 -16.27 15.66
C LEU E 228 46.91 -15.15 16.64
N PHE E 229 47.45 -13.97 16.38
CA PHE E 229 47.16 -12.78 17.19
C PHE E 229 47.36 -13.04 18.67
N VAL E 230 48.61 -13.36 19.03
CA VAL E 230 48.97 -13.63 20.42
C VAL E 230 48.95 -12.35 21.26
N GLY E 231 48.30 -12.42 22.42
CA GLY E 231 48.24 -11.28 23.32
C GLY E 231 47.19 -10.27 22.94
N GLN E 232 46.71 -10.37 21.71
CA GLN E 232 45.69 -9.47 21.19
C GLN E 232 44.36 -9.62 21.94
N GLN E 233 44.13 -10.82 22.48
CA GLN E 233 42.92 -11.12 23.24
C GLN E 233 41.64 -10.96 22.40
N ARG E 234 41.69 -11.43 21.16
CA ARG E 234 40.51 -11.42 20.30
C ARG E 234 39.58 -12.59 20.63
N GLU E 235 38.31 -12.46 20.29
CA GLU E 235 37.29 -13.43 20.67
C GLU E 235 36.26 -13.61 19.56
N ALA E 236 35.32 -14.52 19.78
CA ALA E 236 34.28 -14.81 18.79
C ALA E 236 34.82 -14.79 17.37
N PRO E 237 35.77 -15.69 17.07
CA PRO E 237 36.45 -15.71 15.77
C PRO E 237 35.54 -16.17 14.63
N CYS E 238 35.74 -15.58 13.46
CA CYS E 238 35.01 -15.99 12.26
C CYS E 238 35.96 -16.11 11.08
N LEU E 239 36.25 -17.35 10.68
CA LEU E 239 37.22 -17.60 9.62
C LEU E 239 36.53 -17.86 8.28
N ILE E 240 36.87 -17.07 7.27
CA ILE E 240 36.32 -17.23 5.94
C ILE E 240 37.40 -17.06 4.86
N LYS E 241 37.02 -17.31 3.61
CA LYS E 241 37.96 -17.20 2.50
C LYS E 241 37.28 -16.61 1.27
N ARG E 242 37.99 -15.73 0.57
CA ARG E 242 37.45 -15.05 -0.61
C ARG E 242 38.53 -14.65 -1.61
N ASN E 243 38.44 -15.21 -2.81
CA ASN E 243 39.39 -14.90 -3.88
C ASN E 243 40.85 -15.05 -3.49
N GLY E 244 41.20 -16.22 -2.93
CA GLY E 244 42.57 -16.51 -2.57
C GLY E 244 43.04 -15.80 -1.32
N TYR E 245 42.13 -15.10 -0.66
CA TYR E 245 42.45 -14.39 0.58
C TYR E 245 41.72 -14.98 1.78
N TYR E 246 42.42 -15.07 2.91
CA TYR E 246 41.79 -15.50 4.16
C TYR E 246 41.42 -14.29 5.00
N TYR E 247 40.26 -14.36 5.65
CA TYR E 247 39.78 -13.25 6.48
C TYR E 247 39.36 -13.74 7.87
N LEU E 248 39.77 -13.00 8.89
CA LEU E 248 39.41 -13.33 10.26
C LEU E 248 38.74 -12.16 10.96
N ILE E 249 37.44 -12.28 11.20
CA ILE E 249 36.69 -11.25 11.91
C ILE E 249 36.50 -11.65 13.37
N THR E 250 36.93 -10.80 14.29
CA THR E 250 36.84 -11.11 15.70
C THR E 250 36.31 -9.95 16.53
N SER E 251 36.02 -10.22 17.81
CA SER E 251 35.57 -9.20 18.73
C SER E 251 36.55 -9.11 19.91
N GLY E 252 36.23 -8.25 20.87
CA GLY E 252 37.04 -8.12 22.07
C GLY E 252 36.51 -9.04 23.16
N CYS E 253 37.13 -8.97 24.33
CA CYS E 253 36.68 -9.75 25.48
C CYS E 253 36.09 -8.83 26.54
N THR E 254 34.82 -8.50 26.37
CA THR E 254 34.14 -7.60 27.30
C THR E 254 32.82 -8.20 27.79
N GLY E 255 32.80 -9.51 27.94
CA GLY E 255 31.62 -10.20 28.42
C GLY E 255 30.46 -10.12 27.43
N TRP E 256 29.25 -9.94 27.95
CA TRP E 256 28.08 -9.80 27.11
C TRP E 256 28.07 -8.48 26.35
N ASN E 257 28.60 -7.44 26.99
CA ASN E 257 28.63 -6.11 26.39
C ASN E 257 29.35 -6.10 25.04
N PRO E 258 28.70 -5.53 24.02
CA PRO E 258 29.26 -5.43 22.67
C PRO E 258 30.48 -4.52 22.65
N ASN E 259 31.39 -4.76 21.71
CA ASN E 259 32.61 -3.96 21.63
C ASN E 259 33.06 -3.77 20.18
N GLN E 260 34.18 -3.09 19.98
CA GLN E 260 34.69 -2.85 18.64
C GLN E 260 35.10 -4.14 17.95
N ALA E 261 34.52 -4.39 16.78
CA ALA E 261 34.89 -5.56 15.99
C ALA E 261 36.05 -5.21 15.06
N LYS E 262 36.96 -6.16 14.88
CA LYS E 262 38.11 -5.94 14.02
C LYS E 262 38.25 -7.07 13.02
N TYR E 263 39.00 -6.83 11.95
CA TYR E 263 39.22 -7.85 10.93
C TYR E 263 40.65 -7.81 10.41
N ALA E 264 41.14 -8.97 9.97
CA ALA E 264 42.47 -9.09 9.40
C ALA E 264 42.43 -10.03 8.21
N TYR E 265 43.45 -9.96 7.36
CA TYR E 265 43.50 -10.80 6.17
C TYR E 265 44.88 -11.39 5.98
N SER E 266 44.98 -12.40 5.12
CA SER E 266 46.25 -13.06 4.85
C SER E 266 46.17 -13.97 3.63
N LYS E 267 47.33 -14.24 3.03
CA LYS E 267 47.43 -15.13 1.90
C LYS E 267 47.61 -16.57 2.37
N ASP E 268 47.96 -16.71 3.65
CA ASP E 268 48.18 -18.02 4.25
C ASP E 268 47.57 -18.12 5.64
N LEU E 269 47.20 -19.33 6.03
CA LEU E 269 46.62 -19.57 7.34
C LEU E 269 47.69 -19.51 8.41
N ALA E 270 48.83 -20.13 8.14
CA ALA E 270 49.93 -20.21 9.10
C ALA E 270 50.52 -18.85 9.44
N SER E 271 50.81 -18.06 8.41
CA SER E 271 51.44 -16.76 8.60
C SER E 271 51.05 -15.78 7.50
N GLY E 272 51.50 -14.54 7.63
CA GLY E 272 51.20 -13.51 6.65
C GLY E 272 49.97 -12.70 6.99
N TRP E 273 49.53 -12.82 8.24
CA TRP E 273 48.34 -12.11 8.68
C TRP E 273 48.63 -10.62 8.86
N SER E 274 47.72 -9.79 8.38
CA SER E 274 47.90 -8.35 8.50
C SER E 274 47.61 -7.90 9.92
N GLN E 275 47.43 -6.60 10.10
CA GLN E 275 47.12 -6.05 11.41
C GLN E 275 45.61 -6.03 11.61
N LEU E 276 45.18 -5.52 12.77
CA LEU E 276 43.77 -5.45 13.09
C LEU E 276 43.16 -4.14 12.61
N TYR E 277 42.24 -4.24 11.65
CA TYR E 277 41.54 -3.08 11.16
C TYR E 277 40.12 -3.06 11.71
N ASN E 278 39.63 -1.87 12.03
CA ASN E 278 38.30 -1.72 12.59
C ASN E 278 37.17 -2.12 11.64
N LEU E 279 36.13 -2.73 12.18
CA LEU E 279 34.96 -3.12 11.39
C LEU E 279 33.69 -2.70 12.13
N GLY E 280 32.90 -1.85 11.49
CA GLY E 280 31.71 -1.30 12.12
C GLY E 280 32.08 -0.22 13.12
N ASN E 281 31.14 0.15 13.98
CA ASN E 281 31.39 1.18 14.98
C ASN E 281 31.95 0.61 16.28
N SER E 282 32.00 1.43 17.32
CA SER E 282 32.62 1.04 18.58
C SER E 282 31.91 -0.12 19.27
N THR E 283 30.69 -0.41 18.84
CA THR E 283 29.91 -1.48 19.47
C THR E 283 29.49 -2.53 18.44
N THR E 284 30.05 -2.43 17.24
CA THR E 284 29.66 -3.33 16.16
C THR E 284 28.15 -3.30 15.99
N TYR E 285 27.56 -2.12 16.19
CA TYR E 285 26.11 -1.95 16.07
C TYR E 285 25.39 -2.76 17.15
N ARG E 286 25.95 -2.74 18.34
CA ARG E 286 25.37 -3.46 19.48
C ARG E 286 25.22 -4.94 19.19
N SER E 287 26.31 -5.57 18.75
CA SER E 287 26.30 -7.00 18.48
C SER E 287 27.68 -7.63 18.61
N GLN E 288 27.72 -8.96 18.61
CA GLN E 288 28.97 -9.69 18.65
C GLN E 288 28.98 -10.73 17.53
N PRO E 289 30.03 -10.71 16.70
CA PRO E 289 30.18 -11.65 15.57
C PRO E 289 29.97 -13.09 15.99
N THR E 290 29.35 -13.89 15.13
CA THR E 290 29.13 -15.30 15.42
C THR E 290 29.41 -16.19 14.21
N PHE E 291 29.18 -15.66 13.01
CA PHE E 291 29.44 -16.41 11.79
C PHE E 291 29.25 -15.56 10.54
N ILE E 292 30.05 -15.85 9.51
CA ILE E 292 29.94 -15.17 8.23
C ILE E 292 29.89 -16.20 7.10
N ILE E 293 28.85 -16.13 6.27
CA ILE E 293 28.64 -17.13 5.23
C ILE E 293 28.37 -16.51 3.86
N PRO E 294 29.03 -17.03 2.81
CA PRO E 294 28.84 -16.57 1.44
C PRO E 294 27.47 -16.97 0.90
N VAL E 295 26.76 -16.01 0.31
CA VAL E 295 25.47 -16.27 -0.32
C VAL E 295 25.58 -16.18 -1.85
N GLN E 296 25.65 -17.33 -2.50
CA GLN E 296 25.86 -17.36 -3.95
C GLN E 296 24.55 -17.49 -4.74
N GLY E 297 24.33 -16.52 -5.63
CA GLY E 297 23.14 -16.49 -6.46
C GLY E 297 23.49 -16.30 -7.91
N SER E 298 22.47 -16.07 -8.74
CA SER E 298 22.68 -15.90 -10.18
C SER E 298 23.44 -14.60 -10.49
N SER E 299 23.05 -13.53 -9.82
CA SER E 299 23.67 -12.22 -10.03
C SER E 299 25.12 -12.20 -9.58
N GLY E 300 25.40 -12.79 -8.43
CA GLY E 300 26.75 -12.82 -7.89
C GLY E 300 26.81 -13.51 -6.54
N THR E 301 27.78 -13.11 -5.73
CA THR E 301 27.95 -13.69 -4.40
C THR E 301 28.14 -12.60 -3.36
N SER E 302 27.25 -12.55 -2.38
CA SER E 302 27.36 -11.61 -1.28
C SER E 302 27.69 -12.36 -0.01
N TYR E 303 28.07 -11.63 1.04
CA TYR E 303 28.43 -12.25 2.31
C TYR E 303 27.53 -11.82 3.44
N LEU E 304 26.96 -12.80 4.14
CA LEU E 304 26.02 -12.52 5.21
C LEU E 304 26.71 -12.58 6.57
N TYR E 305 26.69 -11.45 7.26
CA TYR E 305 27.24 -11.35 8.60
C TYR E 305 26.18 -11.69 9.64
N MET E 306 26.45 -12.69 10.46
CA MET E 306 25.55 -13.06 11.54
C MET E 306 26.11 -12.58 12.87
N GLY E 307 25.27 -11.92 13.65
CA GLY E 307 25.66 -11.40 14.94
C GLY E 307 24.61 -11.62 16.00
N ASP E 308 25.01 -11.50 17.27
CA ASP E 308 24.10 -11.66 18.38
C ASP E 308 24.05 -10.40 19.24
N ARG E 309 22.84 -9.91 19.50
CA ARG E 309 22.68 -8.81 20.44
C ARG E 309 22.33 -9.40 21.81
N TRP E 310 23.36 -9.87 22.52
CA TRP E 310 23.16 -10.55 23.78
C TRP E 310 22.41 -9.71 24.81
N ALA E 311 21.31 -10.26 25.31
CA ALA E 311 20.50 -9.58 26.32
C ALA E 311 21.29 -9.38 27.61
N GLY E 312 22.36 -10.17 27.78
CA GLY E 312 23.18 -10.08 28.97
C GLY E 312 23.82 -8.71 29.11
N ALA E 313 23.97 -8.03 27.98
CA ALA E 313 24.57 -6.69 27.97
C ALA E 313 23.76 -5.73 28.83
N TRP E 314 22.48 -6.04 29.02
CA TRP E 314 21.62 -5.22 29.87
C TRP E 314 20.98 -6.00 31.01
N GLY E 315 21.65 -7.07 31.44
CA GLY E 315 21.20 -7.85 32.58
C GLY E 315 20.16 -8.90 32.26
N GLY E 316 19.91 -9.11 30.97
CA GLY E 316 18.92 -10.08 30.54
C GLY E 316 19.51 -11.46 30.31
N LYS E 317 18.67 -12.48 30.37
CA LYS E 317 19.10 -13.85 30.13
C LYS E 317 19.27 -14.12 28.63
N VAL E 318 19.96 -15.20 28.29
CA VAL E 318 20.26 -15.51 26.89
C VAL E 318 18.98 -15.64 26.07
N ASN E 319 17.91 -16.14 26.70
CA ASN E 319 16.62 -16.30 26.04
C ASN E 319 16.13 -15.03 25.37
N ASP E 320 16.46 -13.88 25.95
CA ASP E 320 15.95 -12.60 25.46
C ASP E 320 16.89 -11.94 24.47
N SER E 321 17.91 -12.67 24.03
CA SER E 321 18.88 -12.14 23.07
C SER E 321 18.27 -11.97 21.68
N GLN E 322 18.80 -11.01 20.92
CA GLN E 322 18.27 -10.69 19.60
C GLN E 322 19.32 -10.94 18.53
N TYR E 323 18.98 -10.65 17.27
CA TYR E 323 19.89 -10.91 16.17
C TYR E 323 20.15 -9.68 15.30
N VAL E 324 21.31 -9.64 14.68
CA VAL E 324 21.67 -8.56 13.77
C VAL E 324 22.38 -9.12 12.55
N TRP E 325 21.69 -9.15 11.42
CA TRP E 325 22.26 -9.64 10.18
C TRP E 325 22.56 -8.50 9.22
N LEU E 326 23.78 -8.48 8.70
CA LEU E 326 24.22 -7.41 7.81
C LEU E 326 25.06 -7.95 6.67
N PRO E 327 25.11 -7.21 5.55
CA PRO E 327 25.94 -7.59 4.41
C PRO E 327 27.39 -7.22 4.64
N LEU E 328 28.30 -8.13 4.34
CA LEU E 328 29.73 -7.85 4.42
C LEU E 328 30.28 -7.51 3.04
N ASN E 329 30.62 -6.25 2.85
CA ASN E 329 31.07 -5.78 1.55
C ASN E 329 32.59 -5.70 1.43
N PHE E 330 33.11 -6.16 0.30
CA PHE E 330 34.53 -6.14 0.04
C PHE E 330 34.84 -5.09 -1.02
N ILE E 331 35.13 -3.88 -0.55
CA ILE E 331 35.56 -2.81 -1.44
C ILE E 331 36.76 -3.27 -2.25
N SER E 332 37.69 -3.94 -1.57
CA SER E 332 38.85 -4.53 -2.21
C SER E 332 39.29 -5.73 -1.38
N ASP E 333 40.30 -6.45 -1.85
CA ASP E 333 40.79 -7.61 -1.11
C ASP E 333 41.38 -7.18 0.23
N THR E 334 41.66 -5.88 0.35
CA THR E 334 42.29 -5.35 1.56
C THR E 334 41.30 -4.59 2.43
N THR E 335 40.36 -3.90 1.79
CA THR E 335 39.42 -3.05 2.51
C THR E 335 38.05 -3.73 2.66
N LEU E 336 37.63 -3.92 3.90
CA LEU E 336 36.32 -4.50 4.16
C LEU E 336 35.38 -3.47 4.74
N GLU E 337 34.08 -3.70 4.56
CA GLU E 337 33.08 -2.76 5.01
C GLU E 337 31.85 -3.48 5.56
N LEU E 338 31.37 -3.02 6.71
CA LEU E 338 30.18 -3.61 7.33
C LEU E 338 29.19 -2.51 7.68
N PRO E 339 28.35 -2.14 6.71
CA PRO E 339 27.36 -1.08 6.93
C PRO E 339 26.22 -1.58 7.80
N TYR E 340 25.52 -0.67 8.47
CA TYR E 340 24.37 -1.04 9.26
C TYR E 340 23.07 -0.55 8.64
N TYR E 341 22.09 -1.45 8.55
CA TYR E 341 20.79 -1.13 8.03
C TYR E 341 19.74 -1.66 9.00
N ASP E 342 18.76 -0.81 9.31
CA ASP E 342 17.69 -1.22 10.21
C ASP E 342 16.90 -2.39 9.61
N SER E 343 16.81 -2.41 8.28
CA SER E 343 16.13 -3.47 7.56
C SER E 343 16.96 -3.97 6.39
N VAL E 344 17.19 -5.27 6.31
CA VAL E 344 18.01 -5.83 5.25
C VAL E 344 17.23 -6.70 4.26
N LYS E 345 17.38 -6.41 2.97
CA LYS E 345 16.72 -7.17 1.92
C LYS E 345 17.62 -8.31 1.48
N ILE E 346 17.13 -9.55 1.61
CA ILE E 346 17.91 -10.71 1.23
C ILE E 346 17.27 -11.48 0.08
N ASP E 347 18.00 -11.61 -1.03
CA ASP E 347 17.55 -12.36 -2.18
C ASP E 347 18.52 -13.49 -2.46
N ALA E 348 18.24 -14.66 -1.90
CA ALA E 348 19.12 -15.81 -2.00
C ALA E 348 19.34 -16.32 -3.43
N SER E 349 18.27 -16.38 -4.20
CA SER E 349 18.35 -16.87 -5.57
C SER E 349 19.25 -15.99 -6.43
N SER E 350 19.19 -14.68 -6.21
CA SER E 350 20.01 -13.74 -6.96
C SER E 350 21.41 -13.65 -6.35
N GLY E 351 21.50 -13.88 -5.05
CA GLY E 351 22.75 -13.76 -4.33
C GLY E 351 23.07 -12.32 -3.97
N ILE E 352 22.04 -11.55 -3.65
CA ILE E 352 22.20 -10.14 -3.34
C ILE E 352 21.69 -9.82 -1.94
N ILE E 353 22.52 -9.12 -1.17
CA ILE E 353 22.16 -8.66 0.15
C ILE E 353 22.39 -7.15 0.25
N SER E 354 21.30 -6.40 0.40
CA SER E 354 21.38 -4.94 0.42
C SER E 354 20.42 -4.34 1.44
N GLU E 355 20.43 -3.01 1.52
CA GLU E 355 19.55 -2.29 2.43
C GLU E 355 18.12 -2.28 1.90
N TYR E 356 17.16 -2.38 2.82
CA TYR E 356 15.75 -2.31 2.48
C TYR E 356 15.22 -0.90 2.71
N ILE E 357 14.88 -0.23 1.61
CA ILE E 357 14.33 1.12 1.67
C ILE E 357 12.81 1.07 1.64
N PRO E 358 12.17 1.38 2.78
CA PRO E 358 10.71 1.35 2.91
C PRO E 358 10.03 2.21 1.85
N ASP E 359 10.57 3.41 1.63
CA ASP E 359 10.01 4.34 0.66
C ASP E 359 10.96 4.52 -0.52
N THR E 360 10.63 3.90 -1.65
CA THR E 360 11.52 3.90 -2.82
C THR E 360 11.33 5.15 -3.68
N THR E 361 10.72 6.18 -3.10
CA THR E 361 10.49 7.44 -3.81
C THR E 361 11.78 8.21 -4.07
N ARG E 362 12.20 8.25 -5.34
CA ARG E 362 13.41 9.00 -5.70
C ARG E 362 13.18 10.50 -5.56
N TYR E 363 14.20 11.20 -5.09
CA TYR E 363 14.10 12.63 -4.84
C TYR E 363 15.21 13.42 -5.54
N LYS E 364 15.17 14.73 -5.39
CA LYS E 364 16.16 15.63 -5.99
C LYS E 364 16.25 16.91 -5.18
N LEU E 365 17.43 17.18 -4.62
CA LEU E 365 17.62 18.34 -3.76
C LEU E 365 18.21 19.51 -4.56
N VAL E 366 17.40 20.53 -4.79
CA VAL E 366 17.83 21.70 -5.54
C VAL E 366 18.12 22.88 -4.62
N ASN E 367 19.24 23.55 -4.84
CA ASN E 367 19.60 24.69 -4.01
C ASN E 367 18.93 25.98 -4.49
N LYS E 368 18.34 26.72 -3.56
CA LYS E 368 17.63 27.95 -3.88
C LYS E 368 18.50 28.91 -4.68
N ASN E 369 19.65 29.27 -4.10
CA ASN E 369 20.58 30.20 -4.71
C ASN E 369 21.20 29.65 -6.00
N SER E 370 22.04 28.63 -5.85
CA SER E 370 22.79 28.10 -6.99
C SER E 370 21.87 27.64 -8.12
N GLY E 371 20.82 26.92 -7.75
CA GLY E 371 19.90 26.35 -8.73
C GLY E 371 20.38 24.98 -9.16
N LYS E 372 21.53 24.58 -8.65
CA LYS E 372 22.08 23.26 -8.94
C LYS E 372 21.48 22.23 -8.00
N VAL E 373 21.77 20.96 -8.27
CA VAL E 373 21.22 19.89 -7.46
C VAL E 373 22.31 19.15 -6.70
N LEU E 374 21.95 18.58 -5.56
CA LEU E 374 22.90 17.80 -4.76
C LEU E 374 23.38 16.59 -5.55
N ASP E 375 24.69 16.46 -5.70
CA ASP E 375 25.26 15.41 -6.54
C ASP E 375 26.54 14.87 -5.94
N VAL E 376 27.06 13.79 -6.51
CA VAL E 376 28.32 13.21 -6.05
C VAL E 376 29.42 13.46 -7.08
N LEU E 377 30.58 13.90 -6.62
CA LEU E 377 31.70 14.22 -7.51
C LEU E 377 32.04 13.08 -8.46
N ASP E 378 31.89 13.35 -9.76
CA ASP E 378 32.20 12.38 -10.79
C ASP E 378 31.26 11.18 -10.74
N GLY E 379 30.11 11.37 -10.11
CA GLY E 379 29.13 10.31 -9.96
C GLY E 379 29.76 9.05 -9.40
N SER E 380 30.76 9.24 -8.54
CA SER E 380 31.49 8.11 -7.97
C SER E 380 30.67 7.37 -6.93
N VAL E 381 30.86 6.05 -6.87
CA VAL E 381 30.22 5.23 -5.86
C VAL E 381 31.23 4.83 -4.79
N ASP E 382 32.43 5.36 -4.91
CA ASP E 382 33.49 5.08 -3.94
C ASP E 382 33.14 5.66 -2.59
N ASN E 383 33.75 5.10 -1.54
CA ASN E 383 33.48 5.54 -0.18
C ASN E 383 34.14 6.89 0.12
N ALA E 384 33.45 7.71 0.90
CA ALA E 384 33.95 9.02 1.31
C ALA E 384 34.10 9.98 0.14
N ALA E 385 33.32 9.77 -0.91
CA ALA E 385 33.34 10.64 -2.07
C ALA E 385 32.76 12.02 -1.74
N GLN E 386 33.34 13.06 -2.35
CA GLN E 386 32.92 14.44 -2.08
C GLN E 386 31.54 14.76 -2.64
N ILE E 387 30.74 15.47 -1.85
CA ILE E 387 29.42 15.91 -2.28
C ILE E 387 29.48 17.31 -2.88
N VAL E 388 29.05 17.45 -4.13
CA VAL E 388 29.08 18.74 -4.81
C VAL E 388 27.75 19.03 -5.48
N GLN E 389 27.52 20.31 -5.81
CA GLN E 389 26.33 20.70 -6.55
C GLN E 389 26.63 20.62 -8.05
N TRP E 390 25.59 20.46 -8.86
CA TRP E 390 25.78 20.31 -10.30
C TRP E 390 24.49 20.63 -11.06
N THR E 391 24.62 20.89 -12.36
CA THR E 391 23.46 21.18 -13.19
C THR E 391 22.54 19.96 -13.27
N ASP E 392 21.24 20.20 -13.15
CA ASP E 392 20.26 19.11 -13.25
C ASP E 392 20.39 18.44 -14.62
N ASN E 393 21.01 17.28 -14.65
CA ASN E 393 21.20 16.56 -15.90
C ASN E 393 20.53 15.17 -15.87
N GLY E 394 19.76 14.91 -14.84
CA GLY E 394 19.04 13.66 -14.72
C GLY E 394 19.94 12.46 -14.55
N SER E 395 21.14 12.69 -14.03
CA SER E 395 22.09 11.61 -13.79
C SER E 395 21.68 10.81 -12.56
N LEU E 396 22.11 9.56 -12.50
CA LEU E 396 21.79 8.68 -11.37
C LEU E 396 22.30 9.26 -10.05
N SER E 397 23.51 9.78 -10.09
CA SER E 397 24.18 10.32 -8.90
C SER E 397 23.45 11.51 -8.27
N GLN E 398 22.42 12.02 -8.95
CA GLN E 398 21.66 13.18 -8.46
C GLN E 398 20.33 12.79 -7.83
N GLN E 399 20.11 11.49 -7.65
CA GLN E 399 18.87 11.00 -7.06
C GLN E 399 19.10 10.42 -5.67
N TRP E 400 18.16 10.67 -4.75
CA TRP E 400 18.34 10.27 -3.37
C TRP E 400 17.07 9.69 -2.74
N TYR E 401 17.26 8.70 -1.87
CA TYR E 401 16.15 8.15 -1.08
C TYR E 401 16.04 8.89 0.24
N LEU E 402 14.91 8.72 0.92
CA LEU E 402 14.73 9.31 2.25
C LEU E 402 14.24 8.25 3.23
N VAL E 403 15.16 7.78 4.07
CA VAL E 403 14.85 6.75 5.05
C VAL E 403 14.73 7.34 6.45
N ASP E 404 13.51 7.44 6.95
CA ASP E 404 13.29 7.98 8.29
C ASP E 404 13.89 7.06 9.34
N VAL E 405 14.57 7.66 10.32
CA VAL E 405 15.22 6.91 11.38
C VAL E 405 14.69 7.32 12.74
N GLY E 406 13.45 7.81 12.77
CA GLY E 406 12.82 8.22 14.01
C GLY E 406 13.34 9.55 14.50
N GLY E 407 12.62 10.14 15.46
CA GLY E 407 13.02 11.42 16.02
C GLY E 407 12.82 12.58 15.07
N GLY E 408 12.26 12.30 13.90
CA GLY E 408 12.01 13.34 12.92
C GLY E 408 13.16 13.48 11.93
N TYR E 409 14.26 12.80 12.23
CA TYR E 409 15.45 12.82 11.37
C TYR E 409 15.36 11.75 10.29
N LYS E 410 16.12 11.92 9.22
CA LYS E 410 16.07 11.00 8.09
C LYS E 410 17.45 10.81 7.47
N LYS E 411 17.65 9.65 6.84
CA LYS E 411 18.90 9.40 6.11
C LYS E 411 18.73 9.85 4.68
N ILE E 412 19.74 10.54 4.14
CA ILE E 412 19.70 10.92 2.74
C ILE E 412 20.62 10.00 1.95
N VAL E 413 20.04 8.91 1.44
CA VAL E 413 20.82 7.88 0.76
C VAL E 413 20.88 8.07 -0.75
N ASN E 414 22.08 8.06 -1.30
CA ASN E 414 22.26 8.17 -2.74
C ASN E 414 21.66 6.95 -3.44
N VAL E 415 21.33 7.08 -4.72
CA VAL E 415 20.72 5.98 -5.47
C VAL E 415 21.76 5.20 -6.29
N LYS E 416 22.65 5.93 -6.97
CA LYS E 416 23.70 5.31 -7.76
C LYS E 416 24.50 4.37 -6.88
N SER E 417 24.89 4.85 -5.70
CA SER E 417 25.50 4.01 -4.68
C SER E 417 24.48 3.80 -3.57
N GLY E 418 24.87 3.06 -2.54
CA GLY E 418 23.98 2.82 -1.42
C GLY E 418 24.44 3.58 -0.18
N ARG E 419 25.28 4.57 -0.40
CA ARG E 419 25.90 5.31 0.70
C ARG E 419 25.07 6.52 1.12
N ALA E 420 25.11 6.82 2.42
CA ALA E 420 24.32 7.89 3.00
C ALA E 420 25.10 9.20 3.12
N LEU E 421 24.39 10.32 3.01
CA LEU E 421 24.97 11.64 3.19
C LEU E 421 25.59 11.72 4.58
N ASP E 422 26.88 12.01 4.63
CA ASP E 422 27.62 11.95 5.89
C ASP E 422 28.53 13.17 6.12
N VAL E 423 28.55 13.65 7.36
CA VAL E 423 29.47 14.72 7.74
C VAL E 423 30.83 14.10 8.05
N LYS E 424 31.79 14.29 7.14
CA LYS E 424 33.10 13.67 7.27
C LYS E 424 33.70 13.79 8.67
N ASP E 425 34.11 12.66 9.24
CA ASP E 425 34.78 12.63 10.53
C ASP E 425 33.96 13.22 11.68
N GLU E 426 32.63 13.11 11.56
CA GLU E 426 31.74 13.62 12.59
C GLU E 426 32.11 15.03 13.03
N SER E 427 32.46 15.88 12.07
CA SER E 427 32.88 17.24 12.37
C SER E 427 31.75 18.06 12.96
N LYS E 428 32.10 18.97 13.87
CA LYS E 428 31.12 19.86 14.49
C LYS E 428 31.51 21.32 14.24
N GLU E 429 32.21 21.55 13.14
CA GLU E 429 32.74 22.87 12.82
C GLU E 429 32.19 23.41 11.51
N ASP E 430 32.24 24.73 11.35
CA ASP E 430 31.81 25.38 10.12
C ASP E 430 32.76 25.01 8.98
N GLY E 431 32.20 24.71 7.80
CA GLY E 431 33.00 24.37 6.64
C GLY E 431 33.28 22.87 6.52
N GLY E 432 32.80 22.10 7.49
CA GLY E 432 32.98 20.66 7.48
C GLY E 432 32.46 20.00 6.21
N VAL E 433 33.37 19.50 5.39
CA VAL E 433 33.00 18.88 4.12
C VAL E 433 32.02 17.73 4.29
N LEU E 434 31.08 17.61 3.33
CA LEU E 434 30.12 16.51 3.33
C LEU E 434 30.50 15.46 2.29
N ILE E 435 30.37 14.20 2.68
CA ILE E 435 30.71 13.07 1.82
C ILE E 435 29.65 11.98 1.86
N GLN E 436 29.76 11.01 0.96
CA GLN E 436 28.92 9.83 1.01
C GLN E 436 29.67 8.69 1.69
N TYR E 437 29.16 8.23 2.81
CA TYR E 437 29.86 7.22 3.60
C TYR E 437 28.96 6.04 3.93
N THR E 438 29.57 4.91 4.26
CA THR E 438 28.83 3.71 4.61
C THR E 438 27.93 3.98 5.81
N SER E 439 26.70 3.47 5.75
CA SER E 439 25.76 3.66 6.84
C SER E 439 26.29 3.06 8.14
N ASN E 440 26.37 3.86 9.19
CA ASN E 440 26.89 3.39 10.46
C ASN E 440 26.06 3.82 11.67
N GLY E 441 24.86 4.32 11.42
CA GLY E 441 23.96 4.70 12.48
C GLY E 441 24.38 5.92 13.27
N GLY E 442 25.43 6.61 12.81
CA GLY E 442 25.91 7.80 13.47
C GLY E 442 25.01 8.99 13.24
N TYR E 443 24.88 9.86 14.24
CA TYR E 443 24.03 11.04 14.12
C TYR E 443 24.49 11.98 13.02
N ASN E 444 25.75 11.85 12.61
CA ASN E 444 26.29 12.66 11.53
C ASN E 444 25.80 12.17 10.17
N GLN E 445 24.84 11.25 10.21
CA GLN E 445 24.21 10.73 9.00
C GLN E 445 22.70 10.88 9.07
N HIS E 446 22.24 11.51 10.15
CA HIS E 446 20.81 11.78 10.36
C HIS E 446 20.52 13.25 10.09
N TRP E 447 19.49 13.52 9.29
CA TRP E 447 19.18 14.89 8.90
C TRP E 447 17.72 15.26 9.13
N LYS E 448 17.48 16.47 9.62
CA LYS E 448 16.13 16.96 9.84
C LYS E 448 15.75 18.00 8.80
N PHE E 449 14.52 17.89 8.29
CA PHE E 449 13.99 18.85 7.33
C PHE E 449 13.07 19.86 7.99
N THR E 450 13.43 21.13 7.90
CA THR E 450 12.60 22.19 8.46
C THR E 450 12.07 23.11 7.36
N ASP E 451 10.75 23.22 7.27
CA ASP E 451 10.12 24.01 6.22
C ASP E 451 10.18 25.49 6.53
N ILE E 452 10.55 26.28 5.53
CA ILE E 452 10.63 27.74 5.67
C ILE E 452 9.73 28.45 4.69
N GLY E 453 8.94 27.69 3.94
CA GLY E 453 8.08 28.26 2.93
C GLY E 453 8.66 28.12 1.54
N ASP E 454 7.80 28.27 0.54
CA ASP E 454 8.20 28.16 -0.87
C ASP E 454 8.71 26.76 -1.21
N GLY E 455 8.37 25.79 -0.37
CA GLY E 455 8.76 24.40 -0.59
C GLY E 455 10.24 24.18 -0.37
N TYR E 456 10.89 25.13 0.28
CA TYR E 456 12.31 25.04 0.61
C TYR E 456 12.51 24.65 2.07
N TYR E 457 13.55 23.85 2.32
CA TYR E 457 13.84 23.35 3.66
C TYR E 457 15.24 23.70 4.11
N LYS E 458 15.46 23.66 5.42
CA LYS E 458 16.78 23.80 6.00
C LYS E 458 17.23 22.48 6.61
N ILE E 459 17.95 21.68 5.82
CA ILE E 459 18.34 20.34 6.23
C ILE E 459 19.45 20.37 7.27
N SER E 460 19.09 20.37 8.55
CA SER E 460 20.09 20.40 9.61
C SER E 460 20.65 19.01 9.90
N SER E 461 21.75 18.96 10.65
CA SER E 461 22.36 17.69 11.02
C SER E 461 22.10 17.39 12.48
N ARG E 462 21.76 16.14 12.78
CA ARG E 462 21.41 15.73 14.13
C ARG E 462 22.59 15.84 15.10
N HIS E 463 23.80 15.80 14.54
CA HIS E 463 25.02 15.81 15.36
C HIS E 463 25.18 17.12 16.11
N CYS E 464 25.39 18.21 15.38
CA CYS E 464 25.63 19.51 16.00
C CYS E 464 24.49 20.50 15.78
N GLY E 465 23.87 20.42 14.61
CA GLY E 465 22.75 21.30 14.30
C GLY E 465 22.96 22.09 13.02
N LYS E 466 24.22 22.25 12.64
CA LYS E 466 24.58 22.97 11.43
C LYS E 466 23.94 22.29 10.22
N LEU E 467 23.58 23.07 9.21
CA LEU E 467 22.82 22.54 8.08
C LEU E 467 23.62 22.53 6.78
N ILE E 468 23.13 21.81 5.78
CA ILE E 468 23.78 21.71 4.49
C ILE E 468 23.98 23.10 3.87
N ASP E 469 25.22 23.38 3.45
CA ASP E 469 25.57 24.69 2.92
C ASP E 469 26.44 24.55 1.67
N VAL E 470 26.27 25.48 0.73
CA VAL E 470 27.13 25.51 -0.45
C VAL E 470 28.31 26.44 -0.17
N ARG E 471 29.51 25.87 -0.18
CA ARG E 471 30.72 26.61 0.18
C ARG E 471 30.82 27.94 -0.56
N LYS E 472 30.79 29.03 0.20
CA LYS E 472 30.97 30.38 -0.33
C LYS E 472 30.01 30.72 -1.47
N TRP E 473 28.76 30.30 -1.34
CA TRP E 473 27.70 30.65 -2.28
C TRP E 473 28.04 30.35 -3.75
N SER E 474 28.79 29.28 -3.98
CA SER E 474 29.19 28.90 -5.34
C SER E 474 27.99 28.78 -6.27
N THR E 475 28.13 29.28 -7.50
CA THR E 475 27.03 29.25 -8.46
C THR E 475 27.30 28.23 -9.58
N GLU E 476 28.56 27.79 -9.68
CA GLU E 476 28.96 26.90 -10.76
C GLU E 476 28.93 25.44 -10.33
N ASP E 477 29.24 24.54 -11.25
CA ASP E 477 29.28 23.12 -10.97
C ASP E 477 30.48 22.79 -10.09
N GLY E 478 30.46 21.61 -9.49
CA GLY E 478 31.54 21.17 -8.62
C GLY E 478 31.58 21.92 -7.30
N GLY E 479 30.60 22.79 -7.08
CA GLY E 479 30.50 23.55 -5.85
C GLY E 479 30.46 22.65 -4.63
N ILE E 480 31.52 22.70 -3.82
CA ILE E 480 31.62 21.84 -2.65
C ILE E 480 30.46 22.02 -1.67
N ILE E 481 29.79 20.92 -1.38
CA ILE E 481 28.72 20.88 -0.39
C ILE E 481 29.30 20.62 1.00
N GLN E 482 29.00 21.52 1.93
CA GLN E 482 29.61 21.45 3.26
C GLN E 482 28.59 21.60 4.38
N GLN E 483 29.10 21.78 5.60
CA GLN E 483 28.27 21.97 6.77
C GLN E 483 28.51 23.38 7.29
N TRP E 484 27.45 24.04 7.75
CA TRP E 484 27.60 25.41 8.22
C TRP E 484 26.45 25.83 9.14
N SER E 485 26.73 26.74 10.05
CA SER E 485 25.71 27.25 10.97
C SER E 485 24.62 27.98 10.20
N ASP E 486 23.42 28.02 10.79
CA ASP E 486 22.28 28.66 10.14
C ASP E 486 22.48 30.17 9.99
N ALA E 487 22.74 30.61 8.78
CA ALA E 487 22.96 32.02 8.50
C ALA E 487 21.75 32.65 7.80
N GLY E 488 20.80 31.80 7.40
CA GLY E 488 19.61 32.27 6.72
C GLY E 488 19.91 32.72 5.30
N GLY E 489 20.83 32.02 4.64
CA GLY E 489 21.19 32.36 3.27
C GLY E 489 20.58 31.41 2.26
N THR E 490 20.39 31.92 1.04
CA THR E 490 19.79 31.12 -0.02
C THR E 490 20.69 29.96 -0.42
N ASN E 491 21.96 30.03 -0.03
CA ASN E 491 22.90 28.95 -0.28
C ASN E 491 22.68 27.80 0.69
N GLN E 492 21.81 28.03 1.68
CA GLN E 492 21.52 27.04 2.70
C GLN E 492 20.12 26.43 2.54
N HIS E 493 19.33 27.02 1.66
CA HIS E 493 17.95 26.57 1.45
C HIS E 493 17.83 25.58 0.30
N TRP E 494 17.13 24.48 0.54
CA TRP E 494 17.03 23.41 -0.46
C TRP E 494 15.59 23.03 -0.78
N LYS E 495 15.36 22.65 -2.03
CA LYS E 495 14.02 22.28 -2.49
C LYS E 495 13.97 20.79 -2.77
N LEU E 496 12.94 20.12 -2.26
CA LEU E 496 12.78 18.69 -2.45
C LEU E 496 11.89 18.41 -3.66
N VAL E 497 12.51 17.92 -4.73
CA VAL E 497 11.80 17.68 -5.99
C VAL E 497 11.77 16.21 -6.43
N LEU E 498 10.55 15.73 -6.69
CA LEU E 498 10.33 14.36 -7.12
C LEU E 498 10.77 14.14 -8.57
N VAL E 499 10.84 12.88 -8.99
CA VAL E 499 11.25 12.55 -10.35
C VAL E 499 10.71 11.19 -10.79
N GLU F 39 -2.71 35.42 24.96
CA GLU F 39 -3.98 34.76 24.67
C GLU F 39 -4.54 35.25 23.34
N GLY F 40 -3.79 35.02 22.26
CA GLY F 40 -4.20 35.39 20.92
C GLY F 40 -5.17 34.37 20.35
N VAL F 41 -6.34 34.25 20.99
CA VAL F 41 -7.34 33.27 20.60
C VAL F 41 -8.63 33.90 20.08
N ILE F 42 -9.15 33.33 19.00
CA ILE F 42 -10.37 33.81 18.37
C ILE F 42 -11.49 32.78 18.48
N VAL F 43 -12.72 33.26 18.72
CA VAL F 43 -13.87 32.37 18.81
C VAL F 43 -14.75 32.54 17.58
N ASN F 44 -14.75 31.53 16.71
CA ASN F 44 -15.53 31.58 15.48
C ASN F 44 -17.03 31.52 15.74
N GLY F 45 -17.81 31.94 14.74
CA GLY F 45 -19.25 31.95 14.86
C GLY F 45 -19.77 33.08 15.72
N THR F 46 -18.93 34.09 15.94
CA THR F 46 -19.29 35.24 16.76
C THR F 46 -18.90 36.55 16.07
N GLN F 47 -19.24 37.67 16.70
CA GLN F 47 -18.85 38.97 16.20
C GLN F 47 -17.71 39.55 17.02
N PHE F 48 -16.52 39.56 16.44
CA PHE F 48 -15.32 40.05 17.12
C PHE F 48 -15.50 41.49 17.59
N LYS F 49 -14.93 41.81 18.74
CA LYS F 49 -15.01 43.18 19.26
C LYS F 49 -13.66 43.88 19.21
N ASP F 50 -13.68 45.15 18.79
CA ASP F 50 -12.46 45.95 18.72
C ASP F 50 -11.99 46.35 20.12
N THR F 51 -10.84 47.02 20.19
CA THR F 51 -10.26 47.44 21.45
C THR F 51 -11.20 48.34 22.25
N SER F 52 -12.07 49.06 21.54
CA SER F 52 -13.02 49.97 22.17
C SER F 52 -14.11 49.21 22.91
N GLY F 53 -14.28 47.93 22.57
CA GLY F 53 -15.30 47.11 23.20
C GLY F 53 -16.57 47.07 22.37
N ASN F 54 -16.49 47.51 21.13
CA ASN F 54 -17.63 47.52 20.23
C ASN F 54 -17.55 46.44 19.15
N VAL F 55 -18.71 45.96 18.72
CA VAL F 55 -18.78 44.91 17.70
C VAL F 55 -18.18 45.39 16.37
N ILE F 56 -17.23 44.63 15.85
CA ILE F 56 -16.61 44.92 14.57
C ILE F 56 -17.57 44.70 13.41
N HIS F 57 -17.64 45.68 12.52
CA HIS F 57 -18.52 45.59 11.35
C HIS F 57 -17.75 45.74 10.03
N ALA F 58 -17.13 44.66 9.58
CA ALA F 58 -16.42 44.65 8.31
C ALA F 58 -16.80 43.43 7.48
N HIS F 59 -18.07 43.35 7.12
CA HIS F 59 -18.63 42.21 6.40
C HIS F 59 -18.14 42.13 4.96
N GLY F 60 -17.91 40.90 4.48
CA GLY F 60 -17.45 40.67 3.12
C GLY F 60 -16.18 41.41 2.79
N GLY F 61 -15.41 41.74 3.83
CA GLY F 61 -14.21 42.54 3.66
C GLY F 61 -12.98 41.75 3.28
N GLY F 62 -11.82 42.38 3.40
CA GLY F 62 -10.55 41.75 3.09
C GLY F 62 -9.48 42.27 4.02
N MET F 63 -8.21 42.01 3.68
CA MET F 63 -7.11 42.44 4.53
C MET F 63 -5.83 42.73 3.74
N LEU F 64 -5.04 43.66 4.25
CA LEU F 64 -3.79 44.04 3.62
C LEU F 64 -2.68 44.19 4.65
N LYS F 65 -1.51 43.63 4.33
CA LYS F 65 -0.36 43.72 5.22
C LYS F 65 0.61 44.77 4.68
N HIS F 66 0.65 45.92 5.35
CA HIS F 66 1.53 47.00 4.95
C HIS F 66 2.26 47.58 6.15
N GLY F 67 3.58 47.61 6.07
CA GLY F 67 4.40 48.14 7.16
C GLY F 67 4.44 47.20 8.35
N ASP F 68 3.83 47.65 9.44
CA ASP F 68 3.82 46.88 10.68
C ASP F 68 2.40 46.54 11.09
N TYR F 69 1.44 46.83 10.21
CA TYR F 69 0.03 46.62 10.53
C TYR F 69 -0.72 45.80 9.50
N TYR F 70 -1.73 45.06 9.98
CA TYR F 70 -2.69 44.38 9.12
C TYR F 70 -3.97 45.20 9.11
N TYR F 71 -4.41 45.61 7.93
CA TYR F 71 -5.61 46.44 7.83
C TYR F 71 -6.79 45.60 7.38
N TRP F 72 -7.87 45.66 8.14
CA TRP F 72 -9.07 44.88 7.84
C TRP F 72 -10.20 45.78 7.37
N TYR F 73 -10.55 45.67 6.09
CA TYR F 73 -11.64 46.46 5.52
C TYR F 73 -12.91 45.62 5.43
N GLY F 74 -14.05 46.30 5.27
CA GLY F 74 -15.33 45.64 5.15
C GLY F 74 -16.47 46.63 5.14
N GLU F 75 -17.67 46.16 4.73
CA GLU F 75 -18.83 47.04 4.64
C GLU F 75 -19.94 46.64 5.62
N TYR F 76 -20.92 47.53 5.77
CA TYR F 76 -22.05 47.28 6.64
C TYR F 76 -23.20 48.24 6.31
N ARG F 77 -24.41 47.69 6.26
CA ARG F 77 -25.61 48.46 5.93
C ARG F 77 -26.08 49.33 7.08
N ASP F 78 -27.21 50.00 6.87
CA ASP F 78 -27.80 50.85 7.90
C ASP F 78 -29.21 50.38 8.23
N ASP F 79 -30.12 51.32 8.48
CA ASP F 79 -31.50 50.98 8.81
C ASP F 79 -32.29 50.57 7.58
N SER F 80 -31.91 51.13 6.43
CA SER F 80 -32.59 50.84 5.17
C SER F 80 -31.87 49.77 4.34
N ASN F 81 -30.97 49.04 4.99
CA ASN F 81 -30.21 47.98 4.34
C ASN F 81 -29.44 48.48 3.12
N LEU F 82 -28.89 49.68 3.22
CA LEU F 82 -28.12 50.29 2.14
C LEU F 82 -26.70 50.57 2.58
N PHE F 83 -25.82 50.79 1.61
CA PHE F 83 -24.42 51.10 1.89
C PHE F 83 -24.27 52.28 2.84
N LEU F 84 -23.67 52.03 4.00
CA LEU F 84 -23.45 53.08 4.98
C LEU F 84 -21.99 53.52 4.91
N GLY F 85 -21.08 52.55 5.03
CA GLY F 85 -19.67 52.85 4.97
C GLY F 85 -18.78 51.61 4.91
N VAL F 86 -17.54 51.81 4.46
CA VAL F 86 -16.57 50.73 4.41
C VAL F 86 -15.56 50.92 5.53
N SER F 87 -15.79 50.24 6.65
CA SER F 87 -14.96 50.39 7.83
C SER F 87 -13.53 49.90 7.61
N CYS F 88 -12.64 50.31 8.50
CA CYS F 88 -11.24 49.89 8.44
C CYS F 88 -10.70 49.71 9.84
N TYR F 89 -10.20 48.50 10.10
CA TYR F 89 -9.66 48.17 11.41
C TYR F 89 -8.18 47.83 11.30
N ARG F 90 -7.41 48.24 12.29
CA ARG F 90 -5.96 48.05 12.26
C ARG F 90 -5.50 47.21 13.44
N SER F 91 -4.51 46.36 13.21
CA SER F 91 -3.99 45.50 14.26
C SER F 91 -2.66 44.89 13.87
N LYS F 92 -1.87 44.51 14.87
CA LYS F 92 -0.60 43.85 14.63
C LYS F 92 -0.66 42.38 15.02
N ASP F 93 -1.51 42.06 15.99
CA ASP F 93 -1.63 40.71 16.51
C ASP F 93 -2.78 39.91 15.89
N LEU F 94 -3.63 40.59 15.12
CA LEU F 94 -4.75 39.94 14.43
C LEU F 94 -5.86 39.51 15.39
N VAL F 95 -5.77 39.92 16.64
CA VAL F 95 -6.79 39.58 17.62
C VAL F 95 -7.40 40.83 18.23
N ASN F 96 -6.55 41.80 18.57
CA ASN F 96 -7.01 43.08 19.10
C ASN F 96 -7.08 44.11 17.99
N TRP F 97 -8.29 44.49 17.61
CA TRP F 97 -8.47 45.39 16.46
C TRP F 97 -8.77 46.82 16.90
N GLU F 98 -8.21 47.79 16.19
CA GLU F 98 -8.42 49.19 16.51
C GLU F 98 -9.24 49.89 15.42
N TYR F 99 -10.24 50.63 15.85
CA TYR F 99 -11.11 51.36 14.93
C TYR F 99 -10.36 52.52 14.27
N ARG F 100 -10.52 52.67 12.96
CA ARG F 100 -9.83 53.74 12.24
C ARG F 100 -10.79 54.61 11.42
N GLY F 101 -12.08 54.38 11.59
CA GLY F 101 -13.08 55.15 10.90
C GLY F 101 -13.46 54.57 9.56
N GLU F 102 -14.32 55.27 8.83
CA GLU F 102 -14.74 54.83 7.51
C GLU F 102 -13.87 55.42 6.40
N VAL F 103 -13.04 54.58 5.80
CA VAL F 103 -12.18 54.99 4.71
C VAL F 103 -13.04 55.36 3.50
N LEU F 104 -14.27 54.88 3.52
CA LEU F 104 -15.25 55.20 2.48
C LEU F 104 -16.60 55.35 3.15
N SER F 105 -17.31 56.43 2.81
CA SER F 105 -18.60 56.72 3.42
C SER F 105 -19.69 56.89 2.37
N ARG F 106 -20.94 56.90 2.83
CA ARG F 106 -22.07 57.14 1.96
C ARG F 106 -22.06 58.60 1.49
N ASN F 107 -21.15 59.38 2.06
CA ASN F 107 -20.99 60.79 1.72
C ASN F 107 -19.85 61.03 0.72
N SER F 108 -19.05 60.00 0.48
CA SER F 108 -17.89 60.13 -0.40
C SER F 108 -18.26 60.44 -1.85
N ALA F 109 -19.48 60.11 -2.23
CA ALA F 109 -19.94 60.35 -3.60
C ALA F 109 -21.45 60.47 -3.67
N PRO F 110 -21.96 61.12 -4.73
CA PRO F 110 -23.41 61.30 -4.90
C PRO F 110 -24.14 59.99 -5.14
N GLU F 111 -23.53 59.07 -5.88
CA GLU F 111 -24.16 57.79 -6.18
C GLU F 111 -23.96 56.76 -5.07
N LEU F 112 -23.21 57.15 -4.04
CA LEU F 112 -22.98 56.26 -2.90
C LEU F 112 -24.03 56.52 -1.83
N ASN F 113 -24.86 57.53 -2.07
CA ASN F 113 -25.93 57.89 -1.15
C ASN F 113 -26.97 56.78 -1.09
N HIS F 114 -27.52 56.43 -2.24
CA HIS F 114 -28.55 55.41 -2.33
C HIS F 114 -28.09 54.26 -3.22
N CYS F 115 -27.36 53.32 -2.62
CA CYS F 115 -26.81 52.21 -3.39
C CYS F 115 -26.43 51.02 -2.51
N ASN F 116 -26.02 49.93 -3.15
CA ASN F 116 -25.53 48.74 -2.46
C ASN F 116 -24.05 48.55 -2.73
N ILE F 117 -23.25 48.50 -1.68
CA ILE F 117 -21.83 48.20 -1.82
C ILE F 117 -21.43 47.01 -0.97
N GLU F 118 -20.86 46.00 -1.62
CA GLU F 118 -20.47 44.78 -0.93
C GLU F 118 -19.16 44.22 -1.45
N ARG F 119 -18.45 43.48 -0.59
CA ARG F 119 -17.16 42.89 -0.94
C ARG F 119 -16.11 43.90 -1.41
N PRO F 120 -15.79 44.87 -0.54
CA PRO F 120 -14.74 45.85 -0.87
C PRO F 120 -13.37 45.27 -0.54
N LYS F 121 -12.45 45.31 -1.51
CA LYS F 121 -11.10 44.78 -1.32
C LYS F 121 -10.07 45.88 -1.56
N VAL F 122 -8.95 45.81 -0.85
CA VAL F 122 -7.90 46.81 -0.97
C VAL F 122 -6.56 46.21 -1.36
N MET F 123 -5.91 46.80 -2.35
CA MET F 123 -4.60 46.34 -2.79
C MET F 123 -3.63 47.50 -2.84
N TYR F 124 -2.35 47.21 -2.61
CA TYR F 124 -1.33 48.25 -2.58
C TYR F 124 -0.49 48.26 -3.85
N ASN F 125 -0.11 49.46 -4.29
CA ASN F 125 0.72 49.60 -5.48
C ASN F 125 2.12 50.10 -5.08
N ALA F 126 3.12 49.28 -5.33
CA ALA F 126 4.50 49.62 -4.99
C ALA F 126 5.03 50.78 -5.81
N SER F 127 4.74 50.76 -7.11
CA SER F 127 5.19 51.80 -8.02
C SER F 127 4.68 53.17 -7.57
N THR F 128 3.36 53.35 -7.63
CA THR F 128 2.75 54.63 -7.28
C THR F 128 2.92 54.97 -5.80
N GLY F 129 2.61 54.01 -4.93
CA GLY F 129 2.70 54.23 -3.50
C GLY F 129 1.36 54.62 -2.89
N GLU F 130 0.28 54.34 -3.63
CA GLU F 130 -1.06 54.66 -3.18
C GLU F 130 -1.92 53.40 -3.09
N PHE F 131 -2.87 53.40 -2.17
CA PHE F 131 -3.73 52.23 -1.98
C PHE F 131 -5.00 52.29 -2.82
N VAL F 132 -5.14 51.33 -3.73
CA VAL F 132 -6.30 51.25 -4.60
C VAL F 132 -7.38 50.32 -4.03
N MET F 133 -8.64 50.76 -4.06
CA MET F 133 -9.73 49.97 -3.51
C MET F 133 -10.80 49.64 -4.55
N TRP F 134 -11.13 48.36 -4.66
CA TRP F 134 -12.18 47.90 -5.57
C TRP F 134 -13.39 47.38 -4.80
N MET F 135 -14.52 47.23 -5.49
CA MET F 135 -15.75 46.77 -4.83
C MET F 135 -16.86 46.45 -5.82
N HIS F 136 -18.02 46.08 -5.28
CA HIS F 136 -19.19 45.75 -6.08
C HIS F 136 -20.31 46.75 -5.83
N TRP F 137 -20.82 47.36 -6.90
CA TRP F 137 -21.82 48.42 -6.78
C TRP F 137 -23.18 48.01 -7.35
N GLU F 138 -24.24 48.44 -6.67
CA GLU F 138 -25.60 48.20 -7.11
C GLU F 138 -26.51 49.39 -6.83
N ASN F 139 -27.69 49.39 -7.44
CA ASN F 139 -28.62 50.51 -7.32
C ASN F 139 -29.15 50.76 -5.90
N GLY F 140 -29.41 49.67 -5.18
CA GLY F 140 -30.07 49.76 -3.89
C GLY F 140 -31.54 49.51 -4.09
N ILE F 141 -31.96 49.46 -5.35
CA ILE F 141 -33.34 49.15 -5.71
C ILE F 141 -33.39 47.76 -6.33
N ASN F 142 -32.31 47.39 -7.02
CA ASN F 142 -32.21 46.10 -7.67
C ASN F 142 -30.76 45.69 -7.94
N TYR F 143 -30.58 44.60 -8.66
CA TYR F 143 -29.24 44.10 -8.98
C TYR F 143 -28.98 44.07 -10.47
N GLY F 144 -29.59 44.99 -11.20
CA GLY F 144 -29.42 45.03 -12.65
C GLY F 144 -28.10 45.67 -13.06
N GLN F 145 -27.63 46.59 -12.23
CA GLN F 145 -26.38 47.31 -12.51
C GLN F 145 -25.18 46.59 -11.92
N ALA F 146 -24.87 45.41 -12.46
CA ALA F 146 -23.72 44.64 -11.98
C ALA F 146 -22.42 45.30 -12.41
N ARG F 147 -21.97 46.28 -11.63
CA ARG F 147 -20.78 47.04 -11.99
C ARG F 147 -19.78 47.09 -10.83
N ALA F 148 -18.53 47.37 -11.16
CA ALA F 148 -17.47 47.52 -10.16
C ALA F 148 -17.19 48.99 -9.88
N ALA F 149 -16.69 49.26 -8.67
CA ALA F 149 -16.36 50.63 -8.28
C ALA F 149 -14.91 50.71 -7.80
N VAL F 150 -14.31 51.89 -7.95
CA VAL F 150 -12.90 52.07 -7.62
C VAL F 150 -12.69 53.31 -6.76
N ALA F 151 -11.70 53.24 -5.88
CA ALA F 151 -11.32 54.38 -5.04
C ALA F 151 -9.84 54.27 -4.71
N TYR F 152 -9.29 55.29 -4.05
CA TYR F 152 -7.88 55.26 -3.67
C TYR F 152 -7.54 56.31 -2.63
N SER F 153 -6.37 56.14 -2.00
CA SER F 153 -5.90 57.05 -0.99
C SER F 153 -4.38 56.93 -0.85
N LYS F 154 -3.74 58.01 -0.43
CA LYS F 154 -2.30 58.01 -0.24
C LYS F 154 -1.92 57.20 0.99
N THR F 155 -2.87 57.09 1.93
CA THR F 155 -2.68 56.32 3.16
C THR F 155 -3.70 55.19 3.24
N PRO F 156 -3.35 54.12 3.99
CA PRO F 156 -4.22 52.95 4.11
C PRO F 156 -5.49 53.22 4.92
N ASP F 157 -5.35 53.88 6.07
CA ASP F 157 -6.52 54.13 6.91
C ASP F 157 -7.10 55.54 6.74
N GLY F 158 -6.72 56.20 5.65
CA GLY F 158 -7.20 57.53 5.34
C GLY F 158 -8.44 57.54 4.47
N LYS F 159 -9.10 58.69 4.38
CA LYS F 159 -10.31 58.82 3.57
C LYS F 159 -10.03 58.63 2.09
N PHE F 160 -10.58 57.56 1.53
CA PHE F 160 -10.42 57.25 0.13
C PHE F 160 -11.25 58.22 -0.70
N THR F 161 -10.79 58.48 -1.92
CA THR F 161 -11.52 59.36 -2.83
C THR F 161 -12.16 58.52 -3.92
N TYR F 162 -13.49 58.48 -3.91
CA TYR F 162 -14.23 57.69 -4.88
C TYR F 162 -13.95 58.18 -6.29
N ILE F 163 -13.79 57.24 -7.21
CA ILE F 163 -13.50 57.56 -8.60
C ILE F 163 -14.74 57.39 -9.47
N ARG F 164 -15.10 56.14 -9.72
CA ARG F 164 -16.23 55.85 -10.60
C ARG F 164 -16.71 54.42 -10.43
N SER F 165 -17.90 54.14 -10.96
CA SER F 165 -18.44 52.80 -11.01
C SER F 165 -18.73 52.46 -12.47
N PHE F 166 -18.46 51.23 -12.87
CA PHE F 166 -18.58 50.86 -14.27
C PHE F 166 -18.62 49.36 -14.48
N ARG F 167 -19.16 48.94 -15.62
CA ARG F 167 -19.11 47.56 -16.04
C ARG F 167 -17.93 47.37 -16.98
N PRO F 168 -16.94 46.56 -16.55
CA PRO F 168 -15.70 46.35 -17.30
C PRO F 168 -15.93 46.21 -18.80
N MET F 169 -15.03 46.78 -19.59
CA MET F 169 -15.10 46.69 -21.04
C MET F 169 -16.37 47.34 -21.59
N GLN F 170 -16.75 48.49 -21.05
CA GLN F 170 -17.95 49.18 -21.52
C GLN F 170 -17.75 49.78 -22.90
N ASP F 171 -16.55 50.31 -23.15
CA ASP F 171 -16.24 50.97 -24.41
C ASP F 171 -16.05 49.97 -25.55
N THR F 172 -15.71 48.73 -25.22
CA THR F 172 -15.51 47.69 -26.23
C THR F 172 -16.80 47.42 -26.98
N GLY F 173 -17.92 47.83 -26.40
CA GLY F 173 -19.22 47.67 -27.02
C GLY F 173 -19.88 46.34 -26.74
N VAL F 174 -19.18 45.45 -26.04
CA VAL F 174 -19.71 44.14 -25.73
C VAL F 174 -20.96 44.26 -24.87
N MET F 175 -21.96 43.42 -25.16
CA MET F 175 -23.21 43.43 -24.40
C MET F 175 -23.36 42.19 -23.54
N ASP F 176 -23.67 42.40 -22.25
CA ASP F 176 -23.86 41.28 -21.33
C ASP F 176 -25.23 41.37 -20.66
N HIS F 177 -26.21 40.72 -21.27
CA HIS F 177 -27.58 40.69 -20.75
C HIS F 177 -28.25 42.07 -20.72
N GLY F 178 -28.38 42.68 -21.90
CA GLY F 178 -29.12 43.92 -22.03
C GLY F 178 -28.31 45.21 -21.91
N LEU F 179 -27.22 45.17 -21.15
CA LEU F 179 -26.42 46.38 -20.92
C LEU F 179 -25.00 46.23 -21.45
N PRO F 180 -24.37 47.37 -21.78
CA PRO F 180 -22.99 47.38 -22.28
C PRO F 180 -21.97 47.12 -21.17
N GLY F 181 -21.01 46.26 -21.45
CA GLY F 181 -19.99 45.90 -20.47
C GLY F 181 -20.29 44.63 -19.71
N TYR F 182 -19.24 43.87 -19.41
CA TYR F 182 -19.38 42.64 -18.65
C TYR F 182 -19.96 42.90 -17.28
N MET F 183 -20.87 42.04 -16.83
CA MET F 183 -21.41 42.14 -15.49
C MET F 183 -20.30 41.91 -14.47
N SER F 184 -20.42 42.56 -13.31
CA SER F 184 -19.40 42.44 -12.28
C SER F 184 -20.04 42.54 -10.90
N ARG F 185 -20.27 41.38 -10.29
CA ARG F 185 -20.84 41.33 -8.95
C ARG F 185 -19.78 40.97 -7.91
N ASP F 186 -19.92 39.80 -7.30
CA ASP F 186 -18.95 39.33 -6.31
C ASP F 186 -17.54 39.46 -6.87
N CYS F 187 -16.67 40.13 -6.13
CA CYS F 187 -15.34 40.46 -6.66
C CYS F 187 -14.21 40.23 -5.64
N ASN F 188 -12.98 40.48 -6.11
CA ASN F 188 -11.80 40.36 -5.27
C ASN F 188 -10.54 40.81 -6.02
N VAL F 189 -9.52 41.22 -5.27
CA VAL F 189 -8.28 41.71 -5.89
C VAL F 189 -7.09 40.80 -5.60
N PHE F 190 -6.04 40.93 -6.40
CA PHE F 190 -4.84 40.12 -6.25
C PHE F 190 -3.60 40.78 -6.85
N VAL F 191 -2.51 40.80 -6.08
CA VAL F 191 -1.25 41.35 -6.56
C VAL F 191 -0.22 40.24 -6.82
N ASP F 192 0.18 40.09 -8.07
CA ASP F 192 1.11 39.03 -8.44
C ASP F 192 2.55 39.42 -8.07
N THR F 193 3.46 38.44 -8.15
CA THR F 193 4.85 38.68 -7.79
C THR F 193 5.54 39.69 -8.70
N ASP F 194 5.19 39.67 -9.98
CA ASP F 194 5.80 40.55 -10.96
C ASP F 194 5.31 42.00 -10.83
N GLY F 195 4.33 42.21 -9.96
CA GLY F 195 3.80 43.54 -9.72
C GLY F 195 2.56 43.87 -10.52
N LYS F 196 2.06 42.90 -11.28
CA LYS F 196 0.84 43.11 -12.07
C LYS F 196 -0.40 42.98 -11.20
N GLY F 197 -1.29 43.96 -11.29
CA GLY F 197 -2.53 43.93 -10.54
C GLY F 197 -3.64 43.18 -11.26
N TYR F 198 -4.51 42.53 -10.50
CA TYR F 198 -5.59 41.75 -11.07
C TYR F 198 -6.91 41.94 -10.33
N PHE F 199 -8.00 42.05 -11.08
CA PHE F 199 -9.33 42.17 -10.51
C PHE F 199 -10.24 41.06 -11.03
N ILE F 200 -10.85 40.31 -10.12
CA ILE F 200 -11.73 39.20 -10.50
C ILE F 200 -13.15 39.40 -9.97
N SER F 201 -14.13 39.04 -10.79
CA SER F 201 -15.54 39.19 -10.41
C SER F 201 -16.43 38.24 -11.20
N ALA F 202 -17.65 38.04 -10.72
CA ALA F 202 -18.60 37.16 -11.38
C ALA F 202 -19.39 37.87 -12.47
N ALA F 203 -19.24 37.41 -13.70
CA ALA F 203 -19.92 38.00 -14.86
C ALA F 203 -20.92 37.02 -15.48
N ASN F 204 -21.61 37.47 -16.52
CA ASN F 204 -22.58 36.63 -17.23
C ASN F 204 -23.62 36.01 -16.30
N GLU F 205 -24.27 36.84 -15.51
CA GLU F 205 -25.28 36.37 -14.56
C GLU F 205 -24.66 35.42 -13.53
N ASN F 206 -23.50 35.82 -13.02
CA ASN F 206 -22.80 35.03 -12.01
C ASN F 206 -22.43 33.62 -12.49
N MET F 207 -22.57 33.38 -13.80
CA MET F 207 -22.29 32.08 -14.37
C MET F 207 -20.81 31.90 -14.70
N ASP F 208 -20.14 33.00 -15.03
CA ASP F 208 -18.73 32.94 -15.39
C ASP F 208 -17.90 33.83 -14.47
N LEU F 209 -16.62 33.50 -14.33
CA LEU F 209 -15.69 34.33 -13.58
C LEU F 209 -14.75 35.04 -14.55
N HIS F 210 -14.63 36.36 -14.40
CA HIS F 210 -13.75 37.13 -15.26
C HIS F 210 -12.55 37.63 -14.48
N LEU F 211 -11.36 37.27 -14.95
CA LEU F 211 -10.13 37.75 -14.34
C LEU F 211 -9.57 38.88 -15.18
N TYR F 212 -9.68 40.10 -14.68
CA TYR F 212 -9.23 41.27 -15.40
C TYR F 212 -7.83 41.69 -14.98
N GLU F 213 -6.99 41.99 -15.96
CA GLU F 213 -5.66 42.51 -15.67
C GLU F 213 -5.74 44.02 -15.60
N LEU F 214 -5.25 44.59 -14.51
CA LEU F 214 -5.34 46.03 -14.29
C LEU F 214 -4.15 46.77 -14.89
N THR F 215 -4.38 48.03 -15.24
CA THR F 215 -3.29 48.89 -15.70
C THR F 215 -2.31 49.11 -14.55
N PRO F 216 -1.08 49.56 -14.87
CA PRO F 216 -0.04 49.77 -13.87
C PRO F 216 -0.49 50.57 -12.65
N ASP F 217 -1.49 51.42 -12.81
CA ASP F 217 -1.96 52.26 -11.70
C ASP F 217 -3.00 51.55 -10.84
N TYR F 218 -3.41 50.35 -11.28
CA TYR F 218 -4.38 49.54 -10.56
C TYR F 218 -5.80 50.13 -10.60
N LYS F 219 -5.93 51.37 -11.09
CA LYS F 219 -7.22 52.05 -11.06
C LYS F 219 -8.09 51.76 -12.28
N ASN F 220 -7.51 51.10 -13.28
CA ASN F 220 -8.24 50.79 -14.49
C ASN F 220 -8.02 49.37 -14.99
N ILE F 221 -8.86 48.92 -15.91
CA ILE F 221 -8.73 47.60 -16.49
C ILE F 221 -8.00 47.64 -17.83
N ALA F 222 -6.92 46.88 -17.92
CA ALA F 222 -6.08 46.86 -19.12
C ALA F 222 -6.54 45.82 -20.14
N SER F 223 -7.03 44.68 -19.66
CA SER F 223 -7.46 43.60 -20.54
C SER F 223 -8.14 42.46 -19.79
N LEU F 224 -8.78 41.58 -20.55
CA LEU F 224 -9.41 40.38 -19.99
C LEU F 224 -8.42 39.22 -19.98
N LYS F 225 -7.83 38.97 -18.83
CA LYS F 225 -6.79 37.97 -18.69
C LYS F 225 -7.29 36.59 -19.10
N ALA F 226 -8.43 36.18 -18.56
CA ALA F 226 -9.01 34.88 -18.88
C ALA F 226 -10.40 34.69 -18.30
N LYS F 227 -11.20 33.86 -18.97
CA LYS F 227 -12.51 33.47 -18.44
C LYS F 227 -12.34 32.16 -17.70
N LEU F 228 -12.74 32.15 -16.43
CA LEU F 228 -12.51 31.00 -15.57
C LEU F 228 -13.79 30.31 -15.13
N PHE F 229 -13.83 28.99 -15.25
CA PHE F 229 -14.94 28.19 -14.76
C PHE F 229 -16.27 28.63 -15.36
N VAL F 230 -16.38 28.51 -16.69
CA VAL F 230 -17.58 28.95 -17.39
C VAL F 230 -18.75 28.01 -17.11
N GLY F 231 -19.93 28.60 -16.87
CA GLY F 231 -21.13 27.81 -16.65
C GLY F 231 -21.12 27.05 -15.34
N GLN F 232 -20.06 27.21 -14.55
CA GLN F 232 -19.92 26.50 -13.29
C GLN F 232 -20.49 27.32 -12.12
N GLN F 233 -20.74 28.59 -12.37
CA GLN F 233 -21.46 29.44 -11.42
C GLN F 233 -20.84 29.60 -10.03
N ARG F 234 -19.68 30.25 -9.97
CA ARG F 234 -19.01 30.53 -8.70
C ARG F 234 -19.21 31.99 -8.32
N GLU F 235 -19.45 32.20 -7.03
CA GLU F 235 -19.73 33.52 -6.50
C GLU F 235 -18.53 34.21 -5.86
N ALA F 236 -18.31 33.97 -4.57
CA ALA F 236 -17.20 34.56 -3.84
C ALA F 236 -15.83 34.02 -4.26
N PRO F 237 -15.05 34.81 -5.00
CA PRO F 237 -13.77 34.28 -5.45
C PRO F 237 -12.62 34.77 -4.57
N CYS F 238 -11.63 33.93 -4.34
CA CYS F 238 -10.45 34.36 -3.59
C CYS F 238 -9.20 33.92 -4.33
N LEU F 239 -8.43 34.89 -4.82
CA LEU F 239 -7.23 34.59 -5.59
C LEU F 239 -5.97 34.75 -4.75
N ILE F 240 -5.17 33.69 -4.66
CA ILE F 240 -3.93 33.74 -3.90
C ILE F 240 -2.82 33.01 -4.66
N LYS F 241 -1.58 33.16 -4.19
CA LYS F 241 -0.46 32.48 -4.82
C LYS F 241 0.53 31.98 -3.78
N ARG F 242 1.16 30.84 -4.05
CA ARG F 242 2.10 30.24 -3.11
C ARG F 242 3.46 29.96 -3.75
N ASN F 243 3.55 28.86 -4.49
CA ASN F 243 4.79 28.47 -5.14
C ASN F 243 4.69 28.33 -6.65
N GLY F 244 4.54 29.44 -7.34
CA GLY F 244 4.35 29.41 -8.78
C GLY F 244 3.00 28.80 -9.06
N TYR F 245 2.22 28.61 -8.01
CA TYR F 245 0.88 28.06 -8.13
C TYR F 245 -0.17 29.07 -7.71
N TYR F 246 -1.11 29.34 -8.60
CA TYR F 246 -2.22 30.22 -8.31
C TYR F 246 -3.38 29.39 -7.78
N TYR F 247 -4.00 29.85 -6.70
CA TYR F 247 -5.11 29.09 -6.11
C TYR F 247 -6.36 29.95 -6.08
N LEU F 248 -7.47 29.38 -6.52
CA LEU F 248 -8.73 30.10 -6.58
C LEU F 248 -9.80 29.42 -5.73
N ILE F 249 -10.02 29.97 -4.53
CA ILE F 249 -11.04 29.45 -3.62
C ILE F 249 -12.39 30.10 -3.91
N THR F 250 -13.36 29.29 -4.32
CA THR F 250 -14.68 29.80 -4.67
C THR F 250 -15.78 29.17 -3.81
N SER F 251 -17.00 29.67 -3.97
CA SER F 251 -18.16 29.12 -3.29
C SER F 251 -19.27 28.85 -4.30
N GLY F 252 -20.40 28.36 -3.83
CA GLY F 252 -21.54 28.12 -4.69
C GLY F 252 -22.44 29.34 -4.74
N CYS F 253 -23.46 29.30 -5.58
CA CYS F 253 -24.40 30.42 -5.69
C CYS F 253 -25.76 30.04 -5.10
N THR F 254 -25.92 30.27 -3.80
CA THR F 254 -27.17 29.95 -3.12
C THR F 254 -27.57 31.01 -2.11
N GLY F 255 -27.37 32.28 -2.45
CA GLY F 255 -27.75 33.36 -1.58
C GLY F 255 -27.10 33.29 -0.21
N TRP F 256 -27.90 33.46 0.84
CA TRP F 256 -27.40 33.39 2.20
C TRP F 256 -26.93 31.98 2.57
N ASN F 257 -27.68 30.98 2.10
CA ASN F 257 -27.38 29.59 2.43
C ASN F 257 -25.93 29.19 2.21
N PRO F 258 -25.24 28.77 3.29
CA PRO F 258 -23.86 28.28 3.17
C PRO F 258 -23.82 27.07 2.24
N ASN F 259 -22.72 26.89 1.52
CA ASN F 259 -22.62 25.78 0.58
C ASN F 259 -21.22 25.19 0.50
N GLN F 260 -21.05 24.18 -0.35
CA GLN F 260 -19.77 23.52 -0.53
C GLN F 260 -18.75 24.42 -1.22
N ALA F 261 -17.72 24.81 -0.50
CA ALA F 261 -16.63 25.60 -1.08
C ALA F 261 -15.70 24.69 -1.87
N LYS F 262 -15.06 25.25 -2.89
CA LYS F 262 -14.14 24.49 -3.74
C LYS F 262 -12.90 25.32 -4.06
N TYR F 263 -11.88 24.67 -4.63
CA TYR F 263 -10.66 25.37 -4.98
C TYR F 263 -10.05 24.78 -6.25
N ALA F 264 -9.13 25.52 -6.86
CA ALA F 264 -8.43 25.04 -8.04
C ALA F 264 -7.04 25.66 -8.08
N TYR F 265 -6.16 25.09 -8.92
CA TYR F 265 -4.80 25.57 -9.01
C TYR F 265 -4.30 25.63 -10.44
N SER F 266 -3.22 26.39 -10.66
CA SER F 266 -2.64 26.52 -11.98
C SER F 266 -1.28 27.20 -11.89
N LYS F 267 -0.38 26.87 -12.80
CA LYS F 267 0.93 27.48 -12.84
C LYS F 267 0.88 28.85 -13.52
N ASP F 268 -0.15 29.06 -14.33
CA ASP F 268 -0.32 30.33 -15.03
C ASP F 268 -1.75 30.84 -14.90
N LEU F 269 -1.90 32.16 -14.82
CA LEU F 269 -3.20 32.79 -14.70
C LEU F 269 -3.99 32.65 -16.01
N ALA F 270 -3.27 32.72 -17.12
CA ALA F 270 -3.91 32.67 -18.43
C ALA F 270 -4.60 31.32 -18.68
N SER F 271 -3.89 30.23 -18.40
CA SER F 271 -4.43 28.90 -18.61
C SER F 271 -3.75 27.86 -17.72
N GLY F 272 -4.19 26.61 -17.85
CA GLY F 272 -3.61 25.52 -17.08
C GLY F 272 -4.34 25.25 -15.77
N TRP F 273 -5.50 25.86 -15.60
CA TRP F 273 -6.29 25.67 -14.39
C TRP F 273 -6.86 24.26 -14.28
N SER F 274 -6.84 23.72 -13.07
CA SER F 274 -7.36 22.38 -12.83
C SER F 274 -8.87 22.40 -12.62
N GLN F 275 -9.41 21.26 -12.23
CA GLN F 275 -10.84 21.16 -11.92
C GLN F 275 -11.09 21.64 -10.50
N LEU F 276 -12.36 21.66 -10.11
CA LEU F 276 -12.74 22.11 -8.77
C LEU F 276 -12.65 20.95 -7.79
N TYR F 277 -11.96 21.17 -6.68
CA TYR F 277 -11.85 20.16 -5.63
C TYR F 277 -12.50 20.68 -4.36
N ASN F 278 -13.34 19.84 -3.74
CA ASN F 278 -14.06 20.25 -2.55
C ASN F 278 -13.14 20.69 -1.42
N LEU F 279 -13.54 21.76 -0.73
CA LEU F 279 -12.80 22.29 0.40
C LEU F 279 -13.75 22.47 1.58
N GLY F 280 -13.36 21.96 2.75
CA GLY F 280 -14.22 21.99 3.92
C GLY F 280 -15.40 21.05 3.75
N ASN F 281 -16.44 21.25 4.54
CA ASN F 281 -17.64 20.42 4.44
C ASN F 281 -18.66 20.95 3.44
N SER F 282 -19.91 20.50 3.57
CA SER F 282 -20.97 20.85 2.64
C SER F 282 -21.48 22.28 2.81
N THR F 283 -21.07 22.94 3.89
CA THR F 283 -21.51 24.30 4.15
C THR F 283 -20.35 25.23 4.47
N THR F 284 -19.13 24.80 4.16
CA THR F 284 -17.94 25.57 4.48
C THR F 284 -17.99 26.01 5.94
N TYR F 285 -18.48 25.10 6.79
CA TYR F 285 -18.58 25.37 8.23
C TYR F 285 -19.49 26.55 8.50
N ARG F 286 -20.63 26.57 7.82
CA ARG F 286 -21.61 27.64 7.94
C ARG F 286 -20.99 29.02 7.72
N SER F 287 -20.38 29.20 6.55
CA SER F 287 -19.81 30.49 6.19
C SER F 287 -19.56 30.57 4.69
N GLN F 288 -19.18 31.75 4.23
CA GLN F 288 -18.84 31.96 2.83
C GLN F 288 -17.51 32.69 2.72
N PRO F 289 -16.57 32.13 1.93
CA PRO F 289 -15.23 32.70 1.79
C PRO F 289 -15.27 34.16 1.33
N THR F 290 -14.39 34.98 1.89
CA THR F 290 -14.34 36.39 1.54
C THR F 290 -12.95 36.85 1.15
N PHE F 291 -11.92 36.28 1.79
CA PHE F 291 -10.55 36.66 1.50
C PHE F 291 -9.52 35.74 2.18
N ILE F 292 -8.34 35.66 1.59
CA ILE F 292 -7.26 34.82 2.12
C ILE F 292 -5.91 35.51 1.98
N ILE F 293 -5.28 35.83 3.10
CA ILE F 293 -3.98 36.48 3.09
C ILE F 293 -2.92 35.62 3.76
N PRO F 294 -1.68 35.68 3.24
CA PRO F 294 -0.53 35.00 3.83
C PRO F 294 -0.05 35.72 5.08
N VAL F 295 -0.03 35.02 6.21
CA VAL F 295 0.48 35.58 7.45
C VAL F 295 1.92 35.11 7.68
N GLN F 296 2.86 36.01 7.41
CA GLN F 296 4.28 35.69 7.48
C GLN F 296 4.87 36.08 8.84
N GLY F 297 5.74 35.22 9.37
CA GLY F 297 6.37 35.47 10.66
C GLY F 297 7.77 34.91 10.74
N SER F 298 8.27 34.69 11.95
CA SER F 298 9.62 34.19 12.15
C SER F 298 9.75 32.71 11.79
N SER F 299 8.77 31.91 12.20
CA SER F 299 8.80 30.47 11.94
C SER F 299 8.57 30.17 10.46
N GLY F 300 7.59 30.83 9.87
CA GLY F 300 7.28 30.64 8.46
C GLY F 300 6.05 31.41 8.01
N THR F 301 5.28 30.82 7.09
CA THR F 301 4.09 31.46 6.57
C THR F 301 2.84 30.59 6.70
N SER F 302 1.80 31.14 7.31
CA SER F 302 0.52 30.45 7.46
C SER F 302 -0.60 31.26 6.81
N TYR F 303 -1.28 30.67 5.83
CA TYR F 303 -2.35 31.36 5.12
C TYR F 303 -3.65 31.37 5.92
N LEU F 304 -4.20 32.57 6.14
CA LEU F 304 -5.43 32.73 6.92
C LEU F 304 -6.66 32.83 6.02
N TYR F 305 -7.70 32.09 6.39
CA TYR F 305 -8.97 32.12 5.67
C TYR F 305 -10.00 32.96 6.41
N MET F 306 -10.70 33.83 5.68
CA MET F 306 -11.74 34.67 6.26
C MET F 306 -13.08 34.32 5.63
N GLY F 307 -14.12 34.26 6.45
CA GLY F 307 -15.45 33.94 5.96
C GLY F 307 -16.54 34.74 6.65
N ASP F 308 -17.75 34.64 6.11
CA ASP F 308 -18.90 35.34 6.68
C ASP F 308 -20.06 34.40 6.97
N ARG F 309 -20.51 34.38 8.22
CA ARG F 309 -21.71 33.66 8.58
C ARG F 309 -22.89 34.62 8.47
N TRP F 310 -23.38 34.83 7.25
CA TRP F 310 -24.42 35.81 7.02
C TRP F 310 -25.64 35.52 7.89
N ALA F 311 -26.08 36.52 8.65
CA ALA F 311 -27.24 36.37 9.52
C ALA F 311 -28.51 36.11 8.72
N GLY F 312 -28.45 36.42 7.43
CA GLY F 312 -29.59 36.22 6.53
C GLY F 312 -30.04 34.77 6.48
N ALA F 313 -29.15 33.86 6.88
CA ALA F 313 -29.47 32.44 6.89
C ALA F 313 -30.61 32.13 7.85
N TRP F 314 -30.66 32.84 8.97
CA TRP F 314 -31.71 32.62 9.97
C TRP F 314 -32.64 33.83 10.08
N GLY F 315 -32.68 34.65 9.03
CA GLY F 315 -33.59 35.78 8.99
C GLY F 315 -33.15 36.99 9.81
N GLY F 316 -31.85 37.19 9.92
CA GLY F 316 -31.29 38.32 10.64
C GLY F 316 -30.74 39.37 9.68
N LYS F 317 -30.54 40.58 10.17
CA LYS F 317 -29.99 41.64 9.33
C LYS F 317 -28.51 41.39 9.04
N VAL F 318 -28.04 41.92 7.92
CA VAL F 318 -26.65 41.70 7.51
C VAL F 318 -25.70 42.08 8.63
N ASN F 319 -26.03 43.13 9.37
CA ASN F 319 -25.18 43.62 10.44
C ASN F 319 -25.04 42.64 11.61
N ASP F 320 -25.92 41.64 11.65
CA ASP F 320 -25.86 40.64 12.70
C ASP F 320 -25.04 39.42 12.27
N SER F 321 -24.32 39.58 11.16
CA SER F 321 -23.50 38.49 10.62
C SER F 321 -22.21 38.32 11.42
N GLN F 322 -21.82 37.07 11.61
CA GLN F 322 -20.61 36.74 12.36
C GLN F 322 -19.47 36.35 11.43
N TYR F 323 -18.28 36.18 12.00
CA TYR F 323 -17.10 35.86 11.20
C TYR F 323 -16.55 34.48 11.54
N VAL F 324 -15.88 33.87 10.58
CA VAL F 324 -15.27 32.56 10.78
C VAL F 324 -13.87 32.56 10.18
N TRP F 325 -12.86 32.55 11.05
CA TRP F 325 -11.47 32.54 10.62
C TRP F 325 -10.83 31.18 10.89
N LEU F 326 -10.19 30.62 9.87
CA LEU F 326 -9.56 29.32 10.00
C LEU F 326 -8.24 29.29 9.23
N PRO F 327 -7.31 28.41 9.65
CA PRO F 327 -6.04 28.28 8.95
C PRO F 327 -6.16 27.44 7.67
N LEU F 328 -5.57 27.94 6.59
CA LEU F 328 -5.55 27.20 5.33
C LEU F 328 -4.24 26.44 5.15
N ASN F 329 -4.28 25.12 5.34
CA ASN F 329 -3.09 24.29 5.28
C ASN F 329 -2.85 23.69 3.90
N PHE F 330 -1.57 23.57 3.54
CA PHE F 330 -1.19 23.03 2.23
C PHE F 330 -0.47 21.69 2.38
N ILE F 331 -1.23 20.60 2.23
CA ILE F 331 -0.65 19.26 2.25
C ILE F 331 0.39 19.12 1.15
N SER F 332 0.04 19.56 -0.05
CA SER F 332 0.94 19.56 -1.19
C SER F 332 0.63 20.76 -2.05
N ASP F 333 1.43 20.97 -3.09
CA ASP F 333 1.20 22.08 -4.00
C ASP F 333 -0.14 21.94 -4.72
N THR F 334 -0.71 20.74 -4.71
CA THR F 334 -1.96 20.48 -5.41
C THR F 334 -3.09 20.04 -4.48
N THR F 335 -2.76 19.82 -3.20
CA THR F 335 -3.74 19.37 -2.22
C THR F 335 -3.86 20.35 -1.05
N LEU F 336 -5.04 20.93 -0.88
CA LEU F 336 -5.27 21.90 0.19
C LEU F 336 -6.22 21.38 1.28
N GLU F 337 -6.07 21.92 2.48
CA GLU F 337 -6.88 21.53 3.63
C GLU F 337 -7.38 22.74 4.39
N LEU F 338 -8.66 22.72 4.76
CA LEU F 338 -9.26 23.81 5.52
C LEU F 338 -10.05 23.25 6.69
N PRO F 339 -9.37 23.03 7.84
CA PRO F 339 -10.01 22.45 9.03
C PRO F 339 -10.82 23.48 9.80
N TYR F 340 -11.78 23.01 10.60
CA TYR F 340 -12.59 23.89 11.43
C TYR F 340 -12.28 23.75 12.90
N TYR F 341 -11.77 24.83 13.49
CA TYR F 341 -11.50 24.90 14.91
C TYR F 341 -12.43 25.91 15.56
N ASP F 342 -13.22 25.46 16.54
CA ASP F 342 -14.17 26.34 17.23
C ASP F 342 -13.43 27.52 17.85
N SER F 343 -12.14 27.32 18.11
CA SER F 343 -11.28 28.38 18.62
C SER F 343 -9.90 28.29 17.99
N VAL F 344 -9.43 29.41 17.46
CA VAL F 344 -8.16 29.45 16.75
C VAL F 344 -7.14 30.34 17.45
N LYS F 345 -5.93 29.83 17.62
CA LYS F 345 -4.85 30.62 18.18
C LYS F 345 -3.97 31.17 17.07
N ILE F 346 -3.62 32.45 17.17
CA ILE F 346 -2.82 33.10 16.15
C ILE F 346 -1.64 33.85 16.76
N ASP F 347 -0.45 33.64 16.20
CA ASP F 347 0.73 34.37 16.63
C ASP F 347 1.39 35.01 15.41
N ALA F 348 0.91 36.19 15.05
CA ALA F 348 1.36 36.89 13.85
C ALA F 348 2.88 37.09 13.81
N SER F 349 3.47 37.29 14.98
CA SER F 349 4.92 37.50 15.06
C SER F 349 5.67 36.31 14.47
N SER F 350 5.28 35.11 14.88
CA SER F 350 5.94 33.89 14.41
C SER F 350 5.35 33.42 13.08
N GLY F 351 4.13 33.88 12.78
CA GLY F 351 3.46 33.45 11.56
C GLY F 351 2.89 32.05 11.71
N ILE F 352 2.19 31.81 12.81
CA ILE F 352 1.63 30.50 13.09
C ILE F 352 0.14 30.57 13.42
N ILE F 353 -0.66 29.78 12.70
CA ILE F 353 -2.09 29.69 12.92
C ILE F 353 -2.51 28.25 13.17
N SER F 354 -2.86 27.93 14.41
CA SER F 354 -3.22 26.56 14.76
C SER F 354 -4.48 26.50 15.62
N GLU F 355 -4.84 25.30 16.06
CA GLU F 355 -6.03 25.10 16.87
C GLU F 355 -5.75 25.44 18.32
N TYR F 356 -6.77 25.97 19.00
CA TYR F 356 -6.66 26.27 20.42
C TYR F 356 -7.32 25.16 21.25
N ILE F 357 -6.52 24.46 22.04
CA ILE F 357 -7.01 23.38 22.89
C ILE F 357 -7.25 23.87 24.32
N PRO F 358 -8.54 23.91 24.71
CA PRO F 358 -8.96 24.34 26.05
C PRO F 358 -8.30 23.53 27.16
N ASP F 359 -8.19 22.23 26.97
CA ASP F 359 -7.60 21.35 27.97
C ASP F 359 -6.33 20.69 27.42
N THR F 360 -5.17 21.21 27.81
CA THR F 360 -3.91 20.74 27.23
C THR F 360 -3.48 19.40 27.81
N THR F 361 -4.29 18.83 28.69
CA THR F 361 -3.97 17.55 29.30
C THR F 361 -3.77 16.46 28.24
N ARG F 362 -2.57 15.87 28.22
CA ARG F 362 -2.26 14.81 27.27
C ARG F 362 -2.70 13.45 27.80
N TYR F 363 -3.02 12.53 26.91
CA TYR F 363 -3.51 11.20 27.30
C TYR F 363 -2.92 10.07 26.48
N LYS F 364 -2.96 8.86 27.04
CA LYS F 364 -2.64 7.63 26.32
C LYS F 364 -3.81 6.66 26.45
N LEU F 365 -4.18 6.03 25.34
CA LEU F 365 -5.27 5.07 25.32
C LEU F 365 -4.75 3.64 25.28
N VAL F 366 -4.78 2.96 26.42
CA VAL F 366 -4.25 1.61 26.52
C VAL F 366 -5.36 0.59 26.35
N ASN F 367 -5.13 -0.38 25.46
CA ASN F 367 -6.08 -1.46 25.22
C ASN F 367 -6.04 -2.51 26.32
N LYS F 368 -7.21 -2.95 26.76
CA LYS F 368 -7.31 -3.92 27.84
C LYS F 368 -6.71 -5.26 27.42
N ASN F 369 -6.99 -5.67 26.20
CA ASN F 369 -6.54 -6.98 25.72
C ASN F 369 -5.06 -7.01 25.38
N SER F 370 -4.67 -6.27 24.34
CA SER F 370 -3.29 -6.32 23.88
C SER F 370 -2.34 -5.65 24.86
N GLY F 371 -2.84 -4.64 25.57
CA GLY F 371 -2.02 -3.88 26.49
C GLY F 371 -1.28 -2.78 25.74
N LYS F 372 -1.45 -2.78 24.43
CA LYS F 372 -0.83 -1.79 23.55
C LYS F 372 -1.63 -0.48 23.60
N VAL F 373 -1.02 0.60 23.12
CA VAL F 373 -1.69 1.90 23.14
C VAL F 373 -2.02 2.43 21.75
N LEU F 374 -2.98 3.34 21.68
CA LEU F 374 -3.40 3.95 20.43
C LEU F 374 -2.31 4.81 19.82
N ASP F 375 -2.01 4.59 18.54
CA ASP F 375 -0.90 5.26 17.87
C ASP F 375 -1.21 5.51 16.40
N VAL F 376 -0.35 6.27 15.74
CA VAL F 376 -0.47 6.52 14.31
C VAL F 376 0.61 5.74 13.57
N LEU F 377 0.24 5.09 12.48
CA LEU F 377 1.18 4.27 11.71
C LEU F 377 2.43 5.06 11.35
N ASP F 378 3.59 4.51 11.69
CA ASP F 378 4.86 5.16 11.42
C ASP F 378 4.95 6.54 12.05
N GLY F 379 4.10 6.79 13.05
CA GLY F 379 4.06 8.07 13.72
C GLY F 379 3.91 9.22 12.74
N SER F 380 3.24 8.95 11.63
CA SER F 380 3.09 9.93 10.56
C SER F 380 2.16 11.07 10.94
N VAL F 381 2.40 12.23 10.34
CA VAL F 381 1.54 13.39 10.54
C VAL F 381 0.75 13.66 9.27
N ASP F 382 0.93 12.80 8.28
CA ASP F 382 0.20 12.91 7.01
C ASP F 382 -1.30 12.78 7.24
N ASN F 383 -2.08 13.34 6.32
CA ASN F 383 -3.53 13.27 6.42
C ASN F 383 -4.03 11.89 6.02
N ALA F 384 -5.10 11.44 6.69
CA ALA F 384 -5.69 10.14 6.42
C ALA F 384 -4.75 8.98 6.77
N ALA F 385 -3.82 9.22 7.69
CA ALA F 385 -2.87 8.20 8.11
C ALA F 385 -3.55 7.11 8.94
N GLN F 386 -3.20 5.86 8.64
CA GLN F 386 -3.81 4.71 9.31
C GLN F 386 -3.54 4.72 10.81
N ILE F 387 -4.56 4.43 11.61
CA ILE F 387 -4.42 4.33 13.06
C ILE F 387 -4.15 2.90 13.49
N VAL F 388 -3.08 2.70 14.26
CA VAL F 388 -2.71 1.38 14.71
C VAL F 388 -2.37 1.37 16.20
N GLN F 389 -2.37 0.18 16.80
CA GLN F 389 -1.96 0.04 18.19
C GLN F 389 -0.46 -0.21 18.25
N TRP F 390 0.18 0.29 19.31
CA TRP F 390 1.62 0.10 19.46
C TRP F 390 2.02 0.08 20.93
N THR F 391 3.20 -0.47 21.21
CA THR F 391 3.72 -0.55 22.58
C THR F 391 3.96 0.82 23.19
N ASP F 392 3.54 1.00 24.43
CA ASP F 392 3.75 2.27 25.13
C ASP F 392 5.23 2.61 25.14
N ASN F 393 5.63 3.54 24.28
CA ASN F 393 7.03 3.96 24.19
C ASN F 393 7.20 5.44 24.50
N GLY F 394 6.16 6.04 25.08
CA GLY F 394 6.20 7.43 25.47
C GLY F 394 6.46 8.38 24.32
N SER F 395 6.10 7.96 23.11
CA SER F 395 6.30 8.80 21.93
C SER F 395 5.18 9.83 21.81
N LEU F 396 5.40 10.83 20.96
CA LEU F 396 4.41 11.88 20.75
C LEU F 396 3.16 11.36 20.05
N SER F 397 3.37 10.50 19.05
CA SER F 397 2.27 9.97 18.26
C SER F 397 1.24 9.21 19.10
N GLN F 398 1.65 8.83 20.30
CA GLN F 398 0.79 8.05 21.19
C GLN F 398 0.15 8.92 22.28
N GLN F 399 0.17 10.23 22.07
CA GLN F 399 -0.42 11.17 23.02
C GLN F 399 -1.59 11.88 22.36
N TRP F 400 -2.69 12.02 23.10
CA TRP F 400 -3.92 12.56 22.53
C TRP F 400 -4.58 13.57 23.45
N TYR F 401 -5.13 14.64 22.88
CA TYR F 401 -5.91 15.61 23.62
C TYR F 401 -7.36 15.18 23.65
N LEU F 402 -8.16 15.81 24.51
CA LEU F 402 -9.59 15.55 24.56
C LEU F 402 -10.37 16.86 24.61
N VAL F 403 -10.89 17.26 23.45
CA VAL F 403 -11.62 18.51 23.32
C VAL F 403 -13.13 18.28 23.34
N ASP F 404 -13.79 18.76 24.39
CA ASP F 404 -15.23 18.64 24.49
C ASP F 404 -15.90 19.40 23.36
N VAL F 405 -16.89 18.77 22.74
CA VAL F 405 -17.56 19.36 21.57
C VAL F 405 -19.08 19.33 21.71
N GLY F 406 -19.57 19.44 22.93
CA GLY F 406 -21.00 19.42 23.18
C GLY F 406 -21.52 18.01 23.41
N GLY F 407 -22.59 17.91 24.18
CA GLY F 407 -23.15 16.61 24.53
C GLY F 407 -22.15 15.79 25.35
N GLY F 408 -22.22 14.48 25.22
CA GLY F 408 -21.29 13.60 25.91
C GLY F 408 -20.15 13.17 25.01
N TYR F 409 -20.02 13.84 23.87
CA TYR F 409 -19.02 13.50 22.87
C TYR F 409 -17.81 14.42 22.94
N LYS F 410 -16.68 13.93 22.44
CA LYS F 410 -15.43 14.68 22.51
C LYS F 410 -14.60 14.44 21.25
N LYS F 411 -13.61 15.30 21.03
CA LYS F 411 -12.68 15.14 19.91
C LYS F 411 -11.39 14.52 20.41
N ILE F 412 -10.96 13.43 19.78
CA ILE F 412 -9.69 12.81 20.11
C ILE F 412 -8.62 13.28 19.12
N VAL F 413 -7.81 14.24 19.55
CA VAL F 413 -6.83 14.86 18.68
C VAL F 413 -5.41 14.38 18.98
N ASN F 414 -4.69 14.00 17.93
CA ASN F 414 -3.31 13.58 18.07
C ASN F 414 -2.43 14.77 18.44
N VAL F 415 -1.34 14.51 19.16
CA VAL F 415 -0.45 15.59 19.60
C VAL F 415 0.61 15.94 18.57
N LYS F 416 1.31 14.93 18.05
CA LYS F 416 2.33 15.15 17.04
C LYS F 416 1.75 15.81 15.80
N SER F 417 0.48 15.52 15.53
CA SER F 417 -0.24 16.15 14.42
C SER F 417 -1.61 16.57 14.91
N GLY F 418 -1.98 17.82 14.66
CA GLY F 418 -3.22 18.37 15.17
C GLY F 418 -4.47 17.75 14.58
N ARG F 419 -4.30 16.65 13.86
CA ARG F 419 -5.42 15.96 13.23
C ARG F 419 -6.24 15.18 14.25
N ALA F 420 -7.51 14.92 13.92
CA ALA F 420 -8.41 14.26 14.85
C ALA F 420 -8.68 12.81 14.44
N LEU F 421 -9.00 11.98 15.42
CA LEU F 421 -9.40 10.60 15.18
C LEU F 421 -10.69 10.58 14.35
N ASP F 422 -10.66 9.89 13.21
CA ASP F 422 -11.76 9.96 12.26
C ASP F 422 -12.10 8.59 11.67
N VAL F 423 -13.38 8.35 11.47
CA VAL F 423 -13.83 7.14 10.80
C VAL F 423 -13.86 7.36 9.28
N LYS F 424 -12.90 6.76 8.59
CA LYS F 424 -12.72 6.94 7.15
C LYS F 424 -14.05 6.88 6.38
N ASP F 425 -14.33 7.93 5.62
CA ASP F 425 -15.50 7.98 4.74
C ASP F 425 -16.82 7.86 5.50
N GLU F 426 -16.84 8.31 6.75
CA GLU F 426 -18.06 8.27 7.55
C GLU F 426 -18.73 6.89 7.47
N SER F 427 -17.91 5.85 7.53
CA SER F 427 -18.41 4.49 7.42
C SER F 427 -19.33 4.14 8.59
N LYS F 428 -20.32 3.31 8.30
CA LYS F 428 -21.25 2.83 9.30
C LYS F 428 -21.18 1.31 9.41
N GLU F 429 -20.11 0.73 8.86
CA GLU F 429 -19.97 -0.72 8.80
C GLU F 429 -18.92 -1.28 9.76
N ASP F 430 -19.08 -2.55 10.12
CA ASP F 430 -18.08 -3.23 10.94
C ASP F 430 -16.79 -3.33 10.14
N GLY F 431 -15.65 -3.21 10.81
CA GLY F 431 -14.37 -3.29 10.12
C GLY F 431 -13.96 -1.96 9.51
N GLY F 432 -14.77 -0.93 9.77
CA GLY F 432 -14.48 0.41 9.28
C GLY F 432 -13.18 0.94 9.83
N VAL F 433 -12.20 1.13 8.96
CA VAL F 433 -10.87 1.58 9.36
C VAL F 433 -10.90 2.96 10.02
N LEU F 434 -10.08 3.13 11.05
CA LEU F 434 -9.93 4.43 11.70
C LEU F 434 -8.64 5.13 11.26
N ILE F 435 -8.75 6.41 10.96
CA ILE F 435 -7.61 7.20 10.52
C ILE F 435 -7.57 8.55 11.23
N GLN F 436 -6.47 9.29 11.03
CA GLN F 436 -6.39 10.67 11.48
C GLN F 436 -6.68 11.59 10.30
N TYR F 437 -7.64 12.49 10.46
CA TYR F 437 -8.06 13.35 9.36
C TYR F 437 -8.24 14.79 9.83
N THR F 438 -8.28 15.71 8.88
CA THR F 438 -8.44 17.12 9.19
C THR F 438 -9.78 17.34 9.91
N SER F 439 -9.75 18.16 10.95
CA SER F 439 -10.96 18.45 11.72
C SER F 439 -12.01 19.09 10.82
N ASN F 440 -13.19 18.48 10.77
CA ASN F 440 -14.27 19.00 9.94
C ASN F 440 -15.62 19.00 10.64
N GLY F 441 -15.61 18.90 11.96
CA GLY F 441 -16.83 18.96 12.74
C GLY F 441 -17.80 17.83 12.43
N GLY F 442 -17.34 16.84 11.68
CA GLY F 442 -18.17 15.70 11.33
C GLY F 442 -18.42 14.80 12.52
N TYR F 443 -19.58 14.13 12.51
CA TYR F 443 -19.93 13.23 13.61
C TYR F 443 -19.01 12.01 13.66
N ASN F 444 -18.35 11.71 12.55
CA ASN F 444 -17.40 10.61 12.52
C ASN F 444 -16.09 10.98 13.20
N GLN F 445 -16.10 12.12 13.89
CA GLN F 445 -14.93 12.57 14.64
C GLN F 445 -15.28 12.84 16.11
N HIS F 446 -16.54 12.61 16.45
CA HIS F 446 -17.02 12.78 17.83
C HIS F 446 -17.13 11.43 18.54
N TRP F 447 -16.60 11.37 19.76
CA TRP F 447 -16.56 10.12 20.51
C TRP F 447 -17.10 10.27 21.93
N LYS F 448 -17.94 9.33 22.33
CA LYS F 448 -18.48 9.33 23.70
C LYS F 448 -17.83 8.22 24.54
N PHE F 449 -17.41 8.60 25.74
CA PHE F 449 -16.79 7.64 26.65
C PHE F 449 -17.80 7.06 27.64
N THR F 450 -17.91 5.74 27.66
CA THR F 450 -18.84 5.08 28.56
C THR F 450 -18.05 4.25 29.58
N ASP F 451 -18.01 4.75 30.82
CA ASP F 451 -17.27 4.08 31.88
C ASP F 451 -17.82 2.69 32.15
N ILE F 452 -16.95 1.68 32.09
CA ILE F 452 -17.34 0.30 32.38
C ILE F 452 -16.68 -0.18 33.66
N GLY F 453 -15.88 0.68 34.29
CA GLY F 453 -15.25 0.36 35.55
C GLY F 453 -13.76 0.10 35.45
N ASP F 454 -13.07 0.30 36.56
CA ASP F 454 -11.64 0.02 36.66
C ASP F 454 -10.80 0.91 35.74
N GLY F 455 -11.37 2.04 35.33
CA GLY F 455 -10.64 3.01 34.53
C GLY F 455 -10.69 2.71 33.04
N TYR F 456 -11.58 1.81 32.65
CA TYR F 456 -11.74 1.47 31.24
C TYR F 456 -13.05 2.03 30.69
N TYR F 457 -13.05 2.35 29.39
CA TYR F 457 -14.21 2.94 28.75
C TYR F 457 -14.55 2.22 27.43
N LYS F 458 -15.77 2.42 26.95
CA LYS F 458 -16.16 1.98 25.62
C LYS F 458 -16.38 3.20 24.74
N ILE F 459 -15.41 3.49 23.90
CA ILE F 459 -15.43 4.68 23.05
C ILE F 459 -16.23 4.49 21.77
N SER F 460 -17.47 4.97 21.77
CA SER F 460 -18.36 4.81 20.63
C SER F 460 -18.38 6.06 19.74
N SER F 461 -18.55 5.85 18.44
CA SER F 461 -18.63 6.96 17.49
C SER F 461 -20.03 7.56 17.56
N ARG F 462 -20.15 8.85 17.22
CA ARG F 462 -21.42 9.53 17.27
C ARG F 462 -22.24 9.27 16.01
N HIS F 463 -21.56 8.79 14.98
CA HIS F 463 -22.19 8.56 13.67
C HIS F 463 -23.07 7.31 13.67
N CYS F 464 -22.56 6.20 14.18
CA CYS F 464 -23.32 4.96 14.17
C CYS F 464 -23.38 4.31 15.55
N GLY F 465 -22.42 4.63 16.40
CA GLY F 465 -22.40 4.14 17.76
C GLY F 465 -21.49 2.94 17.97
N LYS F 466 -20.75 2.58 16.93
CA LYS F 466 -19.83 1.45 17.03
C LYS F 466 -18.54 1.86 17.75
N LEU F 467 -17.94 0.89 18.45
CA LEU F 467 -16.80 1.15 19.31
C LEU F 467 -15.47 1.08 18.58
N ILE F 468 -14.45 1.71 19.18
CA ILE F 468 -13.08 1.60 18.70
C ILE F 468 -12.59 0.18 18.95
N ASP F 469 -12.22 -0.52 17.87
CA ASP F 469 -11.93 -1.94 17.94
C ASP F 469 -10.58 -2.30 17.35
N VAL F 470 -9.85 -3.18 18.04
CA VAL F 470 -8.61 -3.73 17.51
C VAL F 470 -8.92 -4.91 16.60
N ARG F 471 -8.65 -4.76 15.31
CA ARG F 471 -9.01 -5.76 14.31
C ARG F 471 -8.53 -7.16 14.70
N LYS F 472 -9.44 -8.13 14.64
CA LYS F 472 -9.09 -9.53 14.87
C LYS F 472 -8.42 -9.76 16.22
N TRP F 473 -8.78 -8.96 17.22
CA TRP F 473 -8.23 -9.11 18.56
C TRP F 473 -6.70 -9.09 18.54
N SER F 474 -6.11 -8.42 17.56
CA SER F 474 -4.67 -8.39 17.41
C SER F 474 -3.95 -7.99 18.70
N THR F 475 -2.81 -8.61 18.93
CA THR F 475 -2.01 -8.36 20.13
C THR F 475 -0.58 -7.97 19.77
N GLU F 476 -0.35 -7.71 18.49
CA GLU F 476 0.98 -7.37 18.01
C GLU F 476 1.07 -5.90 17.58
N ASP F 477 2.28 -5.43 17.32
CA ASP F 477 2.48 -4.07 16.86
C ASP F 477 1.95 -3.89 15.45
N GLY F 478 1.33 -2.74 15.18
CA GLY F 478 0.81 -2.46 13.86
C GLY F 478 -0.62 -2.92 13.71
N GLY F 479 -1.21 -3.37 14.83
CA GLY F 479 -2.59 -3.84 14.83
C GLY F 479 -3.55 -2.77 14.37
N ILE F 480 -4.31 -3.07 13.33
CA ILE F 480 -5.24 -2.11 12.74
C ILE F 480 -6.36 -1.72 13.71
N ILE F 481 -6.47 -0.43 13.98
CA ILE F 481 -7.57 0.08 14.79
C ILE F 481 -8.79 0.37 13.91
N GLN F 482 -9.94 -0.18 14.26
CA GLN F 482 -11.11 -0.07 13.40
C GLN F 482 -12.38 0.29 14.17
N GLN F 483 -13.51 0.07 13.51
CA GLN F 483 -14.82 0.35 14.06
C GLN F 483 -15.62 -0.94 14.08
N TRP F 484 -16.25 -1.26 15.21
CA TRP F 484 -16.97 -2.52 15.32
C TRP F 484 -18.09 -2.43 16.37
N SER F 485 -19.11 -3.25 16.18
CA SER F 485 -20.24 -3.28 17.11
C SER F 485 -19.80 -3.67 18.51
N ASP F 486 -20.51 -3.16 19.51
CA ASP F 486 -20.21 -3.48 20.91
C ASP F 486 -20.45 -4.96 21.18
N ALA F 487 -19.36 -5.73 21.17
CA ALA F 487 -19.46 -7.18 21.37
C ALA F 487 -19.03 -7.58 22.78
N GLY F 488 -18.64 -6.59 23.58
CA GLY F 488 -18.24 -6.83 24.96
C GLY F 488 -16.84 -7.41 25.07
N GLY F 489 -16.12 -7.46 23.95
CA GLY F 489 -14.77 -7.97 23.93
C GLY F 489 -13.79 -7.02 24.60
N THR F 490 -12.69 -7.58 25.11
CA THR F 490 -11.69 -6.78 25.80
C THR F 490 -10.85 -5.99 24.80
N ASN F 491 -10.91 -6.38 23.54
CA ASN F 491 -10.21 -5.67 22.48
C ASN F 491 -10.94 -4.38 22.13
N GLN F 492 -12.08 -4.15 22.78
CA GLN F 492 -12.87 -2.95 22.55
C GLN F 492 -12.83 -2.03 23.76
N HIS F 493 -12.14 -2.45 24.80
CA HIS F 493 -12.03 -1.67 26.02
C HIS F 493 -10.70 -0.92 26.11
N TRP F 494 -10.77 0.37 26.42
CA TRP F 494 -9.58 1.20 26.49
C TRP F 494 -9.51 1.94 27.82
N LYS F 495 -8.30 2.04 28.37
CA LYS F 495 -8.07 2.78 29.61
C LYS F 495 -7.47 4.15 29.33
N LEU F 496 -7.99 5.17 30.00
CA LEU F 496 -7.51 6.53 29.85
C LEU F 496 -6.42 6.81 30.89
N VAL F 497 -5.21 7.06 30.40
CA VAL F 497 -4.04 7.27 31.23
C VAL F 497 -3.40 8.64 30.98
N LEU F 498 -3.22 9.41 32.05
CA LEU F 498 -2.61 10.73 31.95
C LEU F 498 -1.11 10.63 31.64
N VAL F 499 -0.45 11.78 31.64
CA VAL F 499 0.98 11.84 31.36
C VAL F 499 1.69 12.80 32.31
C1 GAL G . 4.58 85.61 -48.39
C2 GAL G . 4.26 87.06 -48.09
C3 GAL G . 2.84 87.40 -48.52
C4 GAL G . 2.61 86.95 -49.95
C5 GAL G . 3.05 85.51 -50.16
C6 GAL G . 2.89 85.09 -51.61
O1 GAL G . 5.93 85.34 -48.04
O2 GAL G . 4.39 87.30 -46.70
O3 GAL G . 2.64 88.78 -48.42
O4 GAL G . 3.33 87.79 -50.83
O5 GAL G . 4.40 85.37 -49.77
O6 GAL G . 1.58 85.38 -52.04
C1 GAL H . -5.66 -30.34 32.23
C2 GAL H . -4.29 -30.93 31.89
C3 GAL H . -4.44 -32.40 31.55
C4 GAL H . -5.24 -33.13 32.63
C5 GAL H . -6.51 -32.38 32.95
C6 GAL H . -7.28 -33.05 34.08
O1 GAL H . -5.49 -28.98 32.59
O2 GAL H . -3.74 -30.25 30.78
O3 GAL H . -3.16 -32.98 31.44
O4 GAL H . -4.46 -33.25 33.79
O5 GAL H . -6.20 -31.05 33.31
O6 GAL H . -7.64 -34.36 33.69
C1 GAL I . -2.99 -56.09 34.51
C2 GAL I . -1.71 -55.38 34.89
C3 GAL I . -1.18 -55.91 36.22
C4 GAL I . -2.29 -55.86 37.27
C5 GAL I . -3.53 -56.57 36.72
C6 GAL I . -4.66 -56.58 37.75
O1 GAL I . -3.50 -55.54 33.31
O2 GAL I . -0.73 -55.56 33.89
O3 GAL I . -0.09 -55.11 36.66
O4 GAL I . -2.59 -54.52 37.56
O5 GAL I . -3.95 -55.95 35.54
O6 GAL I . -5.05 -55.26 38.07
C1 GAL J . 60.77 -80.55 31.85
C2 GAL J . 59.68 -81.44 32.43
C3 GAL J . 59.28 -80.93 33.81
C4 GAL J . 60.53 -80.85 34.68
C5 GAL J . 61.61 -80.03 33.99
C6 GAL J . 62.89 -80.02 34.82
O1 GAL J . 61.14 -81.02 30.58
O2 GAL J . 58.55 -81.45 31.59
O3 GAL J . 58.33 -81.78 34.38
O4 GAL J . 61.01 -82.16 34.92
O5 GAL J . 61.89 -80.59 32.72
O6 GAL J . 62.65 -79.46 36.08
C1 GAL K . 34.03 8.65 10.90
C2 GAL K . 32.51 8.84 10.83
C3 GAL K . 31.99 8.32 9.50
C4 GAL K . 32.75 8.99 8.37
C5 GAL K . 34.25 8.78 8.56
C6 GAL K . 35.03 9.45 7.45
O1 GAL K . 34.51 9.19 12.11
O2 GAL K . 31.90 8.12 11.89
O3 GAL K . 30.61 8.61 9.39
O4 GAL K . 32.48 10.37 8.39
O5 GAL K . 34.63 9.32 9.81
O6 GAL K . 36.41 9.26 7.67
C1 GAL L . 31.32 -13.74 25.78
C2 GAL L . 31.27 -14.95 24.85
C3 GAL L . 29.95 -15.68 25.02
C4 GAL L . 29.72 -15.98 26.49
C5 GAL L . 29.87 -14.72 27.33
C6 GAL L . 29.70 -15.03 28.82
O1 GAL L . 32.58 -13.11 25.65
O2 GAL L . 31.41 -14.52 23.51
O3 GAL L . 29.98 -16.89 24.29
O4 GAL L . 30.66 -16.93 26.93
O5 GAL L . 31.15 -14.15 27.10
O6 GAL L . 29.90 -13.86 29.58
C1 GAL M . -15.24 12.22 4.58
C2 GAL M . -15.04 12.40 6.07
C3 GAL M . -13.58 12.71 6.35
C4 GAL M . -12.69 11.64 5.73
C5 GAL M . -13.05 11.44 4.26
C6 GAL M . -12.24 10.29 3.67
O1 GAL M . -16.60 11.93 4.30
O2 GAL M . -15.86 13.45 6.55
O3 GAL M . -13.36 12.76 7.74
O4 GAL M . -12.88 10.43 6.42
O5 GAL M . -14.42 11.15 4.13
O6 GAL M . -10.85 10.57 3.81
#